data_3SEJ
#
_entry.id   3SEJ
#
_cell.length_a   242.740
_cell.length_b   339.779
_cell.length_c   125.021
_cell.angle_alpha   90.00
_cell.angle_beta   90.00
_cell.angle_gamma   90.00
#
_symmetry.space_group_name_H-M   'C 2 2 21'
#
loop_
_entity.id
_entity.type
_entity.pdbx_description
1 polymer Capsid
2 branched alpha-L-fucopyranose-(1-2)-beta-D-galactopyranose-(1-3)-[alpha-L-fucopyranose-(1-4)]2-acetamido-2-deoxy-beta-D-glucopyranose-(1-3)-beta-D-galactopyranose-(1-4)-beta-D-glucopyranose
3 water water
#
_entity_poly.entity_id   1
_entity_poly.type   'polypeptide(L)'
_entity_poly.pdbx_seq_one_letter_code
;ESRTKPFTVPILTVEEMTNSRFPIPLEKLFTGPSSAFVVQPQNGRCTTDGALLGTTQLSPVDICTFRGDVTHIAGTQNYT
MNLASQNWNNYDPTEEIPAPLGTPDFVGKIQGVLTQTTRRDGSTRGHKATVSTGSVHFTPKLGSVQFSTDTSNDFETGQN
TRFTPVGVVQDGSTTHQNEPQQWVLPDYSGRDSHNVHLAPAVAPTFPGEQLLFFRSTMPGCSGYPNMNLDCLLPQEWVQH
FYQESAPAQSDVALLRFVNPDTGRVLFECKLHKSGYVTVAHTGQHDLVIPPNGYFRFDSWVNQFYTLAPMG
;
_entity_poly.pdbx_strand_id   A,B,C,D,E,F,G,H,I,J
#
# COMPACT_ATOMS: atom_id res chain seq x y z
N ARG A 3 21.81 -15.23 38.07
CA ARG A 3 22.27 -13.84 37.79
C ARG A 3 22.25 -13.42 36.28
N THR A 4 22.15 -12.09 36.07
CA THR A 4 22.13 -11.45 34.73
C THR A 4 23.40 -11.73 33.90
N LYS A 5 23.33 -11.39 32.61
CA LYS A 5 24.45 -11.57 31.69
C LYS A 5 25.74 -10.79 32.08
N PRO A 6 26.87 -11.52 32.28
CA PRO A 6 28.08 -10.84 32.75
C PRO A 6 28.59 -9.78 31.78
N PHE A 7 28.92 -8.61 32.27
CA PHE A 7 29.54 -7.61 31.39
C PHE A 7 31.01 -7.91 31.17
N THR A 8 31.54 -7.46 30.03
CA THR A 8 32.96 -7.61 29.68
C THR A 8 33.26 -6.55 28.65
N VAL A 9 34.56 -6.23 28.55
CA VAL A 9 35.10 -5.48 27.42
C VAL A 9 36.03 -6.37 26.60
N PRO A 10 36.22 -6.06 25.31
CA PRO A 10 37.09 -6.92 24.48
C PRO A 10 38.47 -7.09 25.08
N ILE A 11 39.10 -8.23 24.81
CA ILE A 11 40.48 -8.40 25.21
C ILE A 11 41.45 -7.80 24.19
N LEU A 12 41.50 -6.51 23.97
CA LEU A 12 42.29 -6.09 22.83
C LEU A 12 43.23 -5.02 23.26
N THR A 13 44.47 -5.07 22.78
CA THR A 13 45.39 -4.01 23.08
C THR A 13 44.89 -2.72 22.44
N VAL A 14 45.37 -1.61 22.97
CA VAL A 14 45.07 -0.34 22.38
C VAL A 14 45.44 -0.36 20.90
N GLU A 15 46.65 -0.85 20.56
CA GLU A 15 47.08 -0.88 19.14
C GLU A 15 46.28 -1.81 18.26
N GLU A 16 45.64 -2.80 18.87
CA GLU A 16 44.81 -3.70 18.11
C GLU A 16 43.46 -3.07 17.76
N MET A 17 43.10 -1.91 18.32
CA MET A 17 41.74 -1.35 18.09
C MET A 17 41.72 -0.10 17.16
N THR A 18 40.54 0.49 17.01
CA THR A 18 40.28 1.50 15.99
C THR A 18 39.61 2.77 16.56
N ASN A 19 39.93 3.90 15.99
CA ASN A 19 39.32 5.11 16.48
C ASN A 19 37.90 5.07 16.04
N SER A 20 37.02 5.59 16.87
CA SER A 20 35.62 5.50 16.55
C SER A 20 35.12 6.75 15.88
N ARG A 21 36.03 7.69 15.59
CA ARG A 21 35.62 9.00 15.07
C ARG A 21 36.24 9.25 13.70
N PHE A 22 37.16 8.37 13.33
CA PHE A 22 37.82 8.46 12.02
C PHE A 22 38.40 7.07 11.69
N PRO A 23 38.36 6.66 10.43
CA PRO A 23 38.73 5.27 10.23
C PRO A 23 40.27 5.06 10.20
N ILE A 24 40.90 5.04 11.39
CA ILE A 24 42.33 4.77 11.62
C ILE A 24 42.58 4.07 12.99
N PRO A 25 43.71 3.35 13.13
CA PRO A 25 43.98 2.59 14.35
C PRO A 25 44.18 3.52 15.53
N LEU A 26 43.82 3.06 16.74
CA LEU A 26 44.21 3.78 17.95
C LEU A 26 45.73 3.79 18.05
N GLU A 27 46.29 4.71 18.82
CA GLU A 27 47.76 4.71 19.10
C GLU A 27 48.20 4.72 20.57
N LYS A 28 47.52 5.56 21.34
CA LYS A 28 47.95 5.86 22.70
C LYS A 28 46.74 6.28 23.51
N LEU A 29 46.84 6.13 24.84
CA LEU A 29 45.85 6.64 25.78
C LEU A 29 46.29 8.05 26.24
N PHE A 30 45.36 8.99 26.34
CA PHE A 30 45.71 10.31 26.77
C PHE A 30 44.67 10.80 27.80
N THR A 31 45.13 11.43 28.89
CA THR A 31 44.23 12.09 29.82
C THR A 31 44.66 13.53 29.95
N GLY A 32 43.69 14.40 30.23
CA GLY A 32 43.94 15.80 30.55
C GLY A 32 42.64 16.40 31.08
N PRO A 33 42.70 17.65 31.56
CA PRO A 33 41.52 18.34 32.07
C PRO A 33 40.61 18.74 30.93
N SER A 34 39.29 18.81 31.14
CA SER A 34 38.40 19.08 30.02
C SER A 34 37.35 20.12 30.22
N SER A 35 37.61 21.12 31.04
CA SER A 35 36.54 22.11 31.34
C SER A 35 36.63 23.31 30.43
N ALA A 36 37.74 23.42 29.75
CA ALA A 36 37.90 24.46 28.76
C ALA A 36 37.41 24.07 27.37
N PHE A 37 36.90 22.87 27.22
CA PHE A 37 36.20 22.53 26.00
C PHE A 37 34.99 21.61 26.22
N VAL A 38 34.25 21.39 25.13
CA VAL A 38 33.03 20.61 25.22
C VAL A 38 33.19 19.21 24.64
N VAL A 39 33.23 18.22 25.54
CA VAL A 39 33.45 16.89 25.10
C VAL A 39 32.08 16.38 24.71
N GLN A 40 31.72 16.55 23.45
CA GLN A 40 30.39 16.12 23.05
C GLN A 40 30.38 15.43 21.72
N PRO A 41 31.30 14.45 21.52
CA PRO A 41 31.46 13.86 20.20
C PRO A 41 30.23 13.03 19.92
N GLN A 42 29.87 12.80 18.66
CA GLN A 42 28.65 12.03 18.34
C GLN A 42 28.88 10.65 17.76
N ASN A 43 30.12 10.40 17.32
CA ASN A 43 30.55 9.07 16.91
C ASN A 43 31.24 8.33 18.05
N GLY A 44 31.33 7.02 17.98
CA GLY A 44 31.92 6.34 19.12
C GLY A 44 31.18 6.56 20.44
N ARG A 45 29.85 6.56 20.39
CA ARG A 45 29.00 6.80 21.54
C ARG A 45 27.96 5.70 21.72
N CYS A 46 28.12 4.92 22.77
CA CYS A 46 27.30 3.74 23.03
C CYS A 46 27.24 3.45 24.54
N THR A 47 26.10 3.00 25.02
CA THR A 47 26.05 2.77 26.46
C THR A 47 26.65 1.43 26.75
N THR A 48 27.07 1.19 27.98
CA THR A 48 27.67 -0.10 28.25
C THR A 48 26.70 -1.24 27.98
N ASP A 49 25.41 -0.99 27.89
CA ASP A 49 24.48 -2.06 27.57
C ASP A 49 24.01 -2.03 26.12
N GLY A 50 24.78 -1.35 25.29
CA GLY A 50 24.66 -1.54 23.84
C GLY A 50 23.68 -0.63 23.14
N ALA A 51 23.56 0.60 23.58
CA ALA A 51 22.74 1.47 22.80
C ALA A 51 23.51 2.58 22.21
N LEU A 52 23.37 2.69 20.91
CA LEU A 52 24.14 3.61 20.14
C LEU A 52 23.50 4.97 20.35
N LEU A 53 24.32 5.99 20.47
CA LEU A 53 23.80 7.30 20.64
C LEU A 53 24.33 8.19 19.54
N GLY A 54 23.80 9.41 19.44
CA GLY A 54 24.38 10.41 18.52
C GLY A 54 24.35 9.90 17.09
N THR A 55 25.48 9.89 16.39
CA THR A 55 25.52 9.48 15.00
C THR A 55 26.26 8.17 14.89
N THR A 56 26.54 7.57 16.04
CA THR A 56 27.32 6.33 16.13
C THR A 56 26.64 5.16 15.44
N GLN A 57 27.43 4.31 14.81
CA GLN A 57 26.98 3.27 13.87
C GLN A 57 28.04 2.10 13.90
N LEU A 58 27.78 0.92 13.38
CA LEU A 58 28.77 -0.16 13.64
C LEU A 58 29.98 -0.23 12.73
N SER A 59 29.88 0.18 11.46
CA SER A 59 31.02 0.02 10.53
C SER A 59 32.18 0.90 10.92
N PRO A 60 33.34 0.28 11.11
CA PRO A 60 34.50 1.04 11.43
C PRO A 60 35.11 1.65 10.20
N VAL A 61 34.68 1.28 8.99
CA VAL A 61 35.21 1.97 7.82
C VAL A 61 34.31 3.00 7.26
N ASP A 62 33.01 2.89 7.52
CA ASP A 62 32.08 3.88 6.97
C ASP A 62 31.95 5.13 7.83
N ILE A 63 33.04 5.56 8.48
CA ILE A 63 32.96 6.75 9.33
C ILE A 63 33.55 7.91 8.53
N CYS A 64 32.82 9.04 8.47
CA CYS A 64 33.28 10.22 7.76
C CYS A 64 33.30 9.93 6.32
N THR A 65 32.55 8.93 5.87
CA THR A 65 32.34 8.77 4.44
C THR A 65 31.01 9.40 4.04
N PHE A 66 30.85 9.69 2.76
CA PHE A 66 29.61 10.21 2.17
C PHE A 66 29.31 9.51 0.86
N ARG A 67 28.04 9.37 0.53
CA ARG A 67 27.69 8.74 -0.73
C ARG A 67 26.34 9.24 -1.18
N GLY A 68 26.10 9.24 -2.47
CA GLY A 68 24.94 9.90 -3.06
C GLY A 68 25.22 10.32 -4.51
N ASP A 69 24.47 11.29 -5.02
CA ASP A 69 24.72 11.79 -6.37
C ASP A 69 25.23 13.22 -6.34
N VAL A 70 26.08 13.60 -7.30
CA VAL A 70 26.65 14.95 -7.26
C VAL A 70 26.14 15.80 -8.43
N THR A 71 26.17 17.11 -8.27
CA THR A 71 25.86 18.07 -9.35
C THR A 71 26.87 19.19 -9.26
N HIS A 72 27.25 19.74 -10.39
CA HIS A 72 28.36 20.66 -10.42
C HIS A 72 27.87 22.05 -10.07
N ILE A 73 28.68 22.81 -9.36
CA ILE A 73 28.34 24.20 -9.14
C ILE A 73 29.01 25.02 -10.23
N ALA A 74 28.15 25.66 -11.02
CA ALA A 74 28.53 26.40 -12.21
C ALA A 74 29.75 27.32 -12.02
N GLY A 75 30.76 27.13 -12.90
CA GLY A 75 31.97 27.93 -12.94
C GLY A 75 32.70 28.01 -11.62
N THR A 76 32.82 26.87 -10.94
CA THR A 76 33.71 26.68 -9.76
C THR A 76 34.20 25.27 -9.94
N GLN A 77 35.12 24.83 -9.08
CA GLN A 77 35.53 23.41 -9.06
C GLN A 77 34.84 22.61 -7.94
N ASN A 78 33.62 23.01 -7.55
CA ASN A 78 32.88 22.40 -6.44
C ASN A 78 31.65 21.59 -6.83
N TYR A 79 31.30 20.62 -5.99
CA TYR A 79 30.16 19.78 -6.30
C TYR A 79 29.27 19.68 -5.08
N THR A 80 27.96 19.69 -5.26
CA THR A 80 27.02 19.44 -4.17
C THR A 80 26.69 17.98 -4.19
N MET A 81 26.71 17.31 -3.04
CA MET A 81 26.32 15.92 -3.01
C MET A 81 24.99 15.79 -2.29
N ASN A 82 24.08 15.01 -2.85
CA ASN A 82 22.86 14.68 -2.20
C ASN A 82 23.01 13.34 -1.57
N LEU A 83 23.06 13.34 -0.25
CA LEU A 83 23.35 12.12 0.48
C LEU A 83 22.29 11.08 0.33
N ALA A 84 22.75 9.87 0.16
CA ALA A 84 21.92 8.72 0.26
C ALA A 84 22.41 7.91 1.46
N SER A 85 21.59 6.98 1.94
CA SER A 85 21.93 6.14 3.08
C SER A 85 23.11 5.17 2.80
N GLN A 86 23.79 4.72 3.85
CA GLN A 86 24.82 3.64 3.77
C GLN A 86 24.56 2.57 2.66
N ASN A 87 23.34 2.07 2.59
CA ASN A 87 22.91 1.09 1.60
C ASN A 87 22.33 1.64 0.28
N TRP A 88 22.74 2.84 -0.12
CA TRP A 88 22.17 3.63 -1.28
C TRP A 88 20.68 4.00 -1.23
N ASN A 89 19.99 3.59 -0.16
CA ASN A 89 18.61 4.01 0.14
C ASN A 89 18.54 5.52 0.41
N ASN A 90 17.34 6.11 0.28
CA ASN A 90 17.20 7.54 0.54
C ASN A 90 17.46 7.87 2.01
N TYR A 91 18.20 8.94 2.26
CA TYR A 91 18.39 9.44 3.61
C TYR A 91 17.14 10.16 4.01
N ASP A 92 16.65 9.85 5.20
CA ASP A 92 15.48 10.51 5.76
C ASP A 92 15.84 11.56 6.83
N PRO A 93 15.59 12.87 6.55
CA PRO A 93 16.00 13.92 7.49
C PRO A 93 15.03 14.16 8.63
N THR A 94 13.92 13.43 8.68
CA THR A 94 12.96 13.60 9.76
C THR A 94 13.22 12.64 10.93
N GLU A 95 14.14 11.70 10.69
CA GLU A 95 14.52 10.65 11.61
C GLU A 95 15.31 11.25 12.75
N GLU A 96 15.04 10.73 13.95
CA GLU A 96 15.48 11.40 15.16
C GLU A 96 16.96 11.12 15.48
N ILE A 97 17.81 11.60 14.57
CA ILE A 97 19.28 11.54 14.71
C ILE A 97 19.84 12.86 14.23
N PRO A 98 21.04 13.26 14.72
CA PRO A 98 21.58 14.61 14.48
C PRO A 98 21.90 14.82 13.01
N ALA A 99 22.17 13.71 12.34
CA ALA A 99 22.78 13.71 11.03
C ALA A 99 22.93 12.26 10.55
N PRO A 100 23.16 12.05 9.25
CA PRO A 100 23.42 10.68 8.83
C PRO A 100 24.44 10.05 9.78
N LEU A 101 24.19 8.82 10.23
CA LEU A 101 25.14 8.05 10.98
C LEU A 101 26.51 8.06 10.28
N GLY A 102 27.56 8.27 11.05
CA GLY A 102 28.86 8.26 10.48
C GLY A 102 29.29 9.65 10.13
N THR A 103 28.38 10.62 10.20
CA THR A 103 28.78 11.96 9.76
C THR A 103 29.93 12.48 10.64
N PRO A 104 30.90 13.22 10.06
CA PRO A 104 31.94 13.75 10.92
C PRO A 104 31.36 14.58 12.07
N ASP A 105 31.92 14.41 13.27
CA ASP A 105 31.50 15.19 14.42
C ASP A 105 32.56 16.16 14.91
N PHE A 106 33.42 16.66 14.02
CA PHE A 106 34.30 17.78 14.39
C PHE A 106 34.37 18.79 13.27
N VAL A 107 34.94 19.95 13.55
CA VAL A 107 35.00 20.99 12.54
C VAL A 107 36.40 20.99 11.98
N GLY A 108 36.48 20.74 10.67
CA GLY A 108 37.74 20.85 9.97
C GLY A 108 37.57 20.52 8.52
N LYS A 109 38.64 20.57 7.78
CA LYS A 109 38.56 20.25 6.37
C LYS A 109 39.13 18.84 6.17
N ILE A 110 38.26 17.90 5.77
CA ILE A 110 38.68 16.53 5.58
C ILE A 110 38.98 16.31 4.10
N GLN A 111 40.16 15.82 3.79
CA GLN A 111 40.51 15.58 2.39
C GLN A 111 40.42 14.09 2.13
N GLY A 112 39.90 13.75 0.95
CA GLY A 112 39.78 12.35 0.55
C GLY A 112 39.69 12.27 -0.95
N VAL A 113 38.98 11.25 -1.43
CA VAL A 113 38.83 11.04 -2.84
C VAL A 113 37.37 10.73 -3.10
N LEU A 114 36.78 11.43 -4.08
CA LEU A 114 35.47 11.15 -4.63
C LEU A 114 35.55 10.19 -5.82
N THR A 115 35.02 8.99 -5.70
CA THR A 115 35.04 8.02 -6.78
C THR A 115 33.66 7.94 -7.42
N GLN A 116 33.58 7.64 -8.70
CA GLN A 116 32.26 7.53 -9.31
C GLN A 116 32.27 6.41 -10.32
N THR A 117 31.15 5.71 -10.46
CA THR A 117 31.03 4.70 -11.50
C THR A 117 29.91 5.08 -12.44
N THR A 118 30.13 5.20 -13.73
CA THR A 118 28.95 5.41 -14.59
C THR A 118 28.15 4.13 -14.76
N ARG A 119 26.85 4.15 -14.46
CA ARG A 119 26.13 2.88 -14.56
C ARG A 119 26.01 2.29 -15.98
N ARG A 120 25.71 3.08 -17.02
CA ARG A 120 25.47 2.46 -18.33
C ARG A 120 26.60 1.59 -18.83
N ASP A 121 27.84 1.86 -18.48
CA ASP A 121 28.98 1.13 -19.05
C ASP A 121 30.12 0.67 -18.09
N GLY A 122 30.01 0.97 -16.80
CA GLY A 122 31.01 0.51 -15.85
C GLY A 122 32.32 1.28 -15.86
N SER A 123 32.29 2.52 -16.34
CA SER A 123 33.47 3.36 -16.45
C SER A 123 33.52 4.16 -15.19
N THR A 124 34.72 4.34 -14.70
CA THR A 124 34.88 4.86 -13.38
C THR A 124 35.82 6.05 -13.43
N ARG A 125 35.65 6.95 -12.47
CA ARG A 125 36.55 8.09 -12.28
C ARG A 125 36.75 8.40 -10.80
N GLY A 126 37.92 8.93 -10.44
CA GLY A 126 38.22 9.37 -9.07
C GLY A 126 39.05 10.64 -9.04
N HIS A 127 38.80 11.49 -8.04
CA HIS A 127 39.42 12.81 -7.89
C HIS A 127 39.58 13.28 -6.45
N LYS A 128 40.75 13.84 -6.15
CA LYS A 128 40.97 14.51 -4.88
C LYS A 128 39.79 15.45 -4.60
N ALA A 129 39.23 15.36 -3.42
CA ALA A 129 38.11 16.20 -3.04
C ALA A 129 38.26 16.52 -1.58
N THR A 130 37.77 17.68 -1.17
CA THR A 130 37.87 18.11 0.24
C THR A 130 36.52 18.53 0.75
N VAL A 131 36.10 18.06 1.93
CA VAL A 131 34.82 18.50 2.53
C VAL A 131 35.18 19.33 3.73
N SER A 132 34.57 20.51 3.85
CA SER A 132 34.86 21.41 4.96
C SER A 132 33.65 21.50 5.88
N THR A 133 33.79 21.01 7.10
CA THR A 133 32.61 20.84 7.92
C THR A 133 32.12 22.15 8.62
N GLY A 134 32.96 23.18 8.60
CA GLY A 134 32.55 24.48 9.11
C GLY A 134 31.79 25.25 8.05
N SER A 135 31.89 24.82 6.80
CA SER A 135 31.34 25.58 5.70
C SER A 135 29.84 25.71 5.88
N VAL A 136 29.27 26.79 5.34
CA VAL A 136 27.82 26.99 5.44
C VAL A 136 27.13 25.97 4.53
N HIS A 137 27.91 25.27 3.73
CA HIS A 137 27.33 24.39 2.76
C HIS A 137 27.30 22.98 3.27
N PHE A 138 27.92 22.81 4.44
CA PHE A 138 27.89 21.57 5.17
C PHE A 138 26.60 21.45 5.92
N THR A 139 25.64 20.75 5.33
CA THR A 139 24.31 20.65 5.90
C THR A 139 23.78 19.22 5.82
N PRO A 140 24.50 18.26 6.43
CA PRO A 140 24.22 16.83 6.26
C PRO A 140 22.86 16.45 6.77
N LYS A 141 22.41 17.07 7.85
CA LYS A 141 21.08 16.76 8.30
C LYS A 141 20.01 17.26 7.32
N LEU A 142 20.31 18.22 6.44
CA LEU A 142 19.33 18.58 5.41
C LEU A 142 19.42 17.65 4.20
N GLY A 143 20.54 16.94 4.07
CA GLY A 143 20.70 15.94 3.03
C GLY A 143 21.77 16.27 2.01
N SER A 144 22.53 17.30 2.27
CA SER A 144 23.40 17.78 1.25
C SER A 144 24.66 18.35 1.88
N VAL A 145 25.81 17.99 1.30
CA VAL A 145 27.07 18.64 1.61
C VAL A 145 27.80 19.05 0.35
N GLN A 146 28.95 19.72 0.49
CA GLN A 146 29.64 20.25 -0.66
C GLN A 146 31.13 19.95 -0.67
N PHE A 147 31.64 19.53 -1.84
CA PHE A 147 33.03 19.15 -1.98
C PHE A 147 33.71 20.11 -2.94
N SER A 148 34.91 20.51 -2.58
CA SER A 148 35.73 21.31 -3.45
C SER A 148 36.76 20.32 -3.96
N THR A 149 36.90 20.29 -5.27
CA THR A 149 37.70 19.29 -5.93
C THR A 149 38.69 19.95 -6.86
N ASP A 150 39.35 19.11 -7.63
CA ASP A 150 40.28 19.60 -8.61
C ASP A 150 39.80 19.40 -10.05
N THR A 151 38.50 19.27 -10.26
CA THR A 151 38.01 19.17 -11.63
C THR A 151 36.70 19.89 -11.93
N SER A 152 36.51 20.32 -13.16
CA SER A 152 35.32 21.03 -13.55
C SER A 152 34.45 20.29 -14.53
N ASN A 153 34.93 19.18 -15.04
CA ASN A 153 34.19 18.47 -16.03
C ASN A 153 33.87 17.03 -15.82
N ASP A 154 34.66 16.34 -15.03
CA ASP A 154 34.57 14.91 -14.97
C ASP A 154 33.40 14.17 -14.42
N PHE A 155 32.87 14.58 -13.30
CA PHE A 155 31.78 13.85 -12.68
C PHE A 155 30.49 14.01 -13.41
N GLU A 156 29.62 13.02 -13.36
CA GLU A 156 28.38 13.01 -14.09
C GLU A 156 27.21 13.06 -13.18
N THR A 157 26.11 13.59 -13.65
CA THR A 157 24.96 13.69 -12.77
C THR A 157 24.32 12.32 -12.70
N GLY A 158 23.55 12.07 -11.63
CA GLY A 158 22.69 10.88 -11.57
C GLY A 158 23.42 9.58 -11.27
N GLN A 159 24.71 9.65 -11.02
CA GLN A 159 25.50 8.46 -10.89
C GLN A 159 26.07 8.33 -9.48
N ASN A 160 26.07 7.11 -8.97
CA ASN A 160 26.60 6.82 -7.64
C ASN A 160 28.01 7.30 -7.41
N THR A 161 28.15 8.22 -6.45
CA THR A 161 29.46 8.78 -6.11
C THR A 161 29.75 8.56 -4.63
N ARG A 162 31.01 8.35 -4.27
CA ARG A 162 31.40 7.96 -2.91
C ARG A 162 32.56 8.84 -2.45
N PHE A 163 32.54 9.33 -1.21
CA PHE A 163 33.72 10.01 -0.69
C PHE A 163 34.46 9.09 0.26
N THR A 164 35.77 9.03 0.14
CA THR A 164 36.57 8.17 1.05
C THR A 164 37.56 9.04 1.81
N PRO A 165 37.43 9.12 3.13
CA PRO A 165 38.26 10.10 3.80
C PRO A 165 39.71 9.67 3.87
N VAL A 166 40.64 10.62 3.85
CA VAL A 166 42.03 10.27 4.02
C VAL A 166 42.67 10.90 5.26
N GLY A 167 42.51 12.21 5.40
CA GLY A 167 43.07 12.95 6.52
C GLY A 167 42.65 14.41 6.48
N VAL A 168 43.45 15.29 7.08
CA VAL A 168 43.03 16.69 7.31
C VAL A 168 44.05 17.74 6.90
N VAL A 169 43.60 18.95 6.66
CA VAL A 169 44.45 20.00 6.14
C VAL A 169 44.31 21.25 6.95
N GLN A 170 45.31 22.10 6.92
CA GLN A 170 45.17 23.39 7.52
C GLN A 170 45.91 24.45 6.67
N ASP A 171 45.55 25.72 6.84
CA ASP A 171 46.20 26.78 6.09
C ASP A 171 47.62 26.99 6.61
N GLY A 172 48.58 27.09 5.69
CA GLY A 172 49.96 27.31 6.08
C GLY A 172 50.18 28.64 6.77
N SER A 173 49.56 29.69 6.23
CA SER A 173 49.67 31.03 6.79
C SER A 173 49.06 31.11 8.18
N THR A 174 47.92 30.46 8.33
CA THR A 174 47.18 30.49 9.59
C THR A 174 47.91 29.75 10.72
N THR A 175 47.72 30.20 11.94
CA THR A 175 48.48 29.69 13.02
C THR A 175 48.46 28.21 12.96
N HIS A 176 49.64 27.65 12.97
CA HIS A 176 49.82 26.22 13.05
C HIS A 176 48.88 25.64 14.10
N GLN A 177 48.28 24.50 13.74
CA GLN A 177 47.41 23.69 14.60
C GLN A 177 46.07 24.33 14.93
N ASN A 178 45.76 25.41 14.23
CA ASN A 178 44.49 26.07 14.44
C ASN A 178 43.26 25.32 13.93
N GLU A 179 43.48 24.24 13.17
CA GLU A 179 42.41 23.34 12.77
C GLU A 179 42.89 21.92 12.41
N PRO A 180 42.01 20.93 12.43
CA PRO A 180 40.59 20.94 12.80
C PRO A 180 40.38 21.20 14.28
N GLN A 181 39.15 21.42 14.67
CA GLN A 181 38.89 21.59 16.09
C GLN A 181 38.05 20.44 16.55
N GLN A 182 38.74 19.45 17.06
CA GLN A 182 38.09 18.20 17.37
C GLN A 182 36.95 18.30 18.40
N TRP A 183 36.88 19.37 19.17
CA TRP A 183 35.81 19.50 20.18
C TRP A 183 34.73 20.56 19.86
N VAL A 184 34.58 20.90 18.58
CA VAL A 184 33.49 21.77 18.18
C VAL A 184 32.63 20.98 17.20
N LEU A 185 31.35 20.78 17.49
CA LEU A 185 30.52 20.07 16.53
C LEU A 185 30.16 21.03 15.43
N PRO A 186 30.02 20.51 14.19
CA PRO A 186 29.51 21.24 13.05
C PRO A 186 28.08 21.64 13.24
N ASP A 187 27.59 22.57 12.43
CA ASP A 187 26.17 22.86 12.40
C ASP A 187 25.60 21.92 11.37
N TYR A 188 25.03 20.83 11.86
CA TYR A 188 24.62 19.78 11.00
C TYR A 188 23.53 20.18 10.01
N SER A 189 22.88 21.33 10.25
CA SER A 189 21.84 21.83 9.37
C SER A 189 22.23 23.17 8.81
N GLY A 190 23.46 23.56 9.06
CA GLY A 190 23.90 24.85 8.59
C GLY A 190 23.58 25.98 9.54
N ARG A 191 24.02 27.17 9.14
CA ARG A 191 23.99 28.40 9.94
C ARG A 191 22.62 28.70 10.44
N ASP A 192 22.57 29.11 11.71
CA ASP A 192 21.31 29.49 12.31
C ASP A 192 20.33 28.27 12.33
N SER A 193 20.84 27.13 12.81
CA SER A 193 19.96 26.09 13.29
C SER A 193 20.59 25.26 14.35
N HIS A 194 19.73 24.77 15.25
CA HIS A 194 20.15 23.99 16.39
C HIS A 194 20.38 22.57 15.92
N ASN A 195 21.48 21.98 16.39
CA ASN A 195 21.73 20.56 16.21
C ASN A 195 20.71 19.82 17.07
N VAL A 196 20.25 18.65 16.63
CA VAL A 196 19.22 17.95 17.44
C VAL A 196 19.57 16.51 17.82
N HIS A 197 18.89 15.99 18.83
CA HIS A 197 19.07 14.60 19.21
C HIS A 197 20.50 14.21 19.52
N LEU A 198 21.29 15.13 20.07
CA LEU A 198 22.73 14.85 20.31
C LEU A 198 22.99 13.85 21.44
N ALA A 199 24.03 13.05 21.35
CA ALA A 199 24.54 12.35 22.55
C ALA A 199 24.94 13.41 23.61
N PRO A 200 24.77 13.13 24.91
CA PRO A 200 25.04 14.13 25.95
C PRO A 200 26.48 14.59 25.93
N ALA A 201 26.80 15.83 26.29
CA ALA A 201 28.19 16.14 26.69
C ALA A 201 28.63 15.28 27.91
N VAL A 202 29.93 15.05 28.06
CA VAL A 202 30.35 14.31 29.22
C VAL A 202 31.39 15.13 29.93
N ALA A 203 31.63 14.79 31.21
CA ALA A 203 32.66 15.39 32.07
C ALA A 203 32.91 14.53 33.32
N PRO A 204 34.13 14.63 33.92
CA PRO A 204 34.39 14.00 35.20
C PRO A 204 33.43 14.56 36.22
N THR A 205 33.05 13.75 37.20
CA THR A 205 32.09 14.21 38.17
C THR A 205 32.55 13.62 39.49
N PHE A 206 33.85 13.57 39.70
CA PHE A 206 34.43 13.08 40.93
C PHE A 206 35.74 13.86 41.16
N PRO A 207 36.08 14.19 42.44
CA PRO A 207 37.29 14.95 42.71
C PRO A 207 38.54 14.22 42.28
N GLY A 208 39.44 14.91 41.61
CA GLY A 208 40.66 14.29 41.14
C GLY A 208 40.61 13.44 39.89
N GLU A 209 39.45 13.40 39.24
CA GLU A 209 39.20 12.55 38.08
C GLU A 209 39.21 13.33 36.76
N GLN A 210 39.76 12.70 35.75
CA GLN A 210 39.79 13.26 34.40
C GLN A 210 39.32 12.21 33.40
N LEU A 211 38.81 12.67 32.27
CA LEU A 211 38.42 11.76 31.25
C LEU A 211 39.63 10.95 30.75
N LEU A 212 39.42 9.71 30.30
CA LEU A 212 40.48 8.99 29.59
C LEU A 212 40.21 8.96 28.10
N PHE A 213 41.15 9.42 27.29
CA PHE A 213 40.89 9.47 25.88
C PHE A 213 41.62 8.33 25.18
N PHE A 214 40.96 7.72 24.20
CA PHE A 214 41.64 6.84 23.30
C PHE A 214 41.99 7.68 22.07
N ARG A 215 43.28 7.81 21.82
CA ARG A 215 43.80 8.80 20.90
C ARG A 215 44.42 8.24 19.62
N SER A 216 44.07 8.81 18.47
CA SER A 216 44.79 8.54 17.23
C SER A 216 45.37 9.83 16.74
N THR A 217 46.20 9.69 15.71
CA THR A 217 46.72 10.81 14.95
C THR A 217 46.22 10.75 13.50
N MET A 218 45.25 11.61 13.17
CA MET A 218 44.79 11.71 11.79
C MET A 218 45.93 12.03 10.78
N PRO A 219 45.90 11.41 9.60
CA PRO A 219 46.89 11.81 8.62
C PRO A 219 46.74 13.28 8.25
N GLY A 220 47.85 13.98 8.09
CA GLY A 220 47.79 15.32 7.53
C GLY A 220 48.03 15.28 6.04
N CYS A 221 47.24 16.01 5.28
CA CYS A 221 47.41 16.02 3.82
C CYS A 221 48.16 17.21 3.30
N SER A 222 48.12 18.30 4.06
CA SER A 222 48.60 19.56 3.58
C SER A 222 48.57 20.57 4.72
N GLY A 223 49.67 21.24 5.01
CA GLY A 223 49.61 22.30 6.00
C GLY A 223 50.18 21.85 7.30
N TYR A 224 49.75 22.53 8.39
CA TYR A 224 50.16 22.20 9.78
C TYR A 224 48.92 21.84 10.65
N PRO A 225 48.13 20.83 10.23
CA PRO A 225 46.89 20.63 10.95
C PRO A 225 47.19 20.00 12.29
N ASN A 226 46.24 20.17 13.20
CA ASN A 226 46.26 19.53 14.48
C ASN A 226 45.67 18.16 14.28
N MET A 227 46.55 17.18 14.18
CA MET A 227 46.12 15.81 13.87
C MET A 227 45.61 15.00 15.07
N ASN A 228 45.49 15.65 16.23
CA ASN A 228 45.07 14.94 17.43
C ASN A 228 43.61 14.55 17.33
N LEU A 229 43.27 13.32 17.66
CA LEU A 229 41.85 12.90 17.61
C LEU A 229 41.47 11.95 18.74
N ASP A 230 40.69 12.44 19.72
CA ASP A 230 40.33 11.62 20.86
C ASP A 230 38.93 11.02 20.78
N CYS A 231 38.80 9.70 20.91
CA CYS A 231 37.44 9.20 21.03
C CYS A 231 37.21 8.74 22.46
N LEU A 232 35.95 8.55 22.88
CA LEU A 232 35.68 8.10 24.28
C LEU A 232 35.54 6.57 24.45
N LEU A 233 35.43 5.85 23.36
CA LEU A 233 35.29 4.39 23.35
C LEU A 233 35.97 3.99 22.07
N PRO A 234 36.77 2.92 22.09
CA PRO A 234 37.30 2.40 20.84
C PRO A 234 36.13 1.84 20.09
N GLN A 235 36.17 1.86 18.76
CA GLN A 235 35.04 1.38 17.98
C GLN A 235 34.72 -0.04 18.34
N GLU A 236 35.72 -0.86 18.58
CA GLU A 236 35.45 -2.24 18.90
C GLU A 236 34.67 -2.35 20.19
N TRP A 237 34.76 -1.35 21.07
CA TRP A 237 34.00 -1.40 22.34
C TRP A 237 32.53 -1.22 22.01
N VAL A 238 32.24 -0.25 21.14
CA VAL A 238 30.89 -0.03 20.67
C VAL A 238 30.37 -1.30 20.12
N GLN A 239 31.09 -1.87 19.17
CA GLN A 239 30.70 -3.13 18.55
C GLN A 239 30.46 -4.16 19.61
N HIS A 240 31.39 -4.26 20.57
CA HIS A 240 31.26 -5.26 21.63
C HIS A 240 29.97 -5.08 22.44
N PHE A 241 29.76 -3.89 23.01
CA PHE A 241 28.61 -3.66 23.86
C PHE A 241 27.29 -3.85 23.09
N TYR A 242 27.30 -3.45 21.82
CA TYR A 242 26.11 -3.60 21.00
C TYR A 242 25.77 -5.08 20.88
N GLN A 243 26.77 -5.93 20.60
CA GLN A 243 26.59 -7.38 20.51
C GLN A 243 26.12 -7.96 21.79
N GLU A 244 26.80 -7.59 22.88
CA GLU A 244 26.68 -8.29 24.15
C GLU A 244 25.44 -7.91 24.97
N SER A 245 25.13 -6.62 24.97
CA SER A 245 23.97 -6.06 25.69
C SER A 245 23.86 -6.49 27.12
N ALA A 246 24.98 -6.49 27.86
CA ALA A 246 24.89 -6.87 29.29
C ALA A 246 24.33 -5.69 30.08
N PRO A 247 23.29 -5.95 30.88
CA PRO A 247 22.67 -4.93 31.70
C PRO A 247 23.69 -4.45 32.69
N ALA A 248 23.83 -3.13 32.81
CA ALA A 248 24.71 -2.47 33.78
C ALA A 248 24.16 -2.69 35.13
N GLN A 249 24.98 -3.17 36.07
CA GLN A 249 24.55 -3.53 37.42
C GLN A 249 24.64 -2.43 38.43
N SER A 250 25.46 -1.47 38.12
CA SER A 250 25.64 -0.35 38.99
C SER A 250 26.15 0.86 38.18
N ASP A 251 26.49 1.95 38.84
CA ASP A 251 26.82 3.21 38.20
C ASP A 251 27.96 3.18 37.22
N VAL A 252 28.95 2.35 37.53
CA VAL A 252 30.24 2.41 36.93
C VAL A 252 30.80 0.99 36.83
N ALA A 253 31.51 0.69 35.77
CA ALA A 253 32.13 -0.62 35.67
C ALA A 253 33.58 -0.44 35.89
N LEU A 254 34.13 -1.07 36.92
CA LEU A 254 35.54 -0.93 37.22
C LEU A 254 36.44 -1.73 36.27
N LEU A 255 37.43 -1.10 35.66
CA LEU A 255 38.33 -1.84 34.75
C LEU A 255 39.73 -1.73 35.27
N ARG A 256 40.52 -2.77 35.05
CA ARG A 256 41.91 -2.78 35.41
C ARG A 256 42.64 -2.85 34.12
N PHE A 257 43.63 -2.00 33.91
CA PHE A 257 44.54 -2.15 32.77
C PHE A 257 45.75 -2.97 33.19
N VAL A 258 45.94 -4.14 32.60
CA VAL A 258 46.94 -5.08 33.07
C VAL A 258 48.11 -5.19 32.10
N ASN A 259 49.32 -5.36 32.65
CA ASN A 259 50.47 -5.73 31.83
C ASN A 259 50.65 -7.26 31.80
N PRO A 260 50.49 -7.90 30.65
CA PRO A 260 50.59 -9.35 30.67
C PRO A 260 51.99 -9.88 30.97
N ASP A 261 53.02 -9.08 30.71
CA ASP A 261 54.41 -9.48 30.91
C ASP A 261 54.79 -9.64 32.34
N THR A 262 54.44 -8.65 33.16
CA THR A 262 54.69 -8.68 34.58
C THR A 262 53.51 -9.21 35.35
N GLY A 263 52.37 -9.28 34.69
CA GLY A 263 51.16 -9.80 35.27
C GLY A 263 50.58 -8.89 36.33
N ARG A 264 50.94 -7.61 36.31
CA ARG A 264 50.39 -6.70 37.32
C ARG A 264 49.47 -5.60 36.78
N VAL A 265 48.69 -4.98 37.66
CA VAL A 265 47.76 -3.96 37.22
C VAL A 265 48.51 -2.67 37.09
N LEU A 266 48.29 -1.94 36.03
CA LEU A 266 49.02 -0.75 35.81
C LEU A 266 48.29 0.49 36.30
N PHE A 267 46.98 0.50 36.09
CA PHE A 267 46.07 1.50 36.62
C PHE A 267 44.63 0.95 36.60
N GLU A 268 43.74 1.59 37.34
CA GLU A 268 42.34 1.22 37.22
C GLU A 268 41.59 2.43 36.76
N CYS A 269 40.39 2.23 36.21
CA CYS A 269 39.60 3.33 35.68
C CYS A 269 38.10 3.00 35.73
N LYS A 270 37.23 4.00 35.60
CA LYS A 270 35.80 3.72 35.61
C LYS A 270 35.21 3.89 34.23
N LEU A 271 34.46 2.88 33.82
CA LEU A 271 33.74 2.95 32.58
C LEU A 271 32.33 3.21 33.02
N HIS A 272 31.90 4.43 32.81
CA HIS A 272 30.59 4.87 33.23
C HIS A 272 29.58 4.21 32.32
N LYS A 273 28.39 3.96 32.86
CA LYS A 273 27.44 3.21 32.05
C LYS A 273 27.04 3.91 30.77
N SER A 274 26.98 5.25 30.77
CA SER A 274 26.51 6.02 29.62
C SER A 274 27.53 6.00 28.56
N GLY A 275 28.70 5.49 28.94
CA GLY A 275 29.67 5.09 27.94
C GLY A 275 30.88 5.97 27.72
N TYR A 276 31.66 6.22 28.77
CA TYR A 276 32.90 6.95 28.66
C TYR A 276 33.75 6.54 29.86
N VAL A 277 35.05 6.88 29.81
CA VAL A 277 36.01 6.44 30.81
C VAL A 277 36.68 7.63 31.54
N THR A 278 36.76 7.55 32.86
CA THR A 278 37.51 8.51 33.65
C THR A 278 38.58 7.80 34.39
N VAL A 279 39.62 8.53 34.75
CA VAL A 279 40.80 7.96 35.37
C VAL A 279 41.17 8.93 36.48
N ALA A 280 41.94 8.52 37.49
CA ALA A 280 42.29 9.47 38.64
C ALA A 280 43.64 10.17 38.48
N HIS A 281 43.63 11.44 38.10
CA HIS A 281 44.85 12.10 37.68
C HIS A 281 44.68 13.60 37.46
N THR A 282 45.66 14.39 37.88
CA THR A 282 45.55 15.81 37.58
C THR A 282 46.59 16.28 36.57
N GLY A 283 46.17 16.65 35.37
CA GLY A 283 47.10 17.20 34.40
C GLY A 283 47.09 16.51 33.07
N GLN A 284 47.79 17.06 32.08
CA GLN A 284 47.85 16.44 30.78
C GLN A 284 48.86 15.36 30.83
N HIS A 285 48.51 14.16 30.37
CA HIS A 285 49.44 13.05 30.42
C HIS A 285 49.28 12.07 29.29
N ASP A 286 50.37 11.79 28.58
CA ASP A 286 50.43 10.73 27.59
C ASP A 286 50.81 9.48 28.37
N LEU A 287 49.86 8.57 28.60
CA LEU A 287 50.13 7.33 29.30
C LEU A 287 51.27 6.48 28.70
N VAL A 288 52.08 5.88 29.55
CA VAL A 288 53.05 4.95 29.02
C VAL A 288 52.52 3.57 29.34
N ILE A 289 52.24 2.80 28.28
CA ILE A 289 51.73 1.45 28.45
C ILE A 289 52.58 0.45 27.66
N PRO A 290 52.62 -0.83 28.13
CA PRO A 290 53.23 -1.88 27.31
C PRO A 290 52.38 -2.08 26.06
N PRO A 291 53.00 -2.35 24.93
CA PRO A 291 52.17 -2.45 23.75
C PRO A 291 51.19 -3.62 23.88
N ASN A 292 51.48 -4.53 24.79
CA ASN A 292 50.62 -5.68 24.87
C ASN A 292 49.73 -5.72 26.14
N GLY A 293 49.53 -4.55 26.73
CA GLY A 293 48.62 -4.39 27.84
C GLY A 293 47.18 -4.37 27.35
N TYR A 294 46.22 -4.69 28.21
CA TYR A 294 44.82 -4.86 27.80
C TYR A 294 43.87 -4.51 28.98
N PHE A 295 42.60 -4.18 28.68
CA PHE A 295 41.67 -3.81 29.73
C PHE A 295 40.88 -5.05 30.11
N ARG A 296 40.53 -5.18 31.37
CA ARG A 296 39.68 -6.26 31.80
C ARG A 296 38.69 -5.79 32.85
N PHE A 297 37.43 -6.16 32.71
CA PHE A 297 36.39 -5.72 33.60
C PHE A 297 36.60 -6.32 34.96
N ASP A 298 36.41 -5.55 36.02
CA ASP A 298 36.57 -6.10 37.33
C ASP A 298 35.29 -6.30 38.08
N SER A 299 34.51 -5.26 38.24
CA SER A 299 33.24 -5.36 38.97
C SER A 299 32.43 -4.09 38.79
N TRP A 300 31.17 -4.17 39.21
CA TRP A 300 30.28 -3.01 39.23
C TRP A 300 30.37 -2.34 40.54
N VAL A 301 30.76 -1.09 40.51
CA VAL A 301 30.92 -0.29 41.72
C VAL A 301 30.08 0.94 41.64
N ASN A 302 29.86 1.58 42.76
CA ASN A 302 29.10 2.77 42.60
C ASN A 302 29.99 3.95 42.36
N GLN A 303 29.40 5.02 41.86
CA GLN A 303 30.03 6.25 41.50
C GLN A 303 31.13 6.71 42.44
N PHE A 304 30.99 6.50 43.75
CA PHE A 304 31.91 7.09 44.72
C PHE A 304 33.11 6.24 45.00
N TYR A 305 33.32 5.23 44.19
CA TYR A 305 34.50 4.39 44.33
C TYR A 305 35.73 5.25 44.08
N THR A 306 36.75 5.09 44.91
CA THR A 306 37.93 5.91 44.80
C THR A 306 38.98 5.14 44.06
N LEU A 307 39.42 5.69 42.92
CA LEU A 307 40.44 5.06 42.09
C LEU A 307 41.83 5.25 42.66
N ALA A 308 42.68 4.24 42.62
CA ALA A 308 44.09 4.48 42.92
C ALA A 308 44.65 5.46 41.88
N PRO A 309 45.44 6.48 42.32
CA PRO A 309 46.00 7.41 41.34
C PRO A 309 46.74 6.63 40.26
N MET A 310 46.58 7.05 39.01
CA MET A 310 47.25 6.47 37.87
C MET A 310 48.67 7.04 37.84
N GLY A 311 49.70 6.19 37.73
CA GLY A 311 51.10 6.67 37.93
C GLY A 311 51.47 7.80 36.97
N THR B 4 7.81 29.17 -55.63
CA THR B 4 6.93 28.70 -54.48
C THR B 4 6.82 27.14 -54.42
N LYS B 5 7.60 26.48 -53.53
CA LYS B 5 7.82 25.00 -53.58
C LYS B 5 6.57 24.08 -53.64
N PRO B 6 6.42 23.29 -54.71
CA PRO B 6 5.09 22.67 -54.88
C PRO B 6 4.90 21.48 -53.97
N PHE B 7 3.79 21.42 -53.26
CA PHE B 7 3.53 20.29 -52.38
C PHE B 7 3.33 18.98 -53.20
N THR B 8 3.75 17.85 -52.63
CA THR B 8 3.55 16.53 -53.23
C THR B 8 3.39 15.54 -52.10
N VAL B 9 2.75 14.41 -52.44
CA VAL B 9 2.88 13.21 -51.63
C VAL B 9 3.66 12.22 -52.48
N PRO B 10 4.29 11.18 -51.85
CA PRO B 10 5.12 10.29 -52.67
C PRO B 10 4.26 9.45 -53.61
N ILE B 11 4.89 8.88 -54.63
CA ILE B 11 4.15 8.02 -55.52
C ILE B 11 4.34 6.63 -55.01
N LEU B 12 3.45 6.17 -54.15
CA LEU B 12 3.57 4.83 -53.62
C LEU B 12 2.22 4.20 -53.39
N THR B 13 2.07 2.94 -53.75
CA THR B 13 0.84 2.24 -53.46
C THR B 13 0.78 2.15 -51.95
N VAL B 14 -0.40 1.93 -51.38
CA VAL B 14 -0.51 1.68 -49.93
C VAL B 14 0.38 0.52 -49.50
N GLU B 15 0.36 -0.57 -50.26
CA GLU B 15 1.13 -1.75 -49.89
C GLU B 15 2.64 -1.58 -49.97
N GLU B 16 3.09 -0.62 -50.77
CA GLU B 16 4.51 -0.22 -50.82
C GLU B 16 4.96 0.47 -49.55
N MET B 17 4.03 0.98 -48.76
CA MET B 17 4.32 1.85 -47.64
C MET B 17 4.30 1.23 -46.24
N THR B 18 4.77 1.97 -45.25
CA THR B 18 5.00 1.45 -43.90
C THR B 18 4.11 2.09 -42.82
N ASN B 19 3.61 1.30 -41.87
CA ASN B 19 2.83 1.84 -40.73
C ASN B 19 3.70 2.74 -39.91
N SER B 20 3.16 3.85 -39.42
CA SER B 20 4.01 4.78 -38.73
C SER B 20 3.93 4.55 -37.23
N ARG B 21 3.13 3.58 -36.81
CA ARG B 21 2.98 3.36 -35.38
C ARG B 21 3.58 2.07 -34.87
N PHE B 22 4.18 1.29 -35.77
CA PHE B 22 4.77 -0.01 -35.46
C PHE B 22 5.48 -0.44 -36.74
N PRO B 23 6.60 -1.19 -36.63
CA PRO B 23 7.42 -1.42 -37.82
C PRO B 23 6.95 -2.60 -38.66
N ILE B 24 5.86 -2.38 -39.39
CA ILE B 24 5.27 -3.35 -40.32
C ILE B 24 4.62 -2.68 -41.54
N PRO B 25 4.46 -3.42 -42.65
CA PRO B 25 3.91 -2.75 -43.83
C PRO B 25 2.43 -2.44 -43.63
N LEU B 26 1.95 -1.42 -44.32
CA LEU B 26 0.53 -1.10 -44.34
C LEU B 26 -0.14 -2.16 -45.17
N GLU B 27 -1.43 -2.41 -44.92
CA GLU B 27 -2.16 -3.32 -45.82
C GLU B 27 -3.38 -2.74 -46.52
N LYS B 28 -4.12 -1.85 -45.88
CA LYS B 28 -5.41 -1.42 -46.41
C LYS B 28 -5.74 -0.04 -45.90
N LEU B 29 -6.74 0.59 -46.53
CA LEU B 29 -7.34 1.81 -45.98
C LEU B 29 -8.68 1.49 -45.28
N PHE B 30 -8.96 2.23 -44.20
CA PHE B 30 -10.16 2.00 -43.43
C PHE B 30 -10.74 3.30 -42.87
N THR B 31 -12.05 3.45 -43.01
CA THR B 31 -12.73 4.62 -42.44
C THR B 31 -13.86 4.18 -41.49
N GLY B 32 -14.11 5.03 -40.49
CA GLY B 32 -15.20 4.86 -39.55
C GLY B 32 -15.45 6.08 -38.68
N PRO B 33 -16.61 6.07 -37.98
CA PRO B 33 -16.90 7.10 -36.96
C PRO B 33 -15.80 7.03 -35.91
N SER B 34 -15.49 8.19 -35.31
CA SER B 34 -14.38 8.33 -34.37
C SER B 34 -14.72 9.19 -33.16
N SER B 35 -16.02 9.22 -32.84
CA SER B 35 -16.47 10.12 -31.75
C SER B 35 -16.53 9.36 -30.47
N ALA B 36 -16.40 8.05 -30.58
CA ALA B 36 -16.55 7.17 -29.44
C ALA B 36 -15.19 6.87 -28.87
N PHE B 37 -14.16 7.43 -29.49
CA PHE B 37 -12.81 7.30 -28.97
C PHE B 37 -11.95 8.49 -29.34
N VAL B 38 -10.84 8.59 -28.62
CA VAL B 38 -9.93 9.71 -28.77
C VAL B 38 -8.90 9.40 -29.84
N VAL B 39 -8.90 10.14 -30.93
CA VAL B 39 -7.84 9.87 -31.88
C VAL B 39 -6.62 10.75 -31.63
N GLN B 40 -5.73 10.24 -30.78
CA GLN B 40 -4.63 11.08 -30.36
C GLN B 40 -3.25 10.43 -30.38
N PRO B 41 -2.95 9.68 -31.46
CA PRO B 41 -1.66 8.97 -31.53
C PRO B 41 -0.47 9.93 -31.58
N GLN B 42 0.66 9.51 -30.99
CA GLN B 42 1.84 10.36 -30.89
C GLN B 42 2.91 10.05 -31.95
N ASN B 43 2.84 8.86 -32.54
CA ASN B 43 3.69 8.50 -33.71
C ASN B 43 2.97 8.73 -35.06
N GLY B 44 3.75 8.84 -36.13
CA GLY B 44 3.18 9.15 -37.46
C GLY B 44 2.43 10.47 -37.48
N ARG B 45 3.06 11.50 -36.95
CA ARG B 45 2.45 12.82 -36.75
C ARG B 45 3.41 13.90 -37.28
N CYS B 46 3.00 14.59 -38.35
CA CYS B 46 3.83 15.53 -39.06
C CYS B 46 2.89 16.51 -39.73
N THR B 47 3.30 17.74 -39.89
CA THR B 47 2.44 18.69 -40.59
C THR B 47 2.80 18.58 -42.05
N THR B 48 1.90 18.97 -42.93
CA THR B 48 2.21 18.84 -44.32
C THR B 48 3.47 19.62 -44.68
N ASP B 49 3.76 20.67 -43.93
CA ASP B 49 5.02 21.39 -44.16
C ASP B 49 6.21 20.88 -43.35
N GLY B 50 5.98 19.73 -42.72
CA GLY B 50 7.04 18.84 -42.27
C GLY B 50 7.63 19.15 -40.94
N ALA B 51 6.79 19.61 -40.01
CA ALA B 51 7.20 19.66 -38.62
C ALA B 51 6.69 18.40 -37.96
N LEU B 52 7.62 17.63 -37.45
CA LEU B 52 7.29 16.42 -36.69
C LEU B 52 6.59 16.83 -35.42
N LEU B 53 5.70 15.98 -34.92
CA LEU B 53 4.97 16.27 -33.68
C LEU B 53 5.01 15.11 -32.73
N GLY B 54 4.55 15.37 -31.50
CA GLY B 54 4.47 14.33 -30.48
C GLY B 54 5.74 13.51 -30.39
N THR B 55 5.61 12.20 -30.44
CA THR B 55 6.81 11.36 -30.36
C THR B 55 7.38 10.98 -31.74
N THR B 56 6.89 11.63 -32.80
CA THR B 56 7.22 11.21 -34.18
C THR B 56 8.67 11.56 -34.48
N GLN B 57 9.25 10.74 -35.38
CA GLN B 57 10.68 10.54 -35.53
C GLN B 57 10.88 9.79 -36.87
N LEU B 58 12.05 9.83 -37.53
CA LEU B 58 12.09 9.40 -38.97
C LEU B 58 12.29 7.88 -39.29
N SER B 59 12.96 7.15 -38.40
CA SER B 59 13.28 5.76 -38.67
C SER B 59 12.05 4.91 -38.65
N PRO B 60 11.80 4.18 -39.71
CA PRO B 60 10.62 3.34 -39.67
C PRO B 60 10.85 2.02 -38.90
N VAL B 61 12.08 1.74 -38.52
CA VAL B 61 12.37 0.49 -37.85
C VAL B 61 12.42 0.69 -36.37
N ASP B 62 12.73 1.92 -35.94
CA ASP B 62 13.05 2.23 -34.54
C ASP B 62 11.82 2.74 -33.75
N ILE B 63 10.68 2.12 -33.98
CA ILE B 63 9.44 2.53 -33.40
C ILE B 63 9.01 1.36 -32.55
N CYS B 64 8.64 1.62 -31.31
CA CYS B 64 8.37 0.55 -30.36
C CYS B 64 9.60 -0.26 -30.00
N THR B 65 10.76 0.34 -30.23
CA THR B 65 12.02 -0.26 -29.84
C THR B 65 12.44 0.47 -28.58
N PHE B 66 13.33 -0.14 -27.80
CA PHE B 66 13.91 0.47 -26.61
C PHE B 66 15.32 0.01 -26.50
N ARG B 67 16.19 0.84 -25.91
CA ARG B 67 17.60 0.47 -25.72
C ARG B 67 18.20 1.20 -24.54
N GLY B 68 19.13 0.57 -23.86
CA GLY B 68 19.72 1.18 -22.67
C GLY B 68 20.43 0.10 -21.88
N ASP B 69 20.68 0.34 -20.61
CA ASP B 69 21.17 -0.75 -19.80
C ASP B 69 20.06 -1.29 -18.97
N VAL B 70 20.35 -2.28 -18.16
CA VAL B 70 19.32 -3.14 -17.62
C VAL B 70 19.75 -3.61 -16.24
N THR B 71 18.82 -3.65 -15.28
CA THR B 71 19.15 -4.19 -13.96
C THR B 71 18.04 -5.14 -13.58
N HIS B 72 18.41 -6.19 -12.83
CA HIS B 72 17.48 -7.27 -12.54
C HIS B 72 16.54 -6.90 -11.42
N ILE B 73 15.31 -7.36 -11.46
CA ILE B 73 14.43 -7.24 -10.32
C ILE B 73 14.48 -8.54 -9.52
N ALA B 74 15.15 -8.51 -8.36
CA ALA B 74 15.30 -9.68 -7.47
C ALA B 74 14.03 -10.47 -7.22
N GLY B 75 14.13 -11.81 -7.33
CA GLY B 75 12.97 -12.66 -7.07
C GLY B 75 12.01 -12.91 -8.22
N THR B 76 12.20 -12.17 -9.32
CA THR B 76 11.33 -12.21 -10.49
C THR B 76 12.12 -12.57 -11.71
N GLN B 77 11.42 -12.65 -12.84
CA GLN B 77 12.08 -12.76 -14.12
C GLN B 77 11.94 -11.44 -14.89
N ASN B 78 12.04 -10.32 -14.17
CA ASN B 78 11.70 -9.03 -14.69
C ASN B 78 12.91 -8.12 -14.66
N TYR B 79 13.02 -7.19 -15.58
CA TYR B 79 14.18 -6.28 -15.60
C TYR B 79 13.76 -4.83 -15.79
N THR B 80 14.50 -3.91 -15.23
CA THR B 80 14.22 -2.53 -15.54
C THR B 80 15.24 -2.10 -16.54
N MET B 81 14.78 -1.45 -17.59
CA MET B 81 15.68 -0.86 -18.58
C MET B 81 15.82 0.65 -18.36
N ASN B 82 17.06 1.08 -18.18
CA ASN B 82 17.33 2.50 -18.09
C ASN B 82 17.59 3.04 -19.45
N LEU B 83 16.57 3.65 -20.02
CA LEU B 83 16.61 4.10 -21.40
C LEU B 83 17.75 5.06 -21.81
N ALA B 84 18.37 4.79 -22.95
CA ALA B 84 19.19 5.77 -23.66
C ALA B 84 18.51 6.27 -24.97
N SER B 85 19.08 7.25 -25.63
CA SER B 85 18.47 7.74 -26.85
C SER B 85 18.88 6.89 -28.02
N GLN B 86 18.23 7.10 -29.17
CA GLN B 86 18.45 6.26 -30.35
C GLN B 86 19.92 5.95 -30.62
N ASN B 87 20.78 6.94 -30.43
CA ASN B 87 22.22 6.81 -30.76
C ASN B 87 23.09 6.30 -29.63
N TRP B 88 22.45 5.78 -28.58
CA TRP B 88 23.08 5.44 -27.29
C TRP B 88 23.48 6.62 -26.43
N ASN B 89 23.03 7.81 -26.78
CA ASN B 89 23.35 8.96 -25.97
C ASN B 89 22.40 9.01 -24.79
N ASN B 90 22.63 9.93 -23.85
CA ASN B 90 21.70 10.08 -22.73
C ASN B 90 20.35 10.60 -23.19
N TYR B 91 19.31 10.07 -22.57
CA TYR B 91 17.95 10.54 -22.72
C TYR B 91 17.79 11.63 -21.69
N ASP B 92 17.22 12.76 -22.07
CA ASP B 92 17.09 13.90 -21.16
C ASP B 92 15.60 14.15 -20.91
N PRO B 93 15.07 13.78 -19.73
CA PRO B 93 13.63 13.91 -19.54
C PRO B 93 13.10 15.33 -19.47
N THR B 94 13.93 16.34 -19.65
CA THR B 94 13.47 17.69 -19.55
C THR B 94 13.17 18.24 -20.93
N GLU B 95 13.37 17.42 -21.93
CA GLU B 95 13.17 17.89 -23.27
C GLU B 95 11.67 17.89 -23.52
N GLU B 96 11.19 18.89 -24.26
CA GLU B 96 9.74 19.11 -24.34
C GLU B 96 9.04 18.16 -25.32
N ILE B 97 9.06 16.87 -25.00
CA ILE B 97 8.43 15.80 -25.81
C ILE B 97 7.77 14.82 -24.85
N PRO B 98 6.66 14.22 -25.24
CA PRO B 98 5.91 13.33 -24.34
C PRO B 98 6.71 12.10 -23.90
N ALA B 99 7.44 11.51 -24.83
CA ALA B 99 8.22 10.31 -24.56
C ALA B 99 9.43 10.28 -25.48
N PRO B 100 10.40 9.41 -25.18
CA PRO B 100 11.57 9.33 -26.05
C PRO B 100 11.02 9.02 -27.43
N LEU B 101 11.53 9.69 -28.45
CA LEU B 101 10.91 9.60 -29.76
C LEU B 101 10.72 8.13 -30.15
N GLY B 102 9.52 7.77 -30.64
CA GLY B 102 9.28 6.41 -31.12
C GLY B 102 8.78 5.45 -30.06
N THR B 103 8.59 5.95 -28.84
CA THR B 103 7.87 5.24 -27.78
C THR B 103 6.48 4.75 -28.30
N PRO B 104 6.01 3.56 -27.83
CA PRO B 104 4.66 3.18 -28.25
C PRO B 104 3.62 4.18 -27.79
N ASP B 105 2.61 4.38 -28.63
CA ASP B 105 1.58 5.31 -28.27
C ASP B 105 0.25 4.60 -28.14
N PHE B 106 0.27 3.45 -27.48
CA PHE B 106 -0.97 2.78 -27.18
C PHE B 106 -0.79 1.84 -26.04
N VAL B 107 -1.88 1.55 -25.34
CA VAL B 107 -1.82 0.69 -24.16
C VAL B 107 -1.97 -0.72 -24.63
N GLY B 108 -1.01 -1.57 -24.26
CA GLY B 108 -1.06 -2.99 -24.63
C GLY B 108 0.22 -3.71 -24.32
N LYS B 109 0.25 -5.01 -24.60
CA LYS B 109 1.41 -5.81 -24.20
C LYS B 109 2.19 -6.22 -25.44
N ILE B 110 3.36 -5.58 -25.61
CA ILE B 110 4.20 -5.79 -26.78
C ILE B 110 5.23 -6.87 -26.52
N GLN B 111 5.26 -7.89 -27.37
CA GLN B 111 6.20 -8.99 -27.21
C GLN B 111 7.25 -8.90 -28.29
N GLY B 112 8.50 -9.05 -27.91
CA GLY B 112 9.55 -9.04 -28.87
C GLY B 112 10.69 -9.72 -28.17
N VAL B 113 11.89 -9.16 -28.38
CA VAL B 113 13.09 -9.80 -27.96
C VAL B 113 14.13 -8.81 -27.47
N LEU B 114 14.67 -9.12 -26.30
CA LEU B 114 15.70 -8.35 -25.66
C LEU B 114 17.00 -9.06 -25.91
N THR B 115 17.87 -8.37 -26.64
CA THR B 115 19.16 -8.92 -27.02
C THR B 115 20.19 -8.06 -26.33
N GLN B 116 21.32 -8.67 -25.96
CA GLN B 116 22.37 -7.95 -25.26
C GLN B 116 23.78 -8.34 -25.70
N THR B 117 24.72 -7.43 -25.53
CA THR B 117 26.11 -7.72 -25.86
C THR B 117 27.07 -7.33 -24.74
N THR B 118 27.89 -8.27 -24.30
CA THR B 118 28.94 -7.96 -23.36
C THR B 118 30.17 -7.30 -24.06
N ARG B 119 30.32 -5.99 -23.86
CA ARG B 119 31.34 -5.22 -24.53
C ARG B 119 32.74 -5.82 -24.52
N ARG B 120 33.22 -6.24 -23.37
CA ARG B 120 34.62 -6.74 -23.26
C ARG B 120 34.98 -7.95 -24.12
N ASP B 121 34.05 -8.89 -24.33
CA ASP B 121 34.38 -10.12 -25.07
C ASP B 121 33.45 -10.43 -26.29
N GLY B 122 32.46 -9.60 -26.55
CA GLY B 122 31.61 -9.81 -27.69
C GLY B 122 30.69 -10.99 -27.49
N SER B 123 30.54 -11.48 -26.25
CA SER B 123 29.47 -12.47 -26.02
C SER B 123 28.08 -11.85 -26.14
N THR B 124 27.13 -12.65 -26.61
CA THR B 124 25.79 -12.14 -26.86
C THR B 124 24.69 -13.07 -26.37
N ARG B 125 23.53 -12.48 -26.04
CA ARG B 125 22.39 -13.21 -25.52
C ARG B 125 21.07 -12.57 -25.95
N GLY B 126 20.03 -13.41 -26.12
CA GLY B 126 18.73 -12.95 -26.53
C GLY B 126 17.62 -13.74 -25.86
N HIS B 127 16.66 -13.03 -25.26
CA HIS B 127 15.51 -13.68 -24.65
C HIS B 127 14.16 -13.08 -25.01
N LYS B 128 13.13 -13.93 -25.01
CA LYS B 128 11.76 -13.51 -25.14
C LYS B 128 11.46 -12.46 -24.10
N ALA B 129 10.92 -11.31 -24.48
CA ALA B 129 10.56 -10.30 -23.48
C ALA B 129 9.29 -9.62 -23.87
N THR B 130 8.49 -9.25 -22.88
CA THR B 130 7.26 -8.48 -23.08
C THR B 130 7.34 -7.15 -22.32
N VAL B 131 6.93 -6.05 -22.93
CA VAL B 131 6.75 -4.78 -22.21
C VAL B 131 5.27 -4.46 -22.24
N SER B 132 4.74 -4.13 -21.06
CA SER B 132 3.31 -3.84 -20.89
C SER B 132 3.13 -2.36 -20.71
N THR B 133 2.58 -1.67 -21.69
CA THR B 133 2.54 -0.18 -21.67
C THR B 133 1.49 0.41 -20.74
N GLY B 134 0.64 -0.48 -20.23
CA GLY B 134 -0.37 -0.08 -19.27
C GLY B 134 0.21 -0.15 -17.88
N SER B 135 1.37 -0.79 -17.77
CA SER B 135 1.93 -1.14 -16.46
C SER B 135 2.36 0.08 -15.65
N VAL B 136 2.30 -0.05 -14.33
CA VAL B 136 2.61 1.06 -13.46
C VAL B 136 4.07 1.43 -13.62
N HIS B 137 4.84 0.54 -14.25
CA HIS B 137 6.30 0.66 -14.33
C HIS B 137 6.72 1.15 -15.71
N PHE B 138 5.75 1.33 -16.59
CA PHE B 138 5.97 1.92 -17.89
C PHE B 138 6.14 3.43 -17.78
N THR B 139 7.34 3.87 -17.46
CA THR B 139 7.59 5.28 -17.17
C THR B 139 8.68 5.84 -18.12
N PRO B 140 8.49 5.67 -19.46
CA PRO B 140 9.47 6.11 -20.46
C PRO B 140 9.89 7.55 -20.30
N LYS B 141 8.95 8.45 -20.02
CA LYS B 141 9.28 9.87 -19.86
C LYS B 141 10.18 10.05 -18.63
N LEU B 142 10.15 9.07 -17.76
CA LEU B 142 10.99 9.19 -16.63
C LEU B 142 12.29 8.51 -16.95
N GLY B 143 12.36 7.73 -18.04
CA GLY B 143 13.64 7.16 -18.46
C GLY B 143 13.85 5.69 -18.14
N SER B 144 12.77 4.99 -17.90
CA SER B 144 12.83 3.69 -17.37
C SER B 144 11.55 2.99 -17.75
N VAL B 145 11.69 1.78 -18.29
CA VAL B 145 10.56 0.87 -18.43
C VAL B 145 10.92 -0.50 -17.93
N GLN B 146 9.92 -1.40 -17.92
CA GLN B 146 10.07 -2.72 -17.32
C GLN B 146 9.62 -3.86 -18.26
N PHE B 147 10.53 -4.82 -18.47
CA PHE B 147 10.24 -5.96 -19.30
C PHE B 147 10.05 -7.17 -18.42
N SER B 148 9.27 -8.12 -18.89
CA SER B 148 9.22 -9.40 -18.23
C SER B 148 9.76 -10.44 -19.20
N THR B 149 10.56 -11.36 -18.70
CA THR B 149 11.32 -12.19 -19.59
C THR B 149 11.23 -13.63 -19.18
N ASP B 150 12.03 -14.44 -19.85
CA ASP B 150 12.15 -15.84 -19.48
C ASP B 150 13.42 -16.27 -18.72
N THR B 151 14.27 -15.31 -18.38
CA THR B 151 15.50 -15.58 -17.63
C THR B 151 15.55 -14.89 -16.26
N SER B 152 16.22 -15.53 -15.30
CA SER B 152 16.42 -15.00 -13.94
C SER B 152 17.80 -14.40 -13.78
N ASN B 153 18.75 -14.79 -14.63
CA ASN B 153 20.15 -14.55 -14.34
C ASN B 153 21.04 -14.27 -15.54
N ASP B 154 20.47 -14.27 -16.75
CA ASP B 154 21.36 -14.15 -17.89
C ASP B 154 21.84 -12.76 -18.20
N PHE B 155 20.99 -11.76 -18.08
CA PHE B 155 21.37 -10.41 -18.50
C PHE B 155 22.33 -9.80 -17.54
N GLU B 156 23.31 -9.08 -18.06
CA GLU B 156 24.33 -8.45 -17.21
C GLU B 156 24.02 -6.99 -17.02
N THR B 157 24.73 -6.33 -16.13
CA THR B 157 24.47 -4.95 -15.87
C THR B 157 25.54 -4.16 -16.61
N GLY B 158 25.27 -2.92 -16.99
CA GLY B 158 26.29 -2.09 -17.61
C GLY B 158 26.61 -2.45 -19.05
N GLN B 159 25.68 -3.15 -19.67
CA GLN B 159 25.82 -3.64 -21.03
C GLN B 159 24.66 -3.25 -21.92
N ASN B 160 24.96 -2.59 -23.04
CA ASN B 160 23.97 -2.19 -24.04
C ASN B 160 22.98 -3.29 -24.32
N THR B 161 21.72 -3.03 -24.01
CA THR B 161 20.67 -3.99 -24.23
C THR B 161 19.63 -3.37 -25.16
N ARG B 162 19.06 -4.15 -26.06
CA ARG B 162 18.15 -3.65 -27.10
C ARG B 162 16.81 -4.44 -27.03
N PHE B 163 15.69 -3.77 -27.30
CA PHE B 163 14.42 -4.50 -27.43
C PHE B 163 13.87 -4.38 -28.86
N THR B 164 13.66 -5.50 -29.51
CA THR B 164 13.06 -5.52 -30.84
C THR B 164 11.62 -5.96 -30.70
N PRO B 165 10.69 -5.13 -31.14
CA PRO B 165 9.31 -5.46 -31.08
C PRO B 165 9.01 -6.51 -32.13
N VAL B 166 8.18 -7.51 -31.79
CA VAL B 166 7.62 -8.48 -32.75
C VAL B 166 6.10 -8.31 -32.99
N GLY B 167 5.32 -8.51 -31.92
CA GLY B 167 3.88 -8.35 -32.00
C GLY B 167 3.19 -8.08 -30.67
N VAL B 168 1.95 -8.51 -30.56
CA VAL B 168 1.19 -8.13 -29.40
C VAL B 168 0.51 -9.37 -28.80
N VAL B 169 0.24 -9.36 -27.50
CA VAL B 169 -0.41 -10.49 -26.86
C VAL B 169 -1.68 -10.12 -26.06
N GLN B 170 -2.43 -11.15 -25.64
CA GLN B 170 -3.67 -10.96 -24.89
C GLN B 170 -4.05 -12.20 -24.10
N ASP B 171 -4.78 -11.98 -23.00
CA ASP B 171 -5.20 -13.05 -22.06
C ASP B 171 -6.39 -13.83 -22.59
N GLY B 172 -6.21 -15.14 -22.73
CA GLY B 172 -7.22 -16.01 -23.34
C GLY B 172 -8.50 -16.23 -22.55
N SER B 173 -8.37 -16.23 -21.24
CA SER B 173 -9.48 -16.49 -20.34
C SER B 173 -10.42 -15.26 -20.19
N THR B 174 -10.04 -14.15 -20.82
CA THR B 174 -10.79 -12.90 -20.74
C THR B 174 -11.39 -12.57 -22.15
N THR B 175 -12.26 -11.54 -22.27
CA THR B 175 -12.92 -11.22 -23.57
C THR B 175 -11.90 -11.09 -24.70
N HIS B 176 -12.17 -11.79 -25.81
CA HIS B 176 -11.30 -11.70 -26.99
C HIS B 176 -11.21 -10.28 -27.56
N GLN B 177 -10.01 -9.87 -27.93
CA GLN B 177 -9.76 -8.52 -28.50
C GLN B 177 -9.88 -7.40 -27.48
N ASN B 178 -9.93 -7.78 -26.20
CA ASN B 178 -9.95 -6.78 -25.16
C ASN B 178 -8.66 -5.96 -25.15
N GLU B 179 -7.59 -6.47 -25.77
CA GLU B 179 -6.34 -5.69 -25.94
C GLU B 179 -5.52 -6.10 -27.19
N PRO B 180 -4.61 -5.24 -27.65
CA PRO B 180 -4.31 -3.88 -27.17
C PRO B 180 -5.45 -2.88 -27.43
N GLN B 181 -5.30 -1.71 -26.83
CA GLN B 181 -6.20 -0.59 -27.05
C GLN B 181 -5.52 0.51 -27.85
N GLN B 182 -5.70 0.48 -29.17
CA GLN B 182 -4.91 1.37 -30.00
C GLN B 182 -5.18 2.84 -29.80
N TRP B 183 -6.35 3.15 -29.24
CA TRP B 183 -6.69 4.55 -29.09
C TRP B 183 -6.49 5.18 -27.70
N VAL B 184 -5.87 4.43 -26.78
CA VAL B 184 -5.58 4.90 -25.42
C VAL B 184 -4.07 5.12 -25.21
N LEU B 185 -3.64 6.37 -25.12
CA LEU B 185 -2.22 6.63 -24.83
C LEU B 185 -1.86 6.07 -23.47
N PRO B 186 -0.62 5.61 -23.34
CA PRO B 186 -0.08 5.15 -22.08
C PRO B 186 0.24 6.34 -21.14
N ASP B 187 0.47 6.05 -19.85
CA ASP B 187 0.83 7.13 -18.94
C ASP B 187 2.33 7.31 -19.00
N TYR B 188 2.79 8.14 -19.92
CA TYR B 188 4.20 8.22 -20.23
C TYR B 188 5.08 8.38 -19.01
N SER B 189 4.56 8.98 -17.93
CA SER B 189 5.33 9.14 -16.69
C SER B 189 4.79 8.29 -15.54
N GLY B 190 4.03 7.27 -15.85
CA GLY B 190 3.48 6.43 -14.81
C GLY B 190 2.21 7.01 -14.24
N ARG B 191 1.74 6.36 -13.19
CA ARG B 191 0.51 6.75 -12.48
C ARG B 191 0.48 8.15 -11.91
N ASP B 192 -0.71 8.72 -12.01
CA ASP B 192 -0.99 10.05 -11.50
C ASP B 192 0.13 11.01 -11.98
N SER B 193 0.17 11.19 -13.29
CA SER B 193 1.04 12.18 -13.88
C SER B 193 0.47 12.46 -15.22
N HIS B 194 0.47 13.71 -15.62
CA HIS B 194 -0.15 14.04 -16.87
C HIS B 194 0.84 13.87 -17.98
N ASN B 195 0.36 13.39 -19.12
CA ASN B 195 1.16 13.38 -20.31
C ASN B 195 1.36 14.82 -20.73
N VAL B 196 2.52 15.13 -21.32
CA VAL B 196 2.93 16.51 -21.66
C VAL B 196 3.33 16.68 -23.12
N HIS B 197 3.12 17.85 -23.71
CA HIS B 197 3.55 18.13 -25.12
C HIS B 197 3.00 17.22 -26.21
N LEU B 198 1.84 16.63 -25.97
CA LEU B 198 1.18 15.79 -26.93
C LEU B 198 0.86 16.52 -28.23
N ALA B 199 0.96 15.79 -29.32
CA ALA B 199 0.35 16.18 -30.56
C ALA B 199 -1.14 16.27 -30.28
N PRO B 200 -1.84 17.18 -30.95
CA PRO B 200 -3.29 17.36 -30.85
C PRO B 200 -4.06 16.10 -31.10
N ALA B 201 -5.19 15.95 -30.44
CA ALA B 201 -6.13 14.93 -30.85
C ALA B 201 -6.80 15.41 -32.16
N VAL B 202 -7.40 14.51 -32.94
CA VAL B 202 -7.96 14.91 -34.24
C VAL B 202 -9.37 14.37 -34.45
N ALA B 203 -10.20 15.10 -35.19
CA ALA B 203 -11.53 14.63 -35.54
C ALA B 203 -12.00 15.26 -36.85
N PRO B 204 -13.04 14.67 -37.50
CA PRO B 204 -13.65 15.28 -38.68
C PRO B 204 -14.27 16.58 -38.28
N THR B 205 -14.34 17.54 -39.18
CA THR B 205 -14.82 18.84 -38.81
C THR B 205 -15.71 19.29 -39.92
N PHE B 206 -16.49 18.38 -40.45
CA PHE B 206 -17.26 18.69 -41.61
C PHE B 206 -18.29 17.63 -41.72
N PRO B 207 -19.50 18.01 -42.16
CA PRO B 207 -20.60 17.07 -42.22
C PRO B 207 -20.32 15.97 -43.22
N GLY B 208 -20.62 14.74 -42.85
CA GLY B 208 -20.51 13.56 -43.71
C GLY B 208 -19.08 13.07 -43.92
N GLU B 209 -18.12 13.68 -43.23
CA GLU B 209 -16.72 13.23 -43.34
C GLU B 209 -16.34 12.39 -42.12
N GLN B 210 -15.52 11.35 -42.34
CA GLN B 210 -14.84 10.59 -41.28
C GLN B 210 -13.35 10.64 -41.60
N LEU B 211 -12.49 10.35 -40.61
CA LEU B 211 -11.07 10.24 -40.87
C LEU B 211 -10.83 9.03 -41.78
N LEU B 212 -9.70 9.05 -42.49
CA LEU B 212 -9.26 7.89 -43.27
C LEU B 212 -8.05 7.31 -42.56
N PHE B 213 -8.04 6.01 -42.28
CA PHE B 213 -6.93 5.43 -41.56
C PHE B 213 -6.07 4.55 -42.44
N PHE B 214 -4.75 4.64 -42.31
CA PHE B 214 -3.89 3.69 -42.99
C PHE B 214 -3.68 2.54 -42.01
N ARG B 215 -4.10 1.33 -42.40
CA ARG B 215 -4.15 0.24 -41.45
C ARG B 215 -3.21 -0.94 -41.75
N SER B 216 -2.66 -1.54 -40.68
CA SER B 216 -1.89 -2.78 -40.76
C SER B 216 -2.43 -3.71 -39.71
N THR B 217 -2.08 -5.00 -39.78
CA THR B 217 -2.42 -5.97 -38.75
C THR B 217 -1.16 -6.35 -37.97
N MET B 218 -1.02 -5.87 -36.75
CA MET B 218 0.10 -6.32 -35.94
C MET B 218 0.11 -7.85 -35.79
N PRO B 219 1.31 -8.42 -35.73
CA PRO B 219 1.48 -9.81 -35.42
C PRO B 219 0.94 -10.12 -34.04
N GLY B 220 0.40 -11.29 -33.84
CA GLY B 220 -0.03 -11.65 -32.53
C GLY B 220 0.74 -12.86 -32.16
N CYS B 221 1.31 -12.82 -30.95
CA CYS B 221 2.15 -13.91 -30.45
C CYS B 221 1.46 -14.83 -29.45
N SER B 222 0.31 -14.41 -28.90
CA SER B 222 -0.36 -15.28 -27.99
C SER B 222 -1.76 -14.80 -27.79
N GLY B 223 -2.72 -15.67 -27.53
CA GLY B 223 -4.05 -15.25 -27.19
C GLY B 223 -4.88 -14.77 -28.33
N TYR B 224 -5.88 -13.98 -28.02
CA TYR B 224 -6.79 -13.40 -29.04
C TYR B 224 -6.71 -11.87 -29.12
N PRO B 225 -5.54 -11.33 -29.45
CA PRO B 225 -5.42 -9.89 -29.35
C PRO B 225 -6.09 -9.15 -30.51
N ASN B 226 -6.54 -7.93 -30.27
CA ASN B 226 -7.04 -7.08 -31.33
C ASN B 226 -5.87 -6.46 -32.05
N MET B 227 -5.64 -7.00 -33.24
CA MET B 227 -4.45 -6.62 -33.97
C MET B 227 -4.71 -5.44 -34.90
N ASN B 228 -5.84 -4.76 -34.80
CA ASN B 228 -6.00 -3.66 -35.72
C ASN B 228 -5.09 -2.48 -35.38
N LEU B 229 -4.36 -1.98 -36.37
CA LEU B 229 -3.53 -0.82 -36.07
C LEU B 229 -3.58 0.27 -37.13
N ASP B 230 -4.20 1.39 -36.76
CA ASP B 230 -4.46 2.58 -37.63
C ASP B 230 -3.48 3.75 -37.39
N CYS B 231 -2.75 4.14 -38.42
CA CYS B 231 -1.98 5.33 -38.27
C CYS B 231 -2.60 6.37 -39.17
N LEU B 232 -2.34 7.63 -38.87
CA LEU B 232 -2.99 8.76 -39.53
C LEU B 232 -2.24 9.11 -40.82
N LEU B 233 -0.92 8.82 -40.83
CA LEU B 233 -0.03 9.06 -41.96
C LEU B 233 0.91 7.86 -42.11
N PRO B 234 1.12 7.37 -43.38
CA PRO B 234 2.16 6.36 -43.62
C PRO B 234 3.50 6.99 -43.27
N GLN B 235 4.41 6.18 -42.70
CA GLN B 235 5.69 6.67 -42.27
C GLN B 235 6.39 7.36 -43.46
N GLU B 236 6.35 6.74 -44.64
CA GLU B 236 6.91 7.39 -45.83
C GLU B 236 6.39 8.82 -46.05
N TRP B 237 5.17 9.13 -45.61
CA TRP B 237 4.63 10.47 -45.82
C TRP B 237 5.28 11.44 -44.86
N VAL B 238 5.33 11.07 -43.59
CA VAL B 238 6.10 11.83 -42.59
C VAL B 238 7.49 12.13 -43.13
N GLN B 239 8.17 11.08 -43.58
CA GLN B 239 9.52 11.19 -44.15
C GLN B 239 9.52 12.14 -45.31
N HIS B 240 8.50 12.01 -46.15
CA HIS B 240 8.45 12.89 -47.31
C HIS B 240 8.35 14.36 -46.93
N PHE B 241 7.32 14.68 -46.14
CA PHE B 241 7.07 16.04 -45.78
C PHE B 241 8.34 16.58 -45.10
N TYR B 242 8.86 15.86 -44.10
CA TYR B 242 10.10 16.32 -43.45
C TYR B 242 11.11 16.84 -44.48
N GLN B 243 11.44 16.04 -45.51
CA GLN B 243 12.38 16.41 -46.59
C GLN B 243 11.89 17.61 -47.35
N GLU B 244 10.62 17.61 -47.72
CA GLU B 244 10.13 18.55 -48.72
C GLU B 244 9.85 19.93 -48.19
N SER B 245 9.28 19.98 -46.98
CA SER B 245 8.94 21.21 -46.28
C SER B 245 8.22 22.16 -47.15
N ALA B 246 7.21 21.69 -47.88
CA ALA B 246 6.45 22.58 -48.76
C ALA B 246 5.44 23.43 -47.98
N PRO B 247 5.55 24.76 -48.10
CA PRO B 247 4.60 25.65 -47.48
C PRO B 247 3.15 25.29 -47.86
N ALA B 248 2.29 25.11 -46.87
CA ALA B 248 0.88 24.78 -47.11
C ALA B 248 0.14 26.00 -47.62
N GLN B 249 -0.38 25.88 -48.84
CA GLN B 249 -1.03 27.00 -49.55
C GLN B 249 -2.41 27.42 -49.05
N SER B 250 -3.24 26.46 -48.66
CA SER B 250 -4.45 26.80 -47.95
C SER B 250 -4.77 25.71 -46.96
N ASP B 251 -6.05 25.43 -46.74
CA ASP B 251 -6.47 24.68 -45.55
C ASP B 251 -6.25 23.21 -45.57
N VAL B 252 -6.40 22.66 -46.76
CA VAL B 252 -6.54 21.25 -46.97
C VAL B 252 -5.92 20.92 -48.33
N ALA B 253 -5.09 19.88 -48.36
CA ALA B 253 -4.53 19.48 -49.64
C ALA B 253 -5.38 18.36 -50.23
N LEU B 254 -6.02 18.64 -51.35
CA LEU B 254 -6.92 17.72 -51.98
C LEU B 254 -6.12 16.70 -52.72
N LEU B 255 -6.30 15.43 -52.36
CA LEU B 255 -5.66 14.36 -53.12
C LEU B 255 -6.66 13.45 -53.79
N ARG B 256 -6.35 13.00 -54.99
CA ARG B 256 -7.16 12.00 -55.64
C ARG B 256 -6.44 10.70 -55.47
N PHE B 257 -7.15 9.61 -55.18
CA PHE B 257 -6.58 8.26 -55.20
C PHE B 257 -6.82 7.64 -56.56
N VAL B 258 -5.75 7.40 -57.32
CA VAL B 258 -5.89 7.02 -58.73
C VAL B 258 -5.52 5.59 -58.98
N ASN B 259 -6.29 4.93 -59.84
CA ASN B 259 -5.90 3.63 -60.38
C ASN B 259 -5.17 3.74 -61.71
N PRO B 260 -3.84 3.42 -61.78
CA PRO B 260 -3.06 3.89 -62.98
C PRO B 260 -3.30 3.04 -64.25
N ASP B 261 -3.96 1.88 -64.08
CA ASP B 261 -4.27 1.02 -65.22
C ASP B 261 -5.46 1.60 -66.04
N THR B 262 -6.63 1.70 -65.36
CA THR B 262 -7.86 2.37 -65.88
C THR B 262 -7.75 3.90 -65.95
N GLY B 263 -6.78 4.49 -65.23
CA GLY B 263 -6.63 5.95 -65.09
C GLY B 263 -7.73 6.68 -64.32
N ARG B 264 -8.76 5.94 -63.88
CA ARG B 264 -9.93 6.55 -63.21
C ARG B 264 -9.64 6.83 -61.75
N VAL B 265 -10.03 8.03 -61.31
CA VAL B 265 -10.00 8.43 -59.91
C VAL B 265 -11.00 7.57 -59.14
N LEU B 266 -10.50 6.86 -58.14
CA LEU B 266 -11.34 6.01 -57.30
C LEU B 266 -12.08 6.79 -56.24
N PHE B 267 -11.38 7.64 -55.52
CA PHE B 267 -12.03 8.54 -54.58
C PHE B 267 -11.12 9.71 -54.31
N GLU B 268 -11.67 10.84 -53.85
CA GLU B 268 -10.82 11.96 -53.41
C GLU B 268 -10.92 12.18 -51.92
N CYS B 269 -10.00 12.94 -51.33
CA CYS B 269 -9.95 13.10 -49.86
C CYS B 269 -9.17 14.34 -49.46
N LYS B 270 -9.18 14.69 -48.18
CA LYS B 270 -8.57 15.94 -47.78
C LYS B 270 -7.41 15.59 -46.92
N LEU B 271 -6.21 16.01 -47.31
CA LEU B 271 -5.09 15.96 -46.40
C LEU B 271 -5.04 17.27 -45.64
N HIS B 272 -5.43 17.27 -44.39
CA HIS B 272 -5.40 18.55 -43.66
C HIS B 272 -3.97 18.92 -43.36
N LYS B 273 -3.72 20.21 -43.23
CA LYS B 273 -2.33 20.60 -43.18
C LYS B 273 -1.67 20.16 -41.92
N SER B 274 -2.41 19.91 -40.85
CA SER B 274 -1.76 19.37 -39.66
C SER B 274 -1.54 17.90 -39.76
N GLY B 275 -1.92 17.33 -40.90
CA GLY B 275 -1.39 16.01 -41.24
C GLY B 275 -2.20 14.87 -40.69
N TYR B 276 -3.42 14.79 -41.21
CA TYR B 276 -4.30 13.66 -41.19
C TYR B 276 -5.25 13.78 -42.40
N VAL B 277 -5.96 12.71 -42.69
CA VAL B 277 -6.81 12.69 -43.88
C VAL B 277 -8.28 12.42 -43.50
N THR B 278 -9.19 13.07 -44.21
CA THR B 278 -10.59 12.69 -44.02
C THR B 278 -11.18 12.48 -45.36
N VAL B 279 -12.31 11.79 -45.34
CA VAL B 279 -12.94 11.22 -46.52
C VAL B 279 -14.44 11.41 -46.31
N ALA B 280 -15.22 11.48 -47.38
CA ALA B 280 -16.68 11.66 -47.22
C ALA B 280 -17.37 10.33 -47.25
N HIS B 281 -17.67 9.80 -46.08
CA HIS B 281 -18.33 8.50 -45.91
C HIS B 281 -18.99 8.40 -44.53
N THR B 282 -20.04 7.56 -44.42
CA THR B 282 -20.71 7.36 -43.15
C THR B 282 -20.71 5.86 -42.81
N GLY B 283 -20.13 5.51 -41.66
CA GLY B 283 -20.10 4.12 -41.20
C GLY B 283 -18.75 3.48 -41.49
N GLN B 284 -18.58 2.27 -40.99
CA GLN B 284 -17.30 1.59 -41.06
C GLN B 284 -17.12 0.91 -42.39
N HIS B 285 -16.00 1.17 -43.06
CA HIS B 285 -15.78 0.57 -44.36
C HIS B 285 -14.32 0.25 -44.55
N ASP B 286 -14.06 -0.99 -44.94
CA ASP B 286 -12.76 -1.36 -45.51
C ASP B 286 -12.84 -1.04 -46.97
N LEU B 287 -11.95 -0.15 -47.41
CA LEU B 287 -11.97 0.28 -48.79
C LEU B 287 -11.47 -0.78 -49.75
N VAL B 288 -12.16 -0.95 -50.86
CA VAL B 288 -11.60 -1.83 -51.91
C VAL B 288 -10.75 -0.96 -52.86
N ILE B 289 -9.49 -1.38 -53.03
CA ILE B 289 -8.56 -0.67 -53.90
C ILE B 289 -7.74 -1.62 -54.73
N PRO B 290 -7.46 -1.22 -55.99
CA PRO B 290 -6.45 -1.83 -56.86
C PRO B 290 -5.03 -1.71 -56.25
N PRO B 291 -4.27 -2.82 -56.20
CA PRO B 291 -3.05 -2.85 -55.39
C PRO B 291 -1.92 -1.96 -55.97
N ASN B 292 -2.03 -1.62 -57.24
CA ASN B 292 -1.14 -0.67 -57.84
C ASN B 292 -1.66 0.78 -57.78
N GLY B 293 -2.75 1.01 -57.05
CA GLY B 293 -3.31 2.37 -56.90
C GLY B 293 -2.57 3.26 -55.92
N TYR B 294 -2.48 4.57 -56.23
CA TYR B 294 -1.67 5.56 -55.47
C TYR B 294 -2.38 6.92 -55.21
N PHE B 295 -1.92 7.69 -54.21
CA PHE B 295 -2.43 9.06 -53.98
C PHE B 295 -1.70 10.15 -54.81
N ARG B 296 -2.42 11.05 -55.45
CA ARG B 296 -1.78 12.14 -56.19
C ARG B 296 -2.38 13.48 -55.73
N PHE B 297 -1.50 14.41 -55.39
CA PHE B 297 -1.94 15.71 -54.93
C PHE B 297 -2.50 16.49 -56.10
N ASP B 298 -3.72 17.01 -55.95
CA ASP B 298 -4.30 17.78 -57.05
C ASP B 298 -4.30 19.27 -56.75
N SER B 299 -4.75 19.70 -55.57
CA SER B 299 -4.71 21.16 -55.28
C SER B 299 -4.95 21.53 -53.84
N TRP B 300 -4.60 22.78 -53.50
CA TRP B 300 -4.99 23.34 -52.21
C TRP B 300 -6.35 24.00 -52.26
N VAL B 301 -7.26 23.54 -51.43
CA VAL B 301 -8.62 24.03 -51.48
C VAL B 301 -8.92 24.55 -50.10
N ASN B 302 -10.09 25.13 -49.91
CA ASN B 302 -10.37 25.63 -48.58
C ASN B 302 -11.15 24.62 -47.79
N GLN B 303 -11.22 24.80 -46.49
CA GLN B 303 -11.83 23.84 -45.59
C GLN B 303 -13.15 23.31 -46.08
N PHE B 304 -13.91 24.14 -46.79
CA PHE B 304 -15.30 23.86 -47.06
C PHE B 304 -15.52 23.18 -48.37
N TYR B 305 -14.43 22.78 -49.01
CA TYR B 305 -14.56 22.03 -50.26
C TYR B 305 -15.36 20.73 -50.01
N THR B 306 -16.27 20.43 -50.94
CA THR B 306 -17.20 19.31 -50.73
C THR B 306 -16.70 18.04 -51.42
N LEU B 307 -16.40 17.01 -50.65
CA LEU B 307 -15.83 15.83 -51.26
C LEU B 307 -16.88 15.04 -51.98
N ALA B 308 -16.52 14.46 -53.11
CA ALA B 308 -17.39 13.47 -53.75
C ALA B 308 -17.47 12.21 -52.88
N PRO B 309 -18.71 11.70 -52.63
CA PRO B 309 -18.86 10.46 -51.81
C PRO B 309 -17.86 9.39 -52.24
N MET B 310 -17.35 8.60 -51.30
CA MET B 310 -16.26 7.71 -51.65
C MET B 310 -16.60 6.36 -52.34
N GLU C 1 29.78 -34.17 21.61
CA GLU C 1 31.18 -34.23 22.15
C GLU C 1 31.30 -33.75 23.68
N SER C 2 31.73 -32.50 23.90
CA SER C 2 32.34 -32.10 25.19
C SER C 2 31.85 -30.75 25.78
N ARG C 3 32.19 -30.49 27.06
CA ARG C 3 31.56 -29.39 27.79
C ARG C 3 32.45 -28.17 27.75
N THR C 4 32.01 -27.26 26.90
CA THR C 4 32.84 -26.30 26.18
C THR C 4 31.99 -25.07 25.92
N LYS C 5 32.58 -23.89 26.09
CA LYS C 5 31.91 -22.62 25.78
C LYS C 5 31.32 -22.64 24.37
N PRO C 6 30.02 -22.44 24.26
CA PRO C 6 29.36 -22.58 22.95
C PRO C 6 29.91 -21.65 21.87
N PHE C 7 30.11 -22.23 20.69
CA PHE C 7 30.43 -21.49 19.48
C PHE C 7 29.25 -20.58 19.03
N THR C 8 29.60 -19.48 18.35
CA THR C 8 28.63 -18.43 17.96
C THR C 8 29.25 -17.63 16.84
N VAL C 9 28.37 -17.02 16.00
CA VAL C 9 28.74 -15.95 15.07
C VAL C 9 27.94 -14.69 15.41
N PRO C 10 28.48 -13.50 15.12
CA PRO C 10 27.92 -12.25 15.62
C PRO C 10 26.53 -12.01 15.07
N ILE C 11 25.64 -11.44 15.85
CA ILE C 11 24.38 -11.09 15.27
C ILE C 11 24.55 -9.79 14.49
N LEU C 12 24.89 -9.91 13.21
CA LEU C 12 25.01 -8.76 12.29
C LEU C 12 24.43 -9.14 10.96
N THR C 13 23.67 -8.22 10.37
CA THR C 13 23.16 -8.40 9.02
C THR C 13 24.33 -8.26 8.07
N VAL C 14 24.19 -8.79 6.87
CA VAL C 14 25.28 -8.67 5.91
C VAL C 14 25.74 -7.21 5.76
N GLU C 15 24.81 -6.25 5.61
CA GLU C 15 25.21 -4.84 5.37
C GLU C 15 25.79 -4.13 6.58
N GLU C 16 25.65 -4.74 7.75
CA GLU C 16 26.25 -4.20 8.98
C GLU C 16 27.70 -4.56 9.07
N MET C 17 28.15 -5.48 8.22
CA MET C 17 29.50 -6.05 8.27
C MET C 17 30.50 -5.54 7.19
N THR C 18 31.77 -5.89 7.35
CA THR C 18 32.83 -5.28 6.55
C THR C 18 33.63 -6.30 5.79
N ASN C 19 34.10 -5.96 4.59
CA ASN C 19 34.78 -6.94 3.74
C ASN C 19 36.16 -7.18 4.30
N SER C 20 36.58 -8.43 4.34
CA SER C 20 37.82 -8.68 5.03
C SER C 20 39.05 -8.55 4.09
N ARG C 21 38.85 -8.26 2.80
CA ARG C 21 39.99 -8.06 1.92
C ARG C 21 40.19 -6.63 1.42
N PHE C 22 39.40 -5.68 1.90
CA PHE C 22 39.55 -4.28 1.50
C PHE C 22 38.61 -3.40 2.34
N PRO C 23 39.12 -2.27 2.85
CA PRO C 23 38.30 -1.55 3.88
C PRO C 23 37.02 -0.89 3.33
N ILE C 24 36.01 -1.69 2.99
CA ILE C 24 34.68 -1.19 2.56
C ILE C 24 33.63 -2.14 3.10
N PRO C 25 32.37 -1.70 3.17
CA PRO C 25 31.33 -2.60 3.75
C PRO C 25 31.02 -3.80 2.85
N LEU C 26 30.37 -4.80 3.41
CA LEU C 26 29.83 -5.92 2.62
C LEU C 26 28.60 -5.44 1.93
N GLU C 27 28.24 -6.06 0.81
CA GLU C 27 27.03 -5.67 0.15
C GLU C 27 26.00 -6.78 -0.07
N LYS C 28 26.42 -7.98 -0.42
CA LYS C 28 25.46 -9.01 -0.82
C LYS C 28 26.11 -10.37 -0.72
N LEU C 29 25.30 -11.41 -0.68
CA LEU C 29 25.81 -12.77 -0.65
C LEU C 29 25.83 -13.30 -2.08
N PHE C 30 26.94 -13.92 -2.49
CA PHE C 30 27.05 -14.42 -3.88
C PHE C 30 27.58 -15.84 -3.94
N THR C 31 26.94 -16.72 -4.70
CA THR C 31 27.52 -18.06 -4.91
C THR C 31 27.76 -18.44 -6.37
N GLY C 32 28.78 -19.27 -6.61
CA GLY C 32 29.06 -19.76 -7.97
C GLY C 32 30.23 -20.72 -8.08
N PRO C 33 30.30 -21.47 -9.18
CA PRO C 33 31.38 -22.45 -9.31
C PRO C 33 32.75 -21.79 -9.13
N SER C 34 33.74 -22.58 -8.68
CA SER C 34 35.10 -22.08 -8.41
C SER C 34 36.20 -23.10 -8.76
N SER C 35 35.79 -24.12 -9.53
CA SER C 35 36.72 -25.11 -10.12
C SER C 35 37.73 -24.51 -11.15
N ALA C 36 37.26 -23.63 -12.02
CA ALA C 36 38.17 -22.97 -12.98
C ALA C 36 39.18 -21.96 -12.38
N PHE C 37 39.15 -21.73 -11.06
CA PHE C 37 40.15 -20.85 -10.44
C PHE C 37 40.61 -21.22 -9.01
N VAL C 38 41.69 -20.57 -8.59
CA VAL C 38 42.27 -20.86 -7.32
C VAL C 38 41.68 -19.90 -6.29
N VAL C 39 41.06 -20.44 -5.26
CA VAL C 39 40.50 -19.58 -4.26
C VAL C 39 41.50 -19.61 -3.11
N GLN C 40 42.44 -18.66 -3.11
CA GLN C 40 43.44 -18.68 -2.05
C GLN C 40 43.73 -17.35 -1.41
N PRO C 41 42.68 -16.59 -1.03
CA PRO C 41 42.97 -15.27 -0.50
C PRO C 41 43.64 -15.42 0.82
N GLN C 42 44.44 -14.43 1.18
CA GLN C 42 45.25 -14.48 2.39
C GLN C 42 44.76 -13.47 3.42
N ASN C 43 43.88 -12.55 3.02
CA ASN C 43 43.13 -11.75 4.00
C ASN C 43 41.71 -12.31 4.29
N GLY C 44 41.11 -12.05 5.44
CA GLY C 44 39.85 -12.73 5.76
C GLY C 44 40.02 -14.23 5.88
N ARG C 45 41.14 -14.67 6.47
CA ARG C 45 41.38 -16.08 6.77
C ARG C 45 41.54 -16.36 8.26
N CYS C 46 40.57 -17.04 8.85
CA CYS C 46 40.63 -17.35 10.27
C CYS C 46 39.92 -18.67 10.62
N THR C 47 40.40 -19.45 11.58
CA THR C 47 39.68 -20.70 11.85
C THR C 47 38.48 -20.38 12.74
N THR C 48 37.49 -21.28 12.76
CA THR C 48 36.32 -21.05 13.62
C THR C 48 36.74 -20.97 15.08
N ASP C 49 37.89 -21.51 15.40
CA ASP C 49 38.34 -21.46 16.77
C ASP C 49 39.46 -20.44 16.98
N GLY C 50 39.60 -19.49 16.08
CA GLY C 50 40.33 -18.28 16.40
C GLY C 50 41.76 -18.20 15.93
N ALA C 51 42.18 -19.05 15.00
CA ALA C 51 43.56 -18.96 14.49
C ALA C 51 43.60 -18.07 13.24
N LEU C 52 44.27 -16.93 13.34
CA LEU C 52 44.41 -16.07 12.17
C LEU C 52 45.37 -16.76 11.28
N LEU C 53 45.12 -16.69 9.98
CA LEU C 53 46.01 -17.28 8.98
C LEU C 53 46.42 -16.30 7.85
N GLY C 54 47.35 -16.75 7.01
CA GLY C 54 47.74 -15.96 5.83
C GLY C 54 48.28 -14.64 6.32
N THR C 55 47.73 -13.54 5.81
CA THR C 55 48.17 -12.24 6.24
C THR C 55 47.07 -11.54 6.99
N THR C 56 45.94 -12.26 7.16
CA THR C 56 44.81 -11.85 8.01
C THR C 56 45.22 -11.37 9.42
N GLN C 57 44.52 -10.34 9.87
CA GLN C 57 44.88 -9.50 11.02
C GLN C 57 43.57 -8.72 11.48
N LEU C 58 43.57 -7.97 12.59
CA LEU C 58 42.26 -7.64 13.16
C LEU C 58 41.63 -6.34 12.68
N SER C 59 42.47 -5.35 12.37
CA SER C 59 41.94 -4.02 12.11
C SER C 59 41.28 -4.02 10.79
N PRO C 60 40.08 -3.49 10.69
CA PRO C 60 39.41 -3.38 9.40
C PRO C 60 39.94 -2.21 8.59
N VAL C 61 40.62 -1.27 9.22
CA VAL C 61 41.03 -0.13 8.45
C VAL C 61 42.42 -0.39 7.95
N ASP C 62 43.19 -1.16 8.68
CA ASP C 62 44.54 -1.44 8.22
C ASP C 62 44.64 -2.49 7.09
N ILE C 63 43.65 -2.65 6.23
CA ILE C 63 43.76 -3.62 5.14
C ILE C 63 44.16 -2.89 3.87
N CYS C 64 45.17 -3.38 3.17
CA CYS C 64 45.62 -2.72 1.93
C CYS C 64 46.25 -1.39 2.20
N THR C 65 46.68 -1.21 3.44
CA THR C 65 47.43 -0.03 3.77
C THR C 65 48.92 -0.42 3.74
N PHE C 66 49.79 0.59 3.62
CA PHE C 66 51.22 0.38 3.77
C PHE C 66 51.73 1.57 4.51
N ARG C 67 52.82 1.38 5.25
CA ARG C 67 53.41 2.51 5.93
C ARG C 67 54.87 2.26 6.10
N GLY C 68 55.64 3.33 6.20
CA GLY C 68 57.09 3.21 6.28
C GLY C 68 57.73 4.55 5.96
N ASP C 69 58.94 4.49 5.42
CA ASP C 69 59.60 5.73 4.95
C ASP C 69 59.79 5.58 3.47
N VAL C 70 59.91 6.71 2.77
CA VAL C 70 60.05 6.63 1.33
C VAL C 70 61.37 7.24 0.84
N THR C 71 61.85 6.72 -0.28
CA THR C 71 62.92 7.35 -1.06
C THR C 71 62.47 7.51 -2.50
N HIS C 72 62.92 8.61 -3.09
CA HIS C 72 62.56 8.96 -4.44
C HIS C 72 63.31 8.11 -5.45
N ILE C 73 62.75 7.91 -6.63
CA ILE C 73 63.51 7.32 -7.72
C ILE C 73 63.77 8.38 -8.80
N ALA C 74 65.05 8.63 -9.06
CA ALA C 74 65.47 9.80 -9.81
C ALA C 74 64.89 9.81 -11.23
N GLY C 75 64.38 10.97 -11.65
CA GLY C 75 63.86 11.15 -13.01
C GLY C 75 62.61 10.34 -13.29
N THR C 76 61.73 10.22 -12.29
CA THR C 76 60.42 9.51 -12.35
C THR C 76 59.56 10.15 -11.29
N GLN C 77 58.30 9.76 -11.23
CA GLN C 77 57.47 10.20 -10.11
C GLN C 77 57.19 9.03 -9.19
N ASN C 78 58.09 8.06 -9.16
CA ASN C 78 57.90 6.91 -8.31
C ASN C 78 58.74 6.99 -7.06
N TYR C 79 58.25 6.34 -6.01
CA TYR C 79 58.97 6.25 -4.76
C TYR C 79 59.02 4.82 -4.28
N THR C 80 60.10 4.47 -3.59
CA THR C 80 60.14 3.20 -2.93
C THR C 80 59.86 3.41 -1.45
N MET C 81 59.04 2.54 -0.86
CA MET C 81 58.69 2.58 0.57
C MET C 81 59.41 1.43 1.24
N ASN C 82 60.19 1.72 2.28
CA ASN C 82 60.62 0.70 3.24
C ASN C 82 59.56 0.50 4.29
N LEU C 83 59.01 -0.72 4.35
CA LEU C 83 57.80 -0.98 5.13
C LEU C 83 58.09 -1.15 6.59
N ALA C 84 57.38 -0.40 7.43
CA ALA C 84 57.27 -0.75 8.84
C ALA C 84 56.05 -1.61 9.06
N SER C 85 55.98 -2.24 10.22
CA SER C 85 54.76 -2.93 10.65
C SER C 85 53.77 -1.94 11.23
N GLN C 86 52.58 -2.45 11.53
CA GLN C 86 51.44 -1.63 12.05
C GLN C 86 51.80 -0.68 13.23
N ASN C 87 52.46 -1.24 14.23
CA ASN C 87 53.02 -0.44 15.35
C ASN C 87 54.20 0.56 15.04
N TRP C 88 54.54 0.74 13.75
CA TRP C 88 55.71 1.53 13.30
C TRP C 88 57.05 0.96 13.68
N ASN C 89 57.04 -0.23 14.25
CA ASN C 89 58.28 -0.99 14.40
C ASN C 89 58.72 -1.59 13.07
N ASN C 90 60.02 -1.88 12.95
CA ASN C 90 60.55 -2.47 11.70
C ASN C 90 59.88 -3.81 11.33
N TYR C 91 59.75 -4.08 10.03
CA TYR C 91 59.05 -5.28 9.62
C TYR C 91 60.08 -6.38 9.60
N ASP C 92 59.71 -7.52 10.18
CA ASP C 92 60.60 -8.64 10.29
C ASP C 92 60.34 -9.68 9.20
N PRO C 93 61.16 -9.65 8.13
CA PRO C 93 60.89 -10.50 6.98
C PRO C 93 60.93 -11.99 7.33
N THR C 94 61.38 -12.32 8.53
CA THR C 94 61.61 -13.71 8.90
C THR C 94 60.41 -14.23 9.66
N GLU C 95 59.50 -13.34 10.03
CA GLU C 95 58.28 -13.79 10.67
C GLU C 95 57.50 -14.75 9.72
N GLU C 96 57.03 -15.86 10.25
CA GLU C 96 56.47 -16.88 9.39
C GLU C 96 55.10 -16.48 8.80
N ILE C 97 55.07 -15.45 7.97
CA ILE C 97 53.83 -15.06 7.31
C ILE C 97 54.13 -14.76 5.85
N PRO C 98 53.15 -14.87 4.97
CA PRO C 98 53.44 -14.62 3.57
C PRO C 98 54.02 -13.24 3.22
N ALA C 99 53.76 -12.22 4.06
CA ALA C 99 53.98 -10.78 3.75
C ALA C 99 53.57 -10.02 5.01
N PRO C 100 53.88 -8.72 5.11
CA PRO C 100 53.35 -7.90 6.23
C PRO C 100 51.87 -8.13 6.37
N LEU C 101 51.36 -8.31 7.60
CA LEU C 101 49.90 -8.55 7.77
C LEU C 101 49.14 -7.44 7.08
N GLY C 102 48.09 -7.80 6.35
CA GLY C 102 47.21 -6.78 5.76
C GLY C 102 47.62 -6.35 4.38
N THR C 103 48.80 -6.79 3.93
CA THR C 103 49.19 -6.66 2.54
C THR C 103 48.05 -7.15 1.62
N PRO C 104 47.85 -6.45 0.49
CA PRO C 104 46.87 -6.84 -0.52
C PRO C 104 47.11 -8.27 -0.98
N ASP C 105 46.04 -8.99 -1.32
CA ASP C 105 46.12 -10.40 -1.65
C ASP C 105 45.59 -10.65 -3.08
N PHE C 106 45.75 -9.67 -3.94
CA PHE C 106 45.36 -9.85 -5.32
C PHE C 106 46.20 -9.01 -6.23
N VAL C 107 46.17 -9.36 -7.50
CA VAL C 107 46.94 -8.63 -8.49
C VAL C 107 46.08 -7.52 -9.04
N GLY C 108 46.53 -6.31 -8.87
CA GLY C 108 45.79 -5.22 -9.42
C GLY C 108 46.50 -3.95 -9.07
N LYS C 109 45.96 -2.85 -9.55
CA LYS C 109 46.57 -1.58 -9.29
C LYS C 109 45.65 -0.83 -8.35
N ILE C 110 46.07 -0.66 -7.09
CA ILE C 110 45.27 0.01 -6.07
C ILE C 110 45.55 1.52 -6.01
N GLN C 111 44.54 2.35 -6.19
CA GLN C 111 44.80 3.79 -6.16
C GLN C 111 44.44 4.33 -4.80
N GLY C 112 45.29 5.21 -4.29
CA GLY C 112 45.15 5.74 -2.93
C GLY C 112 45.87 7.05 -2.71
N VAL C 113 46.15 7.38 -1.45
CA VAL C 113 46.82 8.60 -1.20
C VAL C 113 47.98 8.37 -0.27
N LEU C 114 49.08 9.02 -0.55
CA LEU C 114 50.23 8.91 0.30
C LEU C 114 50.29 10.18 1.13
N THR C 115 50.32 10.03 2.45
CA THR C 115 50.38 11.20 3.29
C THR C 115 51.65 11.16 4.11
N GLN C 116 52.20 12.33 4.44
CA GLN C 116 53.43 12.36 5.19
C GLN C 116 53.47 13.55 6.14
N THR C 117 54.13 13.32 7.29
CA THR C 117 54.37 14.39 8.26
C THR C 117 55.83 14.50 8.59
N THR C 118 56.35 15.71 8.55
CA THR C 118 57.71 15.93 9.00
C THR C 118 57.71 16.04 10.54
N ARG C 119 58.33 15.06 11.20
CA ARG C 119 58.34 15.01 12.67
C ARG C 119 58.59 16.41 13.24
N ARG C 120 59.65 17.07 12.76
CA ARG C 120 60.30 18.22 13.41
C ARG C 120 59.44 19.48 13.53
N ASP C 121 58.59 19.74 12.53
CA ASP C 121 57.79 21.00 12.54
C ASP C 121 56.28 20.83 12.30
N GLY C 122 55.82 19.58 12.15
CA GLY C 122 54.39 19.30 11.97
C GLY C 122 53.82 19.58 10.59
N SER C 123 54.70 19.77 9.61
CA SER C 123 54.29 20.03 8.24
C SER C 123 53.80 18.74 7.64
N THR C 124 52.82 18.82 6.75
CA THR C 124 52.19 17.63 6.19
C THR C 124 52.19 17.71 4.67
N ARG C 125 51.82 16.61 4.03
CA ARG C 125 51.76 16.57 2.57
C ARG C 125 50.99 15.31 2.21
N GLY C 126 50.32 15.37 1.09
CA GLY C 126 49.52 14.25 0.65
C GLY C 126 49.40 14.30 -0.86
N HIS C 127 49.55 13.14 -1.49
CA HIS C 127 49.51 13.03 -2.94
C HIS C 127 48.82 11.78 -3.46
N LYS C 128 48.11 11.91 -4.58
CA LYS C 128 47.63 10.73 -5.32
C LYS C 128 48.77 9.73 -5.52
N ALA C 129 48.47 8.45 -5.41
CA ALA C 129 49.47 7.40 -5.60
C ALA C 129 48.85 6.03 -5.88
N THR C 130 49.55 5.20 -6.62
CA THR C 130 48.99 3.93 -7.01
C THR C 130 50.00 2.87 -6.66
N VAL C 131 49.56 1.71 -6.20
CA VAL C 131 50.51 0.61 -6.03
C VAL C 131 50.09 -0.50 -6.98
N SER C 132 51.01 -0.94 -7.83
CA SER C 132 50.67 -2.01 -8.74
C SER C 132 51.21 -3.31 -8.16
N THR C 133 50.33 -4.21 -7.73
CA THR C 133 50.76 -5.36 -6.90
C THR C 133 51.30 -6.50 -7.74
N GLY C 134 51.16 -6.35 -9.05
CA GLY C 134 51.63 -7.38 -9.95
C GLY C 134 53.02 -7.06 -10.44
N SER C 135 53.44 -5.82 -10.18
CA SER C 135 54.68 -5.27 -10.70
C SER C 135 55.86 -6.02 -10.14
N VAL C 136 56.94 -6.03 -10.90
CA VAL C 136 58.21 -6.60 -10.43
C VAL C 136 58.64 -5.97 -9.10
N HIS C 137 58.32 -4.70 -8.89
CA HIS C 137 58.77 -3.96 -7.71
C HIS C 137 57.95 -4.16 -6.46
N PHE C 138 56.90 -4.99 -6.57
CA PHE C 138 56.05 -5.39 -5.42
C PHE C 138 56.56 -6.61 -4.63
N THR C 139 57.30 -6.28 -3.55
CA THR C 139 58.12 -7.21 -2.79
C THR C 139 57.90 -6.93 -1.30
N PRO C 140 56.66 -7.10 -0.82
CA PRO C 140 56.36 -6.71 0.52
C PRO C 140 56.99 -7.67 1.54
N LYS C 141 57.19 -8.93 1.15
CA LYS C 141 57.90 -9.88 2.00
C LYS C 141 59.38 -9.53 2.17
N LEU C 142 59.99 -8.88 1.18
CA LEU C 142 61.37 -8.42 1.40
C LEU C 142 61.39 -6.95 1.90
N GLY C 143 60.24 -6.46 2.38
CA GLY C 143 60.20 -5.21 3.10
C GLY C 143 60.12 -3.95 2.27
N SER C 144 59.76 -4.05 1.00
CA SER C 144 59.77 -2.86 0.15
C SER C 144 58.73 -2.99 -0.98
N VAL C 145 57.97 -1.91 -1.24
CA VAL C 145 57.09 -1.82 -2.44
C VAL C 145 57.24 -0.46 -3.10
N GLN C 146 56.67 -0.31 -4.30
CA GLN C 146 56.88 0.91 -5.07
C GLN C 146 55.57 1.61 -5.41
N PHE C 147 55.55 2.91 -5.20
CA PHE C 147 54.39 3.71 -5.53
C PHE C 147 54.67 4.59 -6.73
N SER C 148 53.67 4.75 -7.59
CA SER C 148 53.76 5.76 -8.63
C SER C 148 52.86 6.91 -8.23
N THR C 149 53.34 8.13 -8.39
CA THR C 149 52.69 9.28 -7.81
C THR C 149 52.65 10.45 -8.79
N ASP C 150 52.22 11.61 -8.31
CA ASP C 150 52.21 12.78 -9.17
C ASP C 150 53.15 13.88 -8.69
N THR C 151 54.08 13.55 -7.80
CA THR C 151 55.09 14.54 -7.38
C THR C 151 56.51 14.08 -7.64
N SER C 152 57.46 15.04 -7.70
CA SER C 152 58.91 14.79 -8.03
C SER C 152 59.88 15.19 -6.92
N ASN C 153 59.44 16.16 -6.13
CA ASN C 153 60.30 16.91 -5.19
C ASN C 153 59.73 16.95 -3.78
N ASP C 154 58.50 16.44 -3.59
CA ASP C 154 57.75 16.75 -2.36
C ASP C 154 57.91 15.86 -1.14
N PHE C 155 57.94 14.54 -1.33
CA PHE C 155 58.12 13.67 -0.18
C PHE C 155 59.53 13.69 0.33
N GLU C 156 59.65 13.71 1.64
CA GLU C 156 60.95 13.79 2.30
C GLU C 156 61.37 12.41 2.79
N THR C 157 62.67 12.20 2.95
CA THR C 157 63.15 10.90 3.39
C THR C 157 63.16 10.87 4.91
N GLY C 158 63.17 9.67 5.49
CA GLY C 158 63.32 9.49 6.94
C GLY C 158 62.13 10.04 7.73
N GLN C 159 60.98 10.18 7.05
CA GLN C 159 59.77 10.70 7.68
C GLN C 159 58.67 9.67 7.58
N ASN C 160 57.75 9.70 8.52
CA ASN C 160 56.66 8.74 8.56
C ASN C 160 55.66 8.98 7.44
N THR C 161 55.47 7.95 6.64
CA THR C 161 54.63 8.03 5.46
C THR C 161 53.62 6.88 5.52
N ARG C 162 52.40 7.13 5.04
CA ARG C 162 51.28 6.21 5.22
C ARG C 162 50.57 6.15 3.87
N PHE C 163 50.19 4.96 3.45
CA PHE C 163 49.32 4.81 2.27
C PHE C 163 47.88 4.42 2.61
N THR C 164 46.93 5.14 2.05
CA THR C 164 45.53 4.85 2.31
C THR C 164 44.86 4.42 1.04
N PRO C 165 44.47 3.16 0.98
CA PRO C 165 43.79 2.61 -0.19
C PRO C 165 42.45 3.32 -0.44
N VAL C 166 42.07 3.56 -1.70
CA VAL C 166 40.77 4.14 -2.02
C VAL C 166 40.04 3.18 -2.95
N GLY C 167 40.71 2.80 -4.04
CA GLY C 167 40.06 1.89 -4.97
C GLY C 167 40.98 1.32 -6.03
N VAL C 168 40.40 0.97 -7.17
CA VAL C 168 41.16 0.21 -8.15
C VAL C 168 41.05 0.81 -9.53
N VAL C 169 42.05 0.58 -10.38
CA VAL C 169 41.98 1.15 -11.73
C VAL C 169 42.20 0.14 -12.82
N GLN C 170 41.95 0.57 -14.05
CA GLN C 170 42.37 -0.18 -15.21
C GLN C 170 42.58 0.70 -16.44
N ASP C 171 43.22 0.11 -17.44
CA ASP C 171 43.69 0.80 -18.61
C ASP C 171 42.63 0.57 -19.67
N GLY C 172 41.88 1.64 -19.96
CA GLY C 172 40.68 1.56 -20.79
C GLY C 172 40.89 1.17 -22.23
N SER C 173 42.12 1.20 -22.68
CA SER C 173 42.47 0.88 -24.06
C SER C 173 42.71 -0.63 -24.21
N THR C 174 42.63 -1.31 -23.08
CA THR C 174 42.75 -2.74 -22.97
C THR C 174 41.36 -3.35 -22.60
N THR C 175 41.28 -4.67 -22.63
CA THR C 175 40.01 -5.36 -22.49
C THR C 175 39.31 -4.96 -21.18
N HIS C 176 38.20 -4.24 -21.27
CA HIS C 176 37.40 -3.93 -20.05
C HIS C 176 37.30 -5.07 -19.03
N GLN C 177 37.41 -4.72 -17.75
CA GLN C 177 37.39 -5.65 -16.62
C GLN C 177 38.56 -6.65 -16.53
N ASN C 178 39.64 -6.43 -17.29
CA ASN C 178 40.77 -7.39 -17.28
C ASN C 178 41.57 -7.39 -15.99
N GLU C 179 41.55 -6.27 -15.27
CA GLU C 179 42.09 -6.16 -13.92
C GLU C 179 41.12 -5.33 -13.02
N PRO C 180 41.20 -5.48 -11.69
CA PRO C 180 42.12 -6.34 -10.97
C PRO C 180 41.72 -7.80 -11.07
N GLN C 181 42.66 -8.69 -10.76
CA GLN C 181 42.30 -10.10 -10.77
C GLN C 181 42.25 -10.66 -9.35
N GLN C 182 41.04 -10.65 -8.78
CA GLN C 182 40.89 -10.87 -7.36
C GLN C 182 41.38 -12.24 -6.87
N TRP C 183 41.55 -13.19 -7.77
CA TRP C 183 41.88 -14.52 -7.33
C TRP C 183 43.27 -14.93 -7.78
N VAL C 184 44.11 -13.97 -8.14
CA VAL C 184 45.53 -14.26 -8.38
C VAL C 184 46.41 -13.64 -7.27
N LEU C 185 47.19 -14.43 -6.53
CA LEU C 185 48.09 -13.83 -5.53
C LEU C 185 49.26 -13.04 -6.11
N PRO C 186 49.55 -11.88 -5.54
CA PRO C 186 50.82 -11.23 -5.89
C PRO C 186 51.99 -12.18 -5.61
N ASP C 187 53.17 -11.88 -6.16
CA ASP C 187 54.39 -12.55 -5.75
C ASP C 187 54.96 -11.65 -4.72
N TYR C 188 54.74 -12.05 -3.47
CA TYR C 188 55.05 -11.28 -2.31
C TYR C 188 56.55 -10.98 -2.23
N SER C 189 57.35 -11.88 -2.80
CA SER C 189 58.76 -11.73 -2.71
C SER C 189 59.27 -11.30 -4.05
N GLY C 190 58.37 -11.03 -4.98
CA GLY C 190 58.78 -10.63 -6.34
C GLY C 190 59.05 -11.84 -7.19
N ARG C 191 59.60 -11.60 -8.38
CA ARG C 191 59.89 -12.65 -9.37
C ARG C 191 60.85 -13.74 -8.90
N ASP C 192 60.70 -14.93 -9.50
CA ASP C 192 61.61 -16.07 -9.19
C ASP C 192 61.89 -16.11 -7.64
N SER C 193 60.79 -16.15 -6.89
CA SER C 193 60.83 -16.48 -5.48
C SER C 193 59.44 -16.88 -5.07
N HIS C 194 59.32 -18.06 -4.48
CA HIS C 194 58.02 -18.65 -4.16
C HIS C 194 57.27 -17.97 -2.98
N ASN C 195 55.95 -18.03 -2.99
CA ASN C 195 55.21 -17.55 -1.84
C ASN C 195 55.30 -18.53 -0.68
N VAL C 196 55.30 -18.04 0.56
CA VAL C 196 55.41 -18.95 1.71
C VAL C 196 54.31 -18.78 2.76
N HIS C 197 54.03 -19.82 3.53
CA HIS C 197 53.11 -19.70 4.68
C HIS C 197 51.72 -19.25 4.32
N LEU C 198 51.28 -19.60 3.12
CA LEU C 198 49.96 -19.22 2.65
C LEU C 198 48.86 -19.93 3.40
N ALA C 199 47.71 -19.28 3.56
CA ALA C 199 46.48 -19.99 3.92
C ALA C 199 46.14 -20.88 2.74
N PRO C 200 45.63 -22.11 3.00
CA PRO C 200 45.37 -23.10 1.97
C PRO C 200 44.42 -22.57 0.90
N ALA C 201 44.52 -23.11 -0.32
CA ALA C 201 43.42 -22.96 -1.27
C ALA C 201 42.15 -23.58 -0.70
N VAL C 202 40.99 -23.07 -1.11
CA VAL C 202 39.72 -23.72 -0.68
C VAL C 202 38.86 -24.18 -1.83
N ALA C 203 38.08 -25.23 -1.56
CA ALA C 203 37.14 -25.84 -2.49
C ALA C 203 35.99 -26.62 -1.79
N PRO C 204 34.78 -26.53 -2.36
CA PRO C 204 33.72 -27.36 -1.81
C PRO C 204 34.07 -28.82 -2.07
N THR C 205 33.97 -29.67 -1.09
CA THR C 205 34.34 -31.05 -1.37
C THR C 205 33.16 -31.92 -1.02
N PHE C 206 32.06 -31.65 -1.69
CA PHE C 206 30.82 -32.28 -1.30
C PHE C 206 29.91 -32.09 -2.44
N PRO C 207 29.32 -33.21 -2.90
CA PRO C 207 28.43 -33.24 -4.05
C PRO C 207 27.35 -32.20 -3.84
N GLY C 208 27.23 -31.33 -4.83
CA GLY C 208 26.20 -30.33 -4.86
C GLY C 208 26.52 -29.01 -4.18
N GLU C 209 27.73 -28.90 -3.59
CA GLU C 209 28.09 -27.69 -2.83
C GLU C 209 28.87 -26.65 -3.63
N GLN C 210 28.71 -25.39 -3.26
CA GLN C 210 29.52 -24.26 -3.80
C GLN C 210 29.95 -23.35 -2.66
N LEU C 211 30.99 -22.57 -2.92
CA LEU C 211 31.40 -21.58 -1.95
C LEU C 211 30.30 -20.54 -1.78
N LEU C 212 30.18 -19.97 -0.59
CA LEU C 212 29.37 -18.78 -0.39
C LEU C 212 30.33 -17.61 -0.20
N PHE C 213 30.19 -16.57 -1.02
CA PHE C 213 31.11 -15.44 -1.01
C PHE C 213 30.41 -14.17 -0.47
N PHE C 214 31.08 -13.45 0.43
CA PHE C 214 30.59 -12.19 0.96
C PHE C 214 31.16 -11.13 0.06
N ARG C 215 30.30 -10.40 -0.60
CA ARG C 215 30.72 -9.63 -1.73
C ARG C 215 30.55 -8.11 -1.59
N SER C 216 31.61 -7.42 -2.00
CA SER C 216 31.60 -5.96 -1.99
C SER C 216 31.99 -5.52 -3.39
N THR C 217 31.79 -4.23 -3.66
CA THR C 217 32.13 -3.63 -4.91
C THR C 217 33.18 -2.56 -4.59
N MET C 218 34.45 -2.84 -4.90
CA MET C 218 35.54 -1.89 -4.74
C MET C 218 35.29 -0.60 -5.51
N PRO C 219 35.57 0.57 -4.89
CA PRO C 219 35.56 1.82 -5.61
C PRO C 219 36.48 1.79 -6.83
N GLY C 220 36.02 2.32 -7.98
CA GLY C 220 36.88 2.46 -9.16
C GLY C 220 37.35 3.88 -9.42
N CYS C 221 38.65 4.11 -9.53
CA CYS C 221 39.13 5.50 -9.75
C CYS C 221 39.55 5.85 -11.20
N SER C 222 39.45 4.87 -12.09
CA SER C 222 39.80 5.12 -13.46
C SER C 222 39.55 3.91 -14.31
N GLY C 223 38.97 4.14 -15.49
CA GLY C 223 38.90 3.09 -16.48
C GLY C 223 37.79 2.12 -16.20
N TYR C 224 37.98 0.87 -16.62
CA TYR C 224 36.87 -0.07 -16.58
C TYR C 224 37.24 -1.28 -15.77
N PRO C 225 37.51 -1.09 -14.47
CA PRO C 225 38.02 -2.18 -13.65
C PRO C 225 36.96 -3.22 -13.29
N ASN C 226 37.42 -4.39 -12.84
CA ASN C 226 36.56 -5.44 -12.29
C ASN C 226 36.48 -5.23 -10.81
N MET C 227 35.42 -4.56 -10.37
CA MET C 227 35.32 -4.13 -9.01
C MET C 227 34.74 -5.16 -8.05
N ASN C 228 34.38 -6.34 -8.53
CA ASN C 228 33.96 -7.39 -7.62
C ASN C 228 35.07 -7.76 -6.72
N LEU C 229 34.73 -7.89 -5.45
CA LEU C 229 35.66 -8.39 -4.43
C LEU C 229 34.92 -9.29 -3.44
N ASP C 230 35.30 -10.57 -3.41
CA ASP C 230 34.59 -11.56 -2.61
C ASP C 230 35.47 -12.06 -1.47
N CYS C 231 35.03 -12.02 -0.21
CA CYS C 231 35.85 -12.64 0.85
C CYS C 231 35.18 -13.87 1.43
N LEU C 232 35.93 -14.78 2.05
CA LEU C 232 35.32 -16.02 2.56
C LEU C 232 34.63 -15.82 3.91
N LEU C 233 35.05 -14.80 4.67
CA LEU C 233 34.54 -14.50 6.01
C LEU C 233 34.49 -12.99 6.15
N PRO C 234 33.38 -12.45 6.68
CA PRO C 234 33.34 -11.04 6.95
C PRO C 234 34.35 -10.76 8.04
N GLN C 235 34.91 -9.55 8.02
CA GLN C 235 35.99 -9.20 8.90
C GLN C 235 35.51 -9.38 10.33
N GLU C 236 34.26 -9.00 10.56
CA GLU C 236 33.68 -9.11 11.88
C GLU C 236 33.62 -10.53 12.40
N TRP C 237 33.65 -11.50 11.49
CA TRP C 237 33.61 -12.89 11.94
C TRP C 237 35.01 -13.26 12.36
N VAL C 238 36.01 -12.79 11.60
CA VAL C 238 37.41 -12.96 11.95
C VAL C 238 37.64 -12.41 13.36
N GLN C 239 37.30 -11.13 13.51
CA GLN C 239 37.38 -10.47 14.80
C GLN C 239 36.75 -11.31 15.88
N HIS C 240 35.50 -11.69 15.65
CA HIS C 240 34.74 -12.49 16.62
C HIS C 240 35.40 -13.81 17.00
N PHE C 241 35.82 -14.61 16.01
CA PHE C 241 36.42 -15.91 16.31
C PHE C 241 37.71 -15.69 17.07
N TYR C 242 38.50 -14.69 16.67
CA TYR C 242 39.76 -14.49 17.34
C TYR C 242 39.53 -14.25 18.83
N GLN C 243 38.55 -13.41 19.17
CA GLN C 243 38.26 -13.06 20.56
C GLN C 243 37.70 -14.20 21.30
N GLU C 244 36.73 -14.85 20.68
CA GLU C 244 35.98 -15.87 21.34
C GLU C 244 36.79 -17.14 21.51
N SER C 245 37.27 -17.72 20.41
CA SER C 245 37.99 -18.98 20.42
C SER C 245 37.24 -20.12 20.98
N ALA C 246 36.00 -20.30 20.53
CA ALA C 246 35.20 -21.45 20.98
C ALA C 246 35.76 -22.68 20.35
N PRO C 247 35.96 -23.73 21.15
CA PRO C 247 36.45 -25.00 20.64
C PRO C 247 35.44 -25.60 19.67
N ALA C 248 35.93 -26.01 18.49
CA ALA C 248 35.10 -26.66 17.46
C ALA C 248 34.82 -28.13 17.81
N GLN C 249 33.57 -28.53 17.75
CA GLN C 249 33.16 -29.90 18.11
C GLN C 249 33.15 -30.81 16.89
N SER C 250 33.17 -30.26 15.70
CA SER C 250 33.31 -31.09 14.52
C SER C 250 33.99 -30.22 13.47
N ASP C 251 34.02 -30.61 12.20
CA ASP C 251 34.72 -29.78 11.20
C ASP C 251 33.76 -28.82 10.51
N VAL C 252 32.49 -28.91 10.92
CA VAL C 252 31.43 -28.20 10.23
C VAL C 252 30.42 -27.54 11.18
N ALA C 253 30.32 -26.23 11.10
CA ALA C 253 29.29 -25.53 11.85
C ALA C 253 28.11 -25.33 10.94
N LEU C 254 26.95 -25.89 11.29
CA LEU C 254 25.73 -25.68 10.54
C LEU C 254 25.17 -24.33 10.92
N LEU C 255 25.02 -23.41 9.97
CA LEU C 255 24.39 -22.08 10.23
C LEU C 255 23.07 -22.00 9.53
N ARG C 256 22.13 -21.30 10.13
CA ARG C 256 20.90 -20.99 9.44
C ARG C 256 20.91 -19.50 9.24
N PHE C 257 20.51 -19.06 8.06
CA PHE C 257 20.36 -17.63 7.83
C PHE C 257 18.91 -17.30 8.17
N VAL C 258 18.71 -16.46 9.17
CA VAL C 258 17.39 -16.28 9.80
C VAL C 258 16.82 -14.91 9.50
N ASN C 259 15.50 -14.83 9.27
CA ASN C 259 14.82 -13.53 9.28
C ASN C 259 14.15 -13.24 10.59
N PRO C 260 14.70 -12.34 11.41
CA PRO C 260 14.21 -12.16 12.78
C PRO C 260 12.79 -11.57 12.90
N ASP C 261 12.31 -10.87 11.86
CA ASP C 261 10.92 -10.39 11.76
C ASP C 261 9.96 -11.57 11.86
N THR C 262 10.00 -12.42 10.84
CA THR C 262 9.09 -13.55 10.65
C THR C 262 9.47 -14.74 11.53
N GLY C 263 10.72 -14.83 11.94
CA GLY C 263 11.19 -15.97 12.70
C GLY C 263 11.72 -17.09 11.82
N ARG C 264 11.36 -17.05 10.55
CA ARG C 264 11.64 -18.20 9.70
C ARG C 264 13.01 -18.16 9.02
N VAL C 265 13.51 -19.35 8.70
CA VAL C 265 14.84 -19.58 8.15
C VAL C 265 14.88 -19.46 6.64
N LEU C 266 15.71 -18.58 6.12
CA LEU C 266 15.79 -18.40 4.72
C LEU C 266 16.59 -19.51 3.96
N PHE C 267 17.81 -19.86 4.43
CA PHE C 267 18.54 -21.03 3.91
C PHE C 267 19.49 -21.49 4.96
N GLU C 268 20.11 -22.65 4.77
CA GLU C 268 21.12 -23.14 5.70
C GLU C 268 22.46 -23.34 4.97
N CYS C 269 23.59 -23.30 5.69
CA CYS C 269 24.93 -23.47 5.09
C CYS C 269 25.98 -23.98 6.09
N LYS C 270 27.12 -24.43 5.57
CA LYS C 270 28.17 -25.00 6.37
C LYS C 270 29.29 -23.98 6.54
N LEU C 271 29.63 -23.73 7.78
CA LEU C 271 30.79 -22.90 8.04
C LEU C 271 31.86 -23.87 8.48
N HIS C 272 32.88 -24.03 7.65
CA HIS C 272 33.87 -25.02 7.92
C HIS C 272 34.85 -24.54 8.96
N LYS C 273 35.42 -25.47 9.69
CA LYS C 273 36.29 -25.07 10.77
C LYS C 273 37.52 -24.37 10.25
N SER C 274 38.01 -24.75 9.07
CA SER C 274 39.18 -24.07 8.54
C SER C 274 38.80 -22.67 8.01
N GLY C 275 37.52 -22.36 7.99
CA GLY C 275 37.15 -20.96 7.90
C GLY C 275 36.75 -20.46 6.54
N TYR C 276 35.72 -21.07 5.97
CA TYR C 276 35.03 -20.60 4.79
C TYR C 276 33.64 -21.28 4.75
N VAL C 277 32.76 -20.78 3.88
CA VAL C 277 31.33 -21.17 3.94
C VAL C 277 30.87 -21.82 2.63
N THR C 278 30.11 -22.91 2.73
CA THR C 278 29.55 -23.48 1.52
C THR C 278 28.06 -23.61 1.71
N VAL C 279 27.42 -23.94 0.59
CA VAL C 279 25.99 -23.79 0.43
C VAL C 279 25.55 -24.81 -0.64
N ALA C 280 24.30 -25.28 -0.63
CA ALA C 280 23.94 -26.35 -1.62
C ALA C 280 23.33 -25.74 -2.89
N HIS C 281 24.09 -25.63 -3.96
CA HIS C 281 23.58 -24.90 -5.10
C HIS C 281 24.46 -25.07 -6.31
N THR C 282 23.89 -25.00 -7.51
CA THR C 282 24.70 -25.15 -8.71
C THR C 282 24.47 -23.95 -9.60
N GLY C 283 25.49 -23.14 -9.84
CA GLY C 283 25.32 -22.03 -10.74
C GLY C 283 25.49 -20.69 -10.06
N GLN C 284 25.57 -19.62 -10.86
CA GLN C 284 25.85 -18.30 -10.34
C GLN C 284 24.54 -17.71 -9.85
N HIS C 285 24.53 -17.17 -8.63
CA HIS C 285 23.30 -16.64 -8.08
C HIS C 285 23.58 -15.60 -7.02
N ASP C 286 23.06 -14.40 -7.24
CA ASP C 286 23.12 -13.31 -6.27
C ASP C 286 22.00 -13.60 -5.30
N LEU C 287 22.29 -13.97 -4.07
CA LEU C 287 21.24 -14.33 -3.12
C LEU C 287 20.30 -13.17 -2.75
N VAL C 288 18.98 -13.38 -2.85
CA VAL C 288 18.01 -12.39 -2.39
C VAL C 288 17.82 -12.49 -0.87
N ILE C 289 18.08 -11.41 -0.13
CA ILE C 289 17.87 -11.50 1.33
C ILE C 289 17.10 -10.34 1.95
N PRO C 290 16.38 -10.60 3.05
CA PRO C 290 15.77 -9.47 3.76
C PRO C 290 16.87 -8.65 4.44
N PRO C 291 16.74 -7.31 4.40
CA PRO C 291 17.84 -6.44 4.82
C PRO C 291 18.30 -6.72 6.27
N ASN C 292 17.43 -7.34 7.06
CA ASN C 292 17.63 -7.46 8.49
C ASN C 292 17.86 -8.89 8.99
N GLY C 293 18.05 -9.81 8.03
CA GLY C 293 18.42 -11.17 8.33
C GLY C 293 19.86 -11.24 8.75
N TYR C 294 20.17 -12.30 9.49
CA TYR C 294 21.52 -12.54 10.00
C TYR C 294 21.80 -14.05 10.08
N PHE C 295 23.05 -14.44 10.28
CA PHE C 295 23.40 -15.88 10.36
C PHE C 295 23.31 -16.39 11.78
N ARG C 296 23.02 -17.65 12.04
CA ARG C 296 22.89 -18.09 13.43
C ARG C 296 23.49 -19.47 13.53
N PHE C 297 24.40 -19.70 14.46
CA PHE C 297 24.95 -21.03 14.61
C PHE C 297 23.91 -21.96 15.23
N ASP C 298 23.67 -23.15 14.67
CA ASP C 298 22.66 -24.04 15.28
C ASP C 298 23.18 -25.34 15.85
N SER C 299 24.15 -25.95 15.19
CA SER C 299 24.87 -27.08 15.77
C SER C 299 26.00 -27.58 14.89
N TRP C 300 26.87 -28.34 15.55
CA TRP C 300 28.00 -28.96 14.89
C TRP C 300 27.54 -30.26 14.24
N VAL C 301 27.73 -30.36 12.93
CA VAL C 301 27.37 -31.56 12.21
C VAL C 301 28.63 -32.34 11.80
N ASN C 302 28.46 -33.64 11.54
CA ASN C 302 29.58 -34.46 11.07
C ASN C 302 29.82 -34.24 9.60
N GLN C 303 30.79 -34.92 9.01
CA GLN C 303 31.16 -34.53 7.63
C GLN C 303 30.30 -35.13 6.46
N PHE C 304 29.18 -35.75 6.83
CA PHE C 304 28.21 -36.28 5.86
C PHE C 304 26.80 -35.69 5.94
N TYR C 305 26.66 -34.53 6.57
CA TYR C 305 25.40 -33.80 6.64
C TYR C 305 25.06 -33.17 5.26
N THR C 306 23.82 -33.36 4.78
CA THR C 306 23.40 -32.77 3.52
C THR C 306 22.57 -31.52 3.71
N LEU C 307 23.03 -30.41 3.15
CA LEU C 307 22.29 -29.17 3.28
C LEU C 307 20.98 -29.15 2.49
N ALA C 308 19.92 -28.63 3.09
CA ALA C 308 18.72 -28.34 2.30
C ALA C 308 19.09 -27.41 1.14
N PRO C 309 18.59 -27.68 -0.06
CA PRO C 309 18.94 -26.78 -1.16
C PRO C 309 18.55 -25.34 -0.87
N MET C 310 19.48 -24.38 -1.00
CA MET C 310 19.14 -22.95 -0.89
C MET C 310 18.38 -22.55 -2.17
N GLY C 311 17.26 -21.83 -2.07
CA GLY C 311 16.43 -21.50 -3.28
C GLY C 311 17.17 -20.99 -4.54
N LYS D 5 12.80 -17.29 32.89
CA LYS D 5 11.49 -16.56 32.83
C LYS D 5 11.61 -15.06 33.20
N PRO D 6 11.14 -14.15 32.34
CA PRO D 6 11.49 -12.75 32.62
C PRO D 6 10.63 -12.09 33.69
N PHE D 7 11.24 -11.35 34.59
CA PHE D 7 10.45 -10.66 35.61
C PHE D 7 9.67 -9.49 35.00
N THR D 8 8.45 -9.26 35.49
CA THR D 8 7.62 -8.12 35.06
C THR D 8 6.79 -7.61 36.21
N VAL D 9 6.34 -6.36 36.10
CA VAL D 9 5.29 -5.86 36.97
C VAL D 9 4.13 -5.49 36.12
N PRO D 10 2.91 -5.50 36.68
CA PRO D 10 1.76 -5.31 35.78
C PRO D 10 1.65 -3.91 35.16
N ILE D 11 1.20 -3.87 33.91
CA ILE D 11 0.91 -2.61 33.23
C ILE D 11 -0.39 -2.01 33.74
N LEU D 12 -0.35 -1.43 34.93
CA LEU D 12 -1.54 -0.75 35.51
C LEU D 12 -1.18 0.64 35.98
N THR D 13 -2.13 1.57 36.00
CA THR D 13 -1.82 2.91 36.51
C THR D 13 -2.04 2.90 37.99
N VAL D 14 -1.48 3.86 38.70
CA VAL D 14 -1.69 3.81 40.13
C VAL D 14 -3.18 3.84 40.42
N GLU D 15 -3.98 4.58 39.65
CA GLU D 15 -5.44 4.60 39.94
C GLU D 15 -6.18 3.37 39.45
N GLU D 16 -5.58 2.65 38.51
CA GLU D 16 -6.15 1.37 38.12
C GLU D 16 -6.03 0.32 39.22
N MET D 17 -5.21 0.57 40.27
CA MET D 17 -4.78 -0.50 41.18
C MET D 17 -5.46 -0.44 42.56
N THR D 18 -5.05 -1.25 43.53
CA THR D 18 -5.82 -1.45 44.75
C THR D 18 -4.98 -1.58 45.98
N ASN D 19 -5.38 -0.94 47.05
CA ASN D 19 -4.57 -0.95 48.26
C ASN D 19 -4.60 -2.33 48.89
N SER D 20 -3.43 -2.84 49.24
CA SER D 20 -3.35 -4.19 49.69
C SER D 20 -3.56 -4.32 51.20
N ARG D 21 -3.92 -3.19 51.84
CA ARG D 21 -4.11 -3.11 53.30
C ARG D 21 -5.53 -2.76 53.72
N PHE D 22 -6.37 -2.41 52.74
CA PHE D 22 -7.79 -2.16 52.95
C PHE D 22 -8.48 -2.19 51.58
N PRO D 23 -9.69 -2.74 51.51
CA PRO D 23 -10.28 -2.95 50.18
C PRO D 23 -10.82 -1.66 49.53
N ILE D 24 -9.90 -0.78 49.13
CA ILE D 24 -10.28 0.46 48.44
C ILE D 24 -9.23 0.73 47.36
N PRO D 25 -9.56 1.54 46.35
CA PRO D 25 -8.54 1.71 45.33
C PRO D 25 -7.35 2.56 45.80
N LEU D 26 -6.23 2.44 45.10
CA LEU D 26 -5.11 3.35 45.28
C LEU D 26 -5.45 4.75 44.75
N GLU D 27 -4.88 5.81 45.34
CA GLU D 27 -5.05 7.16 44.80
C GLU D 27 -3.79 7.91 44.38
N LYS D 28 -2.65 7.60 44.98
CA LYS D 28 -1.49 8.42 44.78
C LYS D 28 -0.23 7.73 45.29
N LEU D 29 0.92 8.28 44.88
CA LEU D 29 2.22 7.91 45.43
C LEU D 29 2.67 8.96 46.44
N PHE D 30 3.28 8.46 47.51
CA PHE D 30 3.78 9.31 48.56
C PHE D 30 5.10 8.79 49.04
N THR D 31 6.02 9.70 49.27
CA THR D 31 7.27 9.33 49.95
C THR D 31 7.62 10.23 51.12
N GLY D 32 8.29 9.68 52.14
CA GLY D 32 8.88 10.46 53.22
C GLY D 32 9.91 9.66 54.01
N PRO D 33 10.55 10.25 55.02
CA PRO D 33 11.44 9.52 55.91
C PRO D 33 10.66 8.59 56.78
N SER D 34 11.29 7.51 57.26
CA SER D 34 10.58 6.49 58.05
C SER D 34 11.41 5.97 59.22
N SER D 35 12.44 6.75 59.60
CA SER D 35 13.26 6.38 60.78
C SER D 35 12.56 6.53 62.16
N ALA D 36 11.48 7.33 62.24
CA ALA D 36 10.72 7.66 63.47
C ALA D 36 9.50 6.78 63.62
N PHE D 37 9.30 5.87 62.67
CA PHE D 37 8.25 4.87 62.79
C PHE D 37 8.68 3.54 62.22
N VAL D 38 7.95 2.53 62.61
CA VAL D 38 8.23 1.19 62.23
C VAL D 38 7.33 0.80 61.10
N VAL D 39 7.92 0.65 59.91
CA VAL D 39 7.18 0.20 58.74
C VAL D 39 7.21 -1.32 58.74
N GLN D 40 6.16 -1.91 59.30
CA GLN D 40 6.11 -3.36 59.41
C GLN D 40 4.76 -4.01 59.07
N PRO D 41 4.12 -3.55 57.99
CA PRO D 41 2.77 -4.01 57.70
C PRO D 41 2.77 -5.49 57.35
N GLN D 42 1.66 -6.16 57.65
CA GLN D 42 1.57 -7.56 57.41
C GLN D 42 0.66 -7.95 56.26
N ASN D 43 -0.07 -6.98 55.69
CA ASN D 43 -0.80 -7.20 54.43
C ASN D 43 -0.14 -6.49 53.28
N GLY D 44 -0.34 -6.91 52.05
CA GLY D 44 0.50 -6.30 50.99
C GLY D 44 2.01 -6.64 51.09
N ARG D 45 2.32 -7.86 51.50
CA ARG D 45 3.68 -8.28 51.60
C ARG D 45 3.94 -9.58 50.81
N CYS D 46 4.76 -9.46 49.76
CA CYS D 46 5.10 -10.55 48.89
C CYS D 46 6.51 -10.36 48.31
N THR D 47 7.27 -11.45 48.11
CA THR D 47 8.59 -11.29 47.55
C THR D 47 8.40 -11.12 46.06
N THR D 48 9.40 -10.64 45.35
CA THR D 48 9.22 -10.47 43.92
C THR D 48 9.03 -11.83 43.26
N ASP D 49 9.49 -12.92 43.88
CA ASP D 49 9.31 -14.23 43.24
C ASP D 49 8.12 -14.96 43.78
N GLY D 50 7.27 -14.23 44.49
CA GLY D 50 5.94 -14.73 44.74
C GLY D 50 5.70 -15.40 46.06
N ALA D 51 6.65 -15.31 46.98
CA ALA D 51 6.39 -15.75 48.32
C ALA D 51 5.58 -14.71 49.09
N LEU D 52 4.36 -15.10 49.47
CA LEU D 52 3.53 -14.30 50.38
C LEU D 52 4.09 -14.21 51.82
N LEU D 53 3.95 -13.06 52.48
CA LEU D 53 4.42 -12.88 53.83
C LEU D 53 3.35 -12.36 54.82
N GLY D 54 3.71 -12.36 56.11
CA GLY D 54 2.84 -11.87 57.15
C GLY D 54 1.47 -12.48 57.01
N THR D 55 0.45 -11.64 56.99
CA THR D 55 -0.91 -12.12 56.88
C THR D 55 -1.42 -11.84 55.50
N THR D 56 -0.49 -11.60 54.58
CA THR D 56 -0.87 -11.27 53.22
C THR D 56 -1.44 -12.47 52.51
N GLN D 57 -2.48 -12.21 51.72
CA GLN D 57 -3.30 -13.22 51.07
C GLN D 57 -3.83 -12.65 49.68
N LEU D 58 -4.49 -13.42 48.83
CA LEU D 58 -4.76 -12.92 47.44
C LEU D 58 -6.00 -12.04 47.17
N SER D 59 -7.06 -12.17 47.96
CA SER D 59 -8.34 -11.58 47.61
C SER D 59 -8.25 -10.14 47.96
N PRO D 60 -8.56 -9.27 47.01
CA PRO D 60 -8.49 -7.88 47.36
C PRO D 60 -9.70 -7.48 48.18
N VAL D 61 -10.69 -8.37 48.30
CA VAL D 61 -11.89 -7.93 48.93
C VAL D 61 -11.94 -8.47 50.32
N ASP D 62 -11.24 -9.59 50.53
CA ASP D 62 -11.17 -10.24 51.84
C ASP D 62 -10.15 -9.64 52.81
N ILE D 63 -9.89 -8.35 52.71
CA ILE D 63 -8.87 -7.75 53.57
C ILE D 63 -9.62 -6.97 54.61
N CYS D 64 -9.26 -7.20 55.87
CA CYS D 64 -9.91 -6.49 56.96
C CYS D 64 -11.33 -6.97 57.12
N THR D 65 -11.60 -8.18 56.64
CA THR D 65 -12.87 -8.87 56.91
C THR D 65 -12.65 -9.96 57.95
N PHE D 66 -13.68 -10.26 58.72
CA PHE D 66 -13.71 -11.48 59.54
C PHE D 66 -14.95 -12.28 59.23
N ARG D 67 -14.88 -13.58 59.50
CA ARG D 67 -16.05 -14.42 59.44
C ARG D 67 -15.98 -15.52 60.47
N GLY D 68 -17.13 -15.95 60.92
CA GLY D 68 -17.23 -17.12 61.81
C GLY D 68 -18.60 -17.24 62.46
N ASP D 69 -18.66 -17.73 63.69
CA ASP D 69 -19.92 -17.64 64.42
C ASP D 69 -19.80 -16.65 65.57
N VAL D 70 -20.94 -16.13 66.02
CA VAL D 70 -20.96 -15.14 67.08
C VAL D 70 -21.75 -15.62 68.29
N THR D 71 -21.42 -15.05 69.44
CA THR D 71 -22.15 -15.25 70.68
C THR D 71 -22.21 -13.88 71.35
N HIS D 72 -23.29 -13.61 72.06
CA HIS D 72 -23.54 -12.31 72.62
C HIS D 72 -22.91 -12.26 74.00
N ILE D 73 -22.67 -11.05 74.48
CA ILE D 73 -22.08 -10.84 75.80
C ILE D 73 -23.08 -10.08 76.65
N ALA D 74 -23.41 -10.65 77.81
CA ALA D 74 -24.59 -10.29 78.58
C ALA D 74 -24.65 -8.80 78.92
N GLY D 75 -25.79 -8.19 78.59
CA GLY D 75 -26.09 -6.80 78.98
C GLY D 75 -25.31 -5.72 78.27
N THR D 76 -24.68 -6.10 77.16
CA THR D 76 -23.94 -5.18 76.29
C THR D 76 -24.51 -5.30 74.89
N GLN D 77 -23.95 -4.52 73.98
CA GLN D 77 -24.30 -4.68 72.59
C GLN D 77 -23.07 -5.18 71.86
N ASN D 78 -22.37 -6.11 72.52
CA ASN D 78 -21.11 -6.65 72.02
C ASN D 78 -21.20 -8.13 71.79
N TYR D 79 -20.48 -8.57 70.77
CA TYR D 79 -20.51 -9.95 70.36
C TYR D 79 -19.10 -10.44 70.20
N THR D 80 -18.91 -11.71 70.51
CA THR D 80 -17.65 -12.39 70.29
C THR D 80 -17.79 -13.21 69.02
N MET D 81 -16.75 -13.13 68.19
CA MET D 81 -16.72 -13.89 66.95
C MET D 81 -15.67 -14.95 67.07
N ASN D 82 -16.04 -16.21 66.91
CA ASN D 82 -15.02 -17.23 66.73
C ASN D 82 -14.67 -17.32 65.29
N LEU D 83 -13.41 -17.15 64.96
CA LEU D 83 -13.06 -17.02 63.57
C LEU D 83 -13.08 -18.36 62.81
N ALA D 84 -13.55 -18.33 61.56
CA ALA D 84 -13.26 -19.38 60.60
C ALA D 84 -12.26 -18.83 59.62
N SER D 85 -11.60 -19.68 58.87
CA SER D 85 -10.76 -19.24 57.77
C SER D 85 -11.57 -18.82 56.58
N GLN D 86 -10.88 -18.37 55.55
CA GLN D 86 -11.53 -17.85 54.34
C GLN D 86 -12.53 -18.82 53.71
N ASN D 87 -12.26 -20.11 53.81
CA ASN D 87 -13.19 -21.11 53.27
C ASN D 87 -14.26 -21.63 54.26
N TRP D 88 -14.54 -20.85 55.29
CA TRP D 88 -15.37 -21.35 56.39
C TRP D 88 -14.81 -22.60 57.11
N ASN D 89 -13.63 -23.04 56.71
CA ASN D 89 -12.95 -24.06 57.50
C ASN D 89 -12.42 -23.49 58.82
N ASN D 90 -12.36 -24.33 59.86
CA ASN D 90 -11.87 -23.88 61.18
C ASN D 90 -10.51 -23.21 61.04
N TYR D 91 -10.31 -22.14 61.80
CA TYR D 91 -9.00 -21.51 61.90
C TYR D 91 -8.11 -22.28 62.88
N ASP D 92 -6.89 -22.55 62.48
CA ASP D 92 -5.94 -23.30 63.28
C ASP D 92 -4.92 -22.29 63.88
N PRO D 93 -5.00 -22.03 65.19
CA PRO D 93 -4.10 -21.08 65.85
C PRO D 93 -2.63 -21.47 65.81
N THR D 94 -2.36 -22.73 65.49
CA THR D 94 -0.99 -23.24 65.46
C THR D 94 -0.29 -22.97 64.12
N GLU D 95 -1.07 -22.52 63.14
CA GLU D 95 -0.51 -22.29 61.84
C GLU D 95 0.53 -21.16 61.90
N GLU D 96 1.67 -21.38 61.26
CA GLU D 96 2.78 -20.43 61.33
C GLU D 96 2.50 -19.11 60.58
N ILE D 97 1.49 -18.38 61.08
CA ILE D 97 1.10 -17.08 60.51
C ILE D 97 0.70 -16.16 61.66
N PRO D 98 0.89 -14.83 61.50
CA PRO D 98 0.69 -13.95 62.65
C PRO D 98 -0.74 -13.92 63.16
N ALA D 99 -1.68 -14.09 62.25
CA ALA D 99 -3.11 -14.10 62.56
C ALA D 99 -3.75 -14.61 61.31
N PRO D 100 -5.07 -14.83 61.31
CA PRO D 100 -5.74 -15.21 60.04
C PRO D 100 -5.43 -14.24 58.89
N LEU D 101 -5.16 -14.80 57.71
CA LEU D 101 -4.78 -14.05 56.52
C LEU D 101 -5.80 -12.94 56.23
N GLY D 102 -5.37 -11.70 56.15
CA GLY D 102 -6.32 -10.64 55.92
C GLY D 102 -6.70 -9.86 57.18
N THR D 103 -6.35 -10.39 58.36
CA THR D 103 -6.53 -9.64 59.59
C THR D 103 -5.94 -8.22 59.44
N PRO D 104 -6.67 -7.18 59.88
CA PRO D 104 -6.15 -5.83 59.89
C PRO D 104 -4.76 -5.78 60.50
N ASP D 105 -3.91 -4.90 60.00
CA ASP D 105 -2.55 -4.84 60.48
C ASP D 105 -2.21 -3.44 60.95
N PHE D 106 -3.21 -2.76 61.52
CA PHE D 106 -2.97 -1.47 62.17
C PHE D 106 -3.86 -1.36 63.40
N VAL D 107 -3.51 -0.47 64.33
CA VAL D 107 -4.34 -0.24 65.50
C VAL D 107 -5.33 0.86 65.21
N GLY D 108 -6.60 0.51 65.22
CA GLY D 108 -7.65 1.48 65.01
C GLY D 108 -9.02 0.91 65.21
N LYS D 109 -10.01 1.80 65.11
CA LYS D 109 -11.39 1.37 65.21
C LYS D 109 -11.99 1.35 63.78
N ILE D 110 -12.16 0.13 63.26
CA ILE D 110 -12.67 -0.08 61.92
C ILE D 110 -14.17 -0.26 61.98
N GLN D 111 -14.90 0.50 61.17
CA GLN D 111 -16.35 0.37 61.22
C GLN D 111 -16.88 -0.35 60.03
N GLY D 112 -17.71 -1.33 60.30
CA GLY D 112 -18.33 -2.06 59.21
C GLY D 112 -19.76 -2.46 59.46
N VAL D 113 -20.10 -3.65 58.96
CA VAL D 113 -21.43 -4.20 59.10
C VAL D 113 -21.28 -5.71 59.28
N LEU D 114 -21.77 -6.19 60.41
CA LEU D 114 -21.89 -7.62 60.61
C LEU D 114 -23.19 -8.11 59.97
N THR D 115 -23.13 -9.23 59.26
CA THR D 115 -24.30 -9.72 58.54
C THR D 115 -24.35 -11.21 58.73
N GLN D 116 -25.57 -11.76 58.73
CA GLN D 116 -25.83 -13.14 59.14
C GLN D 116 -27.00 -13.82 58.40
N THR D 117 -26.82 -15.10 58.07
CA THR D 117 -27.83 -15.91 57.43
C THR D 117 -28.04 -17.14 58.28
N THR D 118 -29.27 -17.28 58.78
CA THR D 118 -29.77 -18.51 59.39
C THR D 118 -29.91 -19.58 58.29
N ARG D 119 -29.12 -20.65 58.34
CA ARG D 119 -29.10 -21.57 57.19
C ARG D 119 -30.39 -22.32 56.80
N ARG D 120 -31.37 -22.45 57.67
CA ARG D 120 -32.52 -23.26 57.33
C ARG D 120 -33.82 -22.45 57.01
N ASP D 121 -33.91 -21.22 57.56
CA ASP D 121 -34.88 -20.16 57.16
C ASP D 121 -34.52 -19.55 55.81
N GLY D 122 -33.24 -19.20 55.68
CA GLY D 122 -32.75 -18.28 54.65
C GLY D 122 -32.98 -16.85 55.10
N SER D 123 -33.15 -16.67 56.40
CA SER D 123 -33.41 -15.36 56.96
C SER D 123 -32.09 -14.68 57.23
N THR D 124 -32.08 -13.36 57.07
CA THR D 124 -30.87 -12.58 57.12
C THR D 124 -31.03 -11.30 57.95
N ARG D 125 -29.93 -10.88 58.58
CA ARG D 125 -29.85 -9.65 59.34
C ARG D 125 -28.49 -9.06 59.16
N GLY D 126 -28.44 -7.73 59.05
CA GLY D 126 -27.17 -6.98 59.10
C GLY D 126 -27.23 -5.85 60.12
N HIS D 127 -26.18 -5.70 60.93
CA HIS D 127 -26.11 -4.56 61.86
C HIS D 127 -24.80 -3.85 61.86
N LYS D 128 -24.84 -2.53 62.09
CA LYS D 128 -23.61 -1.71 62.16
C LYS D 128 -22.74 -2.21 63.30
N ALA D 129 -21.43 -2.25 63.08
CA ALA D 129 -20.49 -2.91 63.99
C ALA D 129 -19.12 -2.31 63.85
N THR D 130 -18.47 -2.09 64.99
CA THR D 130 -17.05 -1.67 65.00
C THR D 130 -16.15 -2.72 65.65
N VAL D 131 -14.97 -2.94 65.06
CA VAL D 131 -13.95 -3.70 65.77
C VAL D 131 -12.84 -2.77 66.18
N SER D 132 -12.36 -2.92 67.41
CA SER D 132 -11.27 -2.09 67.88
C SER D 132 -10.03 -2.92 67.95
N THR D 133 -9.09 -2.67 67.05
CA THR D 133 -7.94 -3.54 66.96
C THR D 133 -6.93 -3.26 68.07
N GLY D 134 -7.16 -2.22 68.87
CA GLY D 134 -6.37 -2.03 70.08
C GLY D 134 -6.97 -2.66 71.33
N SER D 135 -8.23 -3.04 71.27
CA SER D 135 -8.90 -3.67 72.39
C SER D 135 -8.16 -4.89 72.95
N VAL D 136 -8.26 -5.06 74.27
CA VAL D 136 -7.75 -6.25 74.98
C VAL D 136 -8.36 -7.53 74.45
N HIS D 137 -9.51 -7.39 73.79
CA HIS D 137 -10.27 -8.49 73.25
C HIS D 137 -10.00 -8.75 71.78
N PHE D 138 -9.13 -7.94 71.18
CA PHE D 138 -8.67 -8.24 69.83
C PHE D 138 -7.60 -9.33 69.79
N THR D 139 -8.05 -10.59 69.65
CA THR D 139 -7.12 -11.72 69.74
C THR D 139 -7.24 -12.66 68.56
N PRO D 140 -7.05 -12.14 67.36
CA PRO D 140 -7.35 -12.96 66.22
C PRO D 140 -6.52 -14.23 66.19
N LYS D 141 -5.24 -14.14 66.52
CA LYS D 141 -4.38 -15.33 66.48
C LYS D 141 -4.90 -16.42 67.42
N LEU D 142 -5.63 -16.00 68.45
CA LEU D 142 -6.20 -16.96 69.38
C LEU D 142 -7.50 -17.52 68.87
N GLY D 143 -8.10 -16.85 67.87
CA GLY D 143 -9.30 -17.36 67.18
C GLY D 143 -10.57 -16.58 67.46
N SER D 144 -10.42 -15.41 68.03
CA SER D 144 -11.52 -14.71 68.62
C SER D 144 -11.29 -13.21 68.49
N VAL D 145 -12.28 -12.48 67.97
CA VAL D 145 -12.32 -11.00 68.12
C VAL D 145 -13.67 -10.47 68.63
N GLN D 146 -13.66 -9.21 69.07
CA GLN D 146 -14.85 -8.55 69.61
C GLN D 146 -15.37 -7.29 68.84
N PHE D 147 -16.65 -7.34 68.50
CA PHE D 147 -17.32 -6.25 67.81
C PHE D 147 -18.26 -5.53 68.74
N SER D 148 -18.46 -4.23 68.50
CA SER D 148 -19.46 -3.44 69.22
C SER D 148 -20.56 -2.97 68.25
N THR D 149 -21.81 -3.35 68.53
CA THR D 149 -22.94 -3.16 67.59
C THR D 149 -24.06 -2.29 68.14
N ASP D 150 -25.12 -2.16 67.34
CA ASP D 150 -26.29 -1.42 67.78
C ASP D 150 -27.55 -2.31 67.97
N THR D 151 -27.31 -3.55 68.39
CA THR D 151 -28.40 -4.50 68.63
C THR D 151 -28.00 -5.54 69.68
N SER D 152 -28.88 -5.88 70.59
CA SER D 152 -28.48 -6.76 71.67
C SER D 152 -29.18 -8.06 71.54
N ASN D 153 -29.96 -8.17 70.49
CA ASN D 153 -30.83 -9.30 70.32
C ASN D 153 -30.77 -10.11 69.04
N ASP D 154 -30.56 -9.46 67.90
CA ASP D 154 -30.70 -10.13 66.62
C ASP D 154 -29.80 -11.28 66.23
N PHE D 155 -28.51 -11.23 66.48
CA PHE D 155 -27.64 -12.27 66.00
C PHE D 155 -27.86 -13.53 66.77
N GLU D 156 -27.90 -14.65 66.06
CA GLU D 156 -28.06 -16.01 66.59
C GLU D 156 -26.75 -16.76 66.61
N THR D 157 -26.64 -17.70 67.54
CA THR D 157 -25.43 -18.50 67.67
C THR D 157 -25.40 -19.58 66.59
N GLY D 158 -24.25 -20.20 66.38
CA GLY D 158 -24.16 -21.36 65.48
C GLY D 158 -24.44 -21.11 64.00
N GLN D 159 -24.61 -19.85 63.62
CA GLN D 159 -24.78 -19.48 62.21
C GLN D 159 -23.61 -18.66 61.69
N ASN D 160 -23.40 -18.80 60.39
CA ASN D 160 -22.43 -18.05 59.62
C ASN D 160 -22.64 -16.51 59.68
N THR D 161 -21.68 -15.81 60.28
CA THR D 161 -21.64 -14.34 60.31
C THR D 161 -20.37 -13.75 59.61
N ARG D 162 -20.53 -12.60 58.92
CA ARG D 162 -19.49 -11.98 58.10
C ARG D 162 -19.32 -10.52 58.46
N PHE D 163 -18.09 -10.08 58.71
CA PHE D 163 -17.85 -8.64 58.88
C PHE D 163 -17.38 -8.05 57.59
N THR D 164 -17.94 -6.93 57.20
CA THR D 164 -17.52 -6.25 55.98
C THR D 164 -17.05 -4.86 56.40
N PRO D 165 -15.73 -4.62 56.37
CA PRO D 165 -15.15 -3.31 56.72
C PRO D 165 -15.64 -2.21 55.77
N VAL D 166 -15.81 -1.00 56.33
CA VAL D 166 -16.17 0.17 55.53
C VAL D 166 -15.19 1.33 55.68
N GLY D 167 -14.93 1.73 56.92
CA GLY D 167 -14.05 2.86 57.16
C GLY D 167 -13.53 2.84 58.58
N VAL D 168 -12.94 3.96 59.00
CA VAL D 168 -12.41 4.06 60.35
C VAL D 168 -12.98 5.25 61.09
N VAL D 169 -12.99 5.17 62.43
CA VAL D 169 -13.48 6.23 63.31
C VAL D 169 -12.44 6.73 64.32
N GLN D 170 -12.68 7.92 64.85
CA GLN D 170 -11.90 8.40 65.99
C GLN D 170 -12.70 9.32 66.90
N ASP D 171 -12.27 9.43 68.16
CA ASP D 171 -13.00 10.24 69.13
C ASP D 171 -12.91 11.74 68.84
N GLY D 172 -14.07 12.40 68.89
CA GLY D 172 -14.14 13.83 68.69
C GLY D 172 -13.44 14.65 69.76
N SER D 173 -13.61 14.22 71.01
CA SER D 173 -13.05 14.94 72.16
C SER D 173 -11.53 14.99 72.16
N THR D 174 -10.89 13.88 71.79
CA THR D 174 -9.40 13.81 71.77
C THR D 174 -8.72 14.51 70.54
N THR D 175 -7.39 14.65 70.55
CA THR D 175 -6.72 15.42 69.49
C THR D 175 -6.92 14.77 68.12
N HIS D 176 -7.05 15.59 67.09
CA HIS D 176 -7.50 15.13 65.77
C HIS D 176 -6.50 14.29 65.02
N GLN D 177 -7.00 13.29 64.29
CA GLN D 177 -6.12 12.40 63.56
C GLN D 177 -5.17 11.71 64.52
N ASN D 178 -5.63 11.44 65.75
CA ASN D 178 -4.83 10.63 66.65
C ASN D 178 -5.01 9.11 66.47
N GLU D 179 -6.02 8.71 65.71
CA GLU D 179 -6.14 7.32 65.24
C GLU D 179 -6.87 7.28 63.90
N PRO D 180 -6.77 6.15 63.21
CA PRO D 180 -5.97 4.98 63.54
C PRO D 180 -4.49 5.24 63.40
N GLN D 181 -3.70 4.24 63.77
CA GLN D 181 -2.27 4.39 63.79
C GLN D 181 -1.59 3.35 62.86
N GLN D 182 -1.54 3.68 61.57
CA GLN D 182 -1.28 2.72 60.53
C GLN D 182 0.06 2.02 60.66
N TRP D 183 1.03 2.64 61.31
CA TRP D 183 2.32 1.95 61.52
C TRP D 183 2.48 1.27 62.89
N VAL D 184 1.40 0.82 63.51
CA VAL D 184 1.50 0.11 64.78
C VAL D 184 0.71 -1.20 64.67
N LEU D 185 1.41 -2.34 64.74
CA LEU D 185 0.75 -3.62 64.65
C LEU D 185 -0.08 -3.82 65.91
N PRO D 186 -1.25 -4.49 65.78
CA PRO D 186 -2.03 -4.97 66.91
C PRO D 186 -1.23 -6.03 67.65
N ASP D 187 -1.61 -6.31 68.90
CA ASP D 187 -1.09 -7.50 69.56
C ASP D 187 -2.05 -8.57 69.10
N TYR D 188 -1.59 -9.50 68.26
CA TYR D 188 -2.49 -10.46 67.65
C TYR D 188 -2.95 -11.52 68.64
N SER D 189 -2.15 -11.75 69.68
CA SER D 189 -2.57 -12.68 70.70
C SER D 189 -3.08 -11.95 71.93
N GLY D 190 -3.32 -10.65 71.80
CA GLY D 190 -3.73 -9.81 72.91
C GLY D 190 -2.61 -9.45 73.85
N ARG D 191 -2.98 -8.87 74.98
CA ARG D 191 -2.02 -8.20 75.89
C ARG D 191 -1.03 -9.13 76.48
N ASP D 192 0.22 -8.67 76.52
CA ASP D 192 1.33 -9.45 77.08
C ASP D 192 1.49 -10.74 76.29
N SER D 193 1.84 -10.54 75.02
CA SER D 193 2.20 -11.60 74.10
C SER D 193 3.01 -11.11 72.90
N HIS D 194 3.81 -11.98 72.34
CA HIS D 194 4.58 -11.62 71.20
C HIS D 194 3.85 -11.91 69.91
N ASN D 195 3.89 -10.94 69.01
CA ASN D 195 3.53 -11.22 67.65
C ASN D 195 4.51 -12.21 67.06
N VAL D 196 4.04 -13.06 66.16
CA VAL D 196 4.89 -14.12 65.61
C VAL D 196 4.81 -14.22 64.07
N HIS D 197 5.83 -14.85 63.48
CA HIS D 197 5.97 -15.04 62.04
C HIS D 197 5.68 -13.78 61.28
N LEU D 198 6.22 -12.64 61.70
CA LEU D 198 5.86 -11.40 61.04
C LEU D 198 6.67 -11.22 59.81
N ALA D 199 6.06 -10.62 58.79
CA ALA D 199 6.84 -10.04 57.71
C ALA D 199 7.88 -9.08 58.31
N PRO D 200 9.10 -9.09 57.75
CA PRO D 200 10.15 -8.25 58.29
C PRO D 200 9.75 -6.79 58.25
N ALA D 201 10.26 -6.01 59.22
CA ALA D 201 10.22 -4.52 59.08
C ALA D 201 11.11 -4.06 57.93
N VAL D 202 10.77 -2.93 57.33
CA VAL D 202 11.55 -2.46 56.19
C VAL D 202 12.05 -1.06 56.50
N ALA D 203 13.02 -0.61 55.69
CA ALA D 203 13.64 0.73 55.74
C ALA D 203 14.53 0.94 54.52
N PRO D 204 14.81 2.20 54.17
CA PRO D 204 15.81 2.48 53.15
C PRO D 204 17.17 2.05 53.66
N THR D 205 18.09 1.65 52.79
CA THR D 205 19.39 1.25 53.26
C THR D 205 20.39 1.75 52.26
N PHE D 206 20.15 2.97 51.81
CA PHE D 206 20.98 3.62 50.79
C PHE D 206 20.89 5.10 50.99
N PRO D 207 22.03 5.77 50.91
CA PRO D 207 22.03 7.18 51.16
C PRO D 207 21.15 7.94 50.15
N GLY D 208 20.38 8.90 50.66
CA GLY D 208 19.52 9.67 49.81
C GLY D 208 18.22 8.97 49.51
N GLU D 209 17.99 7.78 50.05
CA GLU D 209 16.78 7.07 49.65
C GLU D 209 15.70 7.04 50.75
N GLN D 210 14.45 7.05 50.32
CA GLN D 210 13.23 6.86 51.16
C GLN D 210 12.36 5.74 50.58
N LEU D 211 11.36 5.28 51.35
CA LEU D 211 10.40 4.28 50.89
C LEU D 211 9.45 4.98 49.95
N LEU D 212 8.88 4.25 49.00
CA LEU D 212 7.80 4.83 48.18
C LEU D 212 6.55 4.14 48.64
N PHE D 213 5.50 4.91 48.96
CA PHE D 213 4.32 4.28 49.52
C PHE D 213 3.21 4.38 48.51
N PHE D 214 2.48 3.30 48.29
CA PHE D 214 1.22 3.41 47.55
C PHE D 214 0.08 3.76 48.52
N ARG D 215 -0.41 5.00 48.42
CA ARG D 215 -1.33 5.56 49.41
C ARG D 215 -2.78 5.59 48.98
N SER D 216 -3.69 5.28 49.89
CA SER D 216 -5.12 5.56 49.66
C SER D 216 -5.64 6.39 50.81
N THR D 217 -6.88 6.84 50.71
CA THR D 217 -7.51 7.54 51.79
C THR D 217 -8.66 6.68 52.33
N MET D 218 -8.48 6.04 53.46
CA MET D 218 -9.61 5.28 54.05
C MET D 218 -10.87 6.14 54.31
N PRO D 219 -12.05 5.63 53.98
CA PRO D 219 -13.26 6.42 54.31
C PRO D 219 -13.34 6.67 55.81
N GLY D 220 -13.75 7.87 56.21
CA GLY D 220 -13.99 8.14 57.62
C GLY D 220 -15.45 7.98 57.97
N CYS D 221 -15.76 7.28 59.06
CA CYS D 221 -17.13 7.05 59.51
C CYS D 221 -17.65 8.09 60.52
N SER D 222 -16.84 8.44 61.52
CA SER D 222 -17.24 9.43 62.47
C SER D 222 -15.96 9.98 63.04
N GLY D 223 -15.96 11.14 63.65
CA GLY D 223 -14.74 11.66 64.22
C GLY D 223 -13.84 12.35 63.26
N TYR D 224 -12.57 12.46 63.63
CA TYR D 224 -11.57 13.17 62.86
C TYR D 224 -10.42 12.21 62.50
N PRO D 225 -10.75 11.01 61.98
CA PRO D 225 -9.70 10.01 61.87
C PRO D 225 -8.57 10.48 60.97
N ASN D 226 -7.39 9.88 61.20
CA ASN D 226 -6.32 9.99 60.27
C ASN D 226 -6.55 8.88 59.24
N MET D 227 -6.94 9.29 58.03
CA MET D 227 -7.36 8.33 56.99
C MET D 227 -6.26 7.90 56.02
N ASN D 228 -5.02 8.30 56.30
CA ASN D 228 -3.94 7.92 55.41
C ASN D 228 -3.66 6.45 55.52
N LEU D 229 -3.48 5.78 54.39
CA LEU D 229 -3.13 4.39 54.47
C LEU D 229 -2.10 4.04 53.44
N ASP D 230 -0.90 3.71 53.87
CA ASP D 230 0.14 3.46 52.90
C ASP D 230 0.52 2.00 52.82
N CYS D 231 0.74 1.51 51.58
CA CYS D 231 1.19 0.14 51.41
C CYS D 231 2.43 0.04 50.56
N LEU D 232 3.23 -0.95 50.89
CA LEU D 232 4.46 -1.18 50.19
C LEU D 232 4.19 -1.71 48.78
N LEU D 233 3.16 -2.53 48.57
CA LEU D 233 2.92 -3.12 47.22
C LEU D 233 1.44 -3.07 46.85
N PRO D 234 1.14 -2.63 45.62
CA PRO D 234 -0.28 -2.69 45.34
C PRO D 234 -0.67 -4.17 45.31
N GLN D 235 -1.90 -4.46 45.75
CA GLN D 235 -2.46 -5.81 45.75
C GLN D 235 -2.24 -6.49 44.38
N GLU D 236 -2.51 -5.77 43.28
CA GLU D 236 -2.28 -6.33 41.96
C GLU D 236 -0.86 -6.84 41.77
N TRP D 237 0.13 -6.18 42.39
CA TRP D 237 1.54 -6.65 42.30
C TRP D 237 1.72 -7.92 43.10
N VAL D 238 1.07 -7.98 44.26
CA VAL D 238 1.13 -9.18 45.07
C VAL D 238 0.61 -10.28 44.18
N GLN D 239 -0.62 -10.10 43.68
CA GLN D 239 -1.28 -11.10 42.80
C GLN D 239 -0.41 -11.48 41.63
N HIS D 240 0.24 -10.48 41.03
CA HIS D 240 1.10 -10.70 39.85
C HIS D 240 2.26 -11.57 40.27
N PHE D 241 3.03 -11.16 41.28
CA PHE D 241 4.23 -11.89 41.65
C PHE D 241 3.91 -13.33 42.02
N TYR D 242 2.77 -13.58 42.69
CA TYR D 242 2.44 -14.93 43.11
C TYR D 242 2.23 -15.84 41.90
N GLN D 243 1.54 -15.33 40.89
CA GLN D 243 1.24 -16.02 39.63
C GLN D 243 2.52 -16.36 38.89
N GLU D 244 3.30 -15.32 38.63
CA GLU D 244 4.44 -15.38 37.73
C GLU D 244 5.60 -16.15 38.27
N SER D 245 5.88 -15.95 39.56
CA SER D 245 6.94 -16.64 40.24
C SER D 245 8.28 -16.48 39.53
N ALA D 246 8.50 -15.33 38.91
CA ALA D 246 9.78 -15.11 38.21
C ALA D 246 10.94 -15.02 39.20
N PRO D 247 12.00 -15.82 38.99
CA PRO D 247 13.07 -15.82 39.99
C PRO D 247 13.87 -14.53 39.94
N ALA D 248 14.34 -14.09 41.10
CA ALA D 248 15.01 -12.82 41.22
C ALA D 248 16.47 -12.95 40.82
N GLN D 249 16.96 -12.11 39.91
CA GLN D 249 18.35 -12.24 39.47
C GLN D 249 19.44 -11.46 40.24
N SER D 250 19.05 -10.56 41.16
CA SER D 250 19.94 -9.74 42.01
C SER D 250 19.10 -9.20 43.14
N ASP D 251 19.56 -8.29 43.96
CA ASP D 251 18.63 -7.93 45.04
C ASP D 251 17.67 -6.82 44.68
N VAL D 252 17.82 -6.24 43.50
CA VAL D 252 17.07 -5.03 43.19
C VAL D 252 16.54 -5.04 41.78
N ALA D 253 15.25 -4.88 41.63
CA ALA D 253 14.68 -4.66 40.32
C ALA D 253 14.55 -3.11 40.04
N LEU D 254 15.19 -2.62 38.97
CA LEU D 254 15.04 -1.23 38.56
C LEU D 254 13.75 -1.05 37.76
N LEU D 255 12.78 -0.32 38.31
CA LEU D 255 11.55 0.00 37.57
C LEU D 255 11.68 1.43 37.10
N ARG D 256 11.01 1.76 35.98
CA ARG D 256 10.93 3.14 35.49
C ARG D 256 9.51 3.46 35.43
N PHE D 257 9.19 4.66 35.86
CA PHE D 257 7.79 5.08 35.85
C PHE D 257 7.61 5.95 34.63
N VAL D 258 6.64 5.56 33.80
CA VAL D 258 6.63 5.97 32.43
C VAL D 258 5.27 6.50 32.04
N ASN D 259 5.28 7.67 31.42
CA ASN D 259 4.10 8.25 30.80
C ASN D 259 3.99 7.76 29.36
N PRO D 260 3.10 6.78 29.09
CA PRO D 260 3.11 6.23 27.73
C PRO D 260 2.57 7.17 26.64
N ASP D 261 2.14 8.41 26.93
CA ASP D 261 1.73 9.29 25.83
C ASP D 261 2.99 9.80 25.19
N THR D 262 3.90 10.30 26.02
CA THR D 262 5.15 10.81 25.52
C THR D 262 6.19 9.71 25.38
N GLY D 263 6.10 8.65 26.16
CA GLY D 263 7.17 7.67 26.22
C GLY D 263 8.31 8.09 27.14
N ARG D 264 8.14 9.20 27.85
CA ARG D 264 9.25 9.68 28.63
C ARG D 264 9.20 9.21 30.07
N VAL D 265 10.38 9.06 30.64
CA VAL D 265 10.56 8.53 31.97
C VAL D 265 10.43 9.63 33.05
N LEU D 266 9.46 9.45 33.94
CA LEU D 266 9.21 10.46 34.96
C LEU D 266 10.17 10.38 36.13
N PHE D 267 10.39 9.17 36.65
CA PHE D 267 11.34 8.90 37.69
C PHE D 267 11.65 7.41 37.71
N GLU D 268 12.74 7.02 38.37
CA GLU D 268 13.06 5.61 38.45
C GLU D 268 13.11 5.22 39.92
N CYS D 269 12.88 3.95 40.21
CA CYS D 269 12.86 3.51 41.58
C CYS D 269 13.35 2.07 41.69
N LYS D 270 13.62 1.63 42.94
CA LYS D 270 14.16 0.33 43.28
C LYS D 270 13.07 -0.50 43.91
N LEU D 271 12.73 -1.63 43.30
CA LEU D 271 11.83 -2.62 43.92
C LEU D 271 12.73 -3.72 44.47
N HIS D 272 12.90 -3.76 45.77
CA HIS D 272 13.75 -4.75 46.38
C HIS D 272 13.03 -6.08 46.28
N LYS D 273 13.79 -7.15 46.15
CA LYS D 273 13.19 -8.46 45.92
C LYS D 273 12.34 -8.94 47.06
N SER D 274 12.49 -8.39 48.24
CA SER D 274 11.68 -8.87 49.36
C SER D 274 10.39 -8.10 49.42
N GLY D 275 10.24 -7.18 48.48
CA GLY D 275 8.93 -6.71 48.15
C GLY D 275 8.47 -5.31 48.40
N TYR D 276 9.37 -4.42 48.82
CA TYR D 276 9.12 -2.98 48.81
C TYR D 276 9.88 -2.04 47.86
N VAL D 277 9.54 -0.75 47.84
CA VAL D 277 10.11 0.16 46.82
C VAL D 277 10.76 1.38 47.47
N THR D 278 11.94 1.75 46.99
CA THR D 278 12.60 2.94 47.48
C THR D 278 12.84 3.85 46.31
N VAL D 279 13.08 5.11 46.62
CA VAL D 279 13.07 6.17 45.62
C VAL D 279 14.09 7.19 46.12
N ALA D 280 14.72 7.95 45.23
CA ALA D 280 15.81 8.84 45.72
C ALA D 280 15.28 10.24 45.97
N HIS D 281 14.90 10.49 47.22
CA HIS D 281 14.35 11.78 47.59
C HIS D 281 14.60 12.02 49.06
N THR D 282 14.68 13.28 49.45
CA THR D 282 14.75 13.62 50.86
C THR D 282 13.59 14.55 51.20
N GLY D 283 12.72 14.12 52.10
CA GLY D 283 11.60 14.95 52.53
C GLY D 283 10.26 14.31 52.30
N GLN D 284 9.20 14.85 52.89
CA GLN D 284 7.86 14.34 52.57
C GLN D 284 7.43 14.96 51.26
N HIS D 285 6.95 14.14 50.34
CA HIS D 285 6.50 14.64 49.06
C HIS D 285 5.29 13.89 48.55
N ASP D 286 4.25 14.60 48.14
CA ASP D 286 3.19 13.99 47.38
C ASP D 286 3.61 14.01 45.93
N LEU D 287 3.86 12.84 45.33
CA LEU D 287 4.21 12.78 43.90
C LEU D 287 3.11 13.31 42.97
N VAL D 288 3.49 14.14 42.00
CA VAL D 288 2.58 14.58 40.94
C VAL D 288 2.86 13.74 39.69
N ILE D 289 1.86 12.98 39.25
CA ILE D 289 2.06 12.06 38.14
C ILE D 289 0.96 12.14 37.11
N PRO D 290 1.31 11.95 35.82
CA PRO D 290 0.34 11.86 34.73
C PRO D 290 -0.54 10.63 34.94
N PRO D 291 -1.84 10.75 34.66
CA PRO D 291 -2.73 9.84 35.37
C PRO D 291 -2.83 8.46 34.67
N ASN D 292 -2.26 8.36 33.47
CA ASN D 292 -2.11 7.09 32.81
C ASN D 292 -0.66 6.61 32.76
N GLY D 293 0.18 7.11 33.66
CA GLY D 293 1.50 6.56 33.81
C GLY D 293 1.44 5.30 34.63
N TYR D 294 2.38 4.41 34.31
CA TYR D 294 2.55 3.13 34.99
C TYR D 294 4.02 2.70 35.22
N PHE D 295 4.23 1.59 35.96
CA PHE D 295 5.58 1.09 36.25
C PHE D 295 6.09 0.06 35.28
N ARG D 296 7.34 0.20 34.85
CA ARG D 296 7.91 -0.76 33.89
C ARG D 296 9.20 -1.36 34.44
N PHE D 297 9.35 -2.69 34.49
CA PHE D 297 10.62 -3.26 34.92
C PHE D 297 11.64 -3.10 33.81
N ASP D 298 12.83 -2.55 34.09
CA ASP D 298 13.86 -2.49 33.05
C ASP D 298 15.09 -3.37 33.31
N SER D 299 15.67 -3.44 34.51
CA SER D 299 16.81 -4.35 34.64
C SER D 299 17.11 -4.79 36.05
N TRP D 300 17.77 -5.93 36.23
CA TRP D 300 18.20 -6.24 37.58
C TRP D 300 19.48 -5.47 37.83
N VAL D 301 19.55 -4.81 38.97
CA VAL D 301 20.74 -4.10 39.33
C VAL D 301 21.14 -4.55 40.69
N ASN D 302 22.29 -4.07 41.16
CA ASN D 302 22.79 -4.49 42.43
C ASN D 302 22.49 -3.41 43.45
N GLN D 303 23.00 -3.54 44.66
CA GLN D 303 22.51 -2.73 45.74
C GLN D 303 23.16 -1.37 45.79
N PHE D 304 24.17 -1.20 44.95
CA PHE D 304 24.96 -0.01 44.86
C PHE D 304 24.64 0.79 43.59
N TYR D 305 23.58 0.41 42.91
CA TYR D 305 23.10 1.23 41.83
C TYR D 305 22.48 2.53 42.39
N THR D 306 22.93 3.68 41.89
CA THR D 306 22.47 4.97 42.40
C THR D 306 21.33 5.46 41.56
N LEU D 307 20.19 5.82 42.14
CA LEU D 307 19.05 6.20 41.33
C LEU D 307 19.21 7.61 40.89
N ALA D 308 18.76 7.91 39.69
CA ALA D 308 18.54 9.30 39.32
C ALA D 308 17.52 9.96 40.27
N PRO D 309 17.77 11.21 40.73
CA PRO D 309 16.86 11.88 41.68
C PRO D 309 15.45 11.92 41.17
N MET D 310 14.47 11.69 42.04
CA MET D 310 13.11 11.83 41.59
C MET D 310 12.76 13.32 41.76
N GLY D 311 12.20 13.98 40.76
CA GLY D 311 11.94 15.44 40.93
C GLY D 311 10.85 15.84 41.95
N SER E 2 22.55 18.69 -71.46
CA SER E 2 21.30 17.91 -71.10
C SER E 2 20.32 18.67 -70.15
N ARG E 3 19.00 18.65 -70.44
CA ARG E 3 18.05 19.52 -69.72
C ARG E 3 16.88 18.87 -68.92
N THR E 4 17.27 18.35 -67.76
CA THR E 4 16.37 17.50 -66.95
C THR E 4 16.34 17.90 -65.49
N LYS E 5 15.59 17.08 -64.76
CA LYS E 5 15.38 17.18 -63.33
C LYS E 5 16.71 16.98 -62.56
N PRO E 6 17.07 17.94 -61.66
CA PRO E 6 18.35 17.86 -60.93
C PRO E 6 18.40 16.72 -59.93
N PHE E 7 19.56 16.08 -59.82
CA PHE E 7 19.68 14.93 -58.97
C PHE E 7 19.92 15.38 -57.54
N THR E 8 19.54 14.55 -56.57
CA THR E 8 19.68 14.94 -55.18
C THR E 8 19.88 13.70 -54.33
N VAL E 9 20.51 13.86 -53.17
CA VAL E 9 20.33 12.91 -52.09
C VAL E 9 19.57 13.54 -50.92
N PRO E 10 18.87 12.69 -50.19
CA PRO E 10 18.13 13.11 -49.04
C PRO E 10 18.98 13.92 -48.08
N ILE E 11 18.34 14.87 -47.42
CA ILE E 11 18.97 15.59 -46.33
C ILE E 11 18.74 14.83 -45.04
N LEU E 12 19.61 13.86 -44.79
CA LEU E 12 19.50 13.05 -43.58
C LEU E 12 20.88 12.76 -43.14
N THR E 13 21.08 12.81 -41.83
CA THR E 13 22.38 12.58 -41.25
C THR E 13 22.50 11.08 -41.18
N VAL E 14 23.69 10.57 -40.84
CA VAL E 14 23.86 9.10 -40.79
C VAL E 14 22.89 8.46 -39.80
N GLU E 15 22.77 8.99 -38.58
CA GLU E 15 21.93 8.27 -37.61
C GLU E 15 20.42 8.37 -37.89
N GLU E 16 20.04 9.38 -38.66
CA GLU E 16 18.67 9.47 -39.17
C GLU E 16 18.34 8.41 -40.23
N MET E 17 19.32 7.66 -40.75
CA MET E 17 19.05 6.70 -41.85
C MET E 17 19.01 5.22 -41.46
N THR E 18 18.71 4.35 -42.40
CA THR E 18 18.47 2.94 -42.09
C THR E 18 19.32 1.96 -42.92
N ASN E 19 19.81 0.89 -42.29
CA ASN E 19 20.54 -0.10 -43.05
C ASN E 19 19.62 -0.72 -44.04
N SER E 20 20.08 -0.84 -45.27
CA SER E 20 19.30 -1.48 -46.30
C SER E 20 19.47 -3.04 -46.39
N ARG E 21 20.35 -3.62 -45.58
CA ARG E 21 20.53 -5.08 -45.54
C ARG E 21 19.90 -5.77 -44.33
N PHE E 22 19.42 -4.98 -43.38
CA PHE E 22 18.77 -5.53 -42.20
C PHE E 22 18.02 -4.36 -41.54
N PRO E 23 16.82 -4.61 -41.00
CA PRO E 23 16.01 -3.50 -40.52
C PRO E 23 16.50 -2.98 -39.18
N ILE E 24 17.62 -2.26 -39.21
CA ILE E 24 18.21 -1.58 -38.05
C ILE E 24 18.78 -0.26 -38.52
N PRO E 25 18.90 0.72 -37.60
CA PRO E 25 19.41 2.03 -38.08
C PRO E 25 20.90 1.98 -38.40
N LEU E 26 21.33 2.85 -39.32
CA LEU E 26 22.76 3.13 -39.55
C LEU E 26 23.39 3.63 -38.27
N GLU E 27 24.71 3.50 -38.11
CA GLU E 27 25.37 4.00 -36.89
C GLU E 27 26.62 4.77 -37.19
N LYS E 28 27.33 4.41 -38.26
CA LYS E 28 28.62 5.02 -38.57
C LYS E 28 29.00 4.78 -40.00
N LEU E 29 29.93 5.60 -40.49
CA LEU E 29 30.55 5.40 -41.76
C LEU E 29 31.89 4.70 -41.52
N PHE E 30 32.21 3.73 -42.38
CA PHE E 30 33.43 2.96 -42.25
C PHE E 30 34.05 2.75 -43.63
N THR E 31 35.38 2.96 -43.70
CA THR E 31 36.11 2.71 -44.95
C THR E 31 37.16 1.67 -44.72
N GLY E 32 37.54 0.96 -45.79
CA GLY E 32 38.53 -0.11 -45.74
C GLY E 32 38.84 -0.72 -47.10
N PRO E 33 39.96 -1.47 -47.19
CA PRO E 33 40.34 -2.24 -48.38
C PRO E 33 39.36 -3.37 -48.58
N SER E 34 39.16 -3.80 -49.81
CA SER E 34 38.14 -4.79 -50.03
C SER E 34 38.55 -5.78 -51.10
N SER E 35 39.81 -5.78 -51.44
CA SER E 35 40.22 -6.72 -52.46
C SER E 35 40.25 -8.15 -51.94
N ALA E 36 40.19 -8.30 -50.62
CA ALA E 36 40.16 -9.62 -50.00
C ALA E 36 38.77 -10.23 -49.78
N PHE E 37 37.72 -9.60 -50.30
CA PHE E 37 36.35 -10.16 -50.20
C PHE E 37 35.47 -9.65 -51.35
N VAL E 38 34.44 -10.41 -51.68
CA VAL E 38 33.61 -10.05 -52.80
C VAL E 38 32.51 -9.13 -52.32
N VAL E 39 32.50 -7.91 -52.84
CA VAL E 39 31.48 -6.97 -52.35
C VAL E 39 30.27 -6.99 -53.26
N GLN E 40 29.44 -8.00 -53.05
CA GLN E 40 28.31 -8.22 -53.90
C GLN E 40 26.98 -8.36 -53.19
N PRO E 41 26.63 -7.35 -52.37
CA PRO E 41 25.39 -7.53 -51.64
C PRO E 41 24.19 -7.28 -52.58
N GLN E 42 23.04 -7.88 -52.26
CA GLN E 42 21.90 -7.91 -53.18
C GLN E 42 20.78 -6.99 -52.71
N ASN E 43 20.75 -6.70 -51.40
CA ASN E 43 19.81 -5.72 -50.83
C ASN E 43 20.58 -4.42 -50.75
N GLY E 44 19.89 -3.28 -50.71
CA GLY E 44 20.54 -1.96 -50.81
C GLY E 44 21.22 -1.70 -52.14
N ARG E 45 20.56 -2.05 -53.24
CA ARG E 45 21.16 -1.97 -54.60
C ARG E 45 20.27 -1.16 -55.55
N CYS E 46 20.65 0.09 -55.80
CA CYS E 46 19.83 0.94 -56.62
C CYS E 46 20.69 1.90 -57.41
N THR E 47 20.33 2.20 -58.65
CA THR E 47 21.14 3.13 -59.45
C THR E 47 20.73 4.52 -59.07
N THR E 48 21.53 5.49 -59.47
CA THR E 48 21.19 6.80 -59.00
C THR E 48 19.97 7.32 -59.70
N ASP E 49 19.66 6.78 -60.88
CA ASP E 49 18.43 7.19 -61.53
C ASP E 49 17.30 6.24 -61.22
N GLY E 50 17.47 5.47 -60.15
CA GLY E 50 16.35 4.81 -59.50
C GLY E 50 15.89 3.47 -60.05
N ALA E 51 16.84 2.69 -60.56
CA ALA E 51 16.58 1.32 -60.95
C ALA E 51 17.02 0.46 -59.79
N LEU E 52 16.09 -0.33 -59.25
CA LEU E 52 16.46 -1.25 -58.18
C LEU E 52 17.14 -2.44 -58.80
N LEU E 53 18.12 -3.03 -58.11
CA LEU E 53 18.74 -4.31 -58.51
C LEU E 53 18.72 -5.38 -57.43
N GLY E 54 19.27 -6.54 -57.78
CA GLY E 54 19.37 -7.67 -56.83
C GLY E 54 18.03 -7.98 -56.19
N THR E 55 17.99 -8.13 -54.88
CA THR E 55 16.71 -8.41 -54.26
C THR E 55 16.10 -7.15 -53.61
N THR E 56 16.72 -6.02 -53.96
CA THR E 56 16.46 -4.76 -53.29
C THR E 56 15.02 -4.36 -53.46
N GLN E 57 14.34 -4.03 -52.35
CA GLN E 57 12.92 -3.62 -52.42
C GLN E 57 12.71 -2.35 -51.57
N LEU E 58 11.56 -1.67 -51.57
CA LEU E 58 11.51 -0.36 -50.84
C LEU E 58 11.25 -0.41 -49.34
N SER E 59 10.52 -1.40 -48.84
CA SER E 59 10.12 -1.44 -47.41
C SER E 59 11.31 -1.65 -46.52
N PRO E 60 11.50 -0.73 -45.58
CA PRO E 60 12.64 -0.88 -44.70
C PRO E 60 12.43 -1.94 -43.67
N VAL E 61 11.22 -2.47 -43.56
CA VAL E 61 11.00 -3.40 -42.45
C VAL E 61 11.05 -4.80 -42.95
N ASP E 62 10.55 -4.97 -44.16
CA ASP E 62 10.49 -6.26 -44.84
C ASP E 62 11.80 -6.84 -45.36
N ILE E 63 12.94 -6.39 -44.87
CA ILE E 63 14.22 -6.95 -45.28
C ILE E 63 14.57 -8.06 -44.33
N CYS E 64 15.02 -9.21 -44.86
CA CYS E 64 15.21 -10.42 -44.03
C CYS E 64 13.96 -10.93 -43.30
N THR E 65 12.77 -10.50 -43.74
CA THR E 65 11.55 -11.10 -43.24
C THR E 65 11.12 -12.16 -44.24
N PHE E 66 10.39 -13.16 -43.77
CA PHE E 66 9.79 -14.12 -44.68
C PHE E 66 8.34 -14.30 -44.31
N ARG E 67 7.49 -14.60 -45.29
CA ARG E 67 6.13 -14.93 -44.94
C ARG E 67 5.59 -16.04 -45.82
N GLY E 68 4.58 -16.74 -45.31
CA GLY E 68 3.96 -17.83 -46.05
C GLY E 68 3.19 -18.78 -45.15
N ASP E 69 3.16 -20.06 -45.53
CA ASP E 69 2.60 -21.09 -44.66
C ASP E 69 3.64 -22.14 -44.38
N VAL E 70 3.40 -22.92 -43.33
CA VAL E 70 4.42 -23.80 -42.81
C VAL E 70 3.93 -25.20 -42.56
N THR E 71 4.78 -26.17 -42.87
CA THR E 71 4.50 -27.54 -42.54
C THR E 71 5.67 -28.05 -41.74
N HIS E 72 5.37 -28.92 -40.78
CA HIS E 72 6.31 -29.45 -39.79
C HIS E 72 7.09 -30.64 -40.34
N ILE E 73 8.35 -30.75 -39.99
CA ILE E 73 9.19 -31.87 -40.41
C ILE E 73 9.22 -32.84 -39.25
N ALA E 74 8.60 -34.00 -39.44
CA ALA E 74 8.34 -34.94 -38.33
C ALA E 74 9.58 -35.32 -37.52
N GLY E 75 9.40 -35.35 -36.20
CA GLY E 75 10.43 -35.77 -35.26
C GLY E 75 11.61 -34.84 -35.27
N THR E 76 11.33 -33.56 -35.49
CA THR E 76 12.29 -32.46 -35.37
C THR E 76 11.46 -31.30 -34.81
N GLN E 77 12.16 -30.23 -34.43
CA GLN E 77 11.48 -28.96 -34.13
C GLN E 77 11.71 -27.97 -35.28
N ASN E 78 11.75 -28.48 -36.51
CA ASN E 78 11.88 -27.62 -37.65
C ASN E 78 10.63 -27.61 -38.51
N TYR E 79 10.54 -26.58 -39.34
CA TYR E 79 9.40 -26.37 -40.17
C TYR E 79 9.89 -25.92 -41.50
N THR E 80 9.22 -26.39 -42.56
CA THR E 80 9.42 -25.82 -43.87
C THR E 80 8.40 -24.72 -44.08
N MET E 81 8.85 -23.58 -44.63
CA MET E 81 7.95 -22.46 -45.03
C MET E 81 7.76 -22.39 -46.53
N ASN E 82 6.52 -22.40 -46.99
CA ASN E 82 6.30 -22.09 -48.40
C ASN E 82 6.11 -20.60 -48.57
N LEU E 83 6.97 -19.98 -49.36
CA LEU E 83 7.04 -18.55 -49.38
C LEU E 83 5.96 -17.89 -50.19
N ALA E 84 5.30 -16.92 -49.58
CA ALA E 84 4.42 -16.01 -50.31
C ALA E 84 5.17 -14.71 -50.55
N SER E 85 4.82 -13.94 -51.57
CA SER E 85 5.46 -12.63 -51.69
C SER E 85 4.82 -11.59 -50.78
N GLN E 86 5.39 -10.39 -50.76
CA GLN E 86 5.01 -9.37 -49.79
C GLN E 86 3.47 -9.25 -49.59
N ASN E 87 2.74 -9.23 -50.69
CA ASN E 87 1.27 -9.21 -50.72
C ASN E 87 0.51 -10.53 -50.43
N TRP E 88 1.18 -11.53 -49.84
CA TRP E 88 0.60 -12.88 -49.64
C TRP E 88 0.18 -13.67 -50.91
N ASN E 89 0.37 -13.08 -52.10
CA ASN E 89 0.30 -13.84 -53.36
C ASN E 89 1.42 -14.85 -53.39
N ASN E 90 1.29 -15.92 -54.18
CA ASN E 90 2.37 -16.94 -54.23
C ASN E 90 3.59 -16.33 -54.95
N TYR E 91 4.78 -16.76 -54.53
CA TYR E 91 6.00 -16.22 -55.07
C TYR E 91 6.21 -16.94 -56.38
N ASP E 92 6.55 -16.18 -57.42
CA ASP E 92 6.75 -16.75 -58.75
C ASP E 92 8.24 -16.94 -59.07
N PRO E 93 8.73 -18.18 -59.04
CA PRO E 93 10.17 -18.38 -59.20
C PRO E 93 10.72 -17.97 -60.58
N THR E 94 9.86 -17.85 -61.58
CA THR E 94 10.34 -17.54 -62.92
C THR E 94 10.62 -16.07 -63.12
N GLU E 95 10.43 -15.26 -62.08
CA GLU E 95 10.63 -13.82 -62.22
C GLU E 95 12.11 -13.54 -62.20
N GLU E 96 12.57 -12.62 -63.03
CA GLU E 96 14.02 -12.47 -63.21
C GLU E 96 14.71 -11.73 -62.06
N ILE E 97 14.79 -12.40 -60.92
CA ILE E 97 15.43 -11.86 -59.73
C ILE E 97 16.02 -12.98 -58.91
N PRO E 98 17.03 -12.69 -58.10
CA PRO E 98 17.83 -13.72 -57.48
C PRO E 98 17.08 -14.61 -56.51
N ALA E 99 16.03 -14.04 -55.93
CA ALA E 99 15.27 -14.65 -54.82
C ALA E 99 14.11 -13.69 -54.57
N PRO E 100 13.19 -14.05 -53.65
CA PRO E 100 12.12 -13.09 -53.36
C PRO E 100 12.75 -11.79 -52.90
N LEU E 101 12.22 -10.64 -53.33
CA LEU E 101 12.73 -9.35 -52.85
C LEU E 101 12.95 -9.26 -51.31
N GLY E 102 14.11 -8.77 -50.88
CA GLY E 102 14.35 -8.60 -49.47
C GLY E 102 14.70 -9.90 -48.74
N THR E 103 14.93 -11.00 -49.46
CA THR E 103 15.64 -12.17 -48.90
C THR E 103 17.01 -11.77 -48.33
N PRO E 104 17.49 -12.43 -47.25
CA PRO E 104 18.78 -12.12 -46.68
C PRO E 104 19.83 -12.35 -47.72
N ASP E 105 20.93 -11.62 -47.65
CA ASP E 105 21.92 -11.67 -48.70
C ASP E 105 23.29 -11.92 -48.12
N PHE E 106 23.33 -12.70 -47.04
CA PHE E 106 24.62 -13.09 -46.45
C PHE E 106 24.46 -14.47 -45.84
N VAL E 107 25.55 -15.15 -45.60
CA VAL E 107 25.42 -16.48 -45.01
C VAL E 107 25.54 -16.31 -43.53
N GLY E 108 24.46 -16.64 -42.85
CA GLY E 108 24.42 -16.48 -41.42
C GLY E 108 23.23 -17.17 -40.81
N LYS E 109 23.25 -17.31 -39.48
CA LYS E 109 22.07 -17.86 -38.78
C LYS E 109 21.30 -16.68 -38.16
N ILE E 110 20.16 -16.38 -38.76
CA ILE E 110 19.34 -15.26 -38.32
C ILE E 110 18.26 -15.73 -37.33
N GLN E 111 18.22 -15.13 -36.15
CA GLN E 111 17.26 -15.54 -35.18
C GLN E 111 16.15 -14.50 -35.14
N GLY E 112 14.92 -14.98 -35.10
CA GLY E 112 13.78 -14.11 -34.88
C GLY E 112 12.60 -14.82 -34.24
N VAL E 113 11.38 -14.40 -34.59
CA VAL E 113 10.17 -15.03 -34.10
C VAL E 113 9.24 -15.40 -35.24
N LEU E 114 8.68 -16.59 -35.25
CA LEU E 114 7.62 -16.88 -36.19
C LEU E 114 6.31 -16.67 -35.49
N THR E 115 5.46 -15.86 -36.08
CA THR E 115 4.16 -15.63 -35.51
C THR E 115 3.09 -16.19 -36.43
N GLN E 116 2.02 -16.68 -35.86
CA GLN E 116 0.97 -17.27 -36.68
C GLN E 116 -0.41 -16.85 -36.21
N THR E 117 -1.34 -16.71 -37.16
CA THR E 117 -2.72 -16.46 -36.78
C THR E 117 -3.67 -17.40 -37.49
N THR E 118 -4.61 -17.96 -36.73
CA THR E 118 -5.61 -18.89 -37.24
C THR E 118 -6.85 -18.12 -37.64
N ARG E 119 -7.17 -18.15 -38.92
CA ARG E 119 -8.18 -17.23 -39.50
C ARG E 119 -9.58 -17.33 -38.83
N ARG E 120 -10.06 -18.57 -38.77
CA ARG E 120 -11.25 -19.00 -38.03
C ARG E 120 -11.49 -18.27 -36.71
N ASP E 121 -10.45 -18.17 -35.89
CA ASP E 121 -10.49 -17.99 -34.45
C ASP E 121 -10.06 -16.60 -33.99
N GLY E 122 -8.96 -16.14 -34.58
CA GLY E 122 -8.20 -15.00 -34.10
C GLY E 122 -7.18 -15.43 -33.06
N SER E 123 -6.96 -16.73 -32.94
CA SER E 123 -5.95 -17.25 -32.04
C SER E 123 -4.59 -16.95 -32.63
N THR E 124 -3.66 -16.50 -31.79
CA THR E 124 -2.34 -16.16 -32.25
C THR E 124 -1.21 -16.70 -31.38
N ARG E 125 -0.05 -16.95 -31.99
CA ARG E 125 0.93 -18.00 -31.76
C ARG E 125 2.26 -17.36 -32.07
N GLY E 126 3.29 -17.55 -31.24
CA GLY E 126 4.62 -17.03 -31.61
C GLY E 126 5.81 -17.73 -30.95
N HIS E 127 6.81 -18.12 -31.75
CA HIS E 127 7.95 -18.88 -31.22
C HIS E 127 9.30 -18.49 -31.75
N LYS E 128 10.33 -18.62 -30.90
CA LYS E 128 11.71 -18.40 -31.31
C LYS E 128 11.94 -19.23 -32.52
N ALA E 129 12.57 -18.64 -33.53
CA ALA E 129 12.94 -19.37 -34.74
C ALA E 129 14.21 -18.85 -35.36
N THR E 130 14.98 -19.77 -35.94
CA THR E 130 16.23 -19.40 -36.58
C THR E 130 16.28 -19.94 -38.00
N VAL E 131 16.62 -19.09 -38.96
CA VAL E 131 16.84 -19.56 -40.33
C VAL E 131 18.32 -19.45 -40.60
N SER E 132 18.85 -20.49 -41.23
CA SER E 132 20.27 -20.61 -41.49
C SER E 132 20.46 -20.42 -42.98
N THR E 133 21.02 -19.28 -43.40
CA THR E 133 21.06 -19.00 -44.83
C THR E 133 22.10 -19.82 -45.60
N GLY E 134 23.05 -20.47 -44.92
CA GLY E 134 24.03 -21.32 -45.65
C GLY E 134 23.58 -22.76 -45.76
N SER E 135 22.49 -23.05 -45.07
CA SER E 135 21.86 -24.36 -45.04
C SER E 135 21.54 -24.88 -46.47
N VAL E 136 21.55 -26.22 -46.65
CA VAL E 136 21.09 -26.83 -47.93
C VAL E 136 19.59 -26.68 -48.10
N HIS E 137 18.85 -26.57 -46.99
CA HIS E 137 17.39 -26.36 -47.07
C HIS E 137 17.02 -24.93 -47.32
N PHE E 138 18.03 -24.07 -47.41
CA PHE E 138 17.77 -22.66 -47.60
C PHE E 138 17.61 -22.31 -49.06
N THR E 139 16.40 -22.46 -49.58
CA THR E 139 16.19 -22.47 -51.01
C THR E 139 15.07 -21.49 -51.34
N PRO E 140 15.30 -20.17 -51.08
CA PRO E 140 14.24 -19.18 -51.27
C PRO E 140 13.86 -19.01 -52.73
N LYS E 141 14.85 -18.95 -53.62
CA LYS E 141 14.57 -18.83 -55.06
C LYS E 141 13.66 -19.97 -55.56
N LEU E 142 13.61 -21.08 -54.82
CA LEU E 142 12.75 -22.19 -55.20
C LEU E 142 11.38 -22.05 -54.55
N GLY E 143 11.27 -21.14 -53.57
CA GLY E 143 10.00 -20.86 -52.89
C GLY E 143 9.90 -21.45 -51.50
N SER E 144 11.05 -21.75 -50.89
CA SER E 144 11.01 -22.59 -49.70
C SER E 144 12.27 -22.54 -48.82
N VAL E 145 12.10 -22.08 -47.58
CA VAL E 145 13.18 -22.08 -46.60
C VAL E 145 12.85 -22.96 -45.42
N GLN E 146 13.83 -23.23 -44.55
CA GLN E 146 13.60 -24.05 -43.36
C GLN E 146 13.90 -23.28 -42.08
N PHE E 147 13.10 -23.48 -41.03
CA PHE E 147 13.32 -22.85 -39.73
C PHE E 147 13.53 -23.83 -38.59
N SER E 148 14.34 -23.47 -37.61
CA SER E 148 14.44 -24.28 -36.38
C SER E 148 13.87 -23.53 -35.18
N THR E 149 13.01 -24.22 -34.42
CA THR E 149 12.22 -23.58 -33.40
C THR E 149 12.20 -24.32 -32.07
N ASP E 150 11.57 -23.74 -31.06
CA ASP E 150 11.45 -24.42 -29.78
C ASP E 150 10.07 -25.07 -29.58
N THR E 151 9.41 -25.51 -30.65
CA THR E 151 8.17 -26.30 -30.52
C THR E 151 7.98 -27.36 -31.58
N SER E 152 7.29 -28.43 -31.18
CA SER E 152 7.00 -29.55 -32.03
C SER E 152 5.54 -29.66 -32.43
N ASN E 153 4.65 -28.97 -31.76
CA ASN E 153 3.28 -29.01 -32.20
C ASN E 153 2.53 -27.72 -32.42
N ASP E 154 3.09 -26.56 -32.12
CA ASP E 154 2.24 -25.38 -32.27
C ASP E 154 1.75 -24.83 -33.59
N PHE E 155 2.59 -24.71 -34.58
CA PHE E 155 2.12 -24.10 -35.79
C PHE E 155 1.20 -25.02 -36.56
N GLU E 156 0.23 -24.44 -37.24
CA GLU E 156 -0.79 -25.18 -37.93
C GLU E 156 -0.63 -25.00 -39.36
N THR E 157 -1.19 -25.91 -40.12
CA THR E 157 -1.03 -25.88 -41.58
C THR E 157 -1.98 -24.89 -42.22
N GLY E 158 -1.66 -24.50 -43.46
CA GLY E 158 -2.42 -23.52 -44.23
C GLY E 158 -2.81 -22.25 -43.49
N GLN E 159 -1.96 -21.82 -42.56
CA GLN E 159 -2.18 -20.58 -41.84
C GLN E 159 -1.08 -19.59 -42.07
N ASN E 160 -1.46 -18.37 -42.34
CA ASN E 160 -0.49 -17.31 -42.48
C ASN E 160 0.50 -17.23 -41.33
N THR E 161 1.76 -17.46 -41.69
CA THR E 161 2.90 -17.39 -40.77
C THR E 161 3.88 -16.32 -41.22
N ARG E 162 4.42 -15.55 -40.27
CA ARG E 162 5.34 -14.40 -40.53
C ARG E 162 6.65 -14.60 -39.75
N PHE E 163 7.79 -14.31 -40.38
CA PHE E 163 9.04 -14.37 -39.64
C PHE E 163 9.58 -12.98 -39.45
N THR E 164 9.84 -12.59 -38.21
CA THR E 164 10.46 -11.30 -37.94
C THR E 164 11.88 -11.47 -37.49
N PRO E 165 12.80 -10.88 -38.24
CA PRO E 165 14.21 -10.94 -37.98
C PRO E 165 14.49 -10.15 -36.76
N VAL E 166 15.40 -10.63 -35.92
CA VAL E 166 15.84 -9.91 -34.72
C VAL E 166 17.33 -9.68 -34.69
N GLY E 167 18.10 -10.74 -34.98
CA GLY E 167 19.55 -10.70 -34.80
C GLY E 167 20.25 -11.91 -35.37
N VAL E 168 21.53 -12.09 -35.03
CA VAL E 168 22.33 -13.18 -35.56
C VAL E 168 23.01 -13.94 -34.41
N VAL E 169 23.36 -15.22 -34.64
CA VAL E 169 23.97 -16.07 -33.61
C VAL E 169 25.28 -16.71 -34.10
N GLN E 170 26.15 -17.16 -33.20
CA GLN E 170 27.22 -18.06 -33.60
C GLN E 170 27.44 -19.17 -32.60
N ASP E 171 28.24 -20.18 -32.99
CA ASP E 171 28.58 -21.30 -32.12
C ASP E 171 29.76 -20.91 -31.28
N GLY E 172 29.50 -20.75 -30.00
CA GLY E 172 30.50 -20.29 -29.05
C GLY E 172 31.67 -21.23 -28.81
N SER E 173 31.55 -22.48 -29.26
CA SER E 173 32.65 -23.46 -29.15
C SER E 173 33.61 -23.43 -30.34
N THR E 174 33.13 -22.87 -31.45
CA THR E 174 33.95 -22.54 -32.63
C THR E 174 34.68 -21.19 -32.52
N THR E 175 35.35 -20.80 -33.59
CA THR E 175 36.15 -19.60 -33.59
C THR E 175 35.25 -18.41 -33.47
N HIS E 176 35.59 -17.54 -32.54
CA HIS E 176 34.84 -16.32 -32.35
C HIS E 176 34.72 -15.49 -33.63
N GLN E 177 33.55 -14.87 -33.80
CA GLN E 177 33.18 -14.04 -34.96
C GLN E 177 33.35 -14.74 -36.30
N ASN E 178 33.27 -16.07 -36.29
CA ASN E 178 33.43 -16.85 -37.52
C ASN E 178 32.27 -16.78 -38.49
N GLU E 179 31.11 -16.37 -37.99
CA GLU E 179 29.88 -16.08 -38.77
C GLU E 179 29.07 -15.01 -38.02
N PRO E 180 28.09 -14.39 -38.70
CA PRO E 180 27.78 -14.53 -40.10
C PRO E 180 28.87 -13.95 -40.97
N GLN E 181 28.82 -14.31 -42.25
CA GLN E 181 29.79 -13.81 -43.24
C GLN E 181 29.13 -12.88 -44.21
N GLN E 182 29.11 -11.60 -43.85
CA GLN E 182 28.36 -10.59 -44.59
C GLN E 182 28.72 -10.49 -46.04
N TRP E 183 29.90 -10.97 -46.42
CA TRP E 183 30.35 -10.79 -47.80
C TRP E 183 30.28 -12.07 -48.61
N VAL E 184 29.49 -13.02 -48.15
CA VAL E 184 29.26 -14.26 -48.90
C VAL E 184 27.74 -14.46 -49.16
N LEU E 185 27.35 -14.56 -50.44
CA LEU E 185 25.92 -14.73 -50.76
C LEU E 185 25.52 -16.17 -50.45
N PRO E 186 24.27 -16.39 -50.01
CA PRO E 186 23.72 -17.73 -49.84
C PRO E 186 23.56 -18.41 -51.22
N ASP E 187 23.29 -19.71 -51.22
CA ASP E 187 22.92 -20.35 -52.49
C ASP E 187 21.40 -20.30 -52.58
N TYR E 188 20.90 -19.29 -53.26
CA TYR E 188 19.51 -19.04 -53.26
C TYR E 188 18.69 -20.23 -53.76
N SER E 189 19.24 -20.99 -54.69
CA SER E 189 18.48 -22.10 -55.24
C SER E 189 19.02 -23.39 -54.71
N GLY E 190 19.69 -23.33 -53.57
CA GLY E 190 20.23 -24.54 -52.95
C GLY E 190 21.54 -25.00 -53.55
N ARG E 191 22.02 -26.14 -53.07
CA ARG E 191 23.34 -26.66 -53.48
C ARG E 191 23.33 -26.94 -54.97
N ASP E 192 24.51 -26.74 -55.57
CA ASP E 192 24.69 -27.16 -56.95
C ASP E 192 23.49 -26.65 -57.77
N SER E 193 23.42 -25.31 -57.85
CA SER E 193 22.55 -24.52 -58.73
C SER E 193 23.00 -23.06 -58.59
N HIS E 194 23.07 -22.35 -59.70
CA HIS E 194 23.83 -21.11 -59.75
C HIS E 194 22.96 -19.94 -59.39
N ASN E 195 23.53 -18.93 -58.74
CA ASN E 195 22.74 -17.73 -58.49
C ASN E 195 22.51 -17.02 -59.81
N VAL E 196 21.43 -16.26 -59.92
CA VAL E 196 21.12 -15.58 -61.17
C VAL E 196 20.61 -14.18 -60.93
N HIS E 197 20.75 -13.34 -61.94
CA HIS E 197 20.18 -11.99 -61.97
C HIS E 197 20.76 -11.15 -60.85
N LEU E 198 22.02 -11.46 -60.52
CA LEU E 198 22.67 -10.81 -59.39
C LEU E 198 23.02 -9.41 -59.77
N ALA E 199 22.97 -8.51 -58.80
CA ALA E 199 23.54 -7.19 -58.93
C ALA E 199 25.07 -7.33 -59.03
N PRO E 200 25.69 -6.48 -59.85
CA PRO E 200 27.12 -6.62 -60.03
C PRO E 200 27.88 -6.54 -58.71
N ALA E 201 28.96 -7.29 -58.59
CA ALA E 201 29.91 -6.99 -57.50
C ALA E 201 30.59 -5.63 -57.72
N VAL E 202 30.98 -4.96 -56.66
CA VAL E 202 31.62 -3.66 -56.82
C VAL E 202 33.05 -3.64 -56.28
N ALA E 203 33.80 -2.65 -56.75
CA ALA E 203 35.14 -2.32 -56.20
C ALA E 203 35.58 -0.89 -56.51
N PRO E 204 36.51 -0.34 -55.69
CA PRO E 204 37.17 0.93 -56.02
C PRO E 204 37.95 0.77 -57.33
N THR E 205 37.84 1.75 -58.22
CA THR E 205 38.53 1.62 -59.51
C THR E 205 39.39 2.86 -59.78
N PHE E 206 40.18 3.27 -58.78
CA PHE E 206 40.89 4.54 -58.81
C PHE E 206 41.95 4.62 -57.73
N PRO E 207 43.12 5.13 -58.07
CA PRO E 207 44.25 5.15 -57.13
C PRO E 207 43.91 5.80 -55.79
N GLY E 208 44.25 5.17 -54.69
CA GLY E 208 44.01 5.79 -53.40
C GLY E 208 42.59 5.74 -52.87
N GLU E 209 41.65 5.18 -53.64
CA GLU E 209 40.24 5.11 -53.24
C GLU E 209 39.82 3.77 -52.63
N GLN E 210 38.88 3.84 -51.69
CA GLN E 210 38.27 2.68 -51.06
C GLN E 210 36.76 2.87 -51.10
N LEU E 211 36.03 1.76 -50.96
CA LEU E 211 34.58 1.83 -50.80
C LEU E 211 34.27 2.56 -49.51
N LEU E 212 33.12 3.23 -49.44
CA LEU E 212 32.67 3.87 -48.20
C LEU E 212 31.46 3.11 -47.75
N PHE E 213 31.49 2.55 -46.54
CA PHE E 213 30.40 1.63 -46.12
C PHE E 213 29.46 2.29 -45.11
N PHE E 214 28.15 2.11 -45.29
CA PHE E 214 27.21 2.61 -44.30
C PHE E 214 26.99 1.46 -43.37
N ARG E 215 27.43 1.61 -42.12
CA ARG E 215 27.54 0.49 -41.16
C ARG E 215 26.65 0.46 -39.89
N SER E 216 26.13 -0.73 -39.60
CA SER E 216 25.34 -0.96 -38.41
C SER E 216 25.89 -2.17 -37.69
N THR E 217 25.47 -2.39 -36.47
CA THR E 217 25.84 -3.54 -35.70
C THR E 217 24.60 -4.34 -35.52
N MET E 218 24.48 -5.45 -36.21
CA MET E 218 23.40 -6.37 -35.93
C MET E 218 23.36 -6.88 -34.50
N PRO E 219 22.15 -7.01 -33.94
CA PRO E 219 22.05 -7.52 -32.58
C PRO E 219 22.54 -8.94 -32.52
N GLY E 220 23.29 -9.28 -31.47
CA GLY E 220 23.71 -10.68 -31.28
C GLY E 220 22.76 -11.40 -30.32
N CYS E 221 22.22 -12.53 -30.74
CA CYS E 221 21.29 -13.24 -29.88
C CYS E 221 21.91 -14.35 -29.08
N SER E 222 23.10 -14.75 -29.45
CA SER E 222 23.72 -15.91 -28.83
C SER E 222 25.08 -16.06 -29.43
N GLY E 223 26.06 -16.44 -28.62
CA GLY E 223 27.37 -16.77 -29.16
C GLY E 223 28.18 -15.53 -29.33
N TYR E 224 29.19 -15.60 -30.19
CA TYR E 224 30.09 -14.48 -30.37
C TYR E 224 30.12 -14.10 -31.84
N PRO E 225 28.96 -13.76 -32.40
CA PRO E 225 28.83 -13.49 -33.82
C PRO E 225 29.55 -12.22 -34.25
N ASN E 226 29.77 -12.14 -35.55
CA ASN E 226 30.28 -10.95 -36.15
C ASN E 226 29.14 -10.07 -36.55
N MET E 227 28.82 -9.14 -35.68
CA MET E 227 27.66 -8.27 -35.87
C MET E 227 27.83 -7.10 -36.88
N ASN E 228 28.99 -6.99 -37.52
CA ASN E 228 29.20 -5.91 -38.46
C ASN E 228 28.31 -6.08 -39.69
N LEU E 229 27.64 -5.03 -40.12
CA LEU E 229 26.84 -5.10 -41.35
C LEU E 229 27.04 -3.85 -42.23
N ASP E 230 27.68 -4.01 -43.38
CA ASP E 230 27.88 -2.85 -44.23
C ASP E 230 26.98 -2.86 -45.45
N CYS E 231 26.35 -1.73 -45.74
CA CYS E 231 25.55 -1.66 -46.97
C CYS E 231 26.15 -0.61 -47.86
N LEU E 232 25.86 -0.65 -49.16
CA LEU E 232 26.51 0.33 -50.03
C LEU E 232 25.73 1.63 -50.10
N LEU E 233 24.46 1.59 -49.69
CA LEU E 233 23.54 2.72 -49.78
C LEU E 233 22.55 2.64 -48.63
N PRO E 234 22.26 3.78 -47.99
CA PRO E 234 21.20 3.84 -46.98
C PRO E 234 19.84 3.54 -47.62
N GLN E 235 19.00 2.77 -46.94
CA GLN E 235 17.73 2.44 -47.50
C GLN E 235 17.07 3.72 -47.96
N GLU E 236 17.10 4.73 -47.10
CA GLU E 236 16.53 6.03 -47.44
C GLU E 236 17.01 6.52 -48.80
N TRP E 237 18.28 6.31 -49.18
CA TRP E 237 18.69 6.75 -50.54
C TRP E 237 18.07 5.89 -51.64
N VAL E 238 17.93 4.59 -51.37
CA VAL E 238 17.28 3.69 -52.31
C VAL E 238 15.87 4.21 -52.58
N GLN E 239 15.16 4.44 -51.48
CA GLN E 239 13.79 4.92 -51.50
C GLN E 239 13.82 6.18 -52.28
N HIS E 240 14.76 7.05 -51.95
CA HIS E 240 14.87 8.32 -52.63
C HIS E 240 15.07 8.23 -54.14
N PHE E 241 16.04 7.42 -54.60
CA PHE E 241 16.34 7.44 -56.02
C PHE E 241 15.17 6.87 -56.81
N TYR E 242 14.47 5.90 -56.22
CA TYR E 242 13.36 5.25 -56.92
C TYR E 242 12.26 6.26 -57.20
N GLN E 243 11.85 7.02 -56.17
CA GLN E 243 10.92 8.14 -56.32
C GLN E 243 11.39 9.16 -57.32
N GLU E 244 12.64 9.63 -57.22
CA GLU E 244 13.02 10.78 -57.99
C GLU E 244 13.39 10.49 -59.46
N SER E 245 14.08 9.36 -59.67
CA SER E 245 14.58 8.94 -60.98
C SER E 245 15.25 10.06 -61.71
N ALA E 246 16.11 10.82 -61.03
CA ALA E 246 16.84 11.88 -61.71
C ALA E 246 17.81 11.27 -62.71
N PRO E 247 17.81 11.76 -63.94
CA PRO E 247 18.77 11.20 -64.91
C PRO E 247 20.20 11.51 -64.49
N ALA E 248 21.13 10.59 -64.72
CA ALA E 248 22.51 10.81 -64.35
C ALA E 248 23.30 11.44 -65.49
N GLN E 249 23.80 12.65 -65.31
CA GLN E 249 24.61 13.30 -66.35
C GLN E 249 26.00 12.71 -66.60
N SER E 250 26.54 11.90 -65.70
CA SER E 250 27.85 11.28 -65.93
C SER E 250 27.87 10.00 -65.13
N ASP E 251 29.02 9.47 -64.78
CA ASP E 251 29.00 8.21 -64.05
C ASP E 251 29.37 8.45 -62.58
N VAL E 252 29.61 9.71 -62.25
CA VAL E 252 30.01 10.02 -60.91
C VAL E 252 29.44 11.33 -60.39
N ALA E 253 28.58 11.23 -59.38
CA ALA E 253 28.06 12.39 -58.72
C ALA E 253 28.95 12.66 -57.52
N LEU E 254 29.52 13.86 -57.46
CA LEU E 254 30.41 14.26 -56.38
C LEU E 254 29.56 14.67 -55.20
N LEU E 255 29.89 14.18 -54.01
CA LEU E 255 29.11 14.52 -52.80
C LEU E 255 30.02 15.15 -51.74
N ARG E 256 29.56 16.22 -51.10
CA ARG E 256 30.33 16.79 -50.01
C ARG E 256 29.63 16.44 -48.74
N PHE E 257 30.37 16.22 -47.67
CA PHE E 257 29.68 15.90 -46.44
C PHE E 257 29.76 17.16 -45.63
N VAL E 258 28.62 17.76 -45.32
CA VAL E 258 28.63 19.08 -44.74
C VAL E 258 28.12 19.09 -43.31
N ASN E 259 28.80 19.86 -42.48
CA ASN E 259 28.33 20.17 -41.15
C ASN E 259 27.45 21.40 -41.24
N PRO E 260 26.11 21.25 -41.11
CA PRO E 260 25.28 22.43 -41.34
C PRO E 260 25.47 23.52 -40.28
N ASP E 261 25.89 23.15 -39.05
CA ASP E 261 26.31 24.15 -38.05
C ASP E 261 27.38 25.11 -38.60
N THR E 262 28.57 24.61 -38.89
CA THR E 262 29.67 25.48 -39.27
C THR E 262 29.67 25.84 -40.74
N GLY E 263 28.92 25.09 -41.54
CA GLY E 263 28.92 25.30 -43.00
C GLY E 263 30.10 24.62 -43.71
N ARG E 264 31.02 24.04 -42.93
CA ARG E 264 32.22 23.48 -43.52
C ARG E 264 32.08 22.05 -44.06
N VAL E 265 32.72 21.80 -45.20
CA VAL E 265 32.84 20.46 -45.76
C VAL E 265 33.85 19.60 -45.01
N LEU E 266 33.38 18.48 -44.47
CA LEU E 266 34.22 17.53 -43.75
C LEU E 266 35.07 16.63 -44.63
N PHE E 267 34.46 16.03 -45.64
CA PHE E 267 35.20 15.33 -46.66
C PHE E 267 34.29 15.30 -47.89
N GLU E 268 34.85 14.87 -49.03
CA GLU E 268 34.04 14.61 -50.23
C GLU E 268 34.16 13.16 -50.69
N CYS E 269 33.30 12.72 -51.60
CA CYS E 269 33.31 11.33 -52.00
C CYS E 269 32.54 11.14 -53.29
N LYS E 270 32.75 9.99 -53.92
CA LYS E 270 32.21 9.72 -55.23
C LYS E 270 31.05 8.75 -55.15
N LEU E 271 29.84 9.23 -55.43
CA LEU E 271 28.72 8.30 -55.49
C LEU E 271 28.57 7.90 -56.92
N HIS E 272 28.78 6.61 -57.20
CA HIS E 272 28.80 6.09 -58.58
C HIS E 272 27.43 5.85 -59.12
N LYS E 273 27.17 6.16 -60.38
CA LYS E 273 25.79 6.01 -60.82
C LYS E 273 25.19 4.59 -60.63
N SER E 274 25.99 3.52 -60.58
CA SER E 274 25.43 2.15 -60.33
C SER E 274 25.08 1.99 -58.85
N GLY E 275 25.37 3.03 -58.09
CA GLY E 275 24.93 3.11 -56.70
C GLY E 275 25.82 2.48 -55.68
N TYR E 276 27.02 3.03 -55.52
CA TYR E 276 27.90 2.71 -54.43
C TYR E 276 28.81 3.92 -54.27
N VAL E 277 29.45 4.07 -53.12
CA VAL E 277 30.22 5.27 -52.80
C VAL E 277 31.70 4.96 -52.58
N THR E 278 32.61 5.80 -53.06
CA THR E 278 34.04 5.56 -52.81
C THR E 278 34.61 6.77 -52.22
N VAL E 279 35.74 6.58 -51.56
CA VAL E 279 36.36 7.67 -50.85
C VAL E 279 37.89 7.60 -50.94
N ALA E 280 38.54 8.72 -50.73
CA ALA E 280 39.99 8.66 -50.91
C ALA E 280 40.68 8.43 -49.58
N HIS E 281 41.09 7.20 -49.30
CA HIS E 281 41.73 6.94 -48.04
C HIS E 281 42.31 5.57 -48.11
N THR E 282 43.41 5.37 -47.37
CA THR E 282 44.04 4.05 -47.35
C THR E 282 44.07 3.40 -45.97
N GLY E 283 43.42 2.23 -45.83
CA GLY E 283 43.38 1.40 -44.62
C GLY E 283 42.04 1.43 -43.91
N GLN E 284 41.87 0.65 -42.84
CA GLN E 284 40.57 0.66 -42.10
C GLN E 284 40.37 1.92 -41.26
N HIS E 285 39.19 2.49 -41.31
CA HIS E 285 38.92 3.71 -40.55
C HIS E 285 37.43 3.92 -40.23
N ASP E 286 37.08 3.80 -38.95
CA ASP E 286 35.81 4.32 -38.46
C ASP E 286 35.92 5.85 -38.57
N LEU E 287 35.17 6.43 -39.51
CA LEU E 287 35.12 7.88 -39.69
C LEU E 287 34.49 8.58 -38.49
N VAL E 288 34.98 9.79 -38.24
CA VAL E 288 34.52 10.62 -37.13
C VAL E 288 33.79 11.83 -37.69
N ILE E 289 32.51 11.93 -37.34
CA ILE E 289 31.65 12.95 -37.93
C ILE E 289 30.79 13.65 -36.89
N PRO E 290 30.52 14.93 -37.13
CA PRO E 290 29.55 15.66 -36.32
C PRO E 290 28.14 15.06 -36.50
N PRO E 291 27.41 14.77 -35.40
CA PRO E 291 26.18 13.99 -35.52
C PRO E 291 25.17 14.63 -36.43
N ASN E 292 25.30 15.93 -36.64
CA ASN E 292 24.31 16.63 -37.44
C ASN E 292 24.69 16.86 -38.89
N GLY E 293 25.81 16.27 -39.31
CA GLY E 293 26.32 16.38 -40.66
C GLY E 293 25.63 15.41 -41.57
N TYR E 294 25.49 15.81 -42.83
CA TYR E 294 24.80 15.04 -43.86
C TYR E 294 25.47 15.24 -45.23
N PHE E 295 25.03 14.49 -46.25
CA PHE E 295 25.69 14.43 -47.57
C PHE E 295 25.00 15.38 -48.52
N ARG E 296 25.74 16.13 -49.30
CA ARG E 296 25.12 17.10 -50.22
C ARG E 296 25.66 16.85 -51.62
N PHE E 297 24.77 16.80 -52.64
CA PHE E 297 25.23 16.58 -54.02
C PHE E 297 25.70 17.89 -54.58
N ASP E 298 26.87 17.92 -55.26
CA ASP E 298 27.45 19.19 -55.76
C ASP E 298 27.62 19.35 -57.29
N SER E 299 28.07 18.29 -57.96
CA SER E 299 28.03 18.24 -59.43
C SER E 299 28.45 16.88 -59.94
N TRP E 300 28.16 16.68 -61.21
CA TRP E 300 28.54 15.46 -61.88
C TRP E 300 29.96 15.69 -62.34
N VAL E 301 30.78 14.67 -62.21
CA VAL E 301 32.13 14.78 -62.67
C VAL E 301 32.41 13.52 -63.48
N ASN E 302 33.43 13.56 -64.37
CA ASN E 302 33.90 12.34 -65.07
C ASN E 302 34.67 11.44 -64.12
N GLN E 303 34.98 10.21 -64.56
CA GLN E 303 35.46 9.17 -63.61
C GLN E 303 36.94 9.35 -63.18
N PHE E 304 37.57 10.36 -63.80
CA PHE E 304 38.96 10.74 -63.56
C PHE E 304 39.16 11.75 -62.40
N TYR E 305 38.07 12.34 -61.89
CA TYR E 305 38.12 13.31 -60.78
C TYR E 305 38.92 12.79 -59.60
N THR E 306 39.74 13.67 -59.02
CA THR E 306 40.66 13.33 -57.91
C THR E 306 40.14 13.85 -56.57
N LEU E 307 39.74 12.93 -55.71
CA LEU E 307 39.12 13.34 -54.46
C LEU E 307 40.15 13.93 -53.51
N ALA E 308 39.81 15.05 -52.89
CA ALA E 308 40.59 15.50 -51.72
C ALA E 308 40.55 14.43 -50.58
N PRO E 309 41.72 14.09 -50.01
CA PRO E 309 41.87 12.96 -49.07
C PRO E 309 41.05 13.15 -47.80
N MET E 310 40.44 12.09 -47.30
CA MET E 310 39.43 12.22 -46.26
C MET E 310 39.85 12.69 -44.80
N THR F 4 3.48 -13.14 18.64
CA THR F 4 2.65 -14.39 18.44
C THR F 4 2.08 -15.03 19.77
N LYS F 5 1.88 -14.18 20.79
CA LYS F 5 1.76 -14.53 22.25
C LYS F 5 0.77 -15.60 22.69
N PRO F 6 1.22 -16.65 23.44
CA PRO F 6 0.28 -17.72 23.90
C PRO F 6 -0.80 -17.19 24.85
N PHE F 7 -1.99 -17.77 24.79
CA PHE F 7 -3.10 -17.33 25.63
C PHE F 7 -3.04 -18.21 26.89
N THR F 8 -3.41 -17.61 28.04
CA THR F 8 -3.40 -18.29 29.36
C THR F 8 -4.58 -17.82 30.19
N VAL F 9 -4.97 -18.64 31.17
CA VAL F 9 -5.82 -18.17 32.26
C VAL F 9 -5.02 -18.36 33.54
N PRO F 10 -5.24 -17.49 34.54
CA PRO F 10 -4.51 -17.52 35.79
C PRO F 10 -4.51 -18.90 36.35
N ILE F 11 -3.45 -19.23 37.07
CA ILE F 11 -3.45 -20.40 37.94
C ILE F 11 -4.00 -20.00 39.29
N LEU F 12 -5.33 -19.90 39.40
CA LEU F 12 -5.94 -19.62 40.71
C LEU F 12 -7.06 -20.61 40.99
N THR F 13 -7.08 -21.21 42.19
CA THR F 13 -8.22 -22.09 42.53
C THR F 13 -9.51 -21.25 42.45
N VAL F 14 -10.68 -21.89 42.53
CA VAL F 14 -11.97 -21.15 42.49
C VAL F 14 -12.13 -20.28 43.73
N GLU F 15 -11.77 -20.84 44.89
CA GLU F 15 -11.93 -20.10 46.14
C GLU F 15 -10.92 -18.95 46.18
N GLU F 16 -9.82 -19.09 45.48
CA GLU F 16 -8.85 -18.01 45.43
C GLU F 16 -9.35 -16.76 44.68
N MET F 17 -10.45 -16.89 43.95
CA MET F 17 -10.88 -15.84 43.01
C MET F 17 -12.08 -15.00 43.44
N THR F 18 -12.31 -13.90 42.74
CA THR F 18 -13.36 -12.95 43.13
C THR F 18 -14.55 -12.77 42.15
N ASN F 19 -15.78 -12.76 42.70
CA ASN F 19 -16.93 -12.42 41.87
C ASN F 19 -16.70 -11.14 41.10
N SER F 20 -16.96 -11.15 39.80
CA SER F 20 -16.84 -9.91 39.03
C SER F 20 -18.09 -9.01 39.04
N ARG F 21 -19.17 -9.47 39.69
CA ARG F 21 -20.43 -8.68 39.78
C ARG F 21 -20.74 -8.07 41.19
N PHE F 22 -19.89 -8.36 42.15
CA PHE F 22 -20.06 -7.82 43.49
C PHE F 22 -18.77 -8.08 44.33
N PRO F 23 -18.31 -7.12 45.13
CA PRO F 23 -17.01 -7.34 45.78
C PRO F 23 -17.02 -8.41 46.90
N ILE F 24 -16.97 -9.69 46.52
CA ILE F 24 -16.91 -10.85 47.44
C ILE F 24 -16.27 -12.03 46.73
N PRO F 25 -15.70 -13.00 47.48
CA PRO F 25 -15.06 -14.17 46.88
C PRO F 25 -16.04 -15.05 46.09
N LEU F 26 -15.54 -15.65 45.01
CA LEU F 26 -16.20 -16.83 44.42
C LEU F 26 -16.29 -17.90 45.50
N GLU F 27 -17.30 -18.78 45.42
CA GLU F 27 -17.39 -19.90 46.34
C GLU F 27 -17.47 -21.22 45.62
N LYS F 28 -18.20 -21.23 44.51
CA LYS F 28 -18.43 -22.49 43.80
C LYS F 28 -18.70 -22.31 42.29
N LEU F 29 -18.55 -23.40 41.53
CA LEU F 29 -19.03 -23.49 40.13
C LEU F 29 -20.41 -24.10 40.08
N PHE F 30 -21.25 -23.60 39.20
CA PHE F 30 -22.63 -24.07 39.11
C PHE F 30 -23.00 -24.02 37.68
N THR F 31 -23.69 -25.08 37.25
CA THR F 31 -24.27 -25.05 35.93
C THR F 31 -25.74 -25.39 36.02
N GLY F 32 -26.47 -24.87 35.03
CA GLY F 32 -27.91 -25.13 34.85
C GLY F 32 -28.38 -24.58 33.50
N PRO F 33 -29.62 -24.86 33.13
CA PRO F 33 -30.22 -24.30 31.92
C PRO F 33 -30.35 -22.81 32.09
N SER F 34 -30.27 -22.05 31.00
CA SER F 34 -30.39 -20.60 31.06
C SER F 34 -31.39 -20.02 30.04
N SER F 35 -32.15 -20.93 29.42
CA SER F 35 -33.28 -20.57 28.54
C SER F 35 -34.42 -19.81 29.23
N ALA F 36 -34.54 -19.95 30.54
CA ALA F 36 -35.64 -19.29 31.27
C ALA F 36 -35.30 -17.93 31.86
N PHE F 37 -34.17 -17.39 31.47
CA PHE F 37 -33.81 -16.02 31.85
C PHE F 37 -32.81 -15.43 30.87
N VAL F 38 -32.72 -14.09 30.87
CA VAL F 38 -31.80 -13.37 29.99
C VAL F 38 -30.43 -13.22 30.68
N VAL F 39 -29.42 -13.95 30.19
CA VAL F 39 -28.10 -13.83 30.79
C VAL F 39 -27.42 -12.65 30.11
N GLN F 40 -27.60 -11.47 30.70
CA GLN F 40 -27.00 -10.31 30.10
C GLN F 40 -26.28 -9.36 31.06
N PRO F 41 -25.38 -9.91 31.90
CA PRO F 41 -24.80 -9.08 32.92
C PRO F 41 -23.77 -8.16 32.27
N GLN F 42 -23.57 -6.99 32.84
CA GLN F 42 -22.71 -6.01 32.23
C GLN F 42 -21.36 -5.96 32.94
N ASN F 43 -21.29 -6.45 34.19
CA ASN F 43 -20.04 -6.51 34.90
C ASN F 43 -19.43 -7.87 34.76
N GLY F 44 -18.12 -7.96 34.91
CA GLY F 44 -17.40 -9.18 34.51
C GLY F 44 -17.61 -9.56 33.03
N ARG F 45 -17.40 -8.61 32.13
CA ARG F 45 -17.54 -8.90 30.73
C ARG F 45 -16.29 -8.45 30.00
N CYS F 46 -15.61 -9.41 29.39
CA CYS F 46 -14.36 -9.10 28.74
C CYS F 46 -14.02 -10.16 27.69
N THR F 47 -13.49 -9.73 26.55
CA THR F 47 -13.06 -10.72 25.57
C THR F 47 -11.81 -11.46 26.03
N THR F 48 -11.57 -12.61 25.41
CA THR F 48 -10.38 -13.36 25.75
C THR F 48 -9.12 -12.61 25.29
N ASP F 49 -9.25 -11.61 24.41
CA ASP F 49 -8.08 -10.79 24.06
C ASP F 49 -8.04 -9.45 24.78
N GLY F 50 -8.89 -9.31 25.79
CA GLY F 50 -8.81 -8.19 26.73
C GLY F 50 -9.56 -6.92 26.36
N ALA F 51 -10.66 -7.04 25.64
CA ALA F 51 -11.49 -5.88 25.42
C ALA F 51 -12.51 -5.91 26.54
N LEU F 52 -12.57 -4.81 27.29
CA LEU F 52 -13.60 -4.70 28.32
C LEU F 52 -14.94 -4.46 27.67
N LEU F 53 -15.99 -5.07 28.21
CA LEU F 53 -17.34 -4.80 27.69
C LEU F 53 -18.33 -4.23 28.73
N GLY F 54 -19.45 -3.72 28.27
CA GLY F 54 -20.53 -3.36 29.19
C GLY F 54 -20.02 -2.31 30.15
N THR F 55 -20.24 -2.55 31.44
CA THR F 55 -19.85 -1.62 32.49
C THR F 55 -18.59 -2.12 33.18
N THR F 56 -18.03 -3.19 32.62
CA THR F 56 -16.89 -3.90 33.19
C THR F 56 -15.62 -3.06 33.26
N GLN F 57 -14.93 -3.21 34.39
CA GLN F 57 -13.85 -2.31 34.74
C GLN F 57 -12.88 -3.07 35.67
N LEU F 58 -11.66 -2.57 35.88
CA LEU F 58 -10.61 -3.41 36.53
C LEU F 58 -10.65 -3.65 38.03
N SER F 59 -11.12 -2.69 38.79
CA SER F 59 -11.02 -2.76 40.23
C SER F 59 -12.03 -3.74 40.78
N PRO F 60 -11.59 -4.66 41.63
CA PRO F 60 -12.55 -5.60 42.20
C PRO F 60 -13.21 -5.05 43.45
N VAL F 61 -12.85 -3.85 43.87
CA VAL F 61 -13.57 -3.26 44.98
C VAL F 61 -14.57 -2.24 44.51
N ASP F 62 -14.27 -1.56 43.42
CA ASP F 62 -15.22 -0.58 42.95
C ASP F 62 -16.41 -1.12 42.17
N ILE F 63 -16.89 -2.33 42.48
CA ILE F 63 -18.07 -2.82 41.81
C ILE F 63 -19.15 -2.54 42.81
N CYS F 64 -20.24 -1.96 42.32
CA CYS F 64 -21.41 -1.64 43.12
C CYS F 64 -21.13 -0.57 44.15
N THR F 65 -20.07 0.20 43.91
CA THR F 65 -19.83 1.40 44.69
C THR F 65 -20.40 2.58 43.92
N PHE F 66 -20.57 3.68 44.63
CA PHE F 66 -20.93 4.98 44.08
C PHE F 66 -20.17 6.05 44.82
N ARG F 67 -19.83 7.13 44.12
CA ARG F 67 -19.23 8.29 44.74
C ARG F 67 -19.72 9.55 44.05
N GLY F 68 -19.88 10.62 44.82
CA GLY F 68 -20.23 11.94 44.29
C GLY F 68 -20.45 12.96 45.40
N ASP F 69 -21.34 13.93 45.12
CA ASP F 69 -21.86 14.84 46.15
C ASP F 69 -23.36 14.54 46.36
N VAL F 70 -23.84 14.69 47.59
CA VAL F 70 -25.26 14.48 47.89
C VAL F 70 -26.06 15.77 48.17
N THR F 71 -27.38 15.68 47.96
CA THR F 71 -28.35 16.68 48.42
C THR F 71 -29.51 15.98 49.12
N HIS F 72 -30.08 16.65 50.11
CA HIS F 72 -31.15 16.05 50.89
C HIS F 72 -32.47 16.23 50.16
N ILE F 73 -33.37 15.27 50.29
CA ILE F 73 -34.72 15.43 49.77
C ILE F 73 -35.55 15.84 50.96
N ALA F 74 -36.25 16.96 50.81
CA ALA F 74 -36.99 17.62 51.87
C ALA F 74 -38.00 16.70 52.54
N GLY F 75 -37.92 16.66 53.87
CA GLY F 75 -38.82 15.87 54.71
C GLY F 75 -38.86 14.37 54.46
N THR F 76 -37.77 13.83 53.93
CA THR F 76 -37.58 12.40 53.93
C THR F 76 -36.23 12.08 54.53
N GLN F 77 -35.98 10.79 54.59
CA GLN F 77 -34.70 10.32 55.01
C GLN F 77 -33.98 9.81 53.76
N ASN F 78 -34.15 10.54 52.66
CA ASN F 78 -33.61 10.15 51.36
C ASN F 78 -32.62 11.19 50.80
N TYR F 79 -31.68 10.72 49.97
CA TYR F 79 -30.69 11.60 49.38
C TYR F 79 -30.43 11.27 47.91
N THR F 80 -30.17 12.30 47.13
CA THR F 80 -29.71 12.15 45.75
C THR F 80 -28.19 12.26 45.69
N MET F 81 -27.56 11.34 44.97
CA MET F 81 -26.13 11.47 44.71
C MET F 81 -25.93 11.88 43.25
N ASN F 82 -25.34 13.07 43.04
CA ASN F 82 -24.82 13.45 41.71
C ASN F 82 -23.49 12.78 41.52
N LEU F 83 -23.47 11.84 40.58
CA LEU F 83 -22.38 10.90 40.51
C LEU F 83 -21.09 11.52 39.97
N ALA F 84 -19.99 11.28 40.67
CA ALA F 84 -18.66 11.58 40.14
C ALA F 84 -18.05 10.30 39.50
N SER F 85 -16.97 10.41 38.73
CA SER F 85 -16.34 9.19 38.20
C SER F 85 -15.39 8.64 39.22
N GLN F 86 -14.77 7.52 38.90
CA GLN F 86 -13.96 6.77 39.86
C GLN F 86 -12.79 7.57 40.45
N ASN F 87 -12.22 8.45 39.64
CA ASN F 87 -11.16 9.39 40.03
C ASN F 87 -11.63 10.67 40.74
N TRP F 88 -12.93 10.81 40.98
CA TRP F 88 -13.57 12.06 41.47
C TRP F 88 -13.83 13.14 40.43
N ASN F 89 -13.68 12.81 39.13
CA ASN F 89 -13.98 13.77 38.04
C ASN F 89 -15.41 13.64 37.55
N ASN F 90 -15.87 14.59 36.72
CA ASN F 90 -17.27 14.53 36.23
C ASN F 90 -17.60 13.32 35.38
N TYR F 91 -18.75 12.71 35.67
CA TYR F 91 -19.22 11.61 34.87
C TYR F 91 -19.79 12.18 33.57
N ASP F 92 -19.33 11.59 32.48
CA ASP F 92 -19.73 11.97 31.14
C ASP F 92 -20.88 11.10 30.60
N PRO F 93 -22.11 11.64 30.63
CA PRO F 93 -23.24 10.85 30.18
C PRO F 93 -23.20 10.57 28.70
N THR F 94 -22.38 11.30 27.95
CA THR F 94 -22.36 11.08 26.52
C THR F 94 -21.43 9.92 26.15
N GLU F 95 -20.68 9.43 27.09
CA GLU F 95 -19.74 8.39 26.79
C GLU F 95 -20.47 7.14 26.42
N GLU F 96 -19.94 6.38 25.49
CA GLU F 96 -20.65 5.25 24.99
C GLU F 96 -20.54 4.01 25.83
N ILE F 97 -21.12 4.07 27.01
CA ILE F 97 -21.16 2.94 27.91
C ILE F 97 -22.57 2.87 28.46
N PRO F 98 -23.02 1.73 28.94
CA PRO F 98 -24.37 1.65 29.47
C PRO F 98 -24.60 2.55 30.66
N ALA F 99 -23.56 2.76 31.46
CA ALA F 99 -23.66 3.50 32.73
C ALA F 99 -22.24 3.59 33.29
N PRO F 100 -22.00 4.41 34.35
CA PRO F 100 -20.63 4.56 34.87
C PRO F 100 -20.08 3.18 35.18
N LEU F 101 -18.81 2.94 34.92
CA LEU F 101 -18.31 1.58 35.05
C LEU F 101 -18.55 1.03 36.47
N GLY F 102 -18.93 -0.23 36.57
CA GLY F 102 -19.10 -0.83 37.88
C GLY F 102 -20.38 -0.55 38.65
N THR F 103 -21.26 0.23 38.05
CA THR F 103 -22.69 0.30 38.42
C THR F 103 -23.26 -1.12 38.59
N PRO F 104 -24.22 -1.31 39.49
CA PRO F 104 -24.92 -2.60 39.61
C PRO F 104 -25.50 -3.10 38.29
N ASP F 105 -25.52 -4.41 38.05
CA ASP F 105 -26.16 -4.92 36.83
C ASP F 105 -27.38 -5.83 37.09
N PHE F 106 -28.00 -5.63 38.24
CA PHE F 106 -29.18 -6.38 38.57
C PHE F 106 -30.13 -5.52 39.33
N VAL F 107 -31.38 -5.97 39.38
CA VAL F 107 -32.39 -5.24 40.05
C VAL F 107 -32.47 -5.80 41.44
N GLY F 108 -32.38 -4.91 42.41
CA GLY F 108 -32.49 -5.31 43.80
C GLY F 108 -32.15 -4.20 44.76
N LYS F 109 -32.26 -4.54 46.03
CA LYS F 109 -32.06 -3.56 47.04
C LYS F 109 -30.77 -3.79 47.79
N ILE F 110 -29.76 -2.99 47.44
CA ILE F 110 -28.39 -3.13 47.94
C ILE F 110 -28.18 -2.19 49.10
N GLN F 111 -27.82 -2.79 50.24
CA GLN F 111 -27.59 -2.08 51.52
C GLN F 111 -26.08 -1.97 51.74
N GLY F 112 -25.66 -0.80 52.22
CA GLY F 112 -24.26 -0.49 52.46
C GLY F 112 -24.23 0.64 53.44
N VAL F 113 -23.27 1.55 53.28
CA VAL F 113 -23.05 2.65 54.22
C VAL F 113 -22.58 3.81 53.39
N LEU F 114 -23.16 4.99 53.59
CA LEU F 114 -22.64 6.17 52.94
C LEU F 114 -21.70 6.89 53.85
N THR F 115 -20.50 7.20 53.35
CA THR F 115 -19.49 7.87 54.16
C THR F 115 -19.18 9.22 53.57
N GLN F 116 -18.94 10.20 54.45
CA GLN F 116 -18.59 11.56 54.01
C GLN F 116 -17.47 12.23 54.82
N THR F 117 -16.80 13.17 54.16
CA THR F 117 -15.68 13.91 54.77
C THR F 117 -15.78 15.40 54.46
N THR F 118 -15.70 16.24 55.49
CA THR F 118 -15.68 17.67 55.24
C THR F 118 -14.24 18.18 55.00
N ARG F 119 -13.91 18.44 53.73
CA ARG F 119 -12.61 18.97 53.29
C ARG F 119 -11.97 19.92 54.29
N ARG F 120 -12.74 20.91 54.75
CA ARG F 120 -12.21 22.01 55.52
C ARG F 120 -11.65 21.55 56.89
N ASP F 121 -12.38 20.69 57.60
CA ASP F 121 -11.95 20.31 58.94
C ASP F 121 -11.58 18.82 59.15
N GLY F 122 -11.84 17.96 58.15
CA GLY F 122 -11.45 16.56 58.22
C GLY F 122 -12.31 15.73 59.17
N SER F 123 -13.53 16.25 59.37
CA SER F 123 -14.56 15.58 60.15
C SER F 123 -15.17 14.53 59.27
N THR F 124 -15.62 13.44 59.87
CA THR F 124 -16.33 12.40 59.10
C THR F 124 -17.64 11.76 59.61
N ARG F 125 -18.65 11.73 58.73
CA ARG F 125 -19.95 11.09 58.94
C ARG F 125 -20.05 9.68 58.38
N GLY F 126 -20.93 8.86 58.92
CA GLY F 126 -21.19 7.58 58.28
C GLY F 126 -22.57 7.07 58.63
N HIS F 127 -23.40 6.78 57.61
CA HIS F 127 -24.75 6.24 57.84
C HIS F 127 -25.13 5.09 56.93
N LYS F 128 -25.89 4.15 57.48
CA LYS F 128 -26.48 3.06 56.71
C LYS F 128 -27.38 3.59 55.61
N ALA F 129 -27.27 3.00 54.44
CA ALA F 129 -27.96 3.50 53.28
C ALA F 129 -28.32 2.35 52.34
N THR F 130 -29.45 2.49 51.67
CA THR F 130 -29.79 1.50 50.66
C THR F 130 -30.00 2.13 49.30
N VAL F 131 -29.57 1.42 48.27
CA VAL F 131 -29.96 1.76 46.90
C VAL F 131 -30.85 0.67 46.30
N SER F 132 -32.02 1.08 45.86
CA SER F 132 -32.91 0.16 45.18
C SER F 132 -32.71 0.37 43.69
N THR F 133 -32.08 -0.60 43.01
CA THR F 133 -31.82 -0.40 41.59
C THR F 133 -33.10 -0.48 40.74
N GLY F 134 -34.17 -1.03 41.33
CA GLY F 134 -35.47 -1.08 40.66
C GLY F 134 -36.35 0.16 40.82
N SER F 135 -35.84 1.16 41.55
CA SER F 135 -36.52 2.45 41.82
C SER F 135 -36.62 3.34 40.55
N VAL F 136 -37.65 4.16 40.44
CA VAL F 136 -37.69 5.11 39.31
C VAL F 136 -36.55 6.14 39.38
N HIS F 137 -35.96 6.27 40.58
CA HIS F 137 -34.92 7.26 40.90
C HIS F 137 -33.54 6.71 40.71
N PHE F 138 -33.47 5.45 40.28
CA PHE F 138 -32.19 4.86 39.93
C PHE F 138 -31.81 5.23 38.51
N THR F 139 -31.14 6.36 38.33
CA THR F 139 -30.85 6.84 36.97
C THR F 139 -29.34 7.09 36.71
N PRO F 140 -28.48 6.07 36.92
CA PRO F 140 -27.04 6.33 36.87
C PRO F 140 -26.58 6.88 35.53
N LYS F 141 -27.12 6.36 34.43
CA LYS F 141 -26.71 6.84 33.11
C LYS F 141 -26.98 8.35 32.96
N LEU F 142 -28.03 8.85 33.61
CA LEU F 142 -28.25 10.29 33.68
C LEU F 142 -27.45 11.01 34.78
N GLY F 143 -26.72 10.28 35.62
CA GLY F 143 -25.80 10.97 36.53
C GLY F 143 -26.24 11.11 37.98
N SER F 144 -27.40 10.56 38.28
CA SER F 144 -27.97 10.67 39.61
C SER F 144 -28.56 9.35 40.13
N VAL F 145 -28.26 8.95 41.35
CA VAL F 145 -29.05 7.87 41.93
C VAL F 145 -29.58 8.28 43.26
N GLN F 146 -30.39 7.43 43.86
CA GLN F 146 -31.14 7.79 45.07
C GLN F 146 -31.01 6.81 46.26
N PHE F 147 -30.56 7.31 47.42
CA PHE F 147 -30.33 6.47 48.59
C PHE F 147 -31.35 6.72 49.65
N SER F 148 -31.73 5.68 50.39
CA SER F 148 -32.59 5.83 51.58
C SER F 148 -31.81 5.42 52.82
N THR F 149 -31.94 6.22 53.87
CA THR F 149 -31.00 6.23 55.00
C THR F 149 -31.71 6.29 56.34
N ASP F 150 -30.93 6.43 57.42
CA ASP F 150 -31.48 6.73 58.77
C ASP F 150 -30.97 8.06 59.33
N THR F 151 -30.94 9.10 58.49
CA THR F 151 -30.48 10.41 58.94
C THR F 151 -31.34 11.56 58.43
N SER F 152 -32.01 12.28 59.33
CA SER F 152 -32.79 13.43 58.92
C SER F 152 -31.94 14.56 58.32
N ASN F 153 -30.81 14.87 58.95
CA ASN F 153 -29.99 15.97 58.46
C ASN F 153 -28.47 15.93 58.54
N ASP F 154 -27.84 14.77 58.65
CA ASP F 154 -26.38 14.76 58.73
C ASP F 154 -25.47 15.09 57.57
N PHE F 155 -25.77 14.63 56.38
CA PHE F 155 -24.88 14.87 55.28
C PHE F 155 -24.89 16.27 54.75
N GLU F 156 -23.76 16.69 54.25
CA GLU F 156 -23.60 18.03 53.81
C GLU F 156 -23.45 18.04 52.33
N THR F 157 -23.79 19.16 51.74
CA THR F 157 -23.73 19.30 50.30
C THR F 157 -22.34 19.77 49.99
N GLY F 158 -21.96 19.71 48.72
CA GLY F 158 -20.66 20.23 48.31
C GLY F 158 -19.53 19.31 48.70
N GLN F 159 -19.81 18.31 49.52
CA GLN F 159 -18.77 17.42 50.05
C GLN F 159 -18.76 15.98 49.50
N ASN F 160 -17.55 15.43 49.36
CA ASN F 160 -17.32 14.11 48.80
C ASN F 160 -17.88 12.95 49.53
N THR F 161 -18.78 12.23 48.90
CA THR F 161 -19.47 11.18 49.58
C THR F 161 -19.33 9.84 48.86
N ARG F 162 -19.22 8.76 49.62
CA ARG F 162 -18.94 7.45 49.06
C ARG F 162 -19.88 6.34 49.60
N PHE F 163 -20.45 5.58 48.67
CA PHE F 163 -21.26 4.43 49.03
C PHE F 163 -20.39 3.20 48.98
N THR F 164 -20.38 2.42 50.05
CA THR F 164 -19.67 1.15 50.08
C THR F 164 -20.77 0.09 50.19
N PRO F 165 -20.91 -0.82 49.22
CA PRO F 165 -21.94 -1.86 49.29
C PRO F 165 -21.59 -2.94 50.30
N VAL F 166 -22.59 -3.51 50.97
CA VAL F 166 -22.40 -4.64 51.88
C VAL F 166 -23.16 -5.85 51.41
N GLY F 167 -24.45 -5.67 51.11
CA GLY F 167 -25.31 -6.78 50.74
C GLY F 167 -26.73 -6.47 50.23
N VAL F 168 -27.60 -7.46 50.31
CA VAL F 168 -28.89 -7.30 49.70
C VAL F 168 -30.00 -7.52 50.72
N VAL F 169 -31.15 -6.87 50.53
CA VAL F 169 -32.28 -7.06 51.45
C VAL F 169 -33.52 -7.51 50.70
N GLN F 170 -34.59 -7.80 51.45
CA GLN F 170 -35.88 -8.17 50.86
C GLN F 170 -37.05 -8.03 51.85
N ASP F 171 -38.29 -7.89 51.36
CA ASP F 171 -39.46 -7.72 52.23
C ASP F 171 -40.01 -9.08 52.72
N GLY F 172 -39.80 -9.42 54.00
CA GLY F 172 -40.20 -10.71 54.61
C GLY F 172 -41.69 -11.04 54.60
N SER F 173 -42.53 -10.01 54.66
CA SER F 173 -43.97 -10.18 54.48
C SER F 173 -44.29 -10.71 53.08
N THR F 174 -43.48 -10.32 52.10
CA THR F 174 -43.66 -10.79 50.72
C THR F 174 -42.98 -12.14 50.56
N THR F 175 -43.03 -12.67 49.33
CA THR F 175 -42.52 -14.00 48.94
C THR F 175 -41.01 -14.14 49.14
N HIS F 176 -40.62 -15.19 49.84
CA HIS F 176 -39.23 -15.51 50.01
C HIS F 176 -38.51 -15.58 48.67
N GLN F 177 -37.29 -15.04 48.61
CA GLN F 177 -36.40 -15.16 47.44
C GLN F 177 -36.83 -14.41 46.18
N ASN F 178 -37.68 -13.39 46.32
CA ASN F 178 -38.27 -12.73 45.14
C ASN F 178 -37.42 -11.60 44.62
N GLU F 179 -36.53 -11.11 45.48
CA GLU F 179 -35.46 -10.20 45.08
C GLU F 179 -34.19 -10.52 45.86
N PRO F 180 -33.04 -10.08 45.34
CA PRO F 180 -32.93 -9.41 44.05
C PRO F 180 -33.13 -10.35 42.87
N GLN F 181 -33.09 -9.78 41.67
CA GLN F 181 -33.20 -10.57 40.44
C GLN F 181 -31.98 -10.43 39.53
N GLN F 182 -31.03 -11.32 39.75
CA GLN F 182 -29.70 -11.18 39.19
C GLN F 182 -29.67 -11.14 37.69
N TRP F 183 -30.74 -11.62 37.07
CA TRP F 183 -30.78 -11.68 35.61
C TRP F 183 -31.67 -10.62 34.97
N VAL F 184 -31.90 -9.55 35.68
CA VAL F 184 -32.67 -8.46 35.13
C VAL F 184 -31.85 -7.16 35.25
N LEU F 185 -31.52 -6.56 34.12
CA LEU F 185 -30.82 -5.30 34.16
C LEU F 185 -31.69 -4.20 34.73
N PRO F 186 -31.08 -3.29 35.49
CA PRO F 186 -31.76 -2.09 35.93
C PRO F 186 -32.13 -1.25 34.73
N ASP F 187 -32.95 -0.22 34.94
CA ASP F 187 -33.23 0.68 33.85
C ASP F 187 -32.25 1.84 33.94
N TYR F 188 -31.13 1.72 33.24
CA TYR F 188 -29.98 2.58 33.53
C TYR F 188 -30.35 4.05 33.44
N SER F 189 -31.30 4.37 32.58
CA SER F 189 -31.73 5.76 32.45
C SER F 189 -33.05 6.07 33.15
N GLY F 190 -33.65 5.09 33.80
CA GLY F 190 -34.93 5.27 34.48
C GLY F 190 -36.02 4.78 33.56
N ARG F 191 -37.27 4.89 34.00
CA ARG F 191 -38.45 4.53 33.17
C ARG F 191 -38.46 5.30 31.87
N ASP F 192 -39.13 4.71 30.89
CA ASP F 192 -39.41 5.42 29.63
C ASP F 192 -38.13 6.01 28.99
N SER F 193 -37.00 5.33 29.25
CA SER F 193 -35.81 5.33 28.37
C SER F 193 -35.18 3.92 28.31
N HIS F 194 -34.29 3.68 27.35
CA HIS F 194 -33.76 2.35 27.10
C HIS F 194 -32.27 2.28 27.27
N ASN F 195 -31.82 1.19 27.90
CA ASN F 195 -30.40 0.85 27.95
C ASN F 195 -29.67 0.89 26.59
N VAL F 196 -28.36 1.11 26.66
CA VAL F 196 -27.56 1.44 25.50
C VAL F 196 -26.16 0.80 25.59
N HIS F 197 -25.57 0.47 24.44
CA HIS F 197 -24.21 -0.07 24.42
C HIS F 197 -24.02 -1.24 25.35
N LEU F 198 -25.04 -2.07 25.52
CA LEU F 198 -24.94 -3.24 26.39
C LEU F 198 -24.01 -4.33 25.84
N ALA F 199 -23.41 -5.08 26.74
CA ALA F 199 -22.73 -6.29 26.32
C ALA F 199 -23.82 -7.30 26.03
N PRO F 200 -23.64 -8.09 24.96
CA PRO F 200 -24.59 -9.04 24.40
C PRO F 200 -25.11 -9.98 25.45
N ALA F 201 -26.37 -10.40 25.30
CA ALA F 201 -26.89 -11.54 26.02
C ALA F 201 -26.08 -12.76 25.56
N VAL F 202 -25.98 -13.75 26.42
CA VAL F 202 -25.18 -14.95 26.14
C VAL F 202 -25.98 -16.21 26.40
N ALA F 203 -25.71 -17.25 25.60
CA ALA F 203 -26.38 -18.54 25.73
C ALA F 203 -25.52 -19.62 25.11
N PRO F 204 -25.68 -20.88 25.56
CA PRO F 204 -25.02 -22.00 24.88
C PRO F 204 -25.51 -22.06 23.44
N THR F 205 -24.63 -22.37 22.50
CA THR F 205 -25.11 -22.45 21.13
C THR F 205 -24.75 -23.83 20.62
N PHE F 206 -24.98 -24.83 21.46
CA PHE F 206 -24.42 -26.15 21.21
C PHE F 206 -25.13 -27.23 22.03
N PRO F 207 -25.49 -28.34 21.37
CA PRO F 207 -26.27 -29.42 21.93
C PRO F 207 -25.71 -29.92 23.22
N GLY F 208 -26.56 -30.07 24.22
CA GLY F 208 -26.17 -30.66 25.51
C GLY F 208 -25.18 -29.86 26.34
N GLU F 209 -24.90 -28.61 25.91
CA GLU F 209 -24.01 -27.67 26.63
C GLU F 209 -24.85 -26.71 27.45
N GLN F 210 -24.38 -26.35 28.65
CA GLN F 210 -24.96 -25.23 29.43
C GLN F 210 -23.84 -24.20 29.78
N LEU F 211 -24.24 -22.96 30.06
CA LEU F 211 -23.28 -22.04 30.62
C LEU F 211 -22.75 -22.63 31.90
N LEU F 212 -21.48 -22.32 32.20
CA LEU F 212 -20.86 -22.65 33.48
C LEU F 212 -20.76 -21.36 34.25
N PHE F 213 -21.30 -21.33 35.47
CA PHE F 213 -21.33 -20.09 36.29
C PHE F 213 -20.36 -20.09 37.46
N PHE F 214 -19.70 -18.95 37.67
CA PHE F 214 -18.83 -18.73 38.81
C PHE F 214 -19.67 -18.10 39.87
N ARG F 215 -19.95 -18.85 40.93
CA ARG F 215 -20.97 -18.44 41.87
C ARG F 215 -20.49 -17.96 43.23
N SER F 216 -21.09 -16.84 43.66
CA SER F 216 -20.98 -16.39 45.04
C SER F 216 -22.36 -16.31 45.70
N THR F 217 -22.34 -16.19 47.03
CA THR F 217 -23.51 -15.87 47.85
C THR F 217 -23.40 -14.44 48.37
N MET F 218 -24.20 -13.51 47.87
CA MET F 218 -24.21 -12.17 48.43
C MET F 218 -24.62 -12.15 49.92
N PRO F 219 -24.02 -11.27 50.72
CA PRO F 219 -24.51 -11.20 52.08
C PRO F 219 -25.96 -10.76 52.09
N GLY F 220 -26.75 -11.31 53.00
CA GLY F 220 -28.11 -10.83 53.17
C GLY F 220 -28.19 -9.96 54.41
N CYS F 221 -28.76 -8.78 54.25
CA CYS F 221 -28.79 -7.83 55.34
C CYS F 221 -30.11 -7.81 56.08
N SER F 222 -31.17 -8.25 55.41
CA SER F 222 -32.54 -8.26 55.98
C SER F 222 -33.44 -9.08 55.10
N GLY F 223 -34.44 -9.71 55.70
CA GLY F 223 -35.42 -10.51 54.96
C GLY F 223 -34.89 -11.78 54.34
N TYR F 224 -35.61 -12.26 53.33
CA TYR F 224 -35.29 -13.50 52.67
C TYR F 224 -34.89 -13.25 51.20
N PRO F 225 -33.72 -12.59 51.00
CA PRO F 225 -33.22 -12.22 49.71
C PRO F 225 -32.72 -13.44 48.99
N ASN F 226 -32.91 -13.44 47.66
CA ASN F 226 -32.22 -14.40 46.86
C ASN F 226 -30.76 -13.97 46.73
N MET F 227 -29.88 -14.62 47.48
CA MET F 227 -28.50 -14.20 47.62
C MET F 227 -27.56 -14.75 46.55
N ASN F 228 -28.11 -15.53 45.62
CA ASN F 228 -27.24 -16.14 44.62
C ASN F 228 -26.68 -15.09 43.69
N LEU F 229 -25.37 -15.13 43.47
CA LEU F 229 -24.73 -14.32 42.40
C LEU F 229 -23.77 -15.04 41.46
N ASP F 230 -24.14 -15.12 40.18
CA ASP F 230 -23.33 -15.78 39.15
C ASP F 230 -22.66 -14.80 38.17
N CYS F 231 -21.36 -14.95 37.99
CA CYS F 231 -20.69 -14.18 36.93
C CYS F 231 -20.07 -15.16 35.92
N LEU F 232 -19.87 -14.68 34.71
CA LEU F 232 -19.40 -15.51 33.60
C LEU F 232 -17.87 -15.56 33.62
N LEU F 233 -17.25 -14.54 34.18
CA LEU F 233 -15.80 -14.47 34.23
C LEU F 233 -15.41 -14.06 35.62
N PRO F 234 -14.45 -14.76 36.24
CA PRO F 234 -13.92 -14.27 37.49
C PRO F 234 -13.24 -12.94 37.23
N GLN F 235 -13.32 -12.01 38.17
CA GLN F 235 -12.70 -10.70 37.98
C GLN F 235 -11.22 -10.91 37.65
N GLU F 236 -10.58 -11.85 38.33
CA GLU F 236 -9.17 -12.11 38.07
C GLU F 236 -8.94 -12.47 36.60
N TRP F 237 -9.93 -13.09 35.96
CA TRP F 237 -9.78 -13.41 34.55
C TRP F 237 -9.88 -12.18 33.67
N VAL F 238 -10.85 -11.32 33.98
CA VAL F 238 -10.96 -10.03 33.33
C VAL F 238 -9.63 -9.30 33.45
N GLN F 239 -9.16 -9.17 34.68
CA GLN F 239 -7.87 -8.57 34.95
C GLN F 239 -6.75 -9.14 34.12
N HIS F 240 -6.73 -10.46 34.02
CA HIS F 240 -5.65 -11.18 33.35
C HIS F 240 -5.69 -10.98 31.86
N PHE F 241 -6.85 -11.21 31.24
CA PHE F 241 -6.97 -11.01 29.79
C PHE F 241 -6.59 -9.60 29.39
N TYR F 242 -7.00 -8.63 30.21
CA TYR F 242 -6.74 -7.24 29.90
C TYR F 242 -5.22 -7.00 29.87
N GLN F 243 -4.51 -7.50 30.89
CA GLN F 243 -3.03 -7.45 30.94
C GLN F 243 -2.49 -8.03 29.67
N GLU F 244 -2.71 -9.34 29.50
CA GLU F 244 -2.13 -10.12 28.44
C GLU F 244 -2.51 -9.72 27.02
N SER F 245 -3.80 -9.46 26.77
CA SER F 245 -4.26 -9.19 25.41
C SER F 245 -3.80 -10.24 24.37
N ALA F 246 -3.87 -11.54 24.67
CA ALA F 246 -3.38 -12.55 23.71
C ALA F 246 -4.38 -12.83 22.58
N PRO F 247 -3.93 -12.77 21.31
CA PRO F 247 -4.97 -12.81 20.25
C PRO F 247 -5.63 -14.18 20.17
N ALA F 248 -6.96 -14.18 20.07
CA ALA F 248 -7.76 -15.38 19.88
C ALA F 248 -7.41 -16.04 18.54
N GLN F 249 -7.01 -17.31 18.61
CA GLN F 249 -6.68 -18.10 17.40
C GLN F 249 -7.90 -18.76 16.75
N SER F 250 -8.99 -18.88 17.51
CA SER F 250 -10.25 -19.43 17.04
C SER F 250 -11.26 -18.83 17.97
N ASP F 251 -12.50 -19.33 17.95
CA ASP F 251 -13.56 -18.73 18.74
C ASP F 251 -13.76 -19.39 20.05
N VAL F 252 -12.97 -20.42 20.34
CA VAL F 252 -13.24 -21.24 21.50
C VAL F 252 -11.97 -21.77 22.05
N ALA F 253 -11.60 -21.33 23.24
CA ALA F 253 -10.42 -21.84 23.89
C ALA F 253 -10.81 -23.04 24.77
N LEU F 254 -10.21 -24.20 24.56
CA LEU F 254 -10.53 -25.39 25.38
C LEU F 254 -9.80 -25.45 26.73
N LEU F 255 -10.50 -25.31 27.85
CA LEU F 255 -9.78 -25.38 29.13
C LEU F 255 -10.01 -26.73 29.81
N ARG F 256 -9.04 -27.20 30.60
CA ARG F 256 -9.23 -28.37 31.46
C ARG F 256 -9.10 -27.95 32.90
N PHE F 257 -9.95 -28.49 33.73
CA PHE F 257 -9.90 -28.13 35.13
C PHE F 257 -9.11 -29.23 35.75
N VAL F 258 -7.98 -28.93 36.36
CA VAL F 258 -7.04 -29.98 36.80
C VAL F 258 -6.84 -30.01 38.29
N ASN F 259 -6.75 -31.21 38.85
CA ASN F 259 -6.26 -31.41 40.23
C ASN F 259 -4.73 -31.59 40.25
N PRO F 260 -3.99 -30.54 40.69
CA PRO F 260 -2.53 -30.53 40.68
C PRO F 260 -1.88 -31.57 41.59
N ASP F 261 -2.60 -32.03 42.62
CA ASP F 261 -2.18 -33.15 43.47
C ASP F 261 -1.93 -34.39 42.62
N THR F 262 -2.98 -34.90 42.01
CA THR F 262 -2.93 -36.15 41.28
C THR F 262 -2.41 -35.96 39.84
N GLY F 263 -2.32 -34.71 39.38
CA GLY F 263 -2.15 -34.42 37.95
C GLY F 263 -3.36 -34.73 37.03
N ARG F 264 -4.47 -35.23 37.60
CA ARG F 264 -5.64 -35.66 36.79
C ARG F 264 -6.71 -34.59 36.44
N VAL F 265 -7.29 -34.73 35.23
CA VAL F 265 -8.30 -33.79 34.67
C VAL F 265 -9.72 -34.06 35.14
N LEU F 266 -10.41 -33.08 35.73
CA LEU F 266 -11.73 -33.35 36.29
C LEU F 266 -12.88 -33.13 35.30
N PHE F 267 -12.71 -32.22 34.36
CA PHE F 267 -13.66 -31.98 33.27
C PHE F 267 -13.05 -30.96 32.33
N GLU F 268 -13.55 -30.89 31.11
CA GLU F 268 -13.12 -29.81 30.23
C GLU F 268 -14.26 -28.83 29.98
N CYS F 269 -14.00 -27.71 29.32
CA CYS F 269 -15.04 -26.71 29.05
C CYS F 269 -14.64 -25.67 28.01
N LYS F 270 -15.58 -24.88 27.52
CA LYS F 270 -15.28 -23.96 26.43
C LYS F 270 -15.32 -22.50 26.89
N LEU F 271 -14.20 -21.83 26.68
CA LEU F 271 -14.06 -20.42 26.93
C LEU F 271 -14.18 -19.72 25.58
N HIS F 272 -15.33 -19.11 25.34
CA HIS F 272 -15.60 -18.46 24.07
C HIS F 272 -14.87 -17.13 24.05
N LYS F 273 -14.27 -16.77 22.92
CA LYS F 273 -13.51 -15.54 22.89
C LYS F 273 -14.29 -14.32 23.38
N SER F 274 -15.62 -14.33 23.28
CA SER F 274 -16.42 -13.18 23.71
C SER F 274 -16.61 -13.13 25.25
N GLY F 275 -16.21 -14.22 25.91
CA GLY F 275 -15.94 -14.15 27.34
C GLY F 275 -16.98 -14.78 28.23
N TYR F 276 -17.23 -16.07 28.04
CA TYR F 276 -18.09 -16.84 28.92
C TYR F 276 -17.75 -18.32 28.74
N VAL F 277 -18.14 -19.15 29.68
CA VAL F 277 -17.73 -20.53 29.60
C VAL F 277 -18.93 -21.43 29.41
N THR F 278 -18.77 -22.50 28.61
CA THR F 278 -19.83 -23.54 28.55
C THR F 278 -19.31 -24.92 28.93
N VAL F 279 -20.21 -25.79 29.35
CA VAL F 279 -19.80 -27.10 29.80
C VAL F 279 -20.83 -28.10 29.27
N ALA F 280 -20.44 -29.35 29.04
CA ALA F 280 -21.42 -30.31 28.50
C ALA F 280 -22.07 -31.14 29.61
N HIS F 281 -23.29 -30.72 29.94
CA HIS F 281 -24.11 -31.28 31.02
C HIS F 281 -25.58 -30.82 30.85
N THR F 282 -26.51 -31.51 31.50
CA THR F 282 -27.95 -31.19 31.38
C THR F 282 -28.57 -31.23 32.76
N GLY F 283 -29.01 -30.10 33.25
CA GLY F 283 -29.57 -30.05 34.59
C GLY F 283 -28.87 -29.07 35.53
N GLN F 284 -29.41 -28.93 36.72
CA GLN F 284 -28.81 -28.02 37.64
C GLN F 284 -27.83 -28.79 38.46
N HIS F 285 -26.56 -28.36 38.42
CA HIS F 285 -25.51 -29.03 39.17
C HIS F 285 -24.54 -28.07 39.86
N ASP F 286 -24.39 -28.27 41.17
CA ASP F 286 -23.34 -27.63 41.94
C ASP F 286 -22.16 -28.55 41.78
N LEU F 287 -21.15 -28.10 41.03
CA LEU F 287 -19.94 -28.88 40.78
C LEU F 287 -19.15 -29.21 42.03
N VAL F 288 -18.84 -30.47 42.22
CA VAL F 288 -18.04 -30.84 43.37
C VAL F 288 -16.59 -30.82 42.90
N ILE F 289 -15.78 -29.94 43.45
CA ILE F 289 -14.37 -29.89 43.01
C ILE F 289 -13.34 -30.11 44.12
N PRO F 290 -12.12 -30.59 43.78
CA PRO F 290 -11.06 -30.54 44.79
C PRO F 290 -10.72 -29.06 45.07
N PRO F 291 -10.48 -28.73 46.35
CA PRO F 291 -10.23 -27.34 46.81
C PRO F 291 -9.02 -26.62 46.18
N ASN F 292 -8.13 -27.36 45.53
CA ASN F 292 -7.02 -26.75 44.79
C ASN F 292 -7.02 -26.96 43.28
N GLY F 293 -8.10 -27.50 42.76
CA GLY F 293 -8.27 -27.56 41.32
C GLY F 293 -8.22 -26.17 40.72
N TYR F 294 -7.70 -26.07 39.50
CA TYR F 294 -7.59 -24.78 38.80
C TYR F 294 -7.76 -25.03 37.31
N PHE F 295 -8.08 -23.98 36.53
CA PHE F 295 -8.27 -24.13 35.08
C PHE F 295 -7.01 -23.97 34.31
N ARG F 296 -6.83 -24.80 33.30
CA ARG F 296 -5.64 -24.69 32.45
C ARG F 296 -6.01 -24.59 30.99
N PHE F 297 -5.51 -23.59 30.30
CA PHE F 297 -5.73 -23.54 28.85
C PHE F 297 -4.99 -24.70 28.17
N ASP F 298 -5.60 -25.37 27.20
CA ASP F 298 -4.89 -26.46 26.51
C ASP F 298 -4.70 -26.36 24.99
N SER F 299 -5.77 -26.11 24.23
CA SER F 299 -5.64 -25.92 22.78
C SER F 299 -6.86 -25.22 22.19
N TRP F 300 -6.63 -24.48 21.12
CA TRP F 300 -7.72 -23.75 20.46
C TRP F 300 -8.55 -24.68 19.59
N VAL F 301 -9.86 -24.54 19.67
CA VAL F 301 -10.71 -25.39 18.89
C VAL F 301 -11.69 -24.53 18.10
N ASN F 302 -12.32 -25.13 17.09
CA ASN F 302 -13.47 -24.55 16.41
C ASN F 302 -14.75 -24.79 17.23
N GLN F 303 -15.85 -24.19 16.77
CA GLN F 303 -17.07 -24.10 17.56
C GLN F 303 -17.80 -25.43 17.75
N PHE F 304 -17.51 -26.40 16.88
CA PHE F 304 -18.21 -27.67 16.84
C PHE F 304 -17.32 -28.78 17.43
N TYR F 305 -16.54 -28.42 18.44
CA TYR F 305 -15.81 -29.43 19.20
C TYR F 305 -16.80 -30.00 20.20
N THR F 306 -16.79 -31.31 20.34
CA THR F 306 -17.66 -31.95 21.29
C THR F 306 -16.91 -32.12 22.56
N LEU F 307 -17.46 -31.54 23.62
CA LEU F 307 -16.94 -31.68 24.97
C LEU F 307 -17.30 -33.06 25.55
N ALA F 308 -16.34 -33.68 26.22
CA ALA F 308 -16.62 -34.91 26.92
C ALA F 308 -17.50 -34.58 28.09
N PRO F 309 -18.51 -35.42 28.38
CA PRO F 309 -19.43 -35.02 29.45
C PRO F 309 -18.72 -34.81 30.79
N MET F 310 -19.01 -33.68 31.43
CA MET F 310 -18.59 -33.43 32.80
C MET F 310 -19.43 -34.32 33.73
N GLY F 311 -18.85 -34.87 34.79
CA GLY F 311 -19.60 -35.78 35.72
C GLY F 311 -21.00 -35.38 36.24
N THR G 4 -57.10 32.77 -27.68
CA THR G 4 -56.79 32.50 -26.23
C THR G 4 -56.14 31.12 -26.04
N LYS G 5 -55.04 31.10 -25.28
CA LYS G 5 -54.20 29.89 -25.17
C LYS G 5 -54.78 28.84 -24.22
N PRO G 6 -55.00 27.60 -24.70
CA PRO G 6 -55.62 26.49 -23.94
C PRO G 6 -54.84 26.05 -22.69
N PHE G 7 -55.56 25.74 -21.63
CA PHE G 7 -54.91 25.29 -20.43
C PHE G 7 -54.59 23.80 -20.60
N THR G 8 -53.57 23.35 -19.87
CA THR G 8 -53.20 21.95 -19.83
C THR G 8 -52.47 21.61 -18.55
N VAL G 9 -52.62 20.37 -18.10
CA VAL G 9 -51.65 19.86 -17.15
C VAL G 9 -50.66 18.95 -17.88
N PRO G 10 -49.47 18.73 -17.32
CA PRO G 10 -48.52 17.89 -18.03
C PRO G 10 -49.06 16.49 -18.19
N ILE G 11 -48.65 15.78 -19.23
CA ILE G 11 -48.95 14.36 -19.29
C ILE G 11 -47.89 13.55 -18.52
N LEU G 12 -48.10 13.40 -17.20
CA LEU G 12 -47.17 12.61 -16.40
C LEU G 12 -47.88 11.71 -15.42
N THR G 13 -47.39 10.49 -15.24
CA THR G 13 -47.96 9.64 -14.19
C THR G 13 -47.52 10.21 -12.82
N VAL G 14 -48.10 9.74 -11.72
CA VAL G 14 -47.68 10.24 -10.40
C VAL G 14 -46.22 9.85 -10.13
N GLU G 15 -45.87 8.60 -10.43
CA GLU G 15 -44.50 8.19 -10.11
C GLU G 15 -43.45 8.92 -10.97
N GLU G 16 -43.86 9.38 -12.15
CA GLU G 16 -43.02 10.22 -12.98
C GLU G 16 -42.74 11.63 -12.41
N MET G 17 -43.53 12.09 -11.43
CA MET G 17 -43.43 13.49 -10.96
C MET G 17 -42.77 13.65 -9.59
N THR G 18 -42.68 14.89 -9.12
CA THR G 18 -41.79 15.20 -8.00
C THR G 18 -42.52 15.99 -6.91
N ASN G 19 -42.14 15.74 -5.66
CA ASN G 19 -42.73 16.47 -4.59
C ASN G 19 -42.21 17.87 -4.61
N SER G 20 -43.09 18.84 -4.44
CA SER G 20 -42.68 20.21 -4.55
C SER G 20 -42.32 20.74 -3.17
N ARG G 21 -42.41 19.92 -2.12
CA ARG G 21 -42.08 20.36 -0.76
C ARG G 21 -40.74 19.79 -0.26
N PHE G 22 -40.23 18.79 -0.95
CA PHE G 22 -38.92 18.15 -0.65
C PHE G 22 -38.37 17.48 -1.94
N PRO G 23 -37.06 17.59 -2.22
CA PRO G 23 -36.61 16.99 -3.48
C PRO G 23 -36.58 15.45 -3.42
N ILE G 24 -37.76 14.84 -3.61
CA ILE G 24 -37.92 13.39 -3.69
C ILE G 24 -39.09 13.11 -4.63
N PRO G 25 -39.13 11.90 -5.22
CA PRO G 25 -40.23 11.60 -6.11
C PRO G 25 -41.54 11.47 -5.36
N LEU G 26 -42.61 11.73 -6.09
CA LEU G 26 -43.96 11.43 -5.65
C LEU G 26 -44.11 9.92 -5.51
N GLU G 27 -45.18 9.47 -4.84
CA GLU G 27 -45.39 8.04 -4.61
C GLU G 27 -46.83 7.66 -4.78
N LYS G 28 -47.72 8.46 -4.20
CA LYS G 28 -49.14 8.12 -4.25
C LYS G 28 -50.06 9.34 -4.15
N LEU G 29 -51.34 9.13 -4.49
CA LEU G 29 -52.40 10.08 -4.15
C LEU G 29 -53.01 9.72 -2.78
N PHE G 30 -53.37 10.74 -2.01
CA PHE G 30 -54.02 10.55 -0.70
C PHE G 30 -55.07 11.62 -0.45
N THR G 31 -56.25 11.22 -0.01
CA THR G 31 -57.20 12.23 0.41
C THR G 31 -57.68 12.04 1.83
N GLY G 32 -57.95 13.16 2.50
CA GLY G 32 -58.42 13.14 3.89
C GLY G 32 -59.04 14.43 4.40
N PRO G 33 -59.71 14.37 5.57
CA PRO G 33 -60.32 15.56 6.15
C PRO G 33 -59.21 16.54 6.60
N SER G 34 -59.50 17.85 6.52
CA SER G 34 -58.50 18.88 6.88
C SER G 34 -59.08 20.02 7.74
N SER G 35 -60.19 19.73 8.42
CA SER G 35 -60.74 20.69 9.41
C SER G 35 -59.95 20.65 10.74
N ALA G 36 -59.36 19.49 11.06
CA ALA G 36 -58.42 19.27 12.21
C ALA G 36 -57.10 20.13 12.26
N PHE G 37 -56.60 20.56 11.08
CA PHE G 37 -55.33 21.29 10.95
C PHE G 37 -55.38 22.34 9.82
N VAL G 38 -54.40 23.25 9.85
CA VAL G 38 -54.30 24.35 8.91
C VAL G 38 -53.53 23.77 7.79
N VAL G 39 -53.97 24.02 6.56
CA VAL G 39 -53.17 23.58 5.41
C VAL G 39 -52.61 24.80 4.69
N GLN G 40 -51.37 25.18 5.03
CA GLN G 40 -50.76 26.40 4.52
C GLN G 40 -49.31 26.25 4.03
N PRO G 41 -49.03 25.21 3.23
CA PRO G 41 -47.66 25.07 2.80
C PRO G 41 -47.25 26.24 1.91
N GLN G 42 -45.96 26.52 1.88
CA GLN G 42 -45.44 27.65 1.17
C GLN G 42 -44.64 27.27 -0.07
N ASN G 43 -44.20 26.02 -0.17
CA ASN G 43 -43.64 25.51 -1.44
C ASN G 43 -44.71 24.75 -2.23
N GLY G 44 -44.44 24.45 -3.50
CA GLY G 44 -45.49 23.89 -4.34
C GLY G 44 -46.75 24.75 -4.30
N ARG G 45 -46.58 26.05 -4.46
CA ARG G 45 -47.71 26.97 -4.53
C ARG G 45 -47.59 27.85 -5.77
N CYS G 46 -48.59 27.71 -6.65
CA CYS G 46 -48.62 28.38 -7.94
C CYS G 46 -50.07 28.45 -8.42
N THR G 47 -50.47 29.57 -9.00
CA THR G 47 -51.81 29.66 -9.60
C THR G 47 -51.84 28.89 -10.93
N THR G 48 -53.02 28.63 -11.49
CA THR G 48 -53.04 27.81 -12.71
C THR G 48 -52.50 28.53 -13.95
N ASP G 49 -52.46 29.86 -13.91
CA ASP G 49 -51.77 30.66 -14.93
C ASP G 49 -50.35 31.09 -14.49
N GLY G 50 -49.75 30.27 -13.64
CA GLY G 50 -48.32 30.38 -13.38
C GLY G 50 -47.87 31.63 -12.64
N ALA G 51 -48.59 31.97 -11.58
CA ALA G 51 -48.08 32.92 -10.62
C ALA G 51 -47.57 32.11 -9.41
N LEU G 52 -46.28 32.27 -9.14
CA LEU G 52 -45.66 31.56 -8.03
C LEU G 52 -46.00 32.22 -6.70
N LEU G 53 -46.28 31.41 -5.66
CA LEU G 53 -46.74 31.96 -4.41
C LEU G 53 -45.82 31.56 -3.26
N GLY G 54 -46.13 32.02 -2.03
CA GLY G 54 -45.29 31.73 -0.84
C GLY G 54 -43.79 31.81 -1.09
N THR G 55 -43.08 30.72 -0.86
CA THR G 55 -41.65 30.67 -1.08
C THR G 55 -41.35 29.80 -2.28
N THR G 56 -42.40 29.53 -3.05
CA THR G 56 -42.34 28.64 -4.21
C THR G 56 -41.47 29.20 -5.33
N GLN G 57 -40.87 28.26 -6.06
CA GLN G 57 -39.67 28.47 -6.87
C GLN G 57 -39.44 27.28 -7.85
N LEU G 58 -38.74 27.48 -8.95
CA LEU G 58 -38.78 26.51 -10.06
C LEU G 58 -37.91 25.23 -9.94
N SER G 59 -36.76 25.31 -9.26
CA SER G 59 -35.82 24.20 -9.18
C SER G 59 -36.38 23.12 -8.30
N PRO G 60 -36.38 21.88 -8.78
CA PRO G 60 -36.86 20.80 -7.93
C PRO G 60 -35.76 20.21 -7.09
N VAL G 61 -34.53 20.70 -7.24
CA VAL G 61 -33.48 20.24 -6.34
C VAL G 61 -33.12 21.28 -5.31
N ASP G 62 -33.33 22.56 -5.61
CA ASP G 62 -33.06 23.58 -4.62
C ASP G 62 -34.13 23.79 -3.53
N ILE G 63 -34.86 22.74 -3.17
CA ILE G 63 -35.92 22.85 -2.16
C ILE G 63 -35.36 22.27 -0.86
N CYS G 64 -35.53 22.99 0.24
CA CYS G 64 -34.91 22.59 1.52
C CYS G 64 -33.36 22.57 1.50
N THR G 65 -32.77 23.29 0.56
CA THR G 65 -31.33 23.49 0.54
C THR G 65 -31.05 24.84 1.21
N PHE G 66 -29.83 25.02 1.72
CA PHE G 66 -29.34 26.36 2.12
C PHE G 66 -27.94 26.57 1.62
N ARG G 67 -27.60 27.81 1.28
CA ARG G 67 -26.21 28.12 0.92
C ARG G 67 -25.79 29.49 1.46
N GLY G 68 -24.49 29.66 1.67
CA GLY G 68 -23.94 30.90 2.21
C GLY G 68 -22.58 30.64 2.83
N ASP G 69 -22.22 31.48 3.81
CA ASP G 69 -21.00 31.25 4.61
C ASP G 69 -21.34 30.89 6.06
N VAL G 70 -20.40 30.28 6.72
CA VAL G 70 -20.68 29.67 7.98
C VAL G 70 -19.66 30.15 9.04
N THR G 71 -20.10 30.29 10.29
CA THR G 71 -19.18 30.56 11.39
C THR G 71 -19.52 29.71 12.60
N HIS G 72 -18.50 29.44 13.41
CA HIS G 72 -18.59 28.56 14.58
C HIS G 72 -19.25 29.31 15.74
N ILE G 73 -20.02 28.58 16.54
CA ILE G 73 -20.50 29.10 17.81
C ILE G 73 -19.61 28.45 18.84
N ALA G 74 -18.84 29.28 19.53
CA ALA G 74 -17.78 28.82 20.42
C ALA G 74 -18.17 27.69 21.42
N GLY G 75 -17.33 26.65 21.51
CA GLY G 75 -17.51 25.52 22.44
C GLY G 75 -18.77 24.68 22.26
N THR G 76 -19.13 24.44 20.99
CA THR G 76 -20.26 23.59 20.59
C THR G 76 -19.92 22.96 19.26
N GLN G 77 -20.79 22.08 18.78
CA GLN G 77 -20.65 21.52 17.45
C GLN G 77 -21.71 22.15 16.51
N ASN G 78 -21.96 23.44 16.69
CA ASN G 78 -22.97 24.19 15.89
C ASN G 78 -22.45 25.36 15.04
N TYR G 79 -22.97 25.52 13.82
CA TYR G 79 -22.55 26.63 13.01
C TYR G 79 -23.75 27.46 12.60
N THR G 80 -23.49 28.76 12.43
CA THR G 80 -24.47 29.70 11.90
C THR G 80 -24.21 29.90 10.40
N MET G 81 -25.22 29.76 9.56
CA MET G 81 -25.02 30.07 8.15
C MET G 81 -25.59 31.42 7.77
N ASN G 82 -24.76 32.26 7.18
CA ASN G 82 -25.27 33.53 6.67
C ASN G 82 -25.70 33.39 5.25
N LEU G 83 -27.01 33.37 5.07
CA LEU G 83 -27.63 32.96 3.85
C LEU G 83 -27.35 33.91 2.71
N ALA G 84 -27.10 33.29 1.56
CA ALA G 84 -27.03 33.91 0.24
C ALA G 84 -28.16 33.34 -0.60
N SER G 85 -28.47 33.97 -1.73
CA SER G 85 -29.57 33.52 -2.61
C SER G 85 -29.06 32.38 -3.50
N GLN G 86 -29.92 31.83 -4.37
CA GLN G 86 -29.55 30.59 -5.11
C GLN G 86 -28.28 30.75 -5.95
N ASN G 87 -27.96 31.99 -6.28
CA ASN G 87 -26.84 32.35 -7.15
C ASN G 87 -25.63 32.88 -6.40
N TRP G 88 -25.58 32.61 -5.11
CA TRP G 88 -24.52 33.16 -4.27
C TRP G 88 -24.55 34.66 -4.12
N ASN G 89 -25.61 35.25 -4.61
CA ASN G 89 -25.83 36.63 -4.34
C ASN G 89 -26.46 36.84 -3.00
N ASN G 90 -26.24 38.07 -2.51
CA ASN G 90 -26.68 38.53 -1.20
C ASN G 90 -28.18 38.39 -1.07
N TYR G 91 -28.62 37.90 0.08
CA TYR G 91 -30.06 37.69 0.35
C TYR G 91 -30.65 38.98 0.92
N ASP G 92 -31.77 39.41 0.34
CA ASP G 92 -32.37 40.67 0.72
C ASP G 92 -33.63 40.40 1.53
N PRO G 93 -33.60 40.70 2.85
CA PRO G 93 -34.77 40.42 3.68
C PRO G 93 -35.96 41.35 3.42
N THR G 94 -35.75 42.45 2.70
CA THR G 94 -36.82 43.44 2.48
C THR G 94 -37.57 43.19 1.17
N GLU G 95 -37.58 41.93 0.74
CA GLU G 95 -38.25 41.55 -0.48
C GLU G 95 -39.54 40.89 -0.02
N GLU G 96 -40.63 41.20 -0.70
CA GLU G 96 -41.93 40.85 -0.20
C GLU G 96 -42.26 39.33 -0.26
N ILE G 97 -41.55 38.53 0.53
CA ILE G 97 -41.75 37.08 0.54
C ILE G 97 -41.48 36.51 1.93
N PRO G 98 -42.10 35.37 2.25
CA PRO G 98 -41.99 34.84 3.62
C PRO G 98 -40.57 34.52 4.07
N ALA G 99 -39.80 33.96 3.16
CA ALA G 99 -38.42 33.56 3.44
C ALA G 99 -37.69 33.43 2.12
N PRO G 100 -36.38 33.13 2.17
CA PRO G 100 -35.75 32.76 0.89
C PRO G 100 -36.60 31.67 0.19
N LEU G 101 -36.75 31.79 -1.12
CA LEU G 101 -37.46 30.78 -1.89
C LEU G 101 -36.87 29.38 -1.63
N GLY G 102 -37.71 28.38 -1.41
CA GLY G 102 -37.21 27.04 -1.20
C GLY G 102 -36.88 26.73 0.24
N THR G 103 -37.05 27.70 1.14
CA THR G 103 -36.95 27.43 2.58
C THR G 103 -37.97 26.34 2.95
N PRO G 104 -37.61 25.45 3.91
CA PRO G 104 -38.57 24.44 4.36
C PRO G 104 -39.87 25.08 4.81
N ASP G 105 -40.96 24.39 4.64
CA ASP G 105 -42.24 24.96 5.08
C ASP G 105 -42.96 24.03 6.08
N PHE G 106 -42.16 23.44 6.96
CA PHE G 106 -42.68 22.56 7.94
C PHE G 106 -41.71 22.47 9.10
N VAL G 107 -42.26 22.11 10.25
CA VAL G 107 -41.49 22.17 11.47
C VAL G 107 -40.94 20.81 11.75
N GLY G 108 -39.61 20.69 11.70
CA GLY G 108 -39.01 19.41 11.92
C GLY G 108 -37.52 19.55 11.85
N LYS G 109 -36.84 18.46 12.21
CA LYS G 109 -35.39 18.41 12.11
C LYS G 109 -35.01 17.63 10.86
N ILE G 110 -34.49 18.38 9.86
CA ILE G 110 -34.00 17.86 8.57
C ILE G 110 -32.52 17.60 8.60
N GLN G 111 -32.14 16.35 8.28
CA GLN G 111 -30.74 15.89 8.30
C GLN G 111 -30.18 15.83 6.88
N GLY G 112 -29.01 16.41 6.69
CA GLY G 112 -28.32 16.36 5.39
C GLY G 112 -26.80 16.37 5.54
N VAL G 113 -26.13 17.02 4.60
CA VAL G 113 -24.67 17.17 4.64
C VAL G 113 -24.28 18.64 4.39
N LEU G 114 -23.38 19.18 5.20
CA LEU G 114 -22.78 20.47 4.89
C LEU G 114 -21.49 20.24 4.13
N THR G 115 -21.36 20.89 2.98
CA THR G 115 -20.17 20.79 2.13
C THR G 115 -19.57 22.17 1.96
N GLN G 116 -18.24 22.21 1.89
CA GLN G 116 -17.53 23.48 1.79
C GLN G 116 -16.35 23.34 0.83
N THR G 117 -15.94 24.46 0.24
CA THR G 117 -14.84 24.49 -0.72
C THR G 117 -14.02 25.72 -0.41
N THR G 118 -12.74 25.54 -0.23
CA THR G 118 -11.90 26.68 0.00
C THR G 118 -11.54 27.27 -1.34
N ARG G 119 -11.84 28.53 -1.54
CA ARG G 119 -11.68 29.19 -2.85
C ARG G 119 -10.26 29.19 -3.36
N ARG G 120 -9.31 29.33 -2.47
CA ARG G 120 -7.92 29.58 -2.84
C ARG G 120 -7.12 28.34 -3.36
N ASP G 121 -7.38 27.15 -2.80
CA ASP G 121 -6.67 25.89 -3.15
C ASP G 121 -7.56 24.76 -3.68
N GLY G 122 -8.87 25.03 -3.79
CA GLY G 122 -9.84 24.03 -4.23
C GLY G 122 -10.00 22.85 -3.32
N SER G 123 -9.81 23.02 -2.02
CA SER G 123 -9.97 21.88 -1.10
C SER G 123 -11.40 21.76 -0.64
N THR G 124 -11.83 20.55 -0.32
CA THR G 124 -13.21 20.35 0.06
C THR G 124 -13.43 19.56 1.34
N ARG G 125 -14.56 19.85 2.03
CA ARG G 125 -14.99 19.16 3.27
C ARG G 125 -16.51 18.92 3.36
N GLY G 126 -16.91 17.88 4.07
CA GLY G 126 -18.33 17.53 4.23
C GLY G 126 -18.67 16.77 5.51
N HIS G 127 -19.70 17.24 6.21
CA HIS G 127 -20.08 16.69 7.49
C HIS G 127 -21.57 16.56 7.66
N LYS G 128 -21.98 15.45 8.28
CA LYS G 128 -23.38 15.28 8.74
C LYS G 128 -23.84 16.57 9.41
N ALA G 129 -25.00 17.06 9.00
CA ALA G 129 -25.55 18.21 9.68
C ALA G 129 -27.10 18.16 9.79
N THR G 130 -27.65 18.74 10.87
CA THR G 130 -29.12 18.83 11.06
C THR G 130 -29.58 20.30 11.15
N VAL G 131 -30.70 20.65 10.53
CA VAL G 131 -31.29 21.93 10.80
C VAL G 131 -32.65 21.76 11.43
N SER G 132 -32.87 22.45 12.54
CA SER G 132 -34.08 22.29 13.31
C SER G 132 -35.00 23.48 13.03
N THR G 133 -35.93 23.34 12.08
CA THR G 133 -36.81 24.45 11.72
C THR G 133 -37.72 24.86 12.90
N GLY G 134 -37.69 24.01 13.93
CA GLY G 134 -38.38 24.28 15.18
C GLY G 134 -37.66 25.25 16.09
N SER G 135 -36.33 25.16 16.10
CA SER G 135 -35.43 26.00 16.89
C SER G 135 -35.67 27.54 16.85
N VAL G 136 -35.32 28.20 17.94
CA VAL G 136 -35.50 29.64 18.03
C VAL G 136 -34.51 30.35 17.12
N HIS G 137 -33.51 29.56 16.65
CA HIS G 137 -32.37 29.99 15.83
C HIS G 137 -32.59 29.80 14.32
N PHE G 138 -33.79 29.36 13.97
CA PHE G 138 -34.11 29.18 12.58
C PHE G 138 -34.79 30.44 12.09
N THR G 139 -34.05 31.29 11.40
CA THR G 139 -34.54 32.62 11.09
C THR G 139 -34.20 32.98 9.66
N PRO G 140 -34.66 32.16 8.71
CA PRO G 140 -34.27 32.36 7.34
C PRO G 140 -34.61 33.76 6.95
N LYS G 141 -35.81 34.20 7.29
CA LYS G 141 -36.25 35.52 6.89
C LYS G 141 -35.24 36.58 7.31
N LEU G 142 -34.51 36.34 8.39
CA LEU G 142 -33.49 37.30 8.86
C LEU G 142 -32.16 37.12 8.14
N GLY G 143 -32.01 35.98 7.47
CA GLY G 143 -30.86 35.75 6.63
C GLY G 143 -29.86 34.83 7.30
N SER G 144 -30.32 34.10 8.31
CA SER G 144 -29.40 33.38 9.16
C SER G 144 -30.10 32.15 9.66
N VAL G 145 -29.45 30.99 9.56
CA VAL G 145 -29.95 29.79 10.22
C VAL G 145 -28.85 28.99 10.90
N GLN G 146 -29.25 28.07 11.76
CA GLN G 146 -28.29 27.36 12.58
C GLN G 146 -28.25 25.87 12.29
N PHE G 147 -27.03 25.33 12.24
CA PHE G 147 -26.83 23.89 12.02
C PHE G 147 -26.16 23.17 13.16
N SER G 148 -26.56 21.95 13.44
CA SER G 148 -25.79 21.13 14.36
C SER G 148 -25.10 19.97 13.60
N THR G 149 -23.84 19.71 13.95
CA THR G 149 -22.91 18.93 13.10
C THR G 149 -22.02 18.00 13.89
N ASP G 150 -21.24 17.17 13.18
CA ASP G 150 -20.27 16.28 13.88
C ASP G 150 -18.77 16.70 13.81
N THR G 151 -18.53 18.01 13.86
CA THR G 151 -17.19 18.61 13.94
C THR G 151 -17.21 19.92 14.67
N SER G 152 -16.06 20.35 15.19
CA SER G 152 -15.87 21.68 15.74
C SER G 152 -14.76 22.48 15.09
N ASN G 153 -14.00 21.89 14.20
CA ASN G 153 -12.83 22.57 13.72
C ASN G 153 -12.82 22.82 12.26
N ASP G 154 -13.53 22.00 11.52
CA ASP G 154 -13.40 21.95 10.09
C ASP G 154 -13.76 23.07 9.11
N PHE G 155 -14.84 23.78 9.31
CA PHE G 155 -15.22 24.73 8.32
C PHE G 155 -14.54 26.07 8.38
N GLU G 156 -14.01 26.56 7.26
CA GLU G 156 -13.32 27.81 7.30
C GLU G 156 -14.35 28.91 7.17
N THR G 157 -13.98 30.13 7.52
CA THR G 157 -14.87 31.24 7.45
C THR G 157 -14.58 32.03 6.24
N GLY G 158 -15.63 32.51 5.64
CA GLY G 158 -15.53 33.25 4.41
C GLY G 158 -15.60 32.32 3.22
N GLN G 159 -15.93 31.06 3.45
CA GLN G 159 -15.90 30.08 2.36
C GLN G 159 -17.27 29.54 1.96
N ASN G 160 -17.53 29.48 0.65
CA ASN G 160 -18.84 29.01 0.15
C ASN G 160 -19.28 27.66 0.71
N THR G 161 -20.37 27.66 1.48
CA THR G 161 -20.93 26.47 2.12
C THR G 161 -22.34 26.16 1.65
N ARG G 162 -22.61 24.88 1.41
CA ARG G 162 -23.90 24.38 0.88
C ARG G 162 -24.48 23.24 1.75
N PHE G 163 -25.77 23.32 2.01
CA PHE G 163 -26.49 22.24 2.72
C PHE G 163 -27.36 21.48 1.77
N THR G 164 -27.19 20.16 1.75
CA THR G 164 -28.00 19.29 0.93
C THR G 164 -28.88 18.53 1.86
N PRO G 165 -30.21 18.63 1.70
CA PRO G 165 -31.16 17.86 2.48
C PRO G 165 -31.13 16.42 2.10
N VAL G 166 -31.26 15.55 3.10
CA VAL G 166 -31.43 14.12 2.87
C VAL G 166 -32.73 13.58 3.46
N GLY G 167 -32.93 13.73 4.76
CA GLY G 167 -34.12 13.15 5.40
C GLY G 167 -34.47 13.84 6.70
N VAL G 168 -35.45 13.25 7.41
CA VAL G 168 -35.87 13.78 8.71
C VAL G 168 -35.58 12.84 9.89
N VAL G 169 -35.46 13.42 11.09
CA VAL G 169 -35.25 12.64 12.31
C VAL G 169 -36.28 12.88 13.42
N GLN G 170 -36.23 12.02 14.45
CA GLN G 170 -37.01 12.21 15.65
C GLN G 170 -36.44 11.43 16.84
N ASP G 171 -36.79 11.92 18.04
CA ASP G 171 -36.31 11.41 19.31
C ASP G 171 -36.99 10.09 19.74
N GLY G 172 -36.27 8.99 19.55
CA GLY G 172 -36.74 7.64 19.85
C GLY G 172 -37.25 7.45 21.27
N SER G 173 -36.78 8.28 22.21
CA SER G 173 -37.25 8.22 23.60
C SER G 173 -38.65 8.81 23.81
N THR G 174 -39.16 9.58 22.84
CA THR G 174 -40.47 10.27 22.93
C THR G 174 -41.45 9.75 21.86
N THR G 175 -42.76 10.04 22.00
CA THR G 175 -43.80 9.45 21.12
C THR G 175 -43.47 9.37 19.63
N HIS G 176 -43.62 8.18 19.08
CA HIS G 176 -43.25 7.94 17.70
C HIS G 176 -44.09 8.80 16.75
N GLN G 177 -43.48 9.35 15.71
CA GLN G 177 -44.15 10.10 14.64
C GLN G 177 -44.54 11.46 15.13
N ASN G 178 -44.00 11.86 16.28
CA ASN G 178 -44.41 13.12 16.83
C ASN G 178 -43.70 14.30 16.15
N GLU G 179 -42.80 13.98 15.22
CA GLU G 179 -42.23 14.96 14.27
C GLU G 179 -41.66 14.28 13.00
N PRO G 180 -41.48 15.05 11.90
CA PRO G 180 -41.84 16.48 11.79
C PRO G 180 -43.35 16.71 11.83
N GLN G 181 -43.76 17.97 11.89
CA GLN G 181 -45.17 18.29 11.75
C GLN G 181 -45.46 19.02 10.43
N GLN G 182 -45.86 18.28 9.40
CA GLN G 182 -45.83 18.86 8.09
C GLN G 182 -46.77 20.04 7.88
N TRP G 183 -47.68 20.26 8.80
CA TRP G 183 -48.66 21.29 8.58
C TRP G 183 -48.46 22.50 9.50
N VAL G 184 -47.41 22.46 10.30
CA VAL G 184 -47.11 23.59 11.14
C VAL G 184 -46.01 24.38 10.40
N LEU G 185 -46.28 25.63 9.98
CA LEU G 185 -45.19 26.43 9.33
C LEU G 185 -44.18 26.78 10.39
N PRO G 186 -42.87 26.85 10.04
CA PRO G 186 -41.85 27.40 10.95
C PRO G 186 -42.07 28.89 11.22
N ASP G 187 -41.26 29.50 12.09
CA ASP G 187 -41.37 30.94 12.32
C ASP G 187 -40.20 31.52 11.59
N TYR G 188 -40.43 31.98 10.36
CA TYR G 188 -39.36 32.35 9.44
C TYR G 188 -38.48 33.44 9.98
N SER G 189 -39.06 34.38 10.73
CA SER G 189 -38.23 35.35 11.45
C SER G 189 -38.00 34.89 12.91
N GLY G 190 -38.45 33.68 13.26
CA GLY G 190 -38.30 33.13 14.62
C GLY G 190 -39.00 33.97 15.66
N ARG G 191 -38.43 34.05 16.87
CA ARG G 191 -38.82 35.08 17.84
C ARG G 191 -38.70 36.42 17.11
N ASP G 192 -39.26 37.48 17.70
CA ASP G 192 -39.14 38.84 17.19
C ASP G 192 -39.90 39.10 15.90
N SER G 193 -40.72 38.15 15.47
CA SER G 193 -41.45 38.32 14.21
C SER G 193 -42.69 37.45 14.03
N HIS G 194 -43.55 37.87 13.11
CA HIS G 194 -44.73 37.11 12.73
C HIS G 194 -44.63 36.88 11.22
N ASN G 195 -44.82 35.64 10.78
CA ASN G 195 -44.68 35.34 9.37
C ASN G 195 -45.42 36.42 8.58
N VAL G 196 -44.99 36.66 7.35
CA VAL G 196 -45.54 37.68 6.46
C VAL G 196 -45.57 37.18 5.00
N HIS G 197 -46.46 37.75 4.19
CA HIS G 197 -46.59 37.40 2.76
C HIS G 197 -46.76 35.89 2.47
N LEU G 198 -47.43 35.18 3.36
CA LEU G 198 -47.72 33.78 3.15
C LEU G 198 -48.66 33.51 1.96
N ALA G 199 -48.47 32.37 1.30
CA ALA G 199 -49.53 31.85 0.46
C ALA G 199 -50.77 31.58 1.35
N PRO G 200 -51.97 31.90 0.84
CA PRO G 200 -53.19 31.67 1.61
C PRO G 200 -53.28 30.20 1.98
N ALA G 201 -53.82 29.91 3.18
CA ALA G 201 -54.21 28.54 3.52
C ALA G 201 -55.39 28.11 2.64
N VAL G 202 -55.64 26.81 2.54
CA VAL G 202 -56.67 26.32 1.64
C VAL G 202 -57.61 25.34 2.34
N ALA G 203 -58.81 25.18 1.77
CA ALA G 203 -59.79 24.20 2.29
C ALA G 203 -60.88 23.84 1.27
N PRO G 204 -61.53 22.66 1.46
CA PRO G 204 -62.60 22.35 0.57
C PRO G 204 -63.73 23.36 0.79
N THR G 205 -64.20 23.96 -0.29
CA THR G 205 -65.30 24.93 -0.20
C THR G 205 -66.58 24.35 -0.87
N PHE G 206 -66.93 23.10 -0.53
CA PHE G 206 -68.04 22.39 -1.18
C PHE G 206 -68.29 21.13 -0.42
N PRO G 207 -69.59 20.83 -0.14
CA PRO G 207 -70.01 19.70 0.67
C PRO G 207 -69.48 18.41 0.09
N GLY G 208 -68.98 17.53 0.96
CA GLY G 208 -68.58 16.20 0.53
C GLY G 208 -67.18 16.10 -0.03
N GLU G 209 -66.56 17.23 -0.35
CA GLU G 209 -65.21 17.23 -0.91
C GLU G 209 -64.12 17.27 0.18
N GLN G 210 -62.95 16.78 -0.18
CA GLN G 210 -61.69 16.92 0.54
C GLN G 210 -60.54 17.27 -0.45
N LEU G 211 -59.50 17.85 0.13
CA LEU G 211 -58.29 18.09 -0.61
C LEU G 211 -57.78 16.76 -1.08
N LEU G 212 -57.08 16.82 -2.21
CA LEU G 212 -56.33 15.74 -2.76
C LEU G 212 -54.85 16.08 -2.57
N PHE G 213 -54.17 15.28 -1.76
CA PHE G 213 -52.75 15.45 -1.59
C PHE G 213 -51.91 14.50 -2.49
N PHE G 214 -50.82 15.05 -3.06
CA PHE G 214 -49.78 14.33 -3.80
C PHE G 214 -48.69 13.94 -2.81
N ARG G 215 -48.60 12.63 -2.51
CA ARG G 215 -47.85 12.07 -1.34
C ARG G 215 -46.45 11.51 -1.62
N SER G 216 -45.50 11.87 -0.76
CA SER G 216 -44.18 11.24 -0.77
C SER G 216 -43.87 10.63 0.60
N THR G 217 -42.87 9.76 0.66
CA THR G 217 -42.30 9.37 1.96
C THR G 217 -40.88 9.93 2.11
N MET G 218 -40.72 10.96 2.92
CA MET G 218 -39.40 11.49 3.20
C MET G 218 -38.51 10.39 3.79
N PRO G 219 -37.23 10.37 3.45
CA PRO G 219 -36.34 9.39 4.13
C PRO G 219 -36.15 9.73 5.61
N GLY G 220 -36.02 8.69 6.45
CA GLY G 220 -35.69 8.87 7.87
C GLY G 220 -34.26 8.51 8.21
N CYS G 221 -33.58 9.35 9.00
CA CYS G 221 -32.15 9.13 9.25
C CYS G 221 -31.81 8.61 10.62
N SER G 222 -32.72 8.84 11.54
CA SER G 222 -32.63 8.37 12.91
C SER G 222 -34.02 8.43 13.49
N GLY G 223 -34.27 7.61 14.49
CA GLY G 223 -35.53 7.61 15.25
C GLY G 223 -36.73 7.06 14.51
N TYR G 224 -37.89 7.64 14.79
CA TYR G 224 -39.19 7.13 14.32
C TYR G 224 -40.04 8.31 13.81
N PRO G 225 -39.55 8.99 12.77
CA PRO G 225 -40.18 10.20 12.29
C PRO G 225 -41.43 9.94 11.47
N ASN G 226 -42.21 11.01 11.31
CA ASN G 226 -43.44 10.94 10.53
C ASN G 226 -43.09 11.33 9.12
N MET G 227 -42.77 10.32 8.33
CA MET G 227 -42.16 10.62 7.04
C MET G 227 -43.16 11.06 5.95
N ASN G 228 -44.45 11.09 6.28
CA ASN G 228 -45.46 11.54 5.34
C ASN G 228 -45.25 12.97 4.93
N LEU G 229 -45.34 13.23 3.62
CA LEU G 229 -45.22 14.59 3.08
C LEU G 229 -46.14 14.90 1.90
N ASP G 230 -47.07 15.80 2.15
CA ASP G 230 -48.18 16.06 1.24
C ASP G 230 -48.06 17.42 0.58
N CYS G 231 -48.04 17.44 -0.76
CA CYS G 231 -48.02 18.72 -1.44
C CYS G 231 -49.25 18.92 -2.27
N LEU G 232 -49.53 20.19 -2.54
CA LEU G 232 -50.77 20.61 -3.16
C LEU G 232 -50.73 20.45 -4.67
N LEU G 233 -49.54 20.64 -5.25
CA LEU G 233 -49.30 20.52 -6.69
C LEU G 233 -47.97 19.89 -6.86
N PRO G 234 -47.81 19.00 -7.85
CA PRO G 234 -46.49 18.43 -8.07
C PRO G 234 -45.62 19.50 -8.71
N GLN G 235 -44.33 19.47 -8.38
CA GLN G 235 -43.38 20.44 -8.89
C GLN G 235 -43.48 20.64 -10.40
N GLU G 236 -43.52 19.54 -11.15
CA GLU G 236 -43.71 19.60 -12.60
C GLU G 236 -44.94 20.44 -12.98
N TRP G 237 -45.99 20.45 -12.17
CA TRP G 237 -47.16 21.25 -12.50
C TRP G 237 -46.86 22.75 -12.26
N VAL G 238 -46.15 23.03 -11.17
CA VAL G 238 -45.78 24.39 -10.89
C VAL G 238 -44.91 24.82 -12.04
N GLN G 239 -43.94 23.97 -12.33
CA GLN G 239 -43.07 24.18 -13.49
C GLN G 239 -43.84 24.41 -14.80
N HIS G 240 -44.89 23.62 -14.99
CA HIS G 240 -45.73 23.68 -16.20
C HIS G 240 -46.54 24.92 -16.28
N PHE G 241 -47.35 25.19 -15.26
CA PHE G 241 -48.16 26.43 -15.25
C PHE G 241 -47.28 27.65 -15.41
N TYR G 242 -46.08 27.62 -14.85
CA TYR G 242 -45.27 28.80 -14.93
C TYR G 242 -44.89 29.10 -16.39
N GLN G 243 -44.39 28.10 -17.11
CA GLN G 243 -44.05 28.23 -18.53
C GLN G 243 -45.23 28.70 -19.36
N GLU G 244 -46.29 27.88 -19.36
CA GLU G 244 -47.46 28.03 -20.22
C GLU G 244 -48.26 29.32 -20.00
N SER G 245 -48.42 29.72 -18.74
CA SER G 245 -49.20 30.92 -18.38
C SER G 245 -50.57 30.98 -19.06
N ALA G 246 -51.32 29.89 -19.04
CA ALA G 246 -52.64 29.87 -19.68
C ALA G 246 -53.70 30.61 -18.83
N PRO G 247 -54.50 31.49 -19.44
CA PRO G 247 -55.44 32.20 -18.59
C PRO G 247 -56.54 31.27 -18.16
N ALA G 248 -56.99 31.48 -16.93
CA ALA G 248 -58.00 30.67 -16.34
C ALA G 248 -59.30 31.22 -16.83
N GLN G 249 -60.22 30.31 -17.16
CA GLN G 249 -61.50 30.68 -17.78
C GLN G 249 -62.65 30.75 -16.79
N SER G 250 -62.45 30.10 -15.66
CA SER G 250 -63.45 30.05 -14.65
C SER G 250 -62.63 29.78 -13.41
N ASP G 251 -63.29 29.56 -12.28
CA ASP G 251 -62.59 29.29 -11.03
C ASP G 251 -62.01 27.89 -10.97
N VAL G 252 -62.49 26.97 -11.80
CA VAL G 252 -62.13 25.59 -11.56
C VAL G 252 -61.88 24.79 -12.83
N ALA G 253 -60.70 24.18 -12.92
CA ALA G 253 -60.36 23.35 -14.04
C ALA G 253 -60.73 21.94 -13.68
N LEU G 254 -61.73 21.35 -14.36
CA LEU G 254 -62.09 19.91 -14.19
C LEU G 254 -61.06 18.95 -14.77
N LEU G 255 -60.44 18.14 -13.91
CA LEU G 255 -59.43 17.17 -14.39
C LEU G 255 -60.01 15.78 -14.37
N ARG G 256 -59.49 14.92 -15.26
CA ARG G 256 -59.89 13.51 -15.29
C ARG G 256 -58.68 12.60 -15.22
N PHE G 257 -58.74 11.63 -14.31
CA PHE G 257 -57.66 10.69 -14.19
C PHE G 257 -57.96 9.52 -15.08
N VAL G 258 -57.10 9.29 -16.07
CA VAL G 258 -57.37 8.39 -17.19
C VAL G 258 -56.33 7.28 -17.26
N ASN G 259 -56.77 6.03 -17.38
CA ASN G 259 -55.89 4.93 -17.75
C ASN G 259 -55.78 4.91 -19.27
N PRO G 260 -54.60 5.20 -19.84
CA PRO G 260 -54.52 5.31 -21.30
C PRO G 260 -54.60 3.98 -22.09
N ASP G 261 -54.35 2.84 -21.44
CA ASP G 261 -54.57 1.52 -22.06
C ASP G 261 -56.05 1.39 -22.41
N THR G 262 -56.87 1.37 -21.35
CA THR G 262 -58.32 1.21 -21.45
C THR G 262 -59.00 2.39 -22.12
N GLY G 263 -58.48 3.58 -21.90
CA GLY G 263 -59.16 4.80 -22.28
C GLY G 263 -60.12 5.29 -21.20
N ARG G 264 -60.36 4.50 -20.15
CA ARG G 264 -61.38 4.87 -19.14
C ARG G 264 -60.93 5.88 -18.10
N VAL G 265 -61.91 6.60 -17.55
CA VAL G 265 -61.71 7.55 -16.44
C VAL G 265 -61.75 6.79 -15.11
N LEU G 266 -60.94 7.21 -14.15
CA LEU G 266 -60.96 6.55 -12.84
C LEU G 266 -61.67 7.39 -11.77
N PHE G 267 -61.41 8.68 -11.75
CA PHE G 267 -62.16 9.64 -10.93
C PHE G 267 -62.00 11.00 -11.58
N GLU G 268 -62.78 11.97 -11.12
CA GLU G 268 -62.54 13.33 -11.50
C GLU G 268 -62.28 14.14 -10.26
N CYS G 269 -61.74 15.33 -10.47
CA CYS G 269 -61.42 16.18 -9.37
C CYS G 269 -61.35 17.59 -9.89
N LYS G 270 -61.30 18.57 -8.99
CA LYS G 270 -61.24 19.99 -9.35
C LYS G 270 -59.86 20.58 -9.05
N LEU G 271 -59.24 21.18 -10.05
CA LEU G 271 -58.05 21.95 -9.80
C LEU G 271 -58.49 23.40 -9.71
N HIS G 272 -58.33 24.00 -8.54
CA HIS G 272 -58.74 25.40 -8.38
C HIS G 272 -57.69 26.35 -8.91
N LYS G 273 -58.13 27.43 -9.55
CA LYS G 273 -57.19 28.34 -10.16
C LYS G 273 -56.23 28.99 -9.17
N SER G 274 -56.55 28.98 -7.88
CA SER G 274 -55.56 29.38 -6.88
C SER G 274 -54.49 28.30 -6.73
N GLY G 275 -54.79 27.07 -7.18
CA GLY G 275 -53.72 26.11 -7.31
C GLY G 275 -53.57 24.74 -6.70
N TYR G 276 -54.59 24.33 -5.93
CA TYR G 276 -54.71 22.99 -5.37
C TYR G 276 -55.92 22.19 -5.79
N VAL G 277 -55.97 20.95 -5.30
CA VAL G 277 -56.93 19.98 -5.82
C VAL G 277 -57.93 19.42 -4.81
N THR G 278 -59.21 19.38 -5.19
CA THR G 278 -60.24 18.71 -4.38
C THR G 278 -60.93 17.55 -5.08
N VAL G 279 -61.47 16.65 -4.27
CA VAL G 279 -61.99 15.40 -4.77
C VAL G 279 -63.23 15.03 -3.93
N ALA G 280 -64.26 14.43 -4.54
CA ALA G 280 -65.50 14.11 -3.79
C ALA G 280 -65.41 12.75 -3.07
N HIS G 281 -65.01 12.80 -1.79
CA HIS G 281 -64.80 11.63 -0.93
C HIS G 281 -64.78 12.06 0.55
N THR G 282 -65.14 11.13 1.44
CA THR G 282 -65.24 11.44 2.87
C THR G 282 -64.47 10.38 3.63
N GLY G 283 -63.50 10.79 4.43
CA GLY G 283 -62.61 9.84 5.11
C GLY G 283 -61.18 9.83 4.62
N GLN G 284 -60.38 9.00 5.27
CA GLN G 284 -58.96 8.92 4.95
C GLN G 284 -58.76 7.78 4.01
N HIS G 285 -58.12 8.07 2.87
CA HIS G 285 -57.96 7.07 1.80
C HIS G 285 -56.71 7.24 0.97
N ASP G 286 -55.90 6.17 0.91
CA ASP G 286 -54.82 6.03 -0.11
C ASP G 286 -55.47 5.51 -1.39
N LEU G 287 -55.47 6.34 -2.44
CA LEU G 287 -56.05 6.02 -3.75
C LEU G 287 -55.36 4.86 -4.44
N VAL G 288 -56.13 3.97 -5.06
CA VAL G 288 -55.51 2.93 -5.92
C VAL G 288 -55.66 3.32 -7.40
N ILE G 289 -54.51 3.60 -8.02
CA ILE G 289 -54.46 4.08 -9.39
C ILE G 289 -53.57 3.16 -10.20
N PRO G 290 -53.91 2.95 -11.50
CA PRO G 290 -53.03 2.18 -12.41
C PRO G 290 -51.72 2.94 -12.67
N PRO G 291 -50.56 2.24 -12.67
CA PRO G 291 -49.28 2.90 -12.44
C PRO G 291 -48.93 3.93 -13.54
N ASN G 292 -49.63 3.80 -14.68
CA ASN G 292 -49.44 4.66 -15.84
C ASN G 292 -50.62 5.63 -16.14
N GLY G 293 -51.53 5.78 -15.17
CA GLY G 293 -52.57 6.80 -15.25
C GLY G 293 -52.02 8.20 -15.08
N TYR G 294 -52.71 9.18 -15.67
CA TYR G 294 -52.28 10.55 -15.58
C TYR G 294 -53.49 11.44 -15.63
N PHE G 295 -53.32 12.74 -15.39
CA PHE G 295 -54.39 13.72 -15.34
C PHE G 295 -54.65 14.43 -16.67
N ARG G 296 -55.91 14.46 -17.08
CA ARG G 296 -56.28 15.19 -18.30
C ARG G 296 -57.23 16.36 -18.00
N PHE G 297 -56.83 17.57 -18.37
CA PHE G 297 -57.75 18.71 -18.30
C PHE G 297 -58.84 18.49 -19.34
N ASP G 298 -60.11 18.70 -18.93
CA ASP G 298 -61.31 18.40 -19.77
C ASP G 298 -62.25 19.56 -20.02
N SER G 299 -62.49 20.39 -19.02
CA SER G 299 -63.25 21.66 -19.24
C SER G 299 -63.23 22.60 -18.04
N TRP G 300 -63.44 23.88 -18.32
CA TRP G 300 -63.59 24.87 -17.29
C TRP G 300 -65.01 24.84 -16.74
N VAL G 301 -65.11 24.77 -15.42
CA VAL G 301 -66.40 24.73 -14.74
C VAL G 301 -66.42 25.79 -13.65
N ASN G 302 -67.60 26.28 -13.29
CA ASN G 302 -67.83 27.06 -12.07
C ASN G 302 -67.59 26.20 -10.83
N GLN G 303 -67.52 26.87 -9.68
CA GLN G 303 -67.21 26.23 -8.40
C GLN G 303 -68.33 25.34 -7.86
N PHE G 304 -69.55 25.50 -8.42
CA PHE G 304 -70.76 24.75 -8.00
C PHE G 304 -70.90 23.39 -8.66
N TYR G 305 -70.02 23.08 -9.61
CA TYR G 305 -69.97 21.76 -10.23
C TYR G 305 -69.87 20.64 -9.19
N THR G 306 -70.60 19.55 -9.44
CA THR G 306 -70.65 18.43 -8.52
C THR G 306 -69.83 17.27 -9.08
N LEU G 307 -68.84 16.80 -8.33
CA LEU G 307 -68.02 15.68 -8.78
C LEU G 307 -68.68 14.30 -8.54
N ALA G 308 -68.40 13.33 -9.42
CA ALA G 308 -68.78 11.93 -9.19
C ALA G 308 -68.03 11.47 -7.97
N PRO G 309 -68.66 10.67 -7.09
CA PRO G 309 -67.83 10.28 -5.94
C PRO G 309 -66.65 9.44 -6.42
N MET G 310 -65.44 9.74 -5.91
CA MET G 310 -64.28 8.91 -6.11
C MET G 310 -64.37 7.56 -5.33
N GLY G 311 -64.12 6.44 -6.02
CA GLY G 311 -64.33 5.10 -5.44
C GLY G 311 -63.33 4.75 -4.33
N GLU H 1 53.16 -21.06 18.82
CA GLU H 1 53.28 -21.10 17.34
C GLU H 1 52.07 -20.56 16.53
N SER H 2 50.83 -20.76 16.99
CA SER H 2 49.70 -20.28 16.16
C SER H 2 49.42 -18.80 16.44
N ARG H 3 48.62 -18.12 15.60
CA ARG H 3 48.28 -16.72 15.85
C ARG H 3 46.87 -16.71 16.38
N THR H 4 46.78 -17.16 17.63
CA THR H 4 45.56 -17.16 18.46
C THR H 4 45.64 -16.15 19.60
N LYS H 5 44.63 -16.11 20.45
CA LYS H 5 44.66 -15.18 21.54
C LYS H 5 45.57 -15.76 22.63
N PRO H 6 46.18 -14.90 23.46
CA PRO H 6 47.11 -15.35 24.51
C PRO H 6 46.43 -16.13 25.59
N PHE H 7 47.14 -17.09 26.16
CA PHE H 7 46.61 -17.76 27.32
C PHE H 7 46.92 -16.90 28.53
N THR H 8 45.98 -16.83 29.46
CA THR H 8 46.24 -16.13 30.69
C THR H 8 45.58 -16.86 31.82
N VAL H 9 46.05 -16.59 33.04
CA VAL H 9 45.46 -17.13 34.27
C VAL H 9 45.06 -15.95 35.13
N PRO H 10 44.04 -16.15 35.99
CA PRO H 10 43.53 -15.02 36.72
C PRO H 10 44.63 -14.41 37.56
N ILE H 11 44.50 -13.12 37.81
CA ILE H 11 45.42 -12.49 38.71
C ILE H 11 44.59 -12.45 39.97
N LEU H 12 44.83 -13.35 40.90
CA LEU H 12 44.10 -13.38 42.13
C LEU H 12 45.04 -14.08 43.04
N THR H 13 44.88 -13.88 44.31
CA THR H 13 45.82 -14.37 45.28
C THR H 13 45.09 -15.59 45.82
N VAL H 14 45.78 -16.56 46.41
CA VAL H 14 45.05 -17.78 46.78
C VAL H 14 43.94 -17.53 47.81
N GLU H 15 44.23 -16.64 48.78
CA GLU H 15 43.24 -16.24 49.81
C GLU H 15 41.97 -15.60 49.17
N GLU H 16 42.15 -14.96 48.01
CA GLU H 16 41.05 -14.41 47.24
C GLU H 16 40.22 -15.47 46.52
N MET H 17 40.74 -16.68 46.38
CA MET H 17 40.06 -17.72 45.56
C MET H 17 39.27 -18.78 46.36
N THR H 18 38.50 -19.58 45.62
CA THR H 18 37.59 -20.57 46.17
C THR H 18 38.06 -21.99 45.87
N ASN H 19 37.74 -22.94 46.74
CA ASN H 19 37.95 -24.33 46.46
C ASN H 19 36.95 -24.84 45.44
N SER H 20 37.41 -25.70 44.53
CA SER H 20 36.53 -26.18 43.47
C SER H 20 35.76 -27.47 43.76
N ARG H 21 36.00 -28.06 44.94
CA ARG H 21 35.39 -29.33 45.34
C ARG H 21 34.43 -29.11 46.50
N PHE H 22 34.43 -27.89 47.01
CA PHE H 22 33.57 -27.52 48.13
C PHE H 22 33.43 -26.01 48.20
N PRO H 23 32.24 -25.52 48.55
CA PRO H 23 32.07 -24.08 48.37
C PRO H 23 32.66 -23.28 49.54
N ILE H 24 33.99 -23.22 49.66
CA ILE H 24 34.71 -22.49 50.72
C ILE H 24 36.04 -21.88 50.23
N PRO H 25 36.59 -20.88 50.94
CA PRO H 25 37.77 -20.23 50.34
C PRO H 25 39.03 -21.09 50.42
N LEU H 26 39.93 -20.92 49.47
CA LEU H 26 41.25 -21.52 49.58
C LEU H 26 42.08 -20.95 50.72
N GLU H 27 42.84 -21.79 51.40
CA GLU H 27 43.65 -21.29 52.49
C GLU H 27 45.15 -21.38 52.25
N LYS H 28 45.61 -22.48 51.64
CA LYS H 28 47.07 -22.63 51.36
C LYS H 28 47.36 -23.41 50.09
N LEU H 29 48.62 -23.37 49.70
CA LEU H 29 49.16 -24.25 48.72
C LEU H 29 49.84 -25.34 49.50
N PHE H 30 49.66 -26.59 49.06
CA PHE H 30 50.29 -27.75 49.71
C PHE H 30 50.86 -28.66 48.65
N THR H 31 52.02 -29.27 48.88
CA THR H 31 52.49 -30.30 47.97
C THR H 31 52.83 -31.56 48.75
N GLY H 32 52.90 -32.71 48.07
CA GLY H 32 53.03 -34.03 48.72
C GLY H 32 53.21 -35.19 47.73
N PRO H 33 53.59 -36.39 48.21
CA PRO H 33 53.64 -37.50 47.29
C PRO H 33 52.24 -38.11 47.12
N SER H 34 52.04 -38.90 46.06
CA SER H 34 50.70 -39.31 45.69
C SER H 34 50.70 -40.63 44.95
N SER H 35 51.84 -41.29 44.96
CA SER H 35 51.83 -42.56 44.29
C SER H 35 51.13 -43.60 45.16
N ALA H 36 50.87 -43.25 46.42
CA ALA H 36 50.13 -44.14 47.34
C ALA H 36 48.59 -44.07 47.30
N PHE H 37 48.02 -43.17 46.50
CA PHE H 37 46.57 -43.02 46.43
C PHE H 37 46.17 -42.54 44.99
N VAL H 38 44.90 -42.74 44.63
CA VAL H 38 44.46 -42.33 43.29
C VAL H 38 43.88 -40.93 43.36
N VAL H 39 44.50 -39.99 42.65
CA VAL H 39 44.03 -38.60 42.64
C VAL H 39 43.09 -38.47 41.45
N GLN H 40 41.79 -38.56 41.69
CA GLN H 40 40.86 -38.52 40.58
C GLN H 40 39.57 -37.69 40.84
N PRO H 41 39.75 -36.43 41.30
CA PRO H 41 38.59 -35.63 41.60
C PRO H 41 37.76 -35.35 40.33
N GLN H 42 36.46 -35.08 40.50
CA GLN H 42 35.58 -34.85 39.36
C GLN H 42 35.03 -33.41 39.37
N ASN H 43 35.19 -32.73 40.51
CA ASN H 43 34.97 -31.31 40.53
C ASN H 43 36.32 -30.59 40.47
N GLY H 44 36.26 -29.35 39.96
CA GLY H 44 37.43 -28.56 39.60
C GLY H 44 38.34 -29.27 38.60
N ARG H 45 37.78 -29.69 37.48
CA ARG H 45 38.58 -30.26 36.44
C ARG H 45 38.16 -29.58 35.17
N CYS H 46 39.09 -28.79 34.64
CA CYS H 46 38.90 -28.10 33.36
C CYS H 46 40.24 -27.98 32.61
N THR H 47 40.24 -28.10 31.29
CA THR H 47 41.50 -28.01 30.54
C THR H 47 41.90 -26.55 30.38
N THR H 48 43.15 -26.29 30.05
CA THR H 48 43.57 -24.92 30.04
C THR H 48 42.92 -24.23 28.84
N ASP H 49 42.36 -24.99 27.91
CA ASP H 49 41.75 -24.38 26.77
C ASP H 49 40.23 -24.52 26.83
N GLY H 50 39.74 -24.86 28.01
CA GLY H 50 38.37 -24.60 28.38
C GLY H 50 37.36 -25.71 28.33
N ALA H 51 37.81 -26.97 28.42
CA ALA H 51 36.90 -28.13 28.50
C ALA H 51 36.64 -28.54 29.98
N LEU H 52 35.39 -28.32 30.42
CA LEU H 52 34.94 -28.86 31.70
C LEU H 52 34.93 -30.37 31.60
N LEU H 53 35.44 -31.03 32.63
CA LEU H 53 35.50 -32.48 32.66
C LEU H 53 34.81 -32.96 33.90
N GLY H 54 34.69 -34.27 34.03
CA GLY H 54 34.05 -34.87 35.20
C GLY H 54 32.64 -34.33 35.38
N THR H 55 32.39 -33.87 36.60
CA THR H 55 31.13 -33.24 36.99
C THR H 55 31.36 -31.76 37.29
N THR H 56 32.60 -31.29 37.11
CA THR H 56 32.94 -29.88 37.23
C THR H 56 31.95 -28.98 36.48
N GLN H 57 31.56 -27.92 37.17
CA GLN H 57 30.58 -27.00 36.65
C GLN H 57 31.06 -25.62 37.07
N LEU H 58 30.33 -24.55 36.73
CA LEU H 58 30.87 -23.16 36.76
C LEU H 58 30.60 -22.33 38.02
N SER H 59 29.56 -22.68 38.75
CA SER H 59 29.07 -21.82 39.81
C SER H 59 29.55 -22.27 41.18
N PRO H 60 30.19 -21.35 41.94
CA PRO H 60 30.80 -21.85 43.14
C PRO H 60 29.79 -22.19 44.20
N VAL H 61 28.52 -21.83 44.06
CA VAL H 61 27.61 -22.22 45.16
C VAL H 61 27.02 -23.57 44.87
N ASP H 62 27.10 -23.97 43.62
CA ASP H 62 26.50 -25.23 43.16
C ASP H 62 27.38 -26.49 43.31
N ILE H 63 28.47 -26.40 44.06
CA ILE H 63 29.37 -27.51 44.26
C ILE H 63 28.87 -28.31 45.43
N CYS H 64 28.96 -29.63 45.33
CA CYS H 64 28.31 -30.55 46.30
C CYS H 64 26.92 -30.12 46.69
N THR H 65 26.14 -29.65 45.73
CA THR H 65 24.73 -29.37 45.99
C THR H 65 23.84 -30.38 45.28
N PHE H 66 22.64 -30.58 45.79
CA PHE H 66 21.65 -31.30 45.04
C PHE H 66 20.36 -30.50 45.04
N ARG H 67 19.48 -30.83 44.11
CA ARG H 67 18.17 -30.25 44.06
C ARG H 67 17.31 -31.16 43.22
N GLY H 68 16.02 -31.15 43.53
CA GLY H 68 15.00 -31.88 42.79
C GLY H 68 13.77 -31.84 43.65
N ASP H 69 12.82 -32.73 43.41
CA ASP H 69 11.72 -32.82 44.36
C ASP H 69 11.95 -33.94 45.37
N VAL H 70 11.25 -33.93 46.50
CA VAL H 70 11.41 -35.03 47.46
C VAL H 70 10.12 -35.86 47.75
N THR H 71 10.32 -37.10 48.22
CA THR H 71 9.27 -37.83 48.94
C THR H 71 9.80 -38.48 50.24
N HIS H 72 9.05 -38.31 51.33
CA HIS H 72 9.39 -38.81 52.66
C HIS H 72 9.30 -40.33 52.65
N ILE H 73 10.15 -41.01 53.43
CA ILE H 73 10.03 -42.48 53.52
C ILE H 73 9.42 -42.91 54.85
N ALA H 74 8.49 -43.85 54.75
CA ALA H 74 7.71 -44.42 55.84
C ALA H 74 8.44 -44.65 57.19
N GLY H 75 7.99 -43.94 58.23
CA GLY H 75 8.41 -44.21 59.63
C GLY H 75 9.89 -44.00 59.93
N THR H 76 10.55 -43.24 59.04
CA THR H 76 11.94 -42.80 59.15
C THR H 76 12.00 -41.28 59.21
N GLN H 77 13.15 -40.76 59.61
CA GLN H 77 13.48 -39.34 59.50
C GLN H 77 14.20 -39.09 58.17
N ASN H 78 13.79 -39.76 57.10
CA ASN H 78 14.57 -39.80 55.86
C ASN H 78 13.77 -39.49 54.60
N TYR H 79 14.43 -38.89 53.59
CA TYR H 79 13.80 -38.48 52.30
C TYR H 79 14.62 -38.87 51.04
N THR H 80 13.93 -39.34 50.00
CA THR H 80 14.51 -39.58 48.68
C THR H 80 14.31 -38.32 47.85
N MET H 81 15.37 -37.84 47.22
CA MET H 81 15.26 -36.71 46.31
C MET H 81 15.42 -37.16 44.86
N ASN H 82 14.41 -36.96 44.01
CA ASN H 82 14.62 -37.12 42.57
C ASN H 82 15.31 -35.90 42.05
N LEU H 83 16.41 -36.12 41.35
CA LEU H 83 17.36 -35.07 41.08
C LEU H 83 17.03 -34.27 39.84
N ALA H 84 17.34 -33.00 39.89
CA ALA H 84 17.18 -32.14 38.73
C ALA H 84 18.49 -31.46 38.44
N SER H 85 18.66 -31.10 37.16
CA SER H 85 19.81 -30.37 36.66
C SER H 85 19.71 -28.92 37.06
N GLN H 86 20.78 -28.18 36.79
CA GLN H 86 20.90 -26.81 37.28
C GLN H 86 19.79 -25.88 36.76
N ASN H 87 19.24 -26.21 35.60
CA ASN H 87 18.11 -25.50 35.04
C ASN H 87 16.75 -26.10 35.48
N TRP H 88 16.71 -26.77 36.65
CA TRP H 88 15.48 -27.39 37.20
C TRP H 88 14.73 -28.36 36.29
N ASN H 89 15.30 -28.64 35.13
CA ASN H 89 14.81 -29.73 34.29
C ASN H 89 15.08 -31.05 34.94
N ASN H 90 14.29 -32.05 34.60
CA ASN H 90 14.56 -33.40 35.09
C ASN H 90 15.94 -33.89 34.63
N TYR H 91 16.70 -34.53 35.52
CA TYR H 91 18.06 -34.98 35.21
C TYR H 91 18.06 -36.15 34.24
N ASP H 92 19.05 -36.17 33.35
CA ASP H 92 19.14 -37.15 32.28
C ASP H 92 20.30 -38.13 32.50
N PRO H 93 19.99 -39.36 32.93
CA PRO H 93 21.10 -40.24 33.22
C PRO H 93 21.93 -40.52 32.00
N THR H 94 21.39 -40.30 30.81
CA THR H 94 22.03 -40.75 29.58
C THR H 94 23.11 -39.82 29.06
N GLU H 95 23.09 -38.59 29.56
CA GLU H 95 24.06 -37.57 29.20
C GLU H 95 25.43 -38.00 29.70
N GLU H 96 26.47 -37.89 28.87
CA GLU H 96 27.74 -38.56 29.17
C GLU H 96 28.58 -37.86 30.24
N ILE H 97 28.11 -37.87 31.48
CA ILE H 97 28.84 -37.33 32.63
C ILE H 97 28.63 -38.25 33.84
N PRO H 98 29.56 -38.21 34.81
CA PRO H 98 29.52 -39.27 35.80
C PRO H 98 28.32 -39.26 36.73
N ALA H 99 27.67 -38.11 36.84
CA ALA H 99 26.59 -37.88 37.80
C ALA H 99 26.13 -36.47 37.48
N PRO H 100 25.03 -35.99 38.08
CA PRO H 100 24.61 -34.62 37.78
C PRO H 100 25.69 -33.61 38.16
N LEU H 101 25.89 -32.62 37.29
CA LEU H 101 26.97 -31.64 37.45
C LEU H 101 26.98 -31.09 38.86
N GLY H 102 28.14 -31.13 39.50
CA GLY H 102 28.30 -30.60 40.85
C GLY H 102 28.26 -31.59 42.01
N THR H 103 27.75 -32.81 41.77
CA THR H 103 27.67 -33.90 42.75
C THR H 103 28.96 -34.04 43.56
N PRO H 104 28.88 -34.38 44.85
CA PRO H 104 30.16 -34.47 45.55
C PRO H 104 31.07 -35.54 44.93
N ASP H 105 32.38 -35.42 45.14
CA ASP H 105 33.32 -36.33 44.51
C ASP H 105 34.21 -37.09 45.50
N PHE H 106 33.66 -37.27 46.70
CA PHE H 106 34.31 -38.06 47.72
C PHE H 106 33.33 -38.85 48.58
N VAL H 107 33.89 -39.75 49.36
CA VAL H 107 33.11 -40.59 50.25
C VAL H 107 33.12 -39.96 51.62
N GLY H 108 31.92 -39.65 52.12
CA GLY H 108 31.81 -39.01 53.40
C GLY H 108 30.38 -38.71 53.72
N LYS H 109 30.13 -38.42 54.99
CA LYS H 109 28.80 -38.08 55.45
C LYS H 109 28.79 -36.54 55.41
N ILE H 110 28.08 -35.99 54.44
CA ILE H 110 28.04 -34.53 54.25
C ILE H 110 26.89 -33.85 55.00
N GLN H 111 27.19 -32.84 55.79
CA GLN H 111 26.17 -32.12 56.54
C GLN H 111 25.71 -30.83 55.85
N GLY H 112 24.42 -30.66 55.63
CA GLY H 112 23.98 -29.43 55.01
C GLY H 112 22.63 -29.01 55.51
N VAL H 113 21.89 -28.33 54.66
CA VAL H 113 20.57 -27.87 54.97
C VAL H 113 19.77 -28.15 53.76
N LEU H 114 18.50 -28.42 53.92
CA LEU H 114 17.63 -28.65 52.80
C LEU H 114 16.66 -27.55 52.95
N THR H 115 16.34 -26.84 51.88
CA THR H 115 15.48 -25.71 52.01
C THR H 115 14.50 -25.75 50.93
N GLN H 116 13.38 -25.09 51.13
CA GLN H 116 12.39 -24.94 50.10
C GLN H 116 12.03 -23.50 49.84
N THR H 117 10.75 -23.26 49.94
CA THR H 117 10.18 -21.96 49.74
C THR H 117 10.36 -21.06 50.94
N THR H 118 10.33 -19.76 50.69
CA THR H 118 10.38 -18.75 51.71
C THR H 118 9.16 -18.84 52.59
N ARG H 119 9.36 -18.62 53.87
CA ARG H 119 8.36 -18.67 54.91
C ARG H 119 7.71 -17.29 55.14
N ARG H 120 6.59 -17.25 55.85
CA ARG H 120 5.84 -16.03 56.01
C ARG H 120 6.61 -14.90 56.65
N ASP H 121 7.71 -15.22 57.32
CA ASP H 121 8.55 -14.21 57.99
C ASP H 121 9.75 -13.80 57.12
N GLY H 122 9.84 -14.34 55.93
CA GLY H 122 10.84 -13.87 55.00
C GLY H 122 12.07 -14.72 54.96
N SER H 123 12.30 -15.48 56.03
CA SER H 123 13.45 -16.35 56.10
C SER H 123 13.20 -17.63 55.36
N THR H 124 14.23 -18.10 54.64
CA THR H 124 14.20 -19.42 54.03
C THR H 124 14.35 -20.52 55.08
N ARG H 125 13.33 -21.36 55.16
CA ARG H 125 13.24 -22.41 56.18
C ARG H 125 14.33 -23.50 55.98
N GLY H 126 15.44 -23.40 56.73
CA GLY H 126 16.51 -24.39 56.67
C GLY H 126 16.37 -25.54 57.67
N HIS H 127 16.34 -26.80 57.17
CA HIS H 127 16.26 -28.06 57.99
C HIS H 127 17.54 -28.89 57.94
N LYS H 128 18.29 -28.90 59.05
CA LYS H 128 19.58 -29.62 59.12
C LYS H 128 19.41 -31.01 58.49
N ALA H 129 20.31 -31.39 57.57
CA ALA H 129 20.22 -32.67 56.86
C ALA H 129 21.58 -33.25 56.58
N THR H 130 21.58 -34.53 56.22
CA THR H 130 22.80 -35.30 56.03
C THR H 130 22.63 -36.19 54.81
N VAL H 131 23.65 -36.19 53.94
CA VAL H 131 23.73 -37.11 52.82
C VAL H 131 25.02 -37.89 52.88
N SER H 132 24.84 -39.20 52.89
CA SER H 132 25.94 -40.10 53.12
C SER H 132 26.41 -40.77 51.81
N THR H 133 27.45 -40.24 51.19
CA THR H 133 27.83 -40.63 49.83
C THR H 133 28.39 -42.05 49.69
N GLY H 134 28.80 -42.65 50.79
CA GLY H 134 29.27 -44.03 50.75
C GLY H 134 28.15 -45.03 50.74
N SER H 135 26.95 -44.60 51.08
CA SER H 135 25.84 -45.51 51.39
C SER H 135 25.16 -46.09 50.14
N VAL H 136 24.47 -47.23 50.31
CA VAL H 136 23.77 -47.90 49.21
C VAL H 136 22.72 -47.02 48.52
N HIS H 137 22.25 -46.00 49.20
CA HIS H 137 21.11 -45.28 48.68
C HIS H 137 21.60 -44.03 47.96
N PHE H 138 22.92 -43.89 47.90
CA PHE H 138 23.53 -42.80 47.16
C PHE H 138 23.75 -43.22 45.71
N THR H 139 22.79 -42.90 44.85
CA THR H 139 22.82 -43.35 43.45
C THR H 139 22.54 -42.22 42.44
N PRO H 140 23.28 -41.10 42.56
CA PRO H 140 23.09 -39.90 41.76
C PRO H 140 22.96 -40.14 40.27
N LYS H 141 23.80 -41.01 39.71
CA LYS H 141 23.77 -41.22 38.27
C LYS H 141 22.47 -41.91 37.85
N LEU H 142 21.75 -42.48 38.81
CA LEU H 142 20.48 -43.09 38.54
C LEU H 142 19.42 -42.05 38.75
N GLY H 143 19.82 -40.87 39.21
CA GLY H 143 18.92 -39.71 39.35
C GLY H 143 18.26 -39.51 40.71
N SER H 144 18.87 -40.09 41.75
CA SER H 144 18.24 -40.28 43.05
C SER H 144 19.29 -40.38 44.18
N VAL H 145 19.07 -39.63 45.26
CA VAL H 145 19.91 -39.72 46.46
C VAL H 145 19.04 -39.63 47.70
N GLN H 146 19.64 -39.88 48.88
CA GLN H 146 18.85 -40.06 50.11
C GLN H 146 19.45 -39.27 51.29
N PHE H 147 18.62 -38.41 51.89
CA PHE H 147 19.01 -37.57 53.04
C PHE H 147 18.41 -38.04 54.32
N SER H 148 19.12 -37.78 55.40
CA SER H 148 18.57 -38.02 56.72
C SER H 148 18.43 -36.67 57.39
N THR H 149 17.35 -36.52 58.12
CA THR H 149 16.96 -35.26 58.69
C THR H 149 16.77 -35.46 60.14
N ASP H 150 16.70 -34.36 60.87
CA ASP H 150 16.38 -34.45 62.25
C ASP H 150 14.88 -34.52 62.30
N THR H 151 14.33 -35.45 61.55
CA THR H 151 12.90 -35.74 61.59
C THR H 151 12.19 -34.42 61.60
N SER H 152 12.52 -33.59 60.63
CA SER H 152 12.01 -32.24 60.63
C SER H 152 10.62 -32.16 60.07
N ASN H 153 9.65 -32.59 60.85
CA ASN H 153 8.28 -32.42 60.45
C ASN H 153 7.90 -33.09 59.17
N ASP H 154 7.29 -32.28 58.30
CA ASP H 154 6.77 -32.70 57.03
C ASP H 154 7.40 -31.79 56.03
N PHE H 155 7.49 -32.28 54.80
CA PHE H 155 8.12 -31.54 53.74
C PHE H 155 7.19 -31.47 52.56
N GLU H 156 7.07 -30.29 51.98
CA GLU H 156 6.34 -30.12 50.73
C GLU H 156 6.74 -31.17 49.72
N THR H 157 5.76 -31.79 49.07
CA THR H 157 5.98 -32.90 48.11
C THR H 157 5.78 -32.43 46.67
N GLY H 158 6.65 -32.86 45.76
CA GLY H 158 6.59 -32.42 44.35
C GLY H 158 6.90 -30.94 44.16
N GLN H 159 7.53 -30.35 45.18
CA GLN H 159 7.93 -28.96 45.16
C GLN H 159 9.46 -28.85 45.22
N ASN H 160 10.01 -27.99 44.36
CA ASN H 160 11.45 -27.76 44.23
C ASN H 160 12.15 -27.60 45.55
N THR H 161 13.28 -28.27 45.70
CA THR H 161 13.91 -28.45 46.99
C THR H 161 15.41 -28.57 46.79
N ARG H 162 16.17 -27.94 47.66
CA ARG H 162 17.58 -27.76 47.47
C ARG H 162 18.42 -28.10 48.65
N PHE H 163 19.59 -28.66 48.40
CA PHE H 163 20.50 -29.02 49.47
C PHE H 163 21.77 -28.20 49.38
N THR H 164 22.13 -27.54 50.48
CA THR H 164 23.31 -26.69 50.49
C THR H 164 24.26 -27.25 51.51
N PRO H 165 25.43 -27.68 51.06
CA PRO H 165 26.47 -28.29 51.85
C PRO H 165 27.06 -27.33 52.88
N VAL H 166 27.48 -27.83 54.04
CA VAL H 166 28.02 -26.98 55.10
C VAL H 166 29.28 -27.57 55.69
N GLY H 167 29.32 -28.89 55.82
CA GLY H 167 30.49 -29.60 56.37
C GLY H 167 30.47 -31.12 56.25
N VAL H 168 31.49 -31.79 56.81
CA VAL H 168 31.48 -33.26 56.87
C VAL H 168 31.74 -33.79 58.26
N VAL H 169 30.95 -34.78 58.64
CA VAL H 169 31.04 -35.27 59.99
C VAL H 169 32.15 -36.30 60.14
N GLN H 170 33.15 -35.96 60.97
CA GLN H 170 34.02 -36.93 61.64
C GLN H 170 33.51 -37.06 63.12
N ASP H 171 32.79 -38.16 63.45
CA ASP H 171 32.09 -38.33 64.75
C ASP H 171 33.00 -39.00 65.79
N GLU H 179 36.30 -42.34 58.07
CA GLU H 179 36.11 -41.37 56.99
C GLU H 179 36.07 -39.93 57.50
N PRO H 180 36.01 -38.93 56.58
CA PRO H 180 35.89 -39.07 55.11
C PRO H 180 37.20 -39.47 54.41
N GLN H 181 37.12 -39.75 53.11
CA GLN H 181 38.32 -39.97 52.29
C GLN H 181 38.19 -39.16 51.03
N GLN H 182 38.87 -38.02 50.97
CA GLN H 182 38.72 -37.05 49.86
C GLN H 182 39.12 -37.61 48.50
N TRP H 183 40.02 -38.57 48.52
CA TRP H 183 40.48 -39.13 47.28
C TRP H 183 39.77 -40.42 46.87
N VAL H 184 38.62 -40.75 47.46
CA VAL H 184 37.85 -41.93 47.04
C VAL H 184 36.49 -41.55 46.43
N LEU H 185 36.35 -41.74 45.12
CA LEU H 185 35.06 -41.47 44.47
C LEU H 185 33.99 -42.38 45.07
N PRO H 186 32.78 -41.83 45.30
CA PRO H 186 31.55 -42.57 45.60
C PRO H 186 31.20 -43.49 44.43
N ASP H 187 30.20 -44.36 44.61
CA ASP H 187 29.72 -45.18 43.48
C ASP H 187 28.51 -44.46 42.97
N TYR H 188 28.68 -43.73 41.89
CA TYR H 188 27.64 -42.83 41.44
C TYR H 188 26.38 -43.58 41.06
N SER H 189 26.52 -44.78 40.50
CA SER H 189 25.34 -45.53 40.14
C SER H 189 24.95 -46.52 41.26
N GLY H 190 25.62 -46.38 42.41
CA GLY H 190 25.40 -47.27 43.55
C GLY H 190 26.19 -48.56 43.44
N ARG H 191 25.83 -49.51 44.29
CA ARG H 191 26.57 -50.76 44.42
C ARG H 191 26.66 -51.60 43.17
N ASP H 192 27.87 -52.11 42.93
CA ASP H 192 28.11 -52.96 41.78
C ASP H 192 27.76 -52.26 40.47
N SER H 193 28.44 -51.15 40.26
CA SER H 193 28.21 -50.36 39.11
C SER H 193 29.43 -49.54 38.89
N HIS H 194 29.96 -49.59 37.69
CA HIS H 194 31.13 -48.81 37.37
C HIS H 194 30.79 -47.35 37.15
N ASN H 195 31.65 -46.48 37.67
CA ASN H 195 31.57 -45.08 37.31
C ASN H 195 31.94 -44.96 35.82
N VAL H 196 31.29 -44.00 35.13
CA VAL H 196 31.53 -43.73 33.72
C VAL H 196 31.99 -42.29 33.52
N HIS H 197 32.72 -42.08 32.44
CA HIS H 197 32.98 -40.73 31.95
C HIS H 197 33.87 -39.87 32.86
N LEU H 198 34.65 -40.51 33.73
CA LEU H 198 35.44 -39.77 34.73
C LEU H 198 36.52 -38.90 34.12
N ALA H 199 36.80 -37.77 34.75
CA ALA H 199 38.04 -37.05 34.49
C ALA H 199 39.18 -37.98 34.82
N PRO H 200 40.30 -37.87 34.07
CA PRO H 200 41.42 -38.78 34.27
C PRO H 200 41.96 -38.72 35.68
N ALA H 201 42.57 -39.80 36.16
CA ALA H 201 43.40 -39.64 37.33
C ALA H 201 44.68 -38.89 36.93
N VAL H 202 45.33 -38.27 37.90
CA VAL H 202 46.54 -37.51 37.57
C VAL H 202 47.71 -37.84 38.45
N ALA H 203 48.90 -37.66 37.90
CA ALA H 203 50.15 -37.89 38.61
C ALA H 203 51.29 -37.01 38.01
N PRO H 204 52.36 -36.73 38.80
CA PRO H 204 53.55 -36.06 38.29
C PRO H 204 54.25 -37.00 37.35
N THR H 205 54.69 -36.51 36.20
CA THR H 205 55.31 -37.39 35.23
C THR H 205 56.71 -36.91 34.91
N PHE H 206 57.47 -36.64 35.97
CA PHE H 206 58.79 -36.03 35.86
C PHE H 206 59.53 -36.34 37.12
N PRO H 207 60.87 -36.36 37.04
CA PRO H 207 61.72 -36.61 38.17
C PRO H 207 61.62 -35.56 39.26
N GLY H 208 61.24 -36.03 40.44
CA GLY H 208 61.23 -35.25 41.64
C GLY H 208 60.24 -34.12 41.62
N GLU H 209 59.23 -34.18 40.74
CA GLU H 209 58.08 -33.26 40.82
C GLU H 209 56.98 -33.92 41.65
N GLN H 210 56.10 -33.12 42.23
CA GLN H 210 54.95 -33.65 42.91
C GLN H 210 53.80 -32.80 42.47
N LEU H 211 52.59 -33.25 42.79
CA LEU H 211 51.38 -32.49 42.54
C LEU H 211 51.35 -31.29 43.45
N LEU H 212 50.88 -30.16 42.94
CA LEU H 212 50.60 -29.00 43.78
C LEU H 212 49.09 -28.86 44.04
N PHE H 213 48.70 -28.91 45.31
CA PHE H 213 47.29 -28.87 45.68
C PHE H 213 46.90 -27.50 46.16
N PHE H 214 45.64 -27.13 45.86
CA PHE H 214 45.00 -25.92 46.33
C PHE H 214 44.12 -26.39 47.47
N ARG H 215 44.48 -25.99 48.70
CA ARG H 215 43.94 -26.59 49.94
C ARG H 215 43.03 -25.73 50.82
N SER H 216 41.98 -26.36 51.33
CA SER H 216 41.11 -25.79 52.34
C SER H 216 40.96 -26.74 53.51
N THR H 217 40.33 -26.29 54.57
CA THR H 217 40.04 -27.13 55.71
C THR H 217 38.56 -27.33 55.67
N MET H 218 38.10 -28.57 55.68
CA MET H 218 36.67 -28.74 55.69
C MET H 218 36.04 -28.53 57.02
N PRO H 219 34.98 -27.69 57.07
CA PRO H 219 34.34 -27.49 58.37
C PRO H 219 33.84 -28.81 58.98
N GLY H 220 34.46 -29.19 60.09
CA GLY H 220 33.97 -30.31 60.87
C GLY H 220 32.89 -29.75 61.79
N CYS H 221 31.75 -30.43 61.84
CA CYS H 221 30.70 -30.17 62.86
C CYS H 221 31.00 -31.06 64.12
N SER H 222 32.23 -31.60 64.15
CA SER H 222 32.79 -32.47 65.22
C SER H 222 33.44 -31.64 66.31
N MET H 227 40.71 -33.42 57.91
CA MET H 227 39.69 -32.44 57.49
C MET H 227 40.03 -31.70 56.15
N ASN H 228 41.29 -31.81 55.70
CA ASN H 228 41.77 -31.28 54.39
C ASN H 228 41.04 -31.64 53.11
N LEU H 229 40.81 -30.62 52.32
CA LEU H 229 40.17 -30.79 51.04
C LEU H 229 41.02 -30.12 50.00
N ASP H 230 41.57 -30.90 49.08
CA ASP H 230 42.49 -30.37 48.10
C ASP H 230 41.88 -30.41 46.74
N CYS H 231 42.04 -29.34 45.98
CA CYS H 231 41.49 -29.31 44.64
C CYS H 231 42.60 -29.00 43.66
N LEU H 232 42.39 -29.27 42.38
CA LEU H 232 43.52 -29.25 41.47
C LEU H 232 43.65 -27.91 40.77
N LEU H 233 42.55 -27.16 40.77
CA LEU H 233 42.49 -25.83 40.16
C LEU H 233 41.49 -25.06 41.00
N PRO H 234 41.79 -23.81 41.33
CA PRO H 234 40.84 -23.00 42.04
C PRO H 234 39.65 -22.82 41.14
N GLN H 235 38.46 -22.81 41.72
CA GLN H 235 37.24 -22.59 40.97
C GLN H 235 37.32 -21.36 40.05
N GLU H 236 38.08 -20.36 40.49
CA GLU H 236 38.18 -19.18 39.71
C GLU H 236 39.01 -19.48 38.46
N TRP H 237 39.94 -20.43 38.56
CA TRP H 237 40.69 -20.86 37.36
C TRP H 237 39.82 -21.63 36.42
N VAL H 238 39.01 -22.53 36.97
CA VAL H 238 38.03 -23.21 36.15
C VAL H 238 37.23 -22.20 35.35
N GLN H 239 36.65 -21.23 36.04
CA GLN H 239 35.78 -20.27 35.39
C GLN H 239 36.53 -19.55 34.31
N HIS H 240 37.75 -19.16 34.60
CA HIS H 240 38.51 -18.34 33.67
C HIS H 240 38.85 -19.11 32.40
N PHE H 241 39.26 -20.38 32.55
CA PHE H 241 39.62 -21.17 31.40
C PHE H 241 38.43 -21.44 30.46
N TYR H 242 37.29 -21.80 31.05
CA TYR H 242 36.08 -22.02 30.27
C TYR H 242 35.71 -20.76 29.52
N GLN H 243 35.76 -19.61 30.18
CA GLN H 243 35.43 -18.37 29.51
C GLN H 243 36.38 -18.01 28.42
N GLU H 244 37.68 -18.16 28.66
CA GLU H 244 38.66 -17.59 27.78
C GLU H 244 38.99 -18.49 26.62
N SER H 245 39.05 -19.81 26.87
CA SER H 245 39.25 -20.85 25.88
C SER H 245 40.40 -20.56 25.02
N ALA H 246 41.44 -20.04 25.63
CA ALA H 246 42.65 -19.72 24.92
C ALA H 246 43.35 -20.98 24.43
N PRO H 247 43.62 -21.05 23.13
CA PRO H 247 44.35 -22.21 22.65
C PRO H 247 45.70 -22.44 23.36
N ALA H 248 45.90 -23.67 23.86
CA ALA H 248 47.19 -24.15 24.40
C ALA H 248 48.17 -24.40 23.26
N GLN H 249 49.33 -23.79 23.32
CA GLN H 249 50.36 -23.95 22.31
C GLN H 249 51.34 -25.11 22.57
N SER H 250 51.33 -25.70 23.76
CA SER H 250 52.12 -26.88 24.09
C SER H 250 51.35 -27.59 25.19
N ASP H 251 51.87 -28.66 25.79
CA ASP H 251 51.05 -29.27 26.86
C ASP H 251 51.39 -28.76 28.24
N VAL H 252 52.35 -27.83 28.33
CA VAL H 252 52.72 -27.31 29.63
C VAL H 252 52.89 -25.83 29.62
N ALA H 253 52.04 -25.11 30.36
CA ALA H 253 52.22 -23.69 30.65
C ALA H 253 53.13 -23.54 31.85
N LEU H 254 54.23 -22.83 31.69
CA LEU H 254 55.09 -22.55 32.82
C LEU H 254 54.57 -21.33 33.58
N LEU H 255 54.37 -21.47 34.89
CA LEU H 255 53.94 -20.34 35.73
C LEU H 255 55.03 -19.98 36.70
N ARG H 256 55.20 -18.68 36.93
CA ARG H 256 55.94 -18.19 38.07
C ARG H 256 54.95 -17.58 39.05
N PHE H 257 55.21 -17.80 40.33
CA PHE H 257 54.43 -17.23 41.38
C PHE H 257 55.25 -16.08 41.89
N VAL H 258 54.66 -14.89 41.86
CA VAL H 258 55.39 -13.66 42.05
C VAL H 258 54.92 -12.96 43.32
N ASN H 259 55.90 -12.37 44.00
CA ASN H 259 55.72 -11.48 45.12
C ASN H 259 55.67 -10.05 44.58
N PRO H 260 54.47 -9.43 44.50
CA PRO H 260 54.43 -8.11 43.82
C PRO H 260 55.21 -6.99 44.55
N ASP H 261 55.45 -7.21 45.85
CA ASP H 261 56.19 -6.33 46.73
C ASP H 261 57.59 -6.18 46.20
N THR H 262 58.35 -7.25 46.32
CA THR H 262 59.73 -7.26 45.86
C THR H 262 59.83 -7.41 44.33
N GLY H 263 58.75 -7.84 43.68
CA GLY H 263 58.79 -8.10 42.24
C GLY H 263 59.44 -9.42 41.88
N ARG H 264 59.99 -10.10 42.88
CA ARG H 264 60.73 -11.34 42.66
C ARG H 264 59.90 -12.66 42.68
N VAL H 265 60.46 -13.67 42.02
CA VAL H 265 59.82 -14.97 41.85
C VAL H 265 60.08 -15.92 43.01
N LEU H 266 59.00 -16.41 43.60
CA LEU H 266 59.10 -17.30 44.76
C LEU H 266 59.50 -18.73 44.38
N PHE H 267 58.79 -19.24 43.38
CA PHE H 267 58.95 -20.56 42.79
C PHE H 267 58.19 -20.57 41.49
N GLU H 268 58.54 -21.50 40.60
CA GLU H 268 57.82 -21.70 39.36
C GLU H 268 57.17 -23.04 39.41
N CYS H 269 56.15 -23.24 38.60
CA CYS H 269 55.46 -24.53 38.50
C CYS H 269 54.95 -24.80 37.08
N LYS H 270 54.55 -26.03 36.82
CA LYS H 270 54.04 -26.34 35.51
C LYS H 270 52.56 -26.53 35.69
N LEU H 271 51.80 -25.83 34.83
CA LEU H 271 50.37 -26.07 34.68
C LEU H 271 50.14 -26.84 33.40
N HIS H 272 49.62 -28.05 33.54
CA HIS H 272 49.49 -28.94 32.40
C HIS H 272 48.18 -28.66 31.67
N LYS H 273 48.12 -28.85 30.36
CA LYS H 273 46.90 -28.40 29.69
C LYS H 273 45.67 -29.18 30.11
N SER H 274 45.90 -30.40 30.59
CA SER H 274 44.79 -31.24 31.11
C SER H 274 44.28 -30.71 32.44
N GLY H 275 44.92 -29.68 32.98
CA GLY H 275 44.41 -28.96 34.13
C GLY H 275 44.74 -29.50 35.50
N TYR H 276 46.01 -29.42 35.86
CA TYR H 276 46.50 -29.69 37.21
C TYR H 276 47.89 -29.11 37.22
N VAL H 277 48.49 -29.03 38.41
CA VAL H 277 49.73 -28.25 38.59
C VAL H 277 50.82 -29.09 39.28
N THR H 278 51.99 -29.18 38.68
CA THR H 278 53.06 -29.89 39.36
C THR H 278 54.18 -28.92 39.61
N VAL H 279 55.02 -29.29 40.58
CA VAL H 279 55.99 -28.41 41.19
C VAL H 279 57.17 -29.29 41.59
N ALA H 280 58.39 -28.75 41.64
CA ALA H 280 59.56 -29.59 41.91
C ALA H 280 59.97 -29.66 43.37
N HIS H 281 59.59 -30.75 44.04
CA HIS H 281 59.81 -30.91 45.47
C HIS H 281 59.61 -32.35 45.92
N THR H 282 60.33 -32.75 46.96
CA THR H 282 60.21 -34.10 47.52
C THR H 282 59.79 -33.99 48.95
N GLY H 283 58.60 -34.46 49.25
CA GLY H 283 58.11 -34.49 50.63
C GLY H 283 56.81 -33.76 50.78
N GLN H 284 56.29 -33.71 52.01
CA GLN H 284 55.10 -32.93 52.31
C GLN H 284 55.57 -31.55 52.68
N HIS H 285 54.77 -30.53 52.38
CA HIS H 285 55.19 -29.15 52.59
C HIS H 285 54.03 -28.23 52.40
N ASP H 286 53.64 -27.54 53.49
CA ASP H 286 52.76 -26.39 53.38
C ASP H 286 53.63 -25.24 52.89
N LEU H 287 53.23 -24.62 51.79
CA LEU H 287 54.02 -23.53 51.20
C LEU H 287 53.74 -22.26 51.96
N VAL H 288 54.81 -21.51 52.17
CA VAL H 288 54.78 -20.20 52.84
C VAL H 288 54.79 -19.14 51.77
N ILE H 289 53.75 -18.33 51.72
CA ILE H 289 53.59 -17.36 50.64
C ILE H 289 53.14 -15.96 51.14
N PRO H 290 53.66 -14.88 50.54
CA PRO H 290 53.12 -13.57 50.89
C PRO H 290 51.68 -13.51 50.36
N PRO H 291 50.72 -13.00 51.17
CA PRO H 291 49.29 -13.19 50.92
C PRO H 291 48.76 -12.48 49.70
N ASN H 292 49.59 -11.65 49.12
CA ASN H 292 49.18 -10.91 47.96
C ASN H 292 50.00 -11.34 46.73
N GLY H 293 50.67 -12.49 46.86
CA GLY H 293 51.31 -13.16 45.74
C GLY H 293 50.33 -13.93 44.86
N TYR H 294 50.68 -14.05 43.60
CA TYR H 294 49.75 -14.45 42.56
C TYR H 294 50.51 -15.22 41.46
N PHE H 295 49.76 -15.87 40.57
CA PHE H 295 50.38 -16.66 39.53
C PHE H 295 50.48 -15.94 38.18
N ARG H 296 51.61 -16.05 37.53
CA ARG H 296 51.80 -15.36 36.27
C ARG H 296 52.21 -16.37 35.21
N PHE H 297 51.55 -16.35 34.04
CA PHE H 297 51.94 -17.24 32.98
C PHE H 297 53.18 -16.66 32.31
N ASP H 298 54.33 -17.34 32.32
CA ASP H 298 55.45 -16.85 31.47
C ASP H 298 55.44 -17.33 30.06
N SER H 299 55.48 -18.66 29.85
CA SER H 299 55.49 -19.20 28.47
C SER H 299 55.14 -20.68 28.36
N TRP H 300 54.89 -21.11 27.13
CA TRP H 300 54.60 -22.51 26.85
C TRP H 300 55.90 -23.30 26.74
N VAL H 301 55.98 -24.43 27.43
CA VAL H 301 57.17 -25.28 27.38
C VAL H 301 56.75 -26.70 27.13
N ASN H 302 57.67 -27.57 26.69
CA ASN H 302 57.39 -29.02 26.48
C ASN H 302 57.39 -29.81 27.80
N GLN H 303 57.28 -31.14 27.75
CA GLN H 303 57.09 -31.94 29.02
C GLN H 303 58.40 -32.18 29.79
N PHE H 304 59.50 -31.80 29.12
CA PHE H 304 60.88 -32.01 29.53
C PHE H 304 61.56 -30.81 30.19
N TYR H 305 60.77 -29.80 30.54
CA TYR H 305 61.30 -28.60 31.17
C TYR H 305 61.58 -28.95 32.62
N THR H 306 62.84 -28.70 33.04
CA THR H 306 63.24 -28.74 34.48
C THR H 306 63.00 -27.43 35.25
N LEU H 307 62.27 -27.55 36.35
CA LEU H 307 61.90 -26.41 37.17
C LEU H 307 62.97 -26.15 38.19
N ALA H 308 63.19 -24.89 38.56
CA ALA H 308 64.01 -24.60 39.75
C ALA H 308 63.36 -25.18 41.02
N PRO H 309 64.09 -26.04 41.78
CA PRO H 309 63.56 -26.59 43.03
C PRO H 309 62.77 -25.55 43.81
N MET H 310 61.57 -25.89 44.26
CA MET H 310 60.79 -25.02 45.13
C MET H 310 61.26 -25.06 46.61
N GLY H 311 61.22 -23.91 47.27
CA GLY H 311 61.81 -23.70 48.61
C GLY H 311 61.38 -24.64 49.73
N GLU I 1 -54.10 31.90 -78.18
CA GLU I 1 -53.39 31.85 -76.87
C GLU I 1 -53.99 32.84 -75.82
N SER I 2 -54.23 32.34 -74.60
CA SER I 2 -54.63 33.21 -73.45
C SER I 2 -53.41 33.87 -72.72
N ARG I 3 -53.62 35.04 -72.10
CA ARG I 3 -52.49 35.77 -71.48
C ARG I 3 -52.18 35.38 -70.01
N THR I 4 -51.64 34.17 -69.87
CA THR I 4 -51.21 33.62 -68.58
C THR I 4 -49.70 33.44 -68.48
N LYS I 5 -49.29 32.74 -67.44
CA LYS I 5 -47.90 32.55 -67.11
C LYS I 5 -47.34 31.35 -67.90
N PRO I 6 -46.09 31.45 -68.42
CA PRO I 6 -45.57 30.41 -69.32
C PRO I 6 -45.57 29.03 -68.68
N PHE I 7 -45.78 28.00 -69.49
CA PHE I 7 -45.45 26.64 -69.06
C PHE I 7 -43.91 26.36 -69.09
N THR I 8 -43.45 25.50 -68.17
CA THR I 8 -42.05 25.03 -68.14
C THR I 8 -41.96 23.62 -67.53
N VAL I 9 -40.95 22.87 -68.01
CA VAL I 9 -40.50 21.59 -67.43
C VAL I 9 -39.10 21.79 -66.78
N PRO I 10 -38.86 21.15 -65.58
CA PRO I 10 -37.58 21.35 -64.87
C PRO I 10 -36.34 21.20 -65.79
N ILE I 11 -35.38 22.10 -65.64
CA ILE I 11 -34.09 22.01 -66.36
C ILE I 11 -33.10 21.02 -65.68
N LEU I 12 -33.64 19.90 -65.16
CA LEU I 12 -32.86 18.84 -64.42
C LEU I 12 -32.70 17.63 -65.33
N THR I 13 -31.54 16.98 -65.25
CA THR I 13 -31.19 15.87 -66.15
C THR I 13 -31.86 14.58 -65.69
N VAL I 14 -31.79 13.54 -66.52
CA VAL I 14 -32.47 12.26 -66.18
C VAL I 14 -31.94 11.54 -64.89
N GLU I 15 -30.62 11.52 -64.69
CA GLU I 15 -30.03 10.88 -63.48
C GLU I 15 -30.25 11.69 -62.19
N GLU I 16 -30.16 13.02 -62.31
CA GLU I 16 -30.49 13.94 -61.21
C GLU I 16 -31.96 13.82 -60.74
N MET I 17 -32.75 13.00 -61.43
CA MET I 17 -34.19 12.83 -61.10
C MET I 17 -34.53 11.52 -60.35
N THR I 18 -35.83 11.36 -60.04
CA THR I 18 -36.36 10.21 -59.26
C THR I 18 -37.55 9.54 -59.98
N ASN I 19 -37.60 8.20 -59.90
CA ASN I 19 -38.81 7.44 -60.26
C ASN I 19 -40.00 7.89 -59.41
N SER I 20 -41.18 7.95 -59.99
CA SER I 20 -42.33 8.47 -59.26
C SER I 20 -43.26 7.36 -58.75
N ARG I 21 -42.84 6.10 -58.95
CA ARG I 21 -43.59 4.92 -58.50
C ARG I 21 -42.90 4.11 -57.40
N PHE I 22 -41.68 4.56 -57.05
CA PHE I 22 -40.82 3.90 -56.05
C PHE I 22 -39.65 4.83 -55.68
N PRO I 23 -39.26 4.88 -54.39
CA PRO I 23 -38.22 5.83 -53.97
C PRO I 23 -36.81 5.39 -54.36
N ILE I 24 -36.58 5.19 -55.66
CA ILE I 24 -35.24 4.91 -56.25
C ILE I 24 -34.96 6.03 -57.29
N PRO I 25 -33.66 6.36 -57.55
CA PRO I 25 -33.33 7.30 -58.66
C PRO I 25 -33.78 6.82 -60.07
N LEU I 26 -33.62 7.63 -61.10
CA LEU I 26 -34.00 7.19 -62.45
C LEU I 26 -32.79 7.01 -63.37
N GLU I 27 -32.49 5.75 -63.72
CA GLU I 27 -31.35 5.43 -64.56
C GLU I 27 -31.28 5.80 -66.04
N LYS I 28 -32.38 5.59 -66.78
CA LYS I 28 -32.36 5.82 -68.23
C LYS I 28 -33.75 5.93 -68.86
N LEU I 29 -33.80 6.39 -70.11
CA LEU I 29 -35.09 6.48 -70.86
C LEU I 29 -35.42 5.20 -71.66
N PHE I 30 -36.72 4.94 -71.90
CA PHE I 30 -37.21 3.69 -72.56
C PHE I 30 -38.52 3.87 -73.37
N THR I 31 -38.48 3.67 -74.69
CA THR I 31 -39.70 3.54 -75.51
C THR I 31 -39.85 2.10 -76.03
N GLY I 32 -41.05 1.55 -75.85
CA GLY I 32 -41.42 0.19 -76.33
C GLY I 32 -42.94 0.04 -76.47
N PRO I 33 -43.40 -1.05 -77.11
CA PRO I 33 -44.85 -1.16 -77.34
C PRO I 33 -45.67 -1.23 -76.04
N SER I 34 -46.92 -0.79 -76.07
CA SER I 34 -47.76 -0.78 -74.87
C SER I 34 -49.26 -1.06 -75.10
N SER I 35 -49.61 -1.53 -76.29
CA SER I 35 -51.02 -1.85 -76.59
C SER I 35 -51.35 -3.34 -76.35
N ALA I 36 -50.33 -4.10 -75.97
CA ALA I 36 -50.49 -5.48 -75.44
C ALA I 36 -51.05 -5.45 -74.00
N PHE I 37 -50.55 -4.48 -73.19
CA PHE I 37 -51.03 -4.21 -71.81
C PHE I 37 -51.70 -2.84 -71.52
N VAL I 38 -52.44 -2.78 -70.41
CA VAL I 38 -53.01 -1.52 -69.93
C VAL I 38 -51.98 -0.80 -69.03
N VAL I 39 -51.30 0.21 -69.57
CA VAL I 39 -50.45 1.07 -68.75
C VAL I 39 -51.35 1.98 -67.90
N GLN I 40 -51.45 1.68 -66.61
CA GLN I 40 -52.38 2.38 -65.72
C GLN I 40 -51.83 2.58 -64.28
N PRO I 41 -50.62 3.21 -64.12
CA PRO I 41 -50.05 3.41 -62.78
C PRO I 41 -50.88 4.39 -61.93
N GLN I 42 -50.80 4.27 -60.61
CA GLN I 42 -51.55 5.18 -59.76
C GLN I 42 -50.68 6.31 -59.15
N ASN I 43 -49.38 6.07 -59.08
CA ASN I 43 -48.39 7.04 -58.62
C ASN I 43 -47.62 7.67 -59.78
N GLY I 44 -47.22 8.92 -59.58
CA GLY I 44 -46.54 9.69 -60.63
C GLY I 44 -47.47 10.12 -61.76
N ARG I 45 -48.76 10.29 -61.42
CA ARG I 45 -49.81 10.79 -62.32
C ARG I 45 -50.27 12.23 -61.96
N CYS I 46 -49.96 13.18 -62.83
CA CYS I 46 -50.19 14.59 -62.55
C CYS I 46 -50.35 15.27 -63.89
N THR I 47 -51.28 16.22 -63.98
CA THR I 47 -51.52 16.94 -65.22
C THR I 47 -50.46 18.04 -65.40
N THR I 48 -50.30 18.55 -66.63
CA THR I 48 -49.36 19.69 -66.89
C THR I 48 -49.73 21.04 -66.21
N ASP I 49 -51.02 21.21 -65.86
CA ASP I 49 -51.45 22.34 -65.03
C ASP I 49 -51.67 22.02 -63.53
N GLY I 50 -51.04 20.92 -63.06
CA GLY I 50 -50.83 20.69 -61.62
C GLY I 50 -51.91 20.04 -60.75
N ALA I 51 -52.82 19.33 -61.41
CA ALA I 51 -53.82 18.55 -60.72
C ALA I 51 -53.26 17.17 -60.49
N LEU I 52 -53.24 16.73 -59.24
CA LEU I 52 -52.75 15.39 -58.94
C LEU I 52 -53.84 14.32 -59.15
N LEU I 53 -53.45 13.13 -59.63
CA LEU I 53 -54.41 12.05 -59.93
C LEU I 53 -54.01 10.69 -59.32
N GLY I 54 -54.93 9.72 -59.37
CA GLY I 54 -54.69 8.40 -58.77
C GLY I 54 -54.41 8.52 -57.28
N THR I 55 -53.36 7.83 -56.82
CA THR I 55 -52.84 7.99 -55.44
C THR I 55 -51.54 8.84 -55.37
N THR I 56 -51.36 9.74 -56.35
CA THR I 56 -50.16 10.59 -56.45
C THR I 56 -50.09 11.70 -55.40
N GLN I 57 -48.86 11.92 -54.90
CA GLN I 57 -48.59 12.89 -53.84
C GLN I 57 -47.16 13.45 -53.96
N LEU I 58 -46.88 14.55 -53.25
CA LEU I 58 -45.69 15.35 -53.53
C LEU I 58 -44.35 14.83 -52.99
N SER I 59 -44.38 14.17 -51.85
CA SER I 59 -43.15 13.77 -51.14
C SER I 59 -42.42 12.59 -51.82
N PRO I 60 -41.12 12.76 -52.17
CA PRO I 60 -40.42 11.62 -52.83
C PRO I 60 -40.07 10.42 -51.93
N VAL I 61 -40.08 10.60 -50.60
CA VAL I 61 -39.84 9.51 -49.62
C VAL I 61 -41.10 8.67 -49.31
N ASP I 62 -42.27 9.34 -49.37
CA ASP I 62 -43.59 8.78 -49.03
C ASP I 62 -44.17 7.83 -50.11
N ILE I 63 -43.50 7.73 -51.25
CA ILE I 63 -43.89 6.79 -52.28
C ILE I 63 -43.65 5.33 -51.82
N CYS I 64 -44.67 4.50 -52.01
CA CYS I 64 -44.69 3.08 -51.59
C CYS I 64 -44.56 2.82 -50.05
N THR I 65 -44.87 3.84 -49.24
CA THR I 65 -44.87 3.71 -47.76
C THR I 65 -46.31 3.54 -47.22
N PHE I 66 -46.43 3.04 -46.00
CA PHE I 66 -47.71 3.05 -45.26
C PHE I 66 -47.43 3.63 -43.89
N ARG I 67 -48.47 4.10 -43.21
CA ARG I 67 -48.37 4.44 -41.77
C ARG I 67 -49.72 4.50 -41.05
N GLY I 68 -49.66 4.07 -39.78
CA GLY I 68 -50.74 4.21 -38.81
C GLY I 68 -50.23 3.55 -37.54
N ASP I 69 -51.14 2.95 -36.76
CA ASP I 69 -50.77 2.05 -35.64
C ASP I 69 -50.86 0.54 -36.03
N VAL I 70 -49.92 -0.27 -35.56
CA VAL I 70 -49.98 -1.74 -35.74
C VAL I 70 -50.51 -2.48 -34.49
N THR I 71 -51.14 -3.63 -34.71
CA THR I 71 -51.42 -4.62 -33.66
C THR I 71 -50.84 -6.00 -34.06
N HIS I 72 -50.90 -6.97 -33.15
CA HIS I 72 -50.43 -8.34 -33.42
C HIS I 72 -51.59 -9.18 -34.01
N ILE I 73 -51.22 -10.20 -34.79
CA ILE I 73 -52.10 -11.32 -35.16
C ILE I 73 -51.62 -12.55 -34.38
N ALA I 74 -52.33 -12.92 -33.30
CA ALA I 74 -51.84 -13.92 -32.32
C ALA I 74 -51.51 -15.29 -32.92
N GLY I 75 -50.34 -15.83 -32.53
CA GLY I 75 -49.88 -17.15 -32.98
C GLY I 75 -48.92 -17.18 -34.17
N THR I 76 -48.95 -16.12 -34.98
CA THR I 76 -48.08 -15.99 -36.17
C THR I 76 -47.04 -14.82 -36.06
N GLN I 77 -46.20 -14.68 -37.08
CA GLN I 77 -45.17 -13.62 -37.14
C GLN I 77 -45.59 -12.41 -38.01
N ASN I 78 -46.90 -12.12 -38.04
CA ASN I 78 -47.48 -11.02 -38.85
C ASN I 78 -48.13 -9.90 -38.01
N TYR I 79 -48.37 -8.75 -38.65
CA TYR I 79 -49.08 -7.59 -38.05
C TYR I 79 -50.07 -6.85 -39.01
N THR I 80 -51.34 -6.69 -38.58
CA THR I 80 -52.32 -5.73 -39.17
C THR I 80 -51.84 -4.26 -38.92
N MET I 81 -51.94 -3.38 -39.93
CA MET I 81 -51.68 -1.94 -39.73
C MET I 81 -52.93 -1.08 -40.07
N ASN I 82 -53.44 -0.31 -39.09
CA ASN I 82 -54.59 0.59 -39.30
C ASN I 82 -54.04 1.92 -39.75
N LEU I 83 -54.41 2.37 -40.95
CA LEU I 83 -53.64 3.40 -41.65
C LEU I 83 -53.84 4.85 -41.13
N SER I 85 -52.41 7.27 -42.60
CA SER I 85 -52.63 8.38 -43.53
C SER I 85 -51.54 9.46 -43.44
N GLN I 86 -51.57 10.44 -44.36
CA GLN I 86 -50.41 11.38 -44.57
C GLN I 86 -50.20 12.46 -43.50
N ASN I 87 -51.23 13.26 -43.26
CA ASN I 87 -51.23 14.30 -42.21
C ASN I 87 -51.12 13.70 -40.79
N TRP I 88 -50.93 12.37 -40.72
CA TRP I 88 -51.00 11.50 -39.50
C TRP I 88 -52.42 11.28 -38.92
N ASN I 89 -53.41 11.86 -39.60
CA ASN I 89 -54.83 11.73 -39.29
C ASN I 89 -55.38 10.34 -39.58
N ASN I 90 -56.61 10.10 -39.10
CA ASN I 90 -57.36 8.86 -39.31
C ASN I 90 -57.64 8.73 -40.83
N TYR I 91 -57.17 7.65 -41.48
CA TYR I 91 -57.42 7.54 -42.93
C TYR I 91 -58.92 7.52 -43.20
N ASP I 92 -59.31 8.32 -44.21
CA ASP I 92 -60.72 8.48 -44.63
C ASP I 92 -61.06 7.60 -45.86
N PRO I 93 -61.81 6.48 -45.64
CA PRO I 93 -62.20 5.58 -46.74
C PRO I 93 -63.19 6.19 -47.76
N THR I 94 -64.07 7.09 -47.31
CA THR I 94 -65.08 7.77 -48.16
C THR I 94 -64.52 8.94 -48.99
N GLU I 95 -63.23 9.20 -48.85
CA GLU I 95 -62.47 10.14 -49.66
C GLU I 95 -62.32 9.66 -51.09
N GLU I 96 -62.40 10.57 -52.05
CA GLU I 96 -62.40 10.19 -53.45
C GLU I 96 -61.05 9.95 -54.06
N ILE I 97 -60.38 8.96 -53.48
CA ILE I 97 -59.05 8.51 -53.84
C ILE I 97 -59.04 6.99 -53.95
N PRO I 98 -58.33 6.43 -54.91
CA PRO I 98 -58.15 4.96 -54.97
C PRO I 98 -57.76 4.26 -53.65
N ALA I 99 -56.91 4.92 -52.85
CA ALA I 99 -56.34 4.38 -51.60
C ALA I 99 -55.69 5.54 -50.77
N PRO I 100 -55.00 5.24 -49.64
CA PRO I 100 -54.27 6.37 -49.05
C PRO I 100 -53.12 6.79 -49.98
N LEU I 101 -52.99 8.09 -50.23
CA LEU I 101 -51.96 8.60 -51.13
C LEU I 101 -50.58 7.97 -50.79
N GLY I 102 -49.87 7.50 -51.81
CA GLY I 102 -48.54 6.95 -51.60
C GLY I 102 -48.52 5.43 -51.67
N THR I 103 -49.70 4.81 -51.49
CA THR I 103 -49.91 3.35 -51.69
C THR I 103 -49.12 2.78 -52.91
N PRO I 104 -48.61 1.52 -52.78
CA PRO I 104 -48.09 0.81 -53.98
C PRO I 104 -49.14 0.61 -55.09
N ASP I 105 -48.67 0.60 -56.34
CA ASP I 105 -49.55 0.59 -57.55
C ASP I 105 -49.37 -0.63 -58.48
N PHE I 106 -48.65 -1.64 -57.99
CA PHE I 106 -48.41 -2.88 -58.70
C PHE I 106 -48.53 -4.04 -57.70
N VAL I 107 -48.49 -5.27 -58.23
CA VAL I 107 -48.63 -6.52 -57.44
C VAL I 107 -47.25 -7.17 -57.15
N GLY I 108 -46.82 -7.18 -55.89
CA GLY I 108 -45.56 -7.85 -55.54
C GLY I 108 -45.34 -8.18 -54.07
N LYS I 109 -44.17 -8.72 -53.75
CA LYS I 109 -43.64 -8.79 -52.37
C LYS I 109 -42.71 -7.58 -52.21
N ILE I 110 -43.22 -6.52 -51.56
CA ILE I 110 -42.46 -5.27 -51.22
C ILE I 110 -41.81 -5.37 -49.83
N GLN I 111 -40.47 -5.50 -49.85
CA GLN I 111 -39.67 -5.65 -48.64
C GLN I 111 -39.24 -4.28 -48.13
N GLY I 112 -39.12 -4.15 -46.82
CA GLY I 112 -38.66 -2.91 -46.20
C GLY I 112 -38.47 -3.00 -44.69
N VAL I 113 -38.20 -1.86 -44.05
CA VAL I 113 -38.10 -1.79 -42.60
C VAL I 113 -39.40 -1.21 -42.03
N LEU I 114 -39.93 -1.89 -41.01
CA LEU I 114 -40.96 -1.31 -40.13
C LEU I 114 -40.26 -0.63 -38.93
N THR I 115 -40.53 0.67 -38.72
CA THR I 115 -39.76 1.45 -37.76
C THR I 115 -40.66 2.14 -36.73
N GLN I 116 -40.18 2.21 -35.51
CA GLN I 116 -40.93 2.87 -34.46
C GLN I 116 -39.95 3.68 -33.63
N THR I 117 -40.35 4.84 -33.18
CA THR I 117 -39.44 5.63 -32.37
C THR I 117 -39.20 4.87 -31.13
N THR I 118 -38.01 4.98 -30.52
CA THR I 118 -36.70 5.32 -31.05
C THR I 118 -35.88 4.76 -29.92
N ARG I 119 -34.82 4.03 -30.21
CA ARG I 119 -34.15 3.22 -29.20
C ARG I 119 -33.32 3.97 -28.20
N ARG I 120 -32.95 3.35 -27.09
CA ARG I 120 -32.06 4.13 -26.21
C ARG I 120 -30.69 4.61 -26.76
N ASP I 121 -30.28 4.10 -27.92
CA ASP I 121 -29.00 4.40 -28.55
C ASP I 121 -29.12 5.32 -29.79
N GLY I 122 -30.29 5.94 -29.96
CA GLY I 122 -30.69 6.78 -31.14
C GLY I 122 -30.98 6.07 -32.49
N SER I 123 -30.91 4.74 -32.52
CA SER I 123 -31.33 3.97 -33.69
C SER I 123 -32.88 3.94 -33.81
N THR I 124 -33.41 4.28 -35.00
CA THR I 124 -34.80 3.95 -35.32
C THR I 124 -34.85 2.41 -35.32
N ARG I 125 -35.84 1.87 -34.63
CA ARG I 125 -35.89 0.42 -34.28
C ARG I 125 -35.69 -0.63 -35.41
N GLY I 126 -36.28 -0.40 -36.59
CA GLY I 126 -36.09 -1.23 -37.82
C GLY I 126 -36.12 -2.72 -38.14
N HIS I 127 -37.19 -3.43 -37.76
CA HIS I 127 -37.37 -4.87 -38.08
C HIS I 127 -37.77 -5.32 -39.51
N LYS I 128 -37.08 -6.36 -40.00
CA LYS I 128 -37.27 -6.88 -41.37
C LYS I 128 -38.74 -7.19 -41.65
N ALA I 129 -39.31 -6.49 -42.63
CA ALA I 129 -40.75 -6.59 -42.96
C ALA I 129 -41.08 -6.77 -44.45
N THR I 130 -42.23 -7.41 -44.71
CA THR I 130 -42.74 -7.68 -46.06
C THR I 130 -44.23 -7.28 -46.13
N VAL I 131 -44.65 -6.63 -47.24
CA VAL I 131 -46.10 -6.41 -47.54
C VAL I 131 -46.50 -7.15 -48.82
N SER I 132 -47.54 -7.98 -48.74
CA SER I 132 -47.91 -8.83 -49.88
C SER I 132 -49.10 -8.25 -50.69
N THR I 133 -48.81 -7.38 -51.65
CA THR I 133 -49.87 -6.53 -52.25
C THR I 133 -50.89 -7.30 -53.11
N GLY I 134 -50.52 -8.52 -53.50
CA GLY I 134 -51.41 -9.46 -54.18
C GLY I 134 -52.36 -10.17 -53.21
N SER I 135 -51.93 -10.31 -51.95
CA SER I 135 -52.66 -10.99 -50.86
C SER I 135 -54.09 -10.45 -50.59
N VAL I 136 -54.98 -11.36 -50.13
CA VAL I 136 -56.35 -11.00 -49.69
C VAL I 136 -56.39 -10.00 -48.50
N HIS I 137 -55.26 -9.83 -47.81
CA HIS I 137 -55.17 -9.02 -46.57
C HIS I 137 -54.70 -7.57 -46.82
N PHE I 138 -54.35 -7.31 -48.08
CA PHE I 138 -53.98 -6.00 -48.57
C PHE I 138 -55.24 -5.23 -48.96
N THR I 139 -55.80 -4.49 -48.00
CA THR I 139 -57.05 -3.71 -48.17
C THR I 139 -56.91 -2.18 -47.90
N PRO I 140 -55.92 -1.50 -48.56
CA PRO I 140 -55.51 -0.11 -48.18
C PRO I 140 -56.64 0.91 -48.16
N LYS I 141 -57.54 0.80 -49.14
CA LYS I 141 -58.75 1.64 -49.27
C LYS I 141 -59.77 1.50 -48.10
N LEU I 142 -59.69 0.43 -47.33
CA LEU I 142 -60.57 0.29 -46.16
C LEU I 142 -59.83 0.61 -44.83
N GLY I 143 -58.66 1.28 -44.99
CA GLY I 143 -57.73 1.68 -43.90
C GLY I 143 -56.97 0.58 -43.18
N SER I 144 -56.53 -0.46 -43.92
CA SER I 144 -56.14 -1.78 -43.34
C SER I 144 -55.24 -2.70 -44.25
N VAL I 145 -53.94 -2.83 -43.95
CA VAL I 145 -53.04 -3.82 -44.65
C VAL I 145 -52.27 -4.76 -43.68
N GLN I 146 -51.58 -5.78 -44.22
CA GLN I 146 -50.92 -6.81 -43.39
C GLN I 146 -49.43 -7.08 -43.73
N PHE I 147 -48.57 -7.11 -42.69
CA PHE I 147 -47.09 -7.32 -42.84
C PHE I 147 -46.55 -8.66 -42.28
N SER I 148 -45.56 -9.25 -42.96
CA SER I 148 -44.84 -10.44 -42.46
C SER I 148 -43.40 -10.07 -42.08
N THR I 149 -42.90 -10.62 -40.96
CA THR I 149 -41.61 -10.20 -40.38
C THR I 149 -40.58 -11.33 -40.14
N PHE I 155 -42.35 -5.51 -30.79
CA PHE I 155 -43.23 -4.53 -31.41
C PHE I 155 -44.31 -4.00 -30.48
N GLU I 156 -44.21 -2.71 -30.12
CA GLU I 156 -45.17 -2.05 -29.21
C GLU I 156 -46.35 -1.41 -29.96
N THR I 157 -47.56 -1.65 -29.44
CA THR I 157 -48.83 -1.21 -30.05
C THR I 157 -49.41 0.06 -29.38
N GLY I 158 -50.17 0.84 -30.14
CA GLY I 158 -50.84 2.03 -29.59
C GLY I 158 -50.22 3.33 -30.04
N GLN I 159 -48.90 3.31 -30.26
CA GLN I 159 -48.21 4.45 -30.84
C GLN I 159 -47.90 4.15 -32.31
N ASN I 160 -47.24 5.11 -32.98
CA ASN I 160 -47.15 5.14 -34.42
C ASN I 160 -46.09 4.22 -35.04
N THR I 161 -46.45 3.57 -36.14
CA THR I 161 -45.53 2.69 -36.89
C THR I 161 -45.41 3.13 -38.36
N ARG I 162 -44.25 2.84 -38.99
CA ARG I 162 -43.89 3.35 -40.31
C ARG I 162 -43.17 2.28 -41.16
N PHE I 163 -43.51 2.21 -42.45
CA PHE I 163 -42.88 1.27 -43.41
C PHE I 163 -42.12 2.04 -44.50
N THR I 164 -40.81 1.79 -44.61
CA THR I 164 -39.96 2.31 -45.68
C THR I 164 -39.66 1.14 -46.60
N PRO I 165 -40.01 1.24 -47.91
CA PRO I 165 -39.68 0.15 -48.85
C PRO I 165 -38.21 0.13 -49.27
N VAL I 166 -37.63 -1.07 -49.44
CA VAL I 166 -36.23 -1.22 -49.88
C VAL I 166 -36.12 -1.84 -51.30
N GLY I 167 -37.16 -2.55 -51.75
CA GLY I 167 -37.15 -3.17 -53.08
C GLY I 167 -38.19 -4.26 -53.23
N VAL I 168 -37.93 -5.21 -54.14
CA VAL I 168 -38.77 -6.42 -54.32
C VAL I 168 -38.34 -7.60 -53.44
N GLN I 182 -45.60 -5.48 -63.39
CA GLN I 182 -45.53 -4.12 -62.85
C GLN I 182 -46.71 -3.19 -63.26
N TRP I 183 -47.48 -3.60 -64.28
CA TRP I 183 -48.67 -2.86 -64.74
C TRP I 183 -49.99 -3.52 -64.31
N VAL I 184 -49.88 -4.56 -63.47
CA VAL I 184 -51.04 -5.19 -62.84
C VAL I 184 -51.34 -4.36 -61.59
N LEU I 185 -52.58 -3.90 -61.45
CA LEU I 185 -53.02 -3.10 -60.28
C LEU I 185 -53.53 -3.93 -59.07
N PRO I 186 -53.23 -3.48 -57.82
CA PRO I 186 -53.74 -4.19 -56.64
C PRO I 186 -55.25 -4.03 -56.46
N ASP I 187 -55.90 -5.04 -55.88
CA ASP I 187 -57.32 -4.97 -55.58
C ASP I 187 -57.47 -4.19 -54.26
N TYR I 188 -57.80 -2.89 -54.36
CA TYR I 188 -57.69 -1.93 -53.23
C TYR I 188 -58.64 -2.16 -52.03
N SER I 189 -59.94 -2.23 -52.27
CA SER I 189 -60.89 -2.53 -51.20
C SER I 189 -60.88 -4.02 -50.85
N GLY I 190 -60.01 -4.78 -51.52
CA GLY I 190 -59.86 -6.22 -51.29
C GLY I 190 -60.40 -7.08 -52.44
N ARG I 191 -60.62 -8.36 -52.13
CA ARG I 191 -61.30 -9.32 -53.02
C ARG I 191 -62.74 -8.89 -53.41
N ASP I 192 -63.09 -9.18 -54.68
CA ASP I 192 -64.44 -8.97 -55.25
C ASP I 192 -64.93 -7.51 -55.27
N SER I 193 -63.99 -6.57 -55.30
CA SER I 193 -64.31 -5.13 -55.23
C SER I 193 -63.55 -4.33 -56.29
N HIS I 194 -64.32 -3.72 -57.21
CA HIS I 194 -63.82 -2.76 -58.19
C HIS I 194 -63.09 -1.60 -57.48
N ASN I 195 -61.87 -1.29 -57.93
CA ASN I 195 -61.12 -0.13 -57.44
C ASN I 195 -61.84 1.11 -57.93
N VAL I 196 -62.01 2.11 -57.06
CA VAL I 196 -62.73 3.34 -57.43
C VAL I 196 -61.78 4.56 -57.67
N HIS I 197 -62.28 5.56 -58.41
CA HIS I 197 -61.59 6.84 -58.71
C HIS I 197 -60.18 6.72 -59.31
N LEU I 198 -60.00 5.69 -60.15
CA LEU I 198 -58.70 5.34 -60.73
C LEU I 198 -58.21 6.49 -61.61
N ALA I 199 -56.90 6.71 -61.63
CA ALA I 199 -56.24 7.49 -62.69
C ALA I 199 -56.32 6.69 -64.01
N PRO I 200 -56.58 7.39 -65.15
CA PRO I 200 -56.88 6.75 -66.46
C PRO I 200 -55.75 5.89 -67.03
N ALA I 201 -56.09 4.89 -67.84
CA ALA I 201 -55.09 4.16 -68.63
C ALA I 201 -54.64 5.04 -69.79
N VAL I 202 -53.45 4.76 -70.34
CA VAL I 202 -52.87 5.60 -71.41
C VAL I 202 -52.43 4.89 -72.72
N ALA I 203 -52.87 5.46 -73.83
CA ALA I 203 -52.54 5.00 -75.18
C ALA I 203 -51.93 6.16 -76.01
N PRO I 204 -51.00 5.83 -76.94
CA PRO I 204 -50.69 6.77 -78.03
C PRO I 204 -51.86 6.83 -79.01
N THR I 205 -52.72 7.84 -78.86
CA THR I 205 -53.87 8.08 -79.77
C THR I 205 -53.39 8.44 -81.21
N PHE I 206 -52.12 8.17 -81.50
CA PHE I 206 -51.46 8.58 -82.75
C PHE I 206 -50.72 7.36 -83.37
N PRO I 207 -50.93 7.10 -84.69
CA PRO I 207 -50.30 5.90 -85.30
C PRO I 207 -48.75 5.98 -85.29
N GLY I 208 -48.10 4.82 -85.05
CA GLY I 208 -46.63 4.75 -85.00
C GLY I 208 -45.99 5.65 -83.95
N GLU I 209 -46.73 5.84 -82.86
CA GLU I 209 -46.25 6.49 -81.62
C GLU I 209 -46.37 5.51 -80.44
N GLN I 210 -45.45 5.68 -79.48
CA GLN I 210 -45.31 4.83 -78.29
C GLN I 210 -45.06 5.69 -77.07
N LEU I 211 -45.49 5.20 -75.91
CA LEU I 211 -45.17 5.83 -74.62
C LEU I 211 -43.66 5.89 -74.46
N LEU I 212 -43.19 7.04 -73.96
CA LEU I 212 -41.83 7.19 -73.45
C LEU I 212 -41.88 7.00 -71.93
N PHE I 213 -41.22 5.94 -71.46
CA PHE I 213 -41.12 5.62 -70.03
C PHE I 213 -39.82 6.21 -69.41
N PHE I 214 -39.92 6.48 -68.10
CA PHE I 214 -38.81 6.94 -67.26
C PHE I 214 -38.45 5.76 -66.32
N ARG I 215 -37.32 5.10 -66.61
CA ARG I 215 -37.03 3.73 -66.10
C ARG I 215 -35.96 3.59 -64.98
N SER I 216 -36.25 2.70 -64.01
CA SER I 216 -35.33 2.29 -62.94
C SER I 216 -35.14 0.75 -62.86
N THR I 217 -34.02 0.30 -62.27
CA THR I 217 -33.88 -1.11 -61.82
C THR I 217 -34.36 -1.21 -60.37
N MET I 218 -35.28 -2.12 -60.07
CA MET I 218 -35.76 -2.27 -58.69
C MET I 218 -34.87 -3.20 -57.87
N PRO I 219 -34.35 -2.71 -56.72
CA PRO I 219 -33.39 -3.53 -55.93
C PRO I 219 -33.95 -4.90 -55.48
N GLY I 220 -33.12 -5.94 -55.54
CA GLY I 220 -33.53 -7.29 -55.18
C GLY I 220 -33.75 -7.45 -53.68
N ASN I 228 -37.25 -4.22 -63.01
CA ASN I 228 -37.63 -3.20 -63.99
C ASN I 228 -38.93 -2.39 -63.75
N LEU I 229 -38.76 -1.08 -63.45
CA LEU I 229 -39.86 -0.15 -63.03
C LEU I 229 -39.93 1.21 -63.77
N ASP I 230 -40.97 1.34 -64.61
CA ASP I 230 -41.22 2.50 -65.47
C ASP I 230 -42.26 3.42 -64.80
N CYS I 231 -42.06 4.73 -64.91
CA CYS I 231 -43.07 5.70 -64.47
C CYS I 231 -43.35 6.66 -65.62
N LEU I 232 -44.49 7.35 -65.58
CA LEU I 232 -44.83 8.23 -66.70
C LEU I 232 -44.19 9.65 -66.69
N LEU I 233 -43.87 10.16 -65.50
CA LEU I 233 -43.20 11.46 -65.32
C LEU I 233 -42.26 11.33 -64.12
N PRO I 234 -41.03 11.92 -64.20
CA PRO I 234 -40.17 11.94 -62.99
C PRO I 234 -40.84 12.70 -61.84
N GLN I 235 -40.72 12.16 -60.63
CA GLN I 235 -41.31 12.78 -59.44
C GLN I 235 -41.13 14.30 -59.33
N GLU I 236 -40.02 14.80 -59.88
CA GLU I 236 -39.66 16.22 -59.86
C GLU I 236 -40.56 17.05 -60.79
N TRP I 237 -41.10 16.39 -61.83
CA TRP I 237 -42.08 16.99 -62.75
C TRP I 237 -43.44 17.13 -62.06
N VAL I 238 -43.90 16.03 -61.43
CA VAL I 238 -45.09 16.02 -60.56
C VAL I 238 -45.01 17.23 -59.58
N GLN I 239 -43.91 17.29 -58.80
CA GLN I 239 -43.61 18.46 -57.94
C GLN I 239 -43.75 19.78 -58.72
N HIS I 240 -43.05 19.86 -59.86
CA HIS I 240 -43.01 21.08 -60.67
C HIS I 240 -44.42 21.54 -61.13
N PHE I 241 -45.15 20.61 -61.74
CA PHE I 241 -46.45 20.91 -62.32
C PHE I 241 -47.49 21.29 -61.26
N TYR I 242 -47.49 20.58 -60.12
CA TYR I 242 -48.38 20.92 -59.00
C TYR I 242 -48.15 22.35 -58.44
N GLN I 243 -46.87 22.76 -58.36
CA GLN I 243 -46.47 24.08 -57.85
C GLN I 243 -46.71 25.20 -58.83
N GLU I 244 -46.32 24.95 -60.07
CA GLU I 244 -46.40 25.93 -61.14
C GLU I 244 -47.83 26.25 -61.62
N SER I 245 -48.68 25.22 -61.69
CA SER I 245 -50.05 25.32 -62.21
C SER I 245 -50.15 26.15 -63.50
N ALA I 246 -49.07 26.18 -64.28
CA ALA I 246 -49.03 26.89 -65.56
C ALA I 246 -50.09 26.30 -66.50
N PRO I 247 -51.04 27.16 -66.96
CA PRO I 247 -52.22 26.68 -67.70
C PRO I 247 -51.89 26.03 -69.06
N ALA I 248 -52.65 24.99 -69.39
CA ALA I 248 -52.53 24.28 -70.66
C ALA I 248 -53.18 25.08 -71.81
N GLN I 249 -52.33 25.48 -72.76
CA GLN I 249 -52.76 26.19 -73.98
C GLN I 249 -53.32 25.27 -75.09
N SER I 250 -52.78 24.04 -75.18
CA SER I 250 -53.38 22.94 -75.97
C SER I 250 -53.37 21.67 -75.09
N ASP I 251 -53.47 20.48 -75.71
CA ASP I 251 -53.39 19.23 -74.95
C ASP I 251 -52.06 18.56 -75.21
N VAL I 252 -51.15 19.23 -75.91
CA VAL I 252 -49.86 18.63 -76.25
C VAL I 252 -48.75 19.65 -76.17
N ALA I 253 -47.69 19.31 -75.43
CA ALA I 253 -46.55 20.21 -75.26
C ALA I 253 -45.26 19.65 -75.90
N LEU I 254 -44.88 20.22 -77.06
CA LEU I 254 -43.67 19.78 -77.78
C LEU I 254 -42.37 20.07 -76.99
N LEU I 255 -41.64 19.02 -76.61
CA LEU I 255 -40.34 19.17 -75.93
C LEU I 255 -39.21 18.69 -76.79
N ARG I 256 -38.10 19.41 -76.72
CA ARG I 256 -36.85 19.02 -77.39
C ARG I 256 -35.81 18.64 -76.36
N PHE I 257 -35.23 17.46 -76.55
CA PHE I 257 -34.20 16.95 -75.67
C PHE I 257 -32.86 17.38 -76.23
N VAL I 258 -32.16 18.20 -75.43
CA VAL I 258 -30.97 18.94 -75.89
C VAL I 258 -29.69 18.42 -75.21
N ASN I 259 -28.63 18.37 -76.01
CA ASN I 259 -27.27 18.17 -75.54
C ASN I 259 -26.68 19.58 -75.34
N PRO I 260 -26.39 19.99 -74.09
CA PRO I 260 -25.92 21.39 -73.89
C PRO I 260 -24.45 21.63 -74.29
N ASP I 261 -23.68 20.55 -74.47
CA ASP I 261 -22.26 20.62 -74.88
C ASP I 261 -22.13 21.03 -76.37
N THR I 262 -22.81 20.27 -77.23
CA THR I 262 -22.84 20.48 -78.69
C THR I 262 -23.94 21.47 -79.11
N GLY I 263 -24.94 21.66 -78.26
CA GLY I 263 -26.04 22.62 -78.50
C GLY I 263 -27.29 22.03 -79.16
N ARG I 264 -27.12 20.93 -79.89
CA ARG I 264 -28.18 20.38 -80.77
C ARG I 264 -29.32 19.62 -80.07
N VAL I 265 -30.39 19.38 -80.84
CA VAL I 265 -31.48 18.48 -80.48
C VAL I 265 -31.10 17.01 -80.79
N LEU I 266 -31.13 16.18 -79.76
CA LEU I 266 -30.93 14.73 -79.88
C LEU I 266 -32.24 14.10 -80.40
N PHE I 267 -33.36 14.47 -79.77
CA PHE I 267 -34.73 14.04 -80.13
C PHE I 267 -35.81 14.97 -79.59
N GLU I 268 -37.02 14.87 -80.13
CA GLU I 268 -38.17 15.62 -79.61
C GLU I 268 -39.36 14.69 -79.29
N CYS I 269 -40.33 15.17 -78.50
CA CYS I 269 -41.47 14.35 -78.01
C CYS I 269 -42.70 15.17 -77.56
N LYS I 270 -43.87 14.52 -77.52
CA LYS I 270 -45.08 15.14 -76.94
C LYS I 270 -45.15 14.86 -75.45
N LEU I 271 -45.58 15.87 -74.69
CA LEU I 271 -45.97 15.75 -73.27
C LEU I 271 -47.44 16.17 -73.23
N HIS I 272 -48.32 15.20 -73.03
CA HIS I 272 -49.77 15.43 -73.02
C HIS I 272 -50.22 16.06 -71.69
N LYS I 273 -51.23 16.94 -71.74
CA LYS I 273 -51.70 17.64 -70.52
C LYS I 273 -52.30 16.71 -69.46
N SER I 274 -52.67 15.47 -69.86
CA SER I 274 -53.12 14.36 -68.93
C SER I 274 -51.96 13.72 -68.12
N GLY I 275 -50.72 14.10 -68.48
CA GLY I 275 -49.49 13.76 -67.76
C GLY I 275 -48.77 12.51 -68.21
N TYR I 276 -48.26 12.49 -69.45
CA TYR I 276 -47.47 11.38 -70.02
C TYR I 276 -46.76 11.78 -71.33
N VAL I 277 -45.52 11.28 -71.53
CA VAL I 277 -44.72 11.57 -72.74
C VAL I 277 -44.90 10.53 -73.89
N THR I 278 -44.85 10.97 -75.16
CA THR I 278 -44.78 10.04 -76.33
C THR I 278 -43.74 10.45 -77.40
N VAL I 279 -42.87 9.51 -77.78
CA VAL I 279 -41.91 9.71 -78.88
C VAL I 279 -42.35 8.94 -80.16
N ALA I 280 -42.03 9.45 -81.35
CA ALA I 280 -42.35 8.74 -82.63
C ALA I 280 -41.33 7.63 -82.97
N HIS I 281 -41.78 6.36 -82.87
CA HIS I 281 -40.91 5.16 -82.97
C HIS I 281 -41.78 3.89 -82.84
N THR I 282 -41.41 2.83 -83.56
CA THR I 282 -42.08 1.54 -83.42
C THR I 282 -41.03 0.49 -82.99
N GLY I 283 -41.27 -0.18 -81.86
CA GLY I 283 -40.36 -1.22 -81.34
C GLY I 283 -39.49 -0.78 -80.18
N GLN I 284 -38.97 -1.75 -79.43
CA GLN I 284 -38.21 -1.49 -78.19
C GLN I 284 -36.90 -0.69 -78.40
N HIS I 285 -36.55 0.16 -77.44
CA HIS I 285 -35.31 0.96 -77.49
C HIS I 285 -34.92 1.54 -76.12
N ASP I 286 -33.85 0.99 -75.52
CA ASP I 286 -33.14 1.64 -74.41
C ASP I 286 -32.35 2.88 -74.96
N LEU I 287 -32.95 4.09 -74.86
CA LEU I 287 -32.51 5.36 -75.54
C LEU I 287 -31.09 5.84 -75.18
N VAL I 288 -30.37 6.37 -76.16
CA VAL I 288 -28.99 6.84 -75.96
C VAL I 288 -28.88 8.37 -75.79
N ILE I 289 -28.82 8.80 -74.51
CA ILE I 289 -28.74 10.21 -74.10
C ILE I 289 -27.37 10.50 -73.45
N PRO I 290 -26.77 11.70 -73.70
CA PRO I 290 -25.55 12.12 -72.96
C PRO I 290 -25.82 12.49 -71.48
N PRO I 291 -24.83 12.25 -70.56
CA PRO I 291 -24.98 12.41 -69.08
C PRO I 291 -25.77 13.65 -68.61
N ASN I 292 -25.39 14.82 -69.12
CA ASN I 292 -26.02 16.08 -68.71
C ASN I 292 -27.06 16.60 -69.74
N GLY I 293 -27.84 15.67 -70.30
CA GLY I 293 -28.94 16.02 -71.24
C GLY I 293 -30.29 16.25 -70.57
N TYR I 294 -30.96 17.33 -70.99
CA TYR I 294 -32.26 17.78 -70.42
C TYR I 294 -33.40 17.99 -71.45
N PHE I 295 -34.64 18.09 -70.94
CA PHE I 295 -35.83 18.46 -71.71
C PHE I 295 -36.08 19.97 -71.64
N ARG I 296 -36.32 20.60 -72.79
CA ARG I 296 -36.78 21.99 -72.81
C ARG I 296 -38.10 22.11 -73.58
N PHE I 297 -38.98 22.99 -73.11
CA PHE I 297 -40.30 23.24 -73.71
C PHE I 297 -40.25 24.29 -74.85
N ASP I 298 -40.84 23.95 -76.01
CA ASP I 298 -40.74 24.77 -77.23
C ASP I 298 -42.02 25.44 -77.73
N SER I 299 -42.88 24.70 -78.43
CA SER I 299 -44.19 25.24 -78.81
C SER I 299 -45.33 24.50 -78.07
N TRP I 300 -46.54 25.02 -78.16
CA TRP I 300 -47.74 24.25 -77.82
C TRP I 300 -48.33 23.73 -79.13
N VAL I 301 -48.16 22.44 -79.39
CA VAL I 301 -48.67 21.81 -80.61
C VAL I 301 -50.13 21.39 -80.44
N ASN I 302 -50.88 21.34 -81.55
CA ASN I 302 -52.28 20.86 -81.52
C ASN I 302 -52.45 19.33 -81.70
N GLN I 303 -53.70 18.86 -81.73
CA GLN I 303 -54.03 17.42 -81.72
C GLN I 303 -53.33 16.60 -82.83
N PHE I 304 -53.29 17.16 -84.05
CA PHE I 304 -52.74 16.47 -85.24
C PHE I 304 -51.43 17.08 -85.80
N TYR I 305 -50.33 16.75 -85.11
CA TYR I 305 -48.99 17.20 -85.44
C TYR I 305 -48.03 16.01 -85.22
N THR I 306 -47.32 15.59 -86.29
CA THR I 306 -46.39 14.45 -86.24
C THR I 306 -44.98 14.84 -85.72
N LEU I 307 -44.34 13.92 -84.99
CA LEU I 307 -42.98 14.15 -84.50
C LEU I 307 -41.94 13.57 -85.46
N ALA I 308 -40.81 14.27 -85.56
CA ALA I 308 -39.68 13.77 -86.30
C ALA I 308 -39.36 12.50 -85.58
N PRO I 309 -38.82 11.54 -86.29
CA PRO I 309 -38.53 10.24 -85.71
C PRO I 309 -37.49 10.31 -84.63
N MET I 310 -37.74 9.58 -83.55
CA MET I 310 -36.86 9.59 -82.40
C MET I 310 -35.49 9.13 -82.81
N LYS J 5 -47.43 21.03 -35.21
CA LYS J 5 -47.00 21.27 -33.77
C LYS J 5 -45.61 21.97 -33.71
N PRO J 6 -45.55 23.32 -33.49
CA PRO J 6 -44.23 24.02 -33.55
C PRO J 6 -43.23 23.56 -32.47
N PHE J 7 -41.95 23.65 -32.80
CA PHE J 7 -40.94 23.31 -31.84
C PHE J 7 -40.63 24.55 -31.00
N THR J 8 -40.20 24.26 -29.77
CA THR J 8 -39.86 25.24 -28.72
C THR J 8 -38.88 24.66 -27.70
N VAL J 9 -38.16 25.54 -27.04
CA VAL J 9 -37.48 25.19 -25.83
C VAL J 9 -38.01 26.08 -24.71
N PRO J 10 -37.84 25.66 -23.44
CA PRO J 10 -38.55 26.34 -22.38
C PRO J 10 -37.98 27.72 -22.18
N ILE J 11 -38.77 28.63 -21.63
CA ILE J 11 -38.26 29.94 -21.30
C ILE J 11 -37.75 29.89 -19.91
N LEU J 12 -36.51 29.43 -19.82
CA LEU J 12 -35.82 29.45 -18.58
C LEU J 12 -34.42 29.98 -18.79
N THR J 13 -33.99 30.79 -17.83
CA THR J 13 -32.62 31.24 -17.74
C THR J 13 -31.74 30.08 -17.25
N VAL J 14 -30.45 30.21 -17.51
CA VAL J 14 -29.52 29.15 -17.22
C VAL J 14 -29.57 28.81 -15.75
N GLU J 15 -29.56 29.83 -14.89
CA GLU J 15 -29.59 29.60 -13.43
C GLU J 15 -30.95 29.07 -12.91
N GLU J 16 -32.03 29.31 -13.66
CA GLU J 16 -33.33 28.68 -13.36
C GLU J 16 -33.36 27.17 -13.67
N MET J 17 -32.36 26.61 -14.37
CA MET J 17 -32.42 25.20 -14.83
C MET J 17 -31.54 24.21 -14.04
N THR J 18 -31.60 22.93 -14.38
CA THR J 18 -30.94 21.93 -13.57
C THR J 18 -30.06 21.03 -14.37
N ASN J 19 -28.88 20.76 -13.86
CA ASN J 19 -27.98 19.81 -14.52
C ASN J 19 -28.65 18.43 -14.68
N SER J 20 -28.40 17.75 -15.78
CA SER J 20 -29.15 16.55 -15.98
C SER J 20 -28.33 15.34 -15.68
N ARG J 21 -27.15 15.56 -15.10
CA ARG J 21 -26.21 14.47 -14.78
C ARG J 21 -25.99 14.29 -13.28
N PHE J 22 -26.64 15.15 -12.51
CA PHE J 22 -26.48 15.18 -11.08
C PHE J 22 -27.47 16.20 -10.52
N PRO J 23 -28.15 15.85 -9.42
CA PRO J 23 -29.20 16.74 -8.91
C PRO J 23 -28.76 18.05 -8.26
N ILE J 24 -28.29 19.02 -9.07
CA ILE J 24 -27.93 20.39 -8.64
C ILE J 24 -28.28 21.40 -9.73
N PRO J 25 -28.36 22.72 -9.38
CA PRO J 25 -28.67 23.67 -10.43
C PRO J 25 -27.52 23.83 -11.39
N LEU J 26 -27.84 24.26 -12.63
CA LEU J 26 -26.87 24.76 -13.61
C LEU J 26 -26.31 26.10 -13.15
N GLU J 27 -25.12 26.45 -13.62
CA GLU J 27 -24.50 27.66 -13.13
C GLU J 27 -24.05 28.55 -14.24
N LYS J 28 -23.59 27.94 -15.33
CA LYS J 28 -22.98 28.70 -16.42
C LYS J 28 -22.89 27.92 -17.71
N LEU J 29 -22.73 28.62 -18.83
CA LEU J 29 -22.42 27.98 -20.11
C LEU J 29 -20.91 27.94 -20.33
N PHE J 30 -20.44 26.87 -20.94
CA PHE J 30 -19.01 26.72 -21.17
C PHE J 30 -18.83 26.02 -22.49
N THR J 31 -17.90 26.51 -23.31
CA THR J 31 -17.53 25.81 -24.54
C THR J 31 -16.04 25.59 -24.57
N GLY J 32 -15.64 24.46 -25.16
CA GLY J 32 -14.23 24.14 -25.45
C GLY J 32 -14.09 22.99 -26.42
N PRO J 33 -12.86 22.63 -26.78
CA PRO J 33 -12.67 21.55 -27.75
C PRO J 33 -12.92 20.23 -27.07
N SER J 34 -13.19 19.18 -27.84
CA SER J 34 -13.57 17.86 -27.26
C SER J 34 -13.03 16.64 -28.07
N SER J 35 -12.01 16.90 -28.89
CA SER J 35 -11.43 15.82 -29.68
C SER J 35 -10.51 14.97 -28.81
N ALA J 36 -10.03 15.57 -27.71
CA ALA J 36 -9.14 14.93 -26.72
C ALA J 36 -9.91 14.08 -25.70
N PHE J 37 -11.24 14.06 -25.78
CA PHE J 37 -12.05 13.24 -24.87
C PHE J 37 -13.37 12.73 -25.45
N VAL J 38 -13.93 11.72 -24.77
CA VAL J 38 -15.12 11.11 -25.28
C VAL J 38 -16.43 11.67 -24.65
N VAL J 39 -17.19 12.37 -25.46
CA VAL J 39 -18.39 12.95 -24.92
C VAL J 39 -19.53 11.97 -25.11
N GLN J 40 -19.71 11.12 -24.11
CA GLN J 40 -20.70 10.08 -24.19
C GLN J 40 -21.51 9.95 -22.93
N PRO J 41 -22.06 11.06 -22.46
CA PRO J 41 -22.77 10.95 -21.21
C PRO J 41 -24.09 10.19 -21.43
N GLN J 42 -24.67 9.59 -20.38
CA GLN J 42 -25.84 8.74 -20.57
C GLN J 42 -27.05 9.31 -19.91
N ASN J 43 -26.82 10.36 -19.12
CA ASN J 43 -27.91 11.11 -18.52
C ASN J 43 -28.02 12.44 -19.22
N GLY J 44 -29.19 13.05 -19.21
CA GLY J 44 -29.38 14.24 -20.06
C GLY J 44 -29.21 14.00 -21.55
N ARG J 45 -29.71 12.85 -22.01
CA ARG J 45 -29.79 12.54 -23.44
C ARG J 45 -31.20 12.28 -23.93
N CYS J 46 -31.65 13.15 -24.83
CA CYS J 46 -32.95 13.09 -25.46
C CYS J 46 -32.98 13.73 -26.88
N THR J 47 -33.72 13.12 -27.80
CA THR J 47 -33.86 13.75 -29.12
C THR J 47 -34.79 14.96 -29.04
N THR J 48 -34.72 15.86 -30.02
CA THR J 48 -35.54 17.07 -29.90
C THR J 48 -37.02 16.75 -29.93
N ASP J 49 -37.42 15.62 -30.51
CA ASP J 49 -38.83 15.13 -30.45
C ASP J 49 -39.15 14.19 -29.27
N GLY J 50 -38.30 14.25 -28.25
CA GLY J 50 -38.57 13.65 -26.99
C GLY J 50 -38.37 12.16 -26.94
N ALA J 51 -37.44 11.59 -27.73
CA ALA J 51 -37.04 10.21 -27.44
C ALA J 51 -35.92 10.25 -26.42
N LEU J 52 -36.17 9.61 -25.27
CA LEU J 52 -35.18 9.50 -24.20
C LEU J 52 -34.12 8.48 -24.59
N LEU J 53 -32.85 8.81 -24.35
CA LEU J 53 -31.76 7.88 -24.65
C LEU J 53 -30.90 7.49 -23.42
N GLY J 54 -30.07 6.45 -23.63
CA GLY J 54 -29.04 6.08 -22.68
C GLY J 54 -29.73 5.69 -21.41
N THR J 55 -29.38 6.33 -20.30
CA THR J 55 -30.05 6.02 -19.03
C THR J 55 -30.92 7.18 -18.61
N THR J 56 -31.16 8.08 -19.56
CA THR J 56 -31.86 9.35 -19.28
C THR J 56 -33.32 9.11 -18.87
N GLN J 57 -33.77 9.89 -17.89
CA GLN J 57 -35.04 9.64 -17.26
C GLN J 57 -35.61 11.00 -16.77
N LEU J 58 -36.90 11.06 -16.43
CA LEU J 58 -37.55 12.35 -16.20
C LEU J 58 -37.30 13.05 -14.88
N SER J 59 -37.22 12.31 -13.78
CA SER J 59 -37.04 12.94 -12.46
C SER J 59 -35.70 13.60 -12.29
N PRO J 60 -35.68 14.88 -11.93
CA PRO J 60 -34.42 15.61 -11.76
C PRO J 60 -33.76 15.34 -10.42
N VAL J 61 -34.44 14.58 -9.57
CA VAL J 61 -33.92 14.27 -8.24
C VAL J 61 -33.45 12.84 -8.19
N ASP J 62 -34.03 11.99 -9.01
CA ASP J 62 -33.69 10.63 -8.92
C ASP J 62 -32.45 10.28 -9.74
N ILE J 63 -31.70 11.30 -10.15
CA ILE J 63 -30.38 11.15 -10.79
C ILE J 63 -29.24 10.87 -9.81
N CYS J 64 -28.50 9.80 -10.04
CA CYS J 64 -27.37 9.44 -9.17
C CYS J 64 -27.77 8.92 -7.81
N THR J 65 -29.04 8.52 -7.69
CA THR J 65 -29.55 7.76 -6.55
C THR J 65 -29.63 6.28 -6.88
N PHE J 66 -29.80 5.48 -5.83
CA PHE J 66 -29.93 4.07 -5.95
C PHE J 66 -30.87 3.70 -4.89
N ARG J 67 -31.64 2.64 -5.13
CA ARG J 67 -32.48 2.06 -4.09
C ARG J 67 -32.57 0.53 -4.25
N GLY J 68 -32.84 -0.13 -3.13
CA GLY J 68 -32.96 -1.59 -3.05
C GLY J 68 -32.78 -2.03 -1.61
N ASP J 69 -32.61 -3.33 -1.41
CA ASP J 69 -32.20 -3.85 -0.10
C ASP J 69 -30.69 -4.03 -0.02
N VAL J 70 -30.20 -4.20 1.20
CA VAL J 70 -28.79 -4.19 1.43
C VAL J 70 -28.37 -5.46 2.21
N THR J 71 -27.18 -5.96 1.92
CA THR J 71 -26.56 -7.03 2.72
C THR J 71 -25.14 -6.62 3.14
N HIS J 72 -24.73 -6.92 4.37
CA HIS J 72 -23.43 -6.46 4.88
C HIS J 72 -22.30 -7.34 4.36
N ILE J 73 -21.10 -6.78 4.23
CA ILE J 73 -19.96 -7.63 3.91
C ILE J 73 -19.15 -7.87 5.18
N ALA J 74 -19.08 -9.13 5.60
CA ALA J 74 -18.48 -9.51 6.89
C ALA J 74 -17.06 -8.99 7.02
N GLY J 75 -16.78 -8.33 8.15
CA GLY J 75 -15.45 -7.81 8.49
C GLY J 75 -14.95 -6.58 7.74
N THR J 76 -15.84 -5.94 6.98
CA THR J 76 -15.51 -4.70 6.31
C THR J 76 -16.55 -3.76 6.83
N GLN J 77 -16.51 -2.51 6.39
CA GLN J 77 -17.62 -1.62 6.67
C GLN J 77 -18.44 -1.31 5.40
N ASN J 78 -18.53 -2.30 4.51
CA ASN J 78 -19.21 -2.08 3.23
C ASN J 78 -20.45 -2.94 3.09
N TYR J 79 -21.42 -2.44 2.33
CA TYR J 79 -22.63 -3.20 1.99
C TYR J 79 -22.80 -3.31 0.48
N THR J 80 -23.48 -4.38 0.05
CA THR J 80 -23.80 -4.59 -1.33
C THR J 80 -25.23 -4.16 -1.41
N MET J 81 -25.60 -3.33 -2.39
CA MET J 81 -27.02 -3.05 -2.61
C MET J 81 -27.57 -3.84 -3.77
N ASN J 82 -28.68 -4.54 -3.57
CA ASN J 82 -29.28 -5.24 -4.68
C ASN J 82 -30.34 -4.34 -5.19
N LEU J 83 -30.10 -3.82 -6.39
CA LEU J 83 -30.88 -2.71 -6.87
C LEU J 83 -32.29 -3.09 -7.29
N ALA J 84 -33.23 -2.21 -6.93
CA ALA J 84 -34.58 -2.24 -7.47
C ALA J 84 -34.78 -0.98 -8.29
N SER J 85 -35.87 -0.96 -9.06
CA SER J 85 -36.23 0.18 -9.90
C SER J 85 -36.93 1.30 -9.15
N GLN J 86 -37.18 2.38 -9.88
CA GLN J 86 -37.67 3.62 -9.30
C GLN J 86 -38.95 3.38 -8.47
N ASN J 87 -39.89 2.66 -9.06
CA ASN J 87 -41.12 2.21 -8.38
C ASN J 87 -40.95 1.17 -7.25
N TRP J 88 -39.71 0.79 -6.92
CA TRP J 88 -39.41 -0.35 -6.00
C TRP J 88 -39.69 -1.75 -6.57
N ASN J 89 -40.11 -1.83 -7.83
CA ASN J 89 -40.27 -3.13 -8.49
C ASN J 89 -38.97 -3.68 -9.04
N ASN J 90 -38.86 -5.02 -9.10
CA ASN J 90 -37.64 -5.71 -9.56
C ASN J 90 -37.00 -5.00 -10.76
N TYR J 91 -35.67 -4.90 -10.74
CA TYR J 91 -34.89 -4.35 -11.86
C TYR J 91 -34.61 -5.47 -12.82
N ASP J 92 -34.93 -5.25 -14.10
CA ASP J 92 -34.77 -6.28 -15.11
C ASP J 92 -33.56 -6.01 -16.02
N PRO J 93 -32.43 -6.73 -15.77
CA PRO J 93 -31.14 -6.44 -16.41
C PRO J 93 -31.19 -6.70 -17.89
N THR J 94 -32.23 -7.42 -18.32
CA THR J 94 -32.40 -7.83 -19.71
C THR J 94 -33.06 -6.72 -20.52
N GLU J 95 -33.39 -5.64 -19.84
CA GLU J 95 -34.02 -4.50 -20.47
C GLU J 95 -32.97 -3.80 -21.26
N GLU J 96 -33.36 -3.27 -22.42
CA GLU J 96 -32.38 -2.71 -23.33
C GLU J 96 -32.01 -1.29 -22.95
N ILE J 97 -31.26 -1.18 -21.86
CA ILE J 97 -30.72 0.09 -21.46
C ILE J 97 -29.38 -0.19 -20.88
N PRO J 98 -28.50 0.77 -20.95
CA PRO J 98 -27.16 0.61 -20.42
C PRO J 98 -27.09 0.05 -19.00
N ALA J 99 -28.01 0.47 -18.15
CA ALA J 99 -27.94 0.30 -16.69
C ALA J 99 -29.24 0.85 -16.21
N PRO J 100 -29.53 0.78 -14.90
CA PRO J 100 -30.79 1.35 -14.42
C PRO J 100 -30.85 2.85 -14.73
N LEU J 101 -32.01 3.37 -15.09
CA LEU J 101 -32.07 4.76 -15.47
C LEU J 101 -31.59 5.59 -14.28
N GLY J 102 -30.93 6.71 -14.56
CA GLY J 102 -30.37 7.56 -13.52
C GLY J 102 -29.01 7.15 -12.94
N THR J 103 -28.52 5.95 -13.29
CA THR J 103 -27.20 5.52 -12.89
C THR J 103 -26.21 6.61 -13.26
N PRO J 104 -25.23 6.89 -12.37
CA PRO J 104 -24.16 7.82 -12.69
C PRO J 104 -23.48 7.40 -13.99
N ASP J 105 -22.99 8.37 -14.76
CA ASP J 105 -22.41 8.11 -16.08
C ASP J 105 -21.01 8.70 -16.09
N PHE J 106 -20.37 8.67 -14.93
CA PHE J 106 -18.96 9.01 -14.89
C PHE J 106 -18.21 8.17 -13.87
N VAL J 107 -16.89 8.11 -13.99
CA VAL J 107 -16.12 7.40 -13.01
C VAL J 107 -15.70 8.37 -11.92
N GLY J 108 -15.98 8.04 -10.67
CA GLY J 108 -15.69 8.93 -9.59
C GLY J 108 -16.25 8.33 -8.33
N LYS J 109 -15.97 8.98 -7.21
CA LYS J 109 -16.43 8.47 -5.94
C LYS J 109 -17.42 9.44 -5.38
N ILE J 110 -18.69 9.02 -5.35
CA ILE J 110 -19.83 9.86 -4.99
C ILE J 110 -20.22 9.66 -3.51
N GLN J 111 -19.96 10.67 -2.71
CA GLN J 111 -20.27 10.57 -1.31
C GLN J 111 -21.71 10.98 -1.10
N GLY J 112 -22.42 10.24 -0.27
CA GLY J 112 -23.77 10.62 0.11
C GLY J 112 -24.23 10.04 1.43
N VAL J 113 -25.47 9.56 1.41
CA VAL J 113 -26.06 9.04 2.61
C VAL J 113 -27.03 7.87 2.32
N LEU J 114 -26.79 6.74 2.99
CA LEU J 114 -27.67 5.60 2.97
C LEU J 114 -28.67 5.69 4.13
N THR J 115 -29.95 5.67 3.81
CA THR J 115 -31.00 5.71 4.80
C THR J 115 -31.88 4.50 4.63
N GLN J 116 -32.35 3.96 5.73
CA GLN J 116 -33.19 2.77 5.68
C GLN J 116 -34.45 2.96 6.55
N THR J 117 -35.51 2.25 6.21
CA THR J 117 -36.73 2.27 7.00
C THR J 117 -37.02 0.80 7.22
N THR J 118 -37.09 0.39 8.48
CA THR J 118 -37.54 -0.97 8.78
C THR J 118 -39.07 -1.09 8.89
N ARG J 119 -39.66 -1.81 7.94
CA ARG J 119 -41.11 -1.88 7.74
C ARG J 119 -41.94 -2.00 9.03
N ARG J 120 -41.73 -3.11 9.73
CA ARG J 120 -42.52 -3.48 10.90
C ARG J 120 -42.75 -2.41 11.93
N ASP J 121 -41.83 -1.47 12.10
CA ASP J 121 -42.00 -0.51 13.20
C ASP J 121 -41.58 0.94 12.96
N GLY J 122 -41.25 1.30 11.71
CA GLY J 122 -40.94 2.67 11.33
C GLY J 122 -39.66 3.23 11.93
N SER J 123 -38.68 2.37 12.20
CA SER J 123 -37.39 2.86 12.69
C SER J 123 -36.51 3.20 11.50
N THR J 124 -35.56 4.10 11.72
CA THR J 124 -34.85 4.64 10.60
C THR J 124 -33.41 4.96 10.87
N ARG J 125 -32.52 4.47 10.02
CA ARG J 125 -31.11 4.70 10.16
C ARG J 125 -30.57 5.48 8.98
N GLY J 126 -29.64 6.38 9.26
CA GLY J 126 -28.94 7.18 8.27
C GLY J 126 -27.44 7.16 8.54
N HIS J 127 -26.68 6.85 7.49
CA HIS J 127 -25.23 6.75 7.60
C HIS J 127 -24.55 7.25 6.35
N LYS J 128 -23.39 7.90 6.55
CA LYS J 128 -22.53 8.35 5.46
C LYS J 128 -22.08 7.16 4.63
N ALA J 129 -22.22 7.29 3.33
CA ALA J 129 -21.73 6.26 2.44
C ALA J 129 -21.17 6.81 1.12
N THR J 130 -20.18 6.10 0.57
CA THR J 130 -19.63 6.44 -0.73
C THR J 130 -19.76 5.29 -1.71
N VAL J 131 -20.29 5.57 -2.89
CA VAL J 131 -20.19 4.62 -3.99
C VAL J 131 -19.04 5.05 -4.88
N SER J 132 -18.24 4.07 -5.29
CA SER J 132 -17.15 4.31 -6.23
C SER J 132 -17.48 3.62 -7.54
N THR J 133 -17.69 4.40 -8.60
CA THR J 133 -18.32 3.87 -9.81
C THR J 133 -17.33 3.21 -10.74
N GLY J 134 -16.05 3.31 -10.36
CA GLY J 134 -15.00 2.71 -11.12
C GLY J 134 -14.50 1.49 -10.38
N SER J 135 -15.00 1.26 -9.15
CA SER J 135 -14.69 0.05 -8.42
C SER J 135 -15.10 -1.19 -9.21
N VAL J 136 -14.43 -2.29 -8.88
CA VAL J 136 -14.62 -3.58 -9.55
C VAL J 136 -16.00 -4.18 -9.24
N HIS J 137 -16.65 -3.62 -8.21
CA HIS J 137 -17.92 -4.06 -7.65
C HIS J 137 -19.05 -3.13 -8.03
N PHE J 138 -18.77 -2.21 -8.94
CA PHE J 138 -19.81 -1.35 -9.42
C PHE J 138 -20.41 -1.98 -10.67
N THR J 139 -21.53 -2.67 -10.47
CA THR J 139 -22.13 -3.52 -11.48
C THR J 139 -23.65 -3.29 -11.58
N PRO J 140 -24.05 -2.03 -11.84
CA PRO J 140 -25.48 -1.73 -11.83
C PRO J 140 -26.21 -2.49 -12.91
N LYS J 141 -25.58 -2.69 -14.05
CA LYS J 141 -26.31 -3.34 -15.12
C LYS J 141 -26.66 -4.75 -14.65
N LEU J 142 -25.89 -5.24 -13.70
CA LEU J 142 -26.10 -6.58 -13.19
C LEU J 142 -27.05 -6.61 -12.03
N GLY J 143 -27.23 -5.46 -11.39
CA GLY J 143 -28.28 -5.26 -10.41
C GLY J 143 -27.69 -5.26 -9.04
N SER J 144 -26.42 -4.89 -8.96
CA SER J 144 -25.76 -4.89 -7.66
C SER J 144 -24.67 -3.82 -7.65
N VAL J 145 -24.66 -2.92 -6.68
CA VAL J 145 -23.50 -2.07 -6.57
C VAL J 145 -23.04 -2.10 -5.15
N GLN J 146 -21.90 -1.46 -4.89
CA GLN J 146 -21.31 -1.50 -3.55
C GLN J 146 -21.01 -0.13 -2.95
N PHE J 147 -21.38 0.03 -1.68
CA PHE J 147 -21.21 1.28 -0.93
C PHE J 147 -20.21 1.07 0.19
N SER J 148 -19.41 2.07 0.50
CA SER J 148 -18.58 1.98 1.70
C SER J 148 -19.08 2.92 2.78
N THR J 149 -19.13 2.42 4.02
CA THR J 149 -19.79 3.16 5.08
C THR J 149 -18.94 3.35 6.33
N ASP J 150 -19.59 3.94 7.34
CA ASP J 150 -19.04 4.01 8.69
C ASP J 150 -19.86 3.24 9.73
N THR J 151 -20.74 2.35 9.27
CA THR J 151 -21.38 1.41 10.20
C THR J 151 -20.91 -0.01 9.97
N SER J 152 -20.86 -0.76 11.06
CA SER J 152 -20.49 -2.14 11.01
C SER J 152 -21.70 -3.05 11.01
N ASN J 153 -22.69 -2.76 11.83
CA ASN J 153 -23.85 -3.62 11.93
C ASN J 153 -25.23 -3.03 11.72
N ASP J 154 -25.33 -1.75 11.53
CA ASP J 154 -26.66 -1.18 11.55
C ASP J 154 -27.70 -1.56 10.53
N PHE J 155 -27.36 -1.65 9.28
CA PHE J 155 -28.38 -1.87 8.30
C PHE J 155 -28.95 -3.24 8.38
N GLU J 156 -30.22 -3.37 8.03
CA GLU J 156 -30.97 -4.59 8.16
C GLU J 156 -31.22 -5.21 6.82
N THR J 157 -31.32 -6.53 6.77
CA THR J 157 -31.63 -7.21 5.52
C THR J 157 -33.12 -7.12 5.15
N GLY J 158 -33.38 -7.30 3.86
CA GLY J 158 -34.73 -7.20 3.31
C GLY J 158 -35.52 -5.95 3.66
N GLN J 159 -34.83 -4.84 3.88
CA GLN J 159 -35.48 -3.61 4.22
C GLN J 159 -35.14 -2.55 3.19
N ASN J 160 -36.15 -1.83 2.74
CA ASN J 160 -35.97 -0.74 1.78
C ASN J 160 -34.96 0.31 2.17
N THR J 161 -33.91 0.41 1.37
CA THR J 161 -32.79 1.34 1.59
C THR J 161 -32.59 2.29 0.43
N ARG J 162 -32.33 3.56 0.73
CA ARG J 162 -32.22 4.63 -0.26
C ARG J 162 -30.86 5.33 -0.16
N PHE J 163 -30.13 5.43 -1.27
CA PHE J 163 -28.92 6.28 -1.34
C PHE J 163 -29.20 7.62 -1.96
N THR J 164 -28.77 8.66 -1.26
CA THR J 164 -29.01 10.02 -1.69
C THR J 164 -27.65 10.64 -1.93
N PRO J 165 -27.36 11.01 -3.20
CA PRO J 165 -26.02 11.49 -3.52
C PRO J 165 -25.82 12.89 -2.95
N VAL J 166 -24.60 13.29 -2.61
CA VAL J 166 -24.39 14.66 -2.14
C VAL J 166 -23.31 15.41 -2.95
N GLY J 167 -22.13 14.79 -3.06
CA GLY J 167 -20.98 15.43 -3.69
C GLY J 167 -20.03 14.36 -4.13
N VAL J 168 -18.78 14.76 -4.40
CA VAL J 168 -17.76 13.84 -4.91
C VAL J 168 -16.50 14.03 -4.08
N VAL J 169 -15.67 13.00 -4.00
CA VAL J 169 -14.41 13.09 -3.23
C VAL J 169 -13.18 12.85 -4.08
N GLN J 170 -12.00 13.10 -3.48
CA GLN J 170 -10.71 12.68 -4.09
C GLN J 170 -9.60 12.50 -3.07
N ASP J 171 -8.63 11.66 -3.38
CA ASP J 171 -7.52 11.38 -2.47
C ASP J 171 -6.56 12.57 -2.36
N GLY J 172 -6.13 12.85 -1.14
CA GLY J 172 -5.17 13.93 -0.91
C GLY J 172 -3.85 13.67 -1.59
N SER J 173 -3.31 12.48 -1.48
CA SER J 173 -2.07 12.18 -2.13
C SER J 173 -2.14 12.25 -3.63
N THR J 174 -3.22 11.76 -4.22
CA THR J 174 -3.35 11.83 -5.67
C THR J 174 -3.40 13.28 -6.13
N THR J 175 -2.79 13.55 -7.28
CA THR J 175 -2.78 14.90 -7.81
C THR J 175 -4.12 15.59 -7.72
N HIS J 176 -4.09 16.83 -7.30
CA HIS J 176 -5.31 17.60 -7.24
C HIS J 176 -6.12 17.59 -8.56
N GLN J 177 -7.44 17.40 -8.45
CA GLN J 177 -8.38 17.47 -9.59
C GLN J 177 -8.26 16.26 -10.51
N ASN J 178 -7.76 15.17 -9.98
CA ASN J 178 -7.55 14.00 -10.80
C ASN J 178 -8.74 13.08 -10.93
N GLU J 179 -9.76 13.34 -10.11
CA GLU J 179 -11.02 12.61 -10.17
C GLU J 179 -12.06 13.52 -9.52
N PRO J 180 -13.36 13.37 -9.85
CA PRO J 180 -13.91 12.38 -10.76
C PRO J 180 -13.58 12.67 -12.24
N GLN J 181 -13.84 11.69 -13.10
CA GLN J 181 -13.50 11.80 -14.51
C GLN J 181 -14.77 11.90 -15.35
N GLN J 182 -15.27 13.11 -15.50
CA GLN J 182 -16.63 13.26 -16.02
C GLN J 182 -16.86 12.69 -17.43
N TRP J 183 -15.79 12.58 -18.20
CA TRP J 183 -15.91 12.14 -19.56
C TRP J 183 -15.58 10.67 -19.75
N VAL J 184 -15.68 9.90 -18.68
CA VAL J 184 -15.38 8.45 -18.71
C VAL J 184 -16.51 7.56 -18.17
N LEU J 185 -17.24 6.91 -19.08
CA LEU J 185 -18.28 5.95 -18.70
C LEU J 185 -17.78 4.91 -17.70
N PRO J 186 -18.59 4.63 -16.66
CA PRO J 186 -18.37 3.43 -15.82
C PRO J 186 -18.46 2.12 -16.61
N ASP J 187 -17.91 1.04 -16.09
CA ASP J 187 -18.21 -0.23 -16.69
C ASP J 187 -19.43 -0.78 -15.95
N TYR J 188 -20.58 -0.55 -16.57
CA TYR J 188 -21.84 -0.81 -15.95
C TYR J 188 -21.97 -2.27 -15.54
N SER J 189 -21.45 -3.16 -16.37
CA SER J 189 -21.48 -4.60 -16.08
C SER J 189 -20.16 -5.06 -15.43
N GLY J 190 -19.39 -4.09 -14.91
CA GLY J 190 -18.06 -4.33 -14.34
C GLY J 190 -17.06 -4.85 -15.34
N ARG J 191 -15.92 -5.30 -14.85
CA ARG J 191 -14.76 -5.72 -15.66
C ARG J 191 -14.98 -6.87 -16.64
N ASP J 192 -14.15 -6.88 -17.68
CA ASP J 192 -14.29 -7.85 -18.78
C ASP J 192 -15.76 -7.94 -19.27
N SER J 193 -16.31 -6.77 -19.65
CA SER J 193 -17.63 -6.67 -20.30
C SER J 193 -17.85 -5.35 -20.98
N HIS J 194 -18.70 -5.37 -22.01
CA HIS J 194 -19.00 -4.20 -22.83
C HIS J 194 -20.25 -3.53 -22.39
N ASN J 195 -20.21 -2.21 -22.38
CA ASN J 195 -21.43 -1.44 -22.18
C ASN J 195 -22.33 -1.64 -23.39
N VAL J 196 -23.64 -1.59 -23.17
CA VAL J 196 -24.60 -1.82 -24.24
C VAL J 196 -25.56 -0.68 -24.29
N HIS J 197 -26.20 -0.52 -25.43
CA HIS J 197 -27.34 0.41 -25.58
C HIS J 197 -27.03 1.86 -25.25
N LEU J 198 -25.81 2.27 -25.54
CA LEU J 198 -25.36 3.58 -25.13
C LEU J 198 -25.96 4.69 -25.97
N ALA J 199 -26.25 5.83 -25.37
CA ALA J 199 -26.50 7.03 -26.16
C ALA J 199 -25.27 7.22 -27.04
N PRO J 200 -25.43 7.72 -28.27
CA PRO J 200 -24.23 7.95 -29.09
C PRO J 200 -23.27 8.92 -28.46
N ALA J 201 -21.97 8.74 -28.72
CA ALA J 201 -20.93 9.76 -28.47
C ALA J 201 -21.23 10.92 -29.35
N VAL J 202 -21.01 12.12 -28.84
CA VAL J 202 -21.17 13.33 -29.68
C VAL J 202 -19.86 14.10 -29.99
N ALA J 203 -19.85 14.82 -31.11
CA ALA J 203 -18.76 15.77 -31.47
C ALA J 203 -19.23 16.88 -32.42
N PRO J 204 -18.44 17.96 -32.53
CA PRO J 204 -18.80 18.97 -33.49
C PRO J 204 -18.58 18.43 -34.89
N THR J 205 -19.32 18.91 -35.88
CA THR J 205 -19.13 18.38 -37.22
C THR J 205 -19.09 19.50 -38.20
N PHE J 206 -18.56 20.63 -37.81
CA PHE J 206 -18.62 21.80 -38.66
C PHE J 206 -17.42 22.71 -38.37
N PRO J 207 -16.79 23.27 -39.41
CA PRO J 207 -15.59 24.06 -39.23
C PRO J 207 -15.81 25.16 -38.21
N GLY J 208 -14.97 25.22 -37.19
CA GLY J 208 -14.98 26.34 -36.25
C GLY J 208 -15.94 26.17 -35.09
N GLU J 209 -16.69 25.08 -35.10
CA GLU J 209 -17.72 24.88 -34.10
C GLU J 209 -17.24 23.97 -32.96
N GLN J 210 -17.62 24.29 -31.74
CA GLN J 210 -17.43 23.43 -30.59
C GLN J 210 -18.78 23.21 -29.95
N LEU J 211 -18.78 22.24 -29.03
CA LEU J 211 -19.92 21.94 -28.24
C LEU J 211 -20.13 23.07 -27.25
N LEU J 212 -21.40 23.32 -26.91
CA LEU J 212 -21.76 24.22 -25.81
C LEU J 212 -22.23 23.37 -24.61
N PHE J 213 -21.61 23.50 -23.45
CA PHE J 213 -21.93 22.65 -22.31
C PHE J 213 -22.73 23.42 -21.28
N PHE J 214 -23.70 22.74 -20.68
CA PHE J 214 -24.43 23.28 -19.56
C PHE J 214 -23.71 22.85 -18.30
N ARG J 215 -23.12 23.81 -17.61
CA ARG J 215 -22.18 23.44 -16.58
C ARG J 215 -22.61 23.74 -15.14
N SER J 216 -22.48 22.73 -14.29
CA SER J 216 -22.61 22.90 -12.86
C SER J 216 -21.29 22.59 -12.17
N THR J 217 -21.17 23.04 -10.92
CA THR J 217 -20.07 22.66 -10.02
C THR J 217 -20.54 21.68 -8.94
N MET J 218 -20.14 20.42 -9.01
CA MET J 218 -20.55 19.47 -7.99
C MET J 218 -20.01 19.82 -6.60
N PRO J 219 -20.78 19.53 -5.52
CA PRO J 219 -20.23 19.70 -4.17
C PRO J 219 -19.02 18.81 -3.92
N GLY J 220 -18.02 19.33 -3.21
CA GLY J 220 -16.88 18.49 -2.86
C GLY J 220 -16.99 18.00 -1.44
N CYS J 221 -16.80 16.72 -1.19
CA CYS J 221 -16.98 16.24 0.19
C CYS J 221 -15.74 16.06 1.00
N SER J 222 -14.62 15.96 0.31
CA SER J 222 -13.30 15.86 0.94
C SER J 222 -12.21 15.79 -0.12
N GLY J 223 -11.08 16.46 0.18
CA GLY J 223 -9.96 16.45 -0.72
C GLY J 223 -10.02 17.50 -1.78
N TYR J 224 -9.35 17.24 -2.88
CA TYR J 224 -9.25 18.21 -3.94
C TYR J 224 -9.84 17.71 -5.28
N PRO J 225 -11.19 17.35 -5.29
CA PRO J 225 -11.86 16.73 -6.43
C PRO J 225 -12.04 17.71 -7.56
N ASN J 226 -12.24 17.19 -8.76
CA ASN J 226 -12.62 18.01 -9.89
C ASN J 226 -14.14 18.18 -10.05
N MET J 227 -14.60 19.35 -9.66
CA MET J 227 -16.02 19.50 -9.54
C MET J 227 -16.76 19.93 -10.80
N ASN J 228 -16.06 20.05 -11.94
CA ASN J 228 -16.78 20.44 -13.16
C ASN J 228 -17.70 19.35 -13.64
N LEU J 229 -18.94 19.69 -13.93
CA LEU J 229 -19.88 18.74 -14.46
C LEU J 229 -20.64 19.37 -15.58
N ASP J 230 -20.40 18.89 -16.79
CA ASP J 230 -21.02 19.40 -18.00
C ASP J 230 -22.09 18.44 -18.53
N CYS J 231 -23.33 18.92 -18.68
CA CYS J 231 -24.32 18.17 -19.48
C CYS J 231 -24.63 18.83 -20.81
N LEU J 232 -25.16 18.01 -21.72
CA LEU J 232 -25.49 18.43 -23.08
C LEU J 232 -26.87 19.09 -23.16
N LEU J 233 -27.80 18.67 -22.29
CA LEU J 233 -29.14 19.27 -22.22
C LEU J 233 -29.49 19.51 -20.78
N PRO J 234 -30.14 20.65 -20.49
CA PRO J 234 -30.59 20.87 -19.15
C PRO J 234 -31.74 19.93 -18.91
N GLN J 235 -31.91 19.46 -17.67
CA GLN J 235 -32.94 18.47 -17.40
C GLN J 235 -34.32 18.93 -17.80
N GLU J 236 -34.65 20.19 -17.49
CA GLU J 236 -35.88 20.82 -18.00
C GLU J 236 -36.07 20.74 -19.51
N TRP J 237 -34.98 20.78 -20.29
CA TRP J 237 -35.15 20.56 -21.76
C TRP J 237 -35.53 19.11 -22.11
N VAL J 238 -34.87 18.15 -21.45
CA VAL J 238 -35.24 16.73 -21.57
C VAL J 238 -36.71 16.57 -21.28
N GLN J 239 -37.12 17.08 -20.14
CA GLN J 239 -38.54 17.06 -19.72
C GLN J 239 -39.48 17.67 -20.76
N HIS J 240 -39.16 18.91 -21.17
CA HIS J 240 -39.93 19.65 -22.19
C HIS J 240 -40.07 18.88 -23.50
N PHE J 241 -38.95 18.39 -24.01
CA PHE J 241 -38.98 17.69 -25.27
C PHE J 241 -39.80 16.45 -25.11
N TYR J 242 -39.69 15.79 -23.97
CA TYR J 242 -40.46 14.58 -23.81
C TYR J 242 -41.96 14.88 -23.86
N GLN J 243 -42.35 15.93 -23.13
CA GLN J 243 -43.72 16.44 -23.13
C GLN J 243 -44.18 16.75 -24.54
N GLU J 244 -43.45 17.66 -25.18
CA GLU J 244 -43.88 18.29 -26.39
C GLU J 244 -43.87 17.39 -27.60
N SER J 245 -42.83 16.57 -27.73
CA SER J 245 -42.72 15.65 -28.86
C SER J 245 -42.88 16.27 -30.26
N ALA J 246 -42.36 17.46 -30.48
CA ALA J 246 -42.49 18.12 -31.79
C ALA J 246 -41.54 17.53 -32.81
N PRO J 247 -42.08 17.18 -33.99
CA PRO J 247 -41.26 16.62 -35.08
C PRO J 247 -40.20 17.59 -35.50
N ALA J 248 -38.99 17.08 -35.74
CA ALA J 248 -37.90 17.87 -36.29
C ALA J 248 -38.11 18.12 -37.79
N GLN J 249 -38.05 19.38 -38.22
CA GLN J 249 -38.20 19.72 -39.62
C GLN J 249 -36.90 19.71 -40.42
N SER J 250 -35.76 19.67 -39.73
CA SER J 250 -34.48 19.48 -40.36
C SER J 250 -33.63 18.84 -39.30
N ASP J 251 -32.31 18.92 -39.44
CA ASP J 251 -31.38 18.25 -38.51
C ASP J 251 -30.93 19.19 -37.44
N VAL J 252 -31.17 20.46 -37.65
CA VAL J 252 -30.62 21.45 -36.77
C VAL J 252 -31.66 22.49 -36.45
N ALA J 253 -31.83 22.73 -35.17
CA ALA J 253 -32.64 23.82 -34.71
C ALA J 253 -31.74 25.02 -34.32
N LEU J 254 -31.99 26.18 -34.92
CA LEU J 254 -31.24 27.39 -34.60
C LEU J 254 -31.79 28.07 -33.36
N LEU J 255 -31.04 28.14 -32.26
CA LEU J 255 -31.56 28.86 -31.09
C LEU J 255 -30.86 30.20 -31.00
N ARG J 256 -31.54 31.22 -30.49
CA ARG J 256 -30.87 32.48 -30.16
C ARG J 256 -30.98 32.71 -28.68
N PHE J 257 -29.88 33.17 -28.11
CA PHE J 257 -29.86 33.46 -26.73
C PHE J 257 -30.10 34.96 -26.64
N VAL J 258 -31.13 35.32 -25.90
CA VAL J 258 -31.72 36.62 -25.95
C VAL J 258 -31.83 37.18 -24.59
N ASN J 259 -31.54 38.47 -24.48
CA ASN J 259 -31.76 39.25 -23.28
C ASN J 259 -33.12 39.94 -23.35
N PRO J 260 -34.05 39.53 -22.53
CA PRO J 260 -35.41 40.02 -22.63
C PRO J 260 -35.56 41.48 -22.38
N ASP J 261 -34.65 42.07 -21.60
CA ASP J 261 -34.69 43.52 -21.27
C ASP J 261 -34.38 44.54 -22.39
N THR J 262 -33.32 44.26 -23.15
CA THR J 262 -32.92 45.01 -24.31
C THR J 262 -33.61 44.51 -25.54
N GLY J 263 -33.80 43.22 -25.58
CA GLY J 263 -34.36 42.58 -26.75
C GLY J 263 -33.30 41.94 -27.66
N ARG J 264 -32.02 42.08 -27.30
CA ARG J 264 -30.96 41.79 -28.24
C ARG J 264 -30.32 40.46 -28.08
N VAL J 265 -30.00 39.85 -29.22
CA VAL J 265 -29.37 38.54 -29.29
C VAL J 265 -27.89 38.53 -28.88
N LEU J 266 -27.55 37.74 -27.86
CA LEU J 266 -26.15 37.63 -27.44
C LEU J 266 -25.31 36.74 -28.34
N PHE J 267 -25.88 35.64 -28.80
CA PHE J 267 -25.23 34.72 -29.72
C PHE J 267 -26.26 33.74 -30.24
N GLU J 268 -25.91 33.00 -31.29
CA GLU J 268 -26.77 31.93 -31.79
C GLU J 268 -26.09 30.59 -31.67
N CYS J 269 -26.82 29.51 -31.63
CA CYS J 269 -26.19 28.21 -31.58
C CYS J 269 -27.08 27.24 -32.34
N LYS J 270 -26.65 25.98 -32.39
CA LYS J 270 -27.30 24.95 -33.18
C LYS J 270 -27.67 23.88 -32.20
N LEU J 271 -28.98 23.60 -32.14
CA LEU J 271 -29.48 22.47 -31.38
C LEU J 271 -29.69 21.32 -32.35
N HIS J 272 -28.82 20.33 -32.31
CA HIS J 272 -28.93 19.25 -33.25
C HIS J 272 -30.02 18.30 -32.76
N LYS J 273 -30.76 17.70 -33.69
CA LYS J 273 -31.96 16.96 -33.31
C LYS J 273 -31.70 15.79 -32.41
N SER J 274 -30.50 15.19 -32.53
CA SER J 274 -30.06 14.07 -31.63
C SER J 274 -29.85 14.60 -30.24
N GLY J 275 -29.77 15.92 -30.12
CA GLY J 275 -29.96 16.56 -28.85
C GLY J 275 -28.99 17.31 -28.00
N TYR J 276 -27.84 17.59 -28.60
CA TYR J 276 -26.79 18.45 -28.09
C TYR J 276 -26.57 19.76 -28.84
N VAL J 277 -25.76 20.65 -28.30
CA VAL J 277 -25.64 22.01 -28.85
C VAL J 277 -24.20 22.42 -29.19
N THR J 278 -24.03 22.97 -30.39
CA THR J 278 -22.72 23.51 -30.80
C THR J 278 -22.83 25.00 -31.06
N VAL J 279 -21.67 25.64 -31.12
CA VAL J 279 -21.60 27.09 -31.12
C VAL J 279 -20.32 27.38 -31.87
N ALA J 280 -20.19 28.56 -32.47
CA ALA J 280 -19.02 28.90 -33.29
C ALA J 280 -17.98 29.64 -32.47
N HIS J 281 -16.99 28.92 -32.00
CA HIS J 281 -15.93 29.51 -31.23
C HIS J 281 -14.70 28.63 -31.31
N THR J 282 -13.52 29.21 -31.21
CA THR J 282 -12.31 28.40 -31.07
C THR J 282 -11.60 28.75 -29.79
N GLY J 283 -11.60 27.82 -28.85
CA GLY J 283 -10.90 27.97 -27.59
C GLY J 283 -11.73 27.54 -26.39
N GLN J 284 -11.16 27.64 -25.19
CA GLN J 284 -11.88 27.36 -23.98
C GLN J 284 -12.42 28.66 -23.48
N HIS J 285 -13.73 28.70 -23.24
CA HIS J 285 -14.34 29.95 -22.84
C HIS J 285 -15.53 29.74 -21.91
N ASP J 286 -15.50 30.48 -20.80
CA ASP J 286 -16.63 30.69 -19.94
C ASP J 286 -17.46 31.86 -20.50
N LEU J 287 -18.66 31.57 -20.97
CA LEU J 287 -19.56 32.60 -21.48
C LEU J 287 -19.99 33.63 -20.42
N VAL J 288 -19.99 34.92 -20.80
CA VAL J 288 -20.51 36.00 -19.93
C VAL J 288 -21.90 36.41 -20.35
N ILE J 289 -22.89 36.07 -19.52
CA ILE J 289 -24.29 36.24 -19.92
C ILE J 289 -25.09 37.13 -18.98
N PRO J 290 -26.10 37.85 -19.50
CA PRO J 290 -26.99 38.51 -18.56
C PRO J 290 -27.75 37.46 -17.72
N PRO J 291 -27.96 37.72 -16.41
CA PRO J 291 -28.57 36.67 -15.53
C PRO J 291 -29.95 36.17 -15.98
N ASN J 292 -30.69 37.04 -16.66
CA ASN J 292 -32.02 36.71 -17.04
C ASN J 292 -32.18 36.43 -18.54
N GLY J 293 -31.06 36.19 -19.23
CA GLY J 293 -31.11 35.74 -20.62
C GLY J 293 -31.57 34.30 -20.70
N TYR J 294 -32.20 33.94 -21.81
CA TYR J 294 -32.70 32.59 -22.02
C TYR J 294 -32.61 32.19 -23.48
N PHE J 295 -32.83 30.91 -23.79
CA PHE J 295 -32.73 30.42 -25.16
C PHE J 295 -34.07 30.44 -25.92
N ARG J 296 -34.05 30.84 -27.18
CA ARG J 296 -35.29 30.92 -27.94
C ARG J 296 -35.14 30.25 -29.29
N PHE J 297 -35.97 29.27 -29.60
CA PHE J 297 -35.96 28.67 -30.92
C PHE J 297 -36.43 29.65 -31.96
N ASP J 298 -35.70 29.82 -33.07
CA ASP J 298 -36.18 30.61 -34.28
C ASP J 298 -36.53 29.89 -35.59
N SER J 299 -35.65 29.08 -36.15
CA SER J 299 -36.05 28.35 -37.34
C SER J 299 -35.28 27.07 -37.45
N TRP J 300 -35.84 26.12 -38.19
CA TRP J 300 -35.12 24.92 -38.52
C TRP J 300 -34.24 25.24 -39.67
N VAL J 301 -32.94 25.01 -39.52
CA VAL J 301 -31.98 25.30 -40.57
C VAL J 301 -31.28 24.01 -40.92
N ASN J 302 -30.64 23.98 -42.07
CA ASN J 302 -29.96 22.77 -42.52
C ASN J 302 -28.52 22.77 -42.03
N GLN J 303 -27.84 21.66 -42.22
CA GLN J 303 -26.55 21.45 -41.56
C GLN J 303 -25.43 22.41 -41.91
N PHE J 304 -25.51 23.08 -43.07
CA PHE J 304 -24.49 23.99 -43.55
C PHE J 304 -24.77 25.46 -43.30
N TYR J 305 -25.68 25.79 -42.39
CA TYR J 305 -25.92 27.16 -41.95
C TYR J 305 -24.69 27.59 -41.17
N THR J 306 -24.14 28.78 -41.43
CA THR J 306 -23.01 29.30 -40.64
C THR J 306 -23.50 30.17 -39.49
N LEU J 307 -23.14 29.78 -38.26
CA LEU J 307 -23.37 30.58 -37.08
C LEU J 307 -22.51 31.84 -37.05
N ALA J 308 -23.07 32.95 -36.56
CA ALA J 308 -22.26 34.13 -36.24
C ALA J 308 -21.27 33.83 -35.13
N PRO J 309 -20.04 34.35 -35.24
CA PRO J 309 -19.15 34.06 -34.14
C PRO J 309 -19.77 34.51 -32.84
N MET J 310 -19.82 33.58 -31.90
CA MET J 310 -20.13 33.85 -30.53
C MET J 310 -19.00 34.73 -29.93
N GLY J 311 -19.32 35.90 -29.39
CA GLY J 311 -18.30 36.81 -28.85
C GLY J 311 -17.52 36.23 -27.67
#